data_6ECI
#
_entry.id   6ECI
#
_cell.length_a   80.268
_cell.length_b   186.039
_cell.length_c   195.388
_cell.angle_alpha   90.000
_cell.angle_beta   90.000
_cell.angle_gamma   90.000
#
_symmetry.space_group_name_H-M   'P 2 21 21'
#
loop_
_entity.id
_entity.type
_entity.pdbx_description
1 polymer "Pyridoxamine 5'-phosphate oxidase-related, FMN-binding protein"
2 non-polymer 'FLAVIN-ADENINE DINUCLEOTIDE'
3 non-polymer 'CHLORIDE ION'
4 water water
#
_entity_poly.entity_id   1
_entity_poly.type   'polypeptide(L)'
_entity_poly.pdbx_seq_one_letter_code
;GDAVTILSATECWDLLKSVALGRIVTTVDNTSHIFPINFVVQNRTVLFRTAEGTKLVSAAINNNVLFEADDHDVEQGWSV
IVRGVARTVRDEADLAEAQRAELLPWTATAKTHWVRVLPTQITGRRFRFGPE
;
_entity_poly.pdbx_strand_id   A,B,C,D,E,F,G,H,I,J,K,L,M,N,O,P,Q,R,S,T
#
loop_
_chem_comp.id
_chem_comp.type
_chem_comp.name
_chem_comp.formula
CL non-polymer 'CHLORIDE ION' 'Cl -1'
FAD non-polymer 'FLAVIN-ADENINE DINUCLEOTIDE' 'C27 H33 N9 O15 P2'
#
# COMPACT_ATOMS: atom_id res chain seq x y z
N ALA A 3 -38.95 -19.54 -17.04
CA ALA A 3 -39.29 -18.17 -16.68
C ALA A 3 -38.19 -17.21 -17.10
N VAL A 4 -38.17 -16.03 -16.49
CA VAL A 4 -37.15 -15.03 -16.78
C VAL A 4 -35.88 -15.36 -16.02
N THR A 5 -34.75 -15.40 -16.71
CA THR A 5 -33.49 -15.70 -16.07
C THR A 5 -32.40 -14.64 -16.32
N ILE A 6 -32.70 -13.59 -17.08
CA ILE A 6 -31.71 -12.55 -17.35
C ILE A 6 -31.71 -11.55 -16.21
N LEU A 7 -30.53 -11.22 -15.69
CA LEU A 7 -30.39 -10.32 -14.56
C LEU A 7 -30.02 -8.92 -15.03
N SER A 8 -30.39 -7.93 -14.23
CA SER A 8 -30.11 -6.53 -14.50
C SER A 8 -28.74 -6.14 -13.93
N ALA A 9 -28.26 -4.97 -14.35
CA ALA A 9 -26.92 -4.53 -14.00
C ALA A 9 -26.78 -4.31 -12.49
N THR A 10 -27.74 -3.61 -11.89
CA THR A 10 -27.65 -3.33 -10.46
C THR A 10 -27.66 -4.61 -9.63
N GLU A 11 -28.32 -5.66 -10.13
CA GLU A 11 -28.33 -6.94 -9.44
C GLU A 11 -27.04 -7.71 -9.69
N CYS A 12 -26.50 -7.62 -10.91
CA CYS A 12 -25.25 -8.30 -11.24
C CYS A 12 -24.11 -7.81 -10.36
N TRP A 13 -23.93 -6.50 -10.25
CA TRP A 13 -22.81 -5.96 -9.49
C TRP A 13 -22.88 -6.30 -8.01
N ASP A 14 -24.10 -6.41 -7.46
CA ASP A 14 -24.21 -6.73 -6.05
C ASP A 14 -24.05 -8.23 -5.79
N LEU A 15 -24.46 -9.07 -6.73
CA LEU A 15 -24.21 -10.51 -6.57
C LEU A 15 -22.70 -10.79 -6.55
N LEU A 16 -21.93 -10.09 -7.38
CA LEU A 16 -20.49 -10.26 -7.39
C LEU A 16 -19.88 -9.98 -6.02
N LYS A 17 -20.50 -9.10 -5.23
CA LYS A 17 -19.97 -8.76 -3.90
C LYS A 17 -20.27 -9.84 -2.85
N SER A 18 -21.16 -10.79 -3.15
CA SER A 18 -21.45 -11.88 -2.23
C SER A 18 -20.41 -13.00 -2.31
N VAL A 19 -19.42 -12.87 -3.19
CA VAL A 19 -18.45 -13.91 -3.48
C VAL A 19 -17.08 -13.26 -3.61
N ALA A 20 -16.06 -13.97 -3.16
CA ALA A 20 -14.70 -13.43 -3.12
C ALA A 20 -13.79 -13.97 -4.20
N LEU A 21 -14.24 -14.92 -5.01
CA LEU A 21 -13.39 -15.61 -5.98
C LEU A 21 -14.03 -15.62 -7.36
N GLY A 22 -13.24 -15.27 -8.37
CA GLY A 22 -13.69 -15.27 -9.75
C GLY A 22 -12.54 -15.63 -10.66
N ARG A 23 -12.79 -15.60 -11.97
CA ARG A 23 -11.81 -16.03 -12.95
C ARG A 23 -11.68 -15.00 -14.06
N ILE A 24 -10.43 -14.64 -14.38
CA ILE A 24 -10.09 -13.90 -15.58
C ILE A 24 -9.90 -14.89 -16.71
N VAL A 25 -10.42 -14.58 -17.90
CA VAL A 25 -10.26 -15.42 -19.07
C VAL A 25 -9.70 -14.57 -20.20
N THR A 26 -8.47 -14.87 -20.62
CA THR A 26 -7.81 -14.19 -21.73
C THR A 26 -7.84 -15.07 -22.98
N THR A 27 -7.70 -14.44 -24.14
CA THR A 27 -7.88 -15.17 -25.39
C THR A 27 -6.98 -14.60 -26.49
N VAL A 28 -6.24 -15.49 -27.14
CA VAL A 28 -5.41 -15.13 -28.30
C VAL A 28 -5.75 -16.09 -29.44
N ASP A 29 -6.29 -15.54 -30.54
CA ASP A 29 -6.65 -16.32 -31.71
C ASP A 29 -7.66 -17.41 -31.38
N ASN A 30 -7.18 -18.64 -31.14
CA ASN A 30 -8.06 -19.74 -30.79
C ASN A 30 -7.60 -20.45 -29.51
N THR A 31 -6.71 -19.83 -28.73
CA THR A 31 -6.20 -20.40 -27.49
C THR A 31 -6.53 -19.44 -26.35
N SER A 32 -7.20 -19.95 -25.33
CA SER A 32 -7.64 -19.13 -24.20
C SER A 32 -7.09 -19.69 -22.90
N HIS A 33 -6.93 -18.80 -21.92
CA HIS A 33 -6.44 -19.13 -20.60
C HIS A 33 -7.39 -18.58 -19.55
N ILE A 34 -7.44 -19.25 -18.40
CA ILE A 34 -8.32 -18.85 -17.32
C ILE A 34 -7.48 -18.71 -16.05
N PHE A 35 -7.72 -17.63 -15.31
CA PHE A 35 -6.93 -17.30 -14.12
C PHE A 35 -7.86 -17.05 -12.95
N PRO A 36 -7.93 -17.94 -11.97
CA PRO A 36 -8.69 -17.64 -10.75
C PRO A 36 -8.05 -16.48 -10.00
N ILE A 37 -8.88 -15.53 -9.58
CA ILE A 37 -8.41 -14.36 -8.83
C ILE A 37 -9.34 -14.10 -7.66
N ASN A 38 -8.77 -13.52 -6.59
CA ASN A 38 -9.55 -12.92 -5.52
C ASN A 38 -9.84 -11.47 -5.89
N PHE A 39 -11.12 -11.08 -5.79
CA PHE A 39 -11.54 -9.80 -6.32
C PHE A 39 -12.49 -9.10 -5.35
N VAL A 40 -12.61 -7.78 -5.53
CA VAL A 40 -13.64 -6.97 -4.90
C VAL A 40 -14.23 -6.05 -5.96
N VAL A 41 -15.47 -5.66 -5.77
CA VAL A 41 -16.16 -4.76 -6.68
C VAL A 41 -16.10 -3.36 -6.12
N GLN A 42 -15.71 -2.40 -6.96
CA GLN A 42 -15.64 -0.99 -6.57
C GLN A 42 -16.21 -0.15 -7.71
N ASN A 43 -17.39 0.42 -7.49
CA ASN A 43 -18.03 1.35 -8.44
C ASN A 43 -18.01 0.78 -9.86
N ARG A 44 -18.65 -0.39 -10.00
CA ARG A 44 -18.77 -1.05 -11.30
C ARG A 44 -17.40 -1.27 -11.95
N THR A 45 -16.43 -1.70 -11.13
CA THR A 45 -15.15 -2.20 -11.60
C THR A 45 -14.80 -3.44 -10.81
N VAL A 46 -13.97 -4.29 -11.40
CA VAL A 46 -13.49 -5.51 -10.74
C VAL A 46 -12.03 -5.29 -10.38
N LEU A 47 -11.78 -5.05 -9.10
CA LEU A 47 -10.42 -4.80 -8.60
C LEU A 47 -9.82 -6.09 -8.06
N PHE A 48 -8.59 -6.38 -8.49
CA PHE A 48 -7.84 -7.51 -7.99
C PHE A 48 -6.37 -7.12 -7.99
N ARG A 49 -5.55 -7.93 -7.32
CA ARG A 49 -4.11 -7.67 -7.22
C ARG A 49 -3.38 -8.83 -7.86
N THR A 50 -2.32 -8.52 -8.61
CA THR A 50 -1.64 -9.48 -9.45
C THR A 50 -0.19 -9.63 -8.99
N ALA A 51 0.34 -10.85 -9.08
CA ALA A 51 1.72 -11.10 -8.70
C ALA A 51 2.64 -10.77 -9.86
N GLU A 52 3.81 -10.21 -9.54
CA GLU A 52 4.71 -9.75 -10.58
C GLU A 52 5.36 -10.93 -11.30
N GLY A 53 5.61 -10.73 -12.60
CA GLY A 53 6.27 -11.74 -13.41
C GLY A 53 5.44 -12.93 -13.79
N THR A 54 4.15 -12.92 -13.47
CA THR A 54 3.27 -14.04 -13.78
C THR A 54 2.54 -13.80 -15.10
N LYS A 55 2.08 -14.89 -15.70
CA LYS A 55 1.44 -14.79 -17.01
C LYS A 55 0.09 -14.09 -16.96
N LEU A 56 -0.50 -13.93 -15.77
CA LEU A 56 -1.72 -13.14 -15.66
C LEU A 56 -1.46 -11.67 -15.98
N VAL A 57 -0.31 -11.15 -15.55
CA VAL A 57 0.06 -9.77 -15.87
C VAL A 57 0.17 -9.58 -17.38
N SER A 58 0.89 -10.49 -18.04
CA SER A 58 1.16 -10.33 -19.47
C SER A 58 -0.08 -10.60 -20.31
N ALA A 59 -0.90 -11.58 -19.92
CA ALA A 59 -2.04 -11.95 -20.75
C ALA A 59 -3.20 -10.96 -20.62
N ALA A 60 -3.35 -10.32 -19.47
CA ALA A 60 -4.54 -9.51 -19.20
C ALA A 60 -4.32 -8.02 -19.44
N ILE A 61 -3.21 -7.45 -18.94
CA ILE A 61 -3.09 -6.00 -18.86
C ILE A 61 -3.17 -5.38 -20.25
N ASN A 62 -4.03 -4.36 -20.38
CA ASN A 62 -4.28 -3.64 -21.62
C ASN A 62 -4.82 -4.54 -22.73
N ASN A 63 -5.47 -5.63 -22.35
CA ASN A 63 -6.08 -6.55 -23.30
C ASN A 63 -7.55 -6.74 -22.93
N ASN A 64 -8.34 -7.12 -23.94
CA ASN A 64 -9.71 -7.52 -23.68
C ASN A 64 -9.72 -8.81 -22.87
N VAL A 65 -10.51 -8.83 -21.80
CA VAL A 65 -10.58 -9.98 -20.90
C VAL A 65 -12.04 -10.30 -20.61
N LEU A 66 -12.24 -11.47 -20.01
CA LEU A 66 -13.52 -11.89 -19.46
C LEU A 66 -13.37 -12.07 -17.96
N PHE A 67 -14.36 -11.61 -17.21
CA PHE A 67 -14.43 -11.91 -15.78
C PHE A 67 -15.71 -12.69 -15.50
N GLU A 68 -15.61 -13.66 -14.60
CA GLU A 68 -16.75 -14.49 -14.27
C GLU A 68 -16.72 -14.82 -12.79
N ALA A 69 -17.91 -14.84 -12.18
CA ALA A 69 -18.06 -15.30 -10.80
C ALA A 69 -19.49 -15.81 -10.65
N ASP A 70 -19.67 -16.76 -9.73
CA ASP A 70 -20.96 -17.42 -9.60
C ASP A 70 -21.11 -17.96 -8.19
N ASP A 71 -22.31 -18.49 -7.92
CA ASP A 71 -22.67 -19.10 -6.65
C ASP A 71 -23.98 -19.85 -6.86
N HIS A 72 -24.28 -20.76 -5.95
CA HIS A 72 -25.45 -21.61 -6.13
C HIS A 72 -25.83 -22.27 -4.81
N ASP A 73 -27.10 -22.65 -4.71
CA ASP A 73 -27.56 -23.55 -3.66
C ASP A 73 -28.32 -24.70 -4.29
N VAL A 74 -28.94 -25.55 -3.47
CA VAL A 74 -29.64 -26.72 -4.00
C VAL A 74 -30.85 -26.34 -4.84
N GLU A 75 -31.39 -25.14 -4.62
CA GLU A 75 -32.55 -24.68 -5.37
C GLU A 75 -32.16 -23.96 -6.65
N GLN A 76 -31.35 -22.91 -6.55
CA GLN A 76 -31.04 -22.07 -7.69
C GLN A 76 -29.57 -21.68 -7.66
N GLY A 77 -29.10 -21.20 -8.80
CA GLY A 77 -27.77 -20.63 -8.90
C GLY A 77 -27.80 -19.41 -9.81
N TRP A 78 -26.76 -18.59 -9.68
CA TRP A 78 -26.60 -17.41 -10.50
C TRP A 78 -25.16 -17.34 -11.01
N SER A 79 -24.96 -16.56 -12.07
CA SER A 79 -23.63 -16.30 -12.57
C SER A 79 -23.62 -14.92 -13.22
N VAL A 80 -22.45 -14.28 -13.18
CA VAL A 80 -22.26 -12.95 -13.73
C VAL A 80 -21.00 -12.96 -14.58
N ILE A 81 -21.08 -12.39 -15.78
CA ILE A 81 -19.94 -12.28 -16.68
C ILE A 81 -19.74 -10.82 -17.03
N VAL A 82 -18.51 -10.34 -16.86
CA VAL A 82 -18.12 -9.00 -17.26
C VAL A 82 -17.17 -9.11 -18.44
N ARG A 83 -17.51 -8.45 -19.55
CA ARG A 83 -16.59 -8.25 -20.65
C ARG A 83 -15.99 -6.86 -20.51
N GLY A 84 -14.66 -6.79 -20.55
CA GLY A 84 -14.01 -5.49 -20.43
C GLY A 84 -12.52 -5.54 -20.70
N VAL A 85 -11.79 -4.56 -20.16
CA VAL A 85 -10.35 -4.45 -20.35
C VAL A 85 -9.69 -4.41 -18.98
N ALA A 86 -8.55 -5.09 -18.86
CA ALA A 86 -7.74 -5.05 -17.65
C ALA A 86 -6.80 -3.84 -17.72
N ARG A 87 -6.91 -2.95 -16.75
CA ARG A 87 -6.10 -1.74 -16.69
C ARG A 87 -5.34 -1.70 -15.38
N THR A 88 -4.03 -1.46 -15.47
CA THR A 88 -3.24 -1.22 -14.27
C THR A 88 -3.78 -0.01 -13.54
N VAL A 89 -3.83 -0.10 -12.21
CA VAL A 89 -4.18 1.05 -11.37
C VAL A 89 -2.92 1.90 -11.24
N ARG A 90 -2.90 3.05 -11.94
CA ARG A 90 -1.72 3.89 -11.98
C ARG A 90 -1.97 5.34 -11.55
N ASP A 91 -3.22 5.71 -11.29
CA ASP A 91 -3.58 7.07 -10.91
C ASP A 91 -3.60 7.18 -9.38
N GLU A 92 -3.31 8.38 -8.87
CA GLU A 92 -3.31 8.59 -7.42
C GLU A 92 -4.67 8.28 -6.82
N ALA A 93 -5.74 8.83 -7.41
CA ALA A 93 -7.07 8.59 -6.88
C ALA A 93 -7.51 7.14 -7.13
N ASP A 94 -7.13 6.57 -8.26
CA ASP A 94 -7.37 5.16 -8.50
C ASP A 94 -6.66 4.30 -7.46
N LEU A 95 -5.43 4.69 -7.09
CA LEU A 95 -4.66 3.90 -6.14
C LEU A 95 -5.23 4.04 -4.73
N ALA A 96 -5.67 5.24 -4.35
CA ALA A 96 -6.23 5.43 -3.02
C ALA A 96 -7.51 4.62 -2.86
N GLU A 97 -8.34 4.55 -3.91
CA GLU A 97 -9.56 3.77 -3.83
C GLU A 97 -9.26 2.28 -3.72
N ALA A 98 -8.26 1.80 -4.46
CA ALA A 98 -7.89 0.39 -4.39
C ALA A 98 -7.37 0.00 -3.01
N GLN A 99 -6.77 0.95 -2.30
CA GLN A 99 -6.25 0.64 -0.97
C GLN A 99 -7.34 0.56 0.08
N ARG A 100 -8.54 1.07 -0.20
CA ARG A 100 -9.68 0.89 0.70
C ARG A 100 -10.32 -0.49 0.58
N ALA A 101 -9.79 -1.36 -0.27
CA ALA A 101 -10.44 -2.62 -0.60
C ALA A 101 -10.11 -3.69 0.43
N GLU A 102 -11.14 -4.42 0.86
CA GLU A 102 -10.98 -5.49 1.85
C GLU A 102 -10.75 -6.82 1.13
N LEU A 103 -9.58 -6.92 0.50
CA LEU A 103 -9.16 -8.12 -0.19
C LEU A 103 -8.65 -9.15 0.81
N LEU A 104 -8.56 -10.39 0.36
CA LEU A 104 -8.03 -11.45 1.21
C LEU A 104 -6.54 -11.22 1.45
N PRO A 105 -6.03 -11.50 2.67
CA PRO A 105 -4.65 -11.19 3.06
C PRO A 105 -3.60 -11.77 2.11
N LYS A 111 4.78 -2.22 -3.82
CA LYS A 111 5.36 -3.49 -4.25
C LYS A 111 4.47 -4.17 -5.29
N THR A 112 3.29 -4.61 -4.86
CA THR A 112 2.41 -5.42 -5.69
C THR A 112 1.39 -4.54 -6.40
N HIS A 113 1.04 -4.94 -7.62
CA HIS A 113 0.27 -4.10 -8.54
C HIS A 113 -1.23 -4.37 -8.41
N TRP A 114 -2.00 -3.29 -8.47
CA TRP A 114 -3.46 -3.38 -8.55
C TRP A 114 -3.91 -3.37 -10.02
N VAL A 115 -4.99 -4.09 -10.29
CA VAL A 115 -5.56 -4.15 -11.63
C VAL A 115 -7.08 -4.03 -11.53
N ARG A 116 -7.68 -3.35 -12.49
CA ARG A 116 -9.12 -3.21 -12.59
C ARG A 116 -9.62 -3.73 -13.93
N VAL A 117 -10.75 -4.43 -13.89
CA VAL A 117 -11.47 -4.81 -15.11
C VAL A 117 -12.52 -3.74 -15.36
N LEU A 118 -12.31 -2.90 -16.38
CA LEU A 118 -13.26 -1.86 -16.71
C LEU A 118 -14.30 -2.42 -17.66
N PRO A 119 -15.58 -2.41 -17.31
CA PRO A 119 -16.57 -3.16 -18.09
C PRO A 119 -17.00 -2.43 -19.35
N THR A 120 -17.10 -3.18 -20.44
CA THR A 120 -17.86 -2.74 -21.60
C THR A 120 -19.25 -3.37 -21.65
N GLN A 121 -19.44 -4.51 -20.97
CA GLN A 121 -20.76 -5.07 -20.72
C GLN A 121 -20.69 -6.01 -19.54
N ILE A 122 -21.82 -6.13 -18.83
CA ILE A 122 -21.97 -7.08 -17.73
C ILE A 122 -23.31 -7.77 -17.90
N THR A 123 -23.33 -9.09 -17.73
CA THR A 123 -24.53 -9.89 -17.91
C THR A 123 -24.64 -10.90 -16.77
N GLY A 124 -25.86 -11.34 -16.51
CA GLY A 124 -26.12 -12.28 -15.44
C GLY A 124 -27.26 -13.20 -15.78
N ARG A 125 -27.14 -14.45 -15.31
CA ARG A 125 -28.20 -15.44 -15.48
C ARG A 125 -28.46 -16.12 -14.16
N ARG A 126 -29.73 -16.45 -13.92
CA ARG A 126 -30.10 -17.32 -12.81
C ARG A 126 -30.54 -18.67 -13.37
N PHE A 127 -30.08 -19.74 -12.73
CA PHE A 127 -30.33 -21.09 -13.19
C PHE A 127 -31.12 -21.86 -12.12
N ARG A 128 -32.13 -22.60 -12.57
CA ARG A 128 -33.08 -23.26 -11.69
C ARG A 128 -32.79 -24.75 -11.64
N PHE A 129 -32.65 -25.29 -10.43
CA PHE A 129 -32.45 -26.72 -10.24
C PHE A 129 -33.76 -27.40 -9.81
N THR B 5 2.24 -23.71 -5.30
CA THR B 5 2.30 -25.16 -5.20
C THR B 5 1.60 -25.84 -6.38
N ILE B 6 2.37 -26.62 -7.14
CA ILE B 6 1.80 -27.39 -8.24
C ILE B 6 1.15 -28.65 -7.68
N LEU B 7 -0.03 -28.99 -8.22
CA LEU B 7 -0.78 -30.13 -7.74
C LEU B 7 -0.66 -31.29 -8.71
N SER B 8 -0.60 -32.51 -8.15
CA SER B 8 -0.56 -33.71 -8.96
C SER B 8 -1.95 -34.01 -9.53
N ALA B 9 -2.00 -35.00 -10.42
CA ALA B 9 -3.27 -35.37 -11.05
C ALA B 9 -4.23 -35.97 -10.05
N THR B 10 -3.72 -36.76 -9.11
CA THR B 10 -4.61 -37.43 -8.15
C THR B 10 -5.23 -36.44 -7.18
N GLU B 11 -4.55 -35.33 -6.89
CA GLU B 11 -5.15 -34.30 -6.05
C GLU B 11 -6.21 -33.52 -6.81
N CYS B 12 -5.94 -33.22 -8.09
CA CYS B 12 -6.87 -32.43 -8.89
C CYS B 12 -8.21 -33.15 -9.06
N TRP B 13 -8.17 -34.42 -9.48
CA TRP B 13 -9.41 -35.14 -9.74
C TRP B 13 -10.25 -35.30 -8.48
N ASP B 14 -9.62 -35.40 -7.31
CA ASP B 14 -10.37 -35.45 -6.07
C ASP B 14 -10.85 -34.08 -5.64
N LEU B 15 -9.98 -33.05 -5.75
CA LEU B 15 -10.40 -31.70 -5.42
C LEU B 15 -11.61 -31.29 -6.23
N LEU B 16 -11.69 -31.74 -7.49
CA LEU B 16 -12.87 -31.45 -8.30
C LEU B 16 -14.13 -32.06 -7.70
N LYS B 17 -14.00 -33.21 -7.02
CA LYS B 17 -15.16 -33.85 -6.43
C LYS B 17 -15.68 -33.14 -5.19
N SER B 18 -14.96 -32.12 -4.69
CA SER B 18 -15.37 -31.41 -3.49
C SER B 18 -16.33 -30.27 -3.78
N VAL B 19 -16.56 -29.91 -5.05
CA VAL B 19 -17.43 -28.80 -5.43
C VAL B 19 -18.32 -29.23 -6.59
N ALA B 20 -19.52 -28.67 -6.66
CA ALA B 20 -20.52 -29.09 -7.64
C ALA B 20 -20.69 -28.12 -8.80
N LEU B 21 -20.01 -26.97 -8.79
CA LEU B 21 -20.19 -25.94 -9.80
C LEU B 21 -18.84 -25.63 -10.46
N GLY B 22 -18.79 -25.75 -11.78
CA GLY B 22 -17.61 -25.43 -12.55
C GLY B 22 -17.98 -24.65 -13.80
N ARG B 23 -17.02 -24.44 -14.70
CA ARG B 23 -17.26 -23.58 -15.85
C ARG B 23 -16.58 -24.15 -17.09
N ILE B 24 -17.36 -24.27 -18.16
CA ILE B 24 -16.83 -24.61 -19.48
C ILE B 24 -16.43 -23.31 -20.18
N VAL B 25 -15.22 -23.29 -20.74
CA VAL B 25 -14.72 -22.14 -21.48
C VAL B 25 -14.46 -22.57 -22.91
N THR B 26 -15.15 -21.94 -23.85
CA THR B 26 -15.01 -22.25 -25.27
C THR B 26 -14.44 -21.05 -26.00
N THR B 27 -13.71 -21.33 -27.09
CA THR B 27 -12.95 -20.30 -27.79
C THR B 27 -13.15 -20.42 -29.29
N VAL B 28 -13.46 -19.28 -29.93
CA VAL B 28 -13.63 -19.19 -31.38
C VAL B 28 -13.11 -17.83 -31.82
N ASP B 29 -11.96 -17.82 -32.49
CA ASP B 29 -11.43 -16.64 -33.19
C ASP B 29 -11.34 -15.43 -32.24
N ASN B 30 -10.40 -15.52 -31.31
CA ASN B 30 -10.02 -14.43 -30.41
C ASN B 30 -11.16 -13.98 -29.50
N THR B 31 -12.23 -14.75 -29.39
CA THR B 31 -13.35 -14.41 -28.51
C THR B 31 -13.79 -15.66 -27.77
N SER B 32 -13.74 -15.59 -26.44
CA SER B 32 -14.12 -16.70 -25.60
C SER B 32 -15.55 -16.55 -25.09
N HIS B 33 -16.14 -17.68 -24.73
CA HIS B 33 -17.38 -17.72 -23.97
C HIS B 33 -17.17 -18.65 -22.78
N ILE B 34 -17.90 -18.40 -21.70
CA ILE B 34 -17.81 -19.21 -20.49
C ILE B 34 -19.21 -19.65 -20.08
N PHE B 35 -19.32 -20.91 -19.69
CA PHE B 35 -20.61 -21.52 -19.34
C PHE B 35 -20.50 -22.21 -17.99
N PRO B 36 -21.06 -21.62 -16.93
CA PRO B 36 -21.13 -22.34 -15.65
C PRO B 36 -21.98 -23.60 -15.80
N ILE B 37 -21.49 -24.71 -15.27
CA ILE B 37 -22.18 -25.99 -15.39
C ILE B 37 -22.12 -26.71 -14.05
N ASN B 38 -23.21 -27.40 -13.73
CA ASN B 38 -23.22 -28.40 -12.67
C ASN B 38 -22.57 -29.67 -13.21
N PHE B 39 -21.66 -30.25 -12.42
CA PHE B 39 -20.84 -31.34 -12.92
C PHE B 39 -20.56 -32.33 -11.79
N VAL B 40 -20.20 -33.56 -12.20
CA VAL B 40 -19.56 -34.53 -11.33
C VAL B 40 -18.41 -35.16 -12.09
N VAL B 41 -17.47 -35.72 -11.32
CA VAL B 41 -16.30 -36.39 -11.86
C VAL B 41 -16.57 -37.89 -11.89
N GLN B 42 -16.31 -38.52 -13.02
CA GLN B 42 -16.48 -39.96 -13.19
C GLN B 42 -15.30 -40.51 -13.97
N ASN B 43 -14.43 -41.25 -13.29
CA ASN B 43 -13.30 -41.95 -13.90
C ASN B 43 -12.45 -40.98 -14.74
N ARG B 44 -11.96 -39.94 -14.07
CA ARG B 44 -11.13 -38.92 -14.71
C ARG B 44 -11.82 -38.35 -15.95
N THR B 45 -13.12 -38.12 -15.84
CA THR B 45 -13.88 -37.37 -16.84
C THR B 45 -14.78 -36.39 -16.10
N VAL B 46 -15.18 -35.33 -16.82
CA VAL B 46 -16.02 -34.28 -16.25
C VAL B 46 -17.39 -34.43 -16.90
N LEU B 47 -18.34 -34.98 -16.14
CA LEU B 47 -19.68 -35.25 -16.65
C LEU B 47 -20.62 -34.09 -16.32
N PHE B 48 -21.44 -33.71 -17.30
CA PHE B 48 -22.49 -32.72 -17.07
C PHE B 48 -23.63 -32.96 -18.05
N ARG B 49 -24.76 -32.33 -17.76
CA ARG B 49 -25.92 -32.37 -18.62
C ARG B 49 -26.08 -31.04 -19.34
N THR B 50 -26.63 -31.11 -20.55
CA THR B 50 -26.76 -29.95 -21.41
C THR B 50 -28.23 -29.74 -21.75
N ALA B 51 -28.63 -28.48 -21.80
CA ALA B 51 -30.01 -28.13 -22.16
C ALA B 51 -30.09 -27.94 -23.67
N GLU B 52 -31.15 -28.49 -24.27
CA GLU B 52 -31.24 -28.54 -25.71
C GLU B 52 -31.62 -27.17 -26.29
N GLY B 53 -31.21 -26.94 -27.54
CA GLY B 53 -31.34 -25.63 -28.14
C GLY B 53 -30.47 -24.56 -27.55
N THR B 54 -29.64 -24.89 -26.56
CA THR B 54 -28.80 -23.92 -25.89
C THR B 54 -27.49 -23.73 -26.66
N LYS B 55 -26.86 -22.58 -26.44
CA LYS B 55 -25.62 -22.25 -27.10
C LYS B 55 -24.43 -23.05 -26.56
N LEU B 56 -24.52 -23.55 -25.31
CA LEU B 56 -23.49 -24.45 -24.80
C LEU B 56 -23.35 -25.68 -25.70
N VAL B 57 -24.47 -26.19 -26.20
CA VAL B 57 -24.45 -27.33 -27.10
C VAL B 57 -23.58 -27.03 -28.32
N SER B 58 -23.91 -25.96 -29.04
CA SER B 58 -23.19 -25.63 -30.27
C SER B 58 -21.74 -25.25 -30.00
N ALA B 59 -21.46 -24.67 -28.83
CA ALA B 59 -20.13 -24.10 -28.58
C ALA B 59 -19.14 -25.12 -28.05
N ALA B 60 -19.58 -26.06 -27.20
CA ALA B 60 -18.65 -26.94 -26.50
C ALA B 60 -18.57 -28.33 -27.10
N ILE B 61 -19.71 -28.92 -27.48
CA ILE B 61 -19.74 -30.32 -27.89
C ILE B 61 -18.90 -30.52 -29.14
N ASN B 62 -18.02 -31.53 -29.10
CA ASN B 62 -17.13 -31.90 -30.20
C ASN B 62 -16.11 -30.81 -30.51
N ASN B 63 -15.87 -29.89 -29.59
CA ASN B 63 -14.83 -28.88 -29.71
C ASN B 63 -13.90 -28.97 -28.51
N ASN B 64 -12.72 -28.37 -28.66
CA ASN B 64 -11.78 -28.27 -27.55
C ASN B 64 -12.29 -27.24 -26.55
N VAL B 65 -12.38 -27.64 -25.28
CA VAL B 65 -12.93 -26.79 -24.24
C VAL B 65 -11.99 -26.76 -23.05
N LEU B 66 -12.11 -25.68 -22.27
CA LEU B 66 -11.52 -25.59 -20.94
C LEU B 66 -12.59 -25.88 -19.91
N PHE B 67 -12.22 -26.63 -18.87
CA PHE B 67 -13.06 -26.79 -17.70
C PHE B 67 -12.29 -26.35 -16.47
N GLU B 68 -12.93 -25.55 -15.63
CA GLU B 68 -12.29 -25.06 -14.42
C GLU B 68 -13.27 -25.11 -13.26
N ALA B 69 -12.72 -25.37 -12.08
CA ALA B 69 -13.46 -25.31 -10.83
C ALA B 69 -12.46 -24.98 -9.72
N ASP B 70 -12.94 -24.30 -8.68
CA ASP B 70 -12.05 -23.85 -7.63
C ASP B 70 -12.82 -23.77 -6.32
N ASP B 71 -12.09 -23.45 -5.25
CA ASP B 71 -12.66 -23.24 -3.92
C ASP B 71 -11.58 -22.58 -3.06
N HIS B 72 -12.01 -22.05 -1.91
CA HIS B 72 -11.12 -21.28 -1.06
C HIS B 72 -11.71 -21.15 0.33
N ASP B 73 -10.83 -20.90 1.30
CA ASP B 73 -11.26 -20.41 2.60
C ASP B 73 -10.60 -19.05 2.83
N VAL B 74 -10.56 -18.59 4.09
CA VAL B 74 -9.96 -17.30 4.39
C VAL B 74 -8.46 -17.33 4.10
N GLU B 75 -7.81 -18.45 4.40
CA GLU B 75 -6.36 -18.54 4.26
C GLU B 75 -5.92 -18.89 2.84
N GLN B 76 -6.35 -20.05 2.33
CA GLN B 76 -5.83 -20.54 1.07
C GLN B 76 -6.97 -20.95 0.14
N GLY B 77 -6.58 -21.27 -1.11
CA GLY B 77 -7.51 -21.75 -2.10
C GLY B 77 -6.79 -22.63 -3.10
N TRP B 78 -7.59 -23.26 -3.97
CA TRP B 78 -7.08 -24.13 -5.01
C TRP B 78 -7.92 -23.94 -6.26
N SER B 79 -7.38 -24.38 -7.40
CA SER B 79 -8.14 -24.41 -8.63
C SER B 79 -7.61 -25.52 -9.51
N VAL B 80 -8.48 -26.07 -10.34
CA VAL B 80 -8.15 -27.14 -11.28
C VAL B 80 -8.64 -26.74 -12.65
N ILE B 81 -7.79 -26.91 -13.67
CA ILE B 81 -8.15 -26.62 -15.05
C ILE B 81 -7.96 -27.90 -15.87
N VAL B 82 -8.99 -28.27 -16.62
CA VAL B 82 -8.97 -29.45 -17.47
C VAL B 82 -9.06 -28.99 -18.92
N ARG B 83 -8.05 -29.32 -19.72
CA ARG B 83 -8.11 -29.16 -21.16
C ARG B 83 -8.51 -30.49 -21.78
N GLY B 84 -9.55 -30.47 -22.59
CA GLY B 84 -10.00 -31.69 -23.23
C GLY B 84 -11.02 -31.43 -24.32
N VAL B 85 -11.71 -32.50 -24.70
CA VAL B 85 -12.74 -32.45 -25.74
C VAL B 85 -14.06 -32.88 -25.13
N ALA B 86 -15.12 -32.15 -25.46
CA ALA B 86 -16.46 -32.47 -25.00
C ALA B 86 -17.11 -33.44 -25.98
N ARG B 87 -17.52 -34.60 -25.49
CA ARG B 87 -18.15 -35.62 -26.31
C ARG B 87 -19.44 -36.06 -25.64
N THR B 88 -20.50 -36.20 -26.44
CA THR B 88 -21.76 -36.65 -25.89
C THR B 88 -21.70 -38.14 -25.55
N VAL B 89 -22.58 -38.56 -24.66
CA VAL B 89 -22.65 -39.94 -24.19
C VAL B 89 -23.56 -40.71 -25.14
N ARG B 90 -22.97 -41.58 -25.96
CA ARG B 90 -23.66 -42.29 -27.02
C ARG B 90 -23.41 -43.80 -26.91
N ASP B 91 -23.61 -44.36 -25.72
CA ASP B 91 -23.20 -45.74 -25.52
C ASP B 91 -23.87 -46.28 -24.26
N GLU B 92 -24.31 -47.53 -24.32
CA GLU B 92 -25.10 -48.11 -23.23
C GLU B 92 -24.29 -48.21 -21.94
N ALA B 93 -23.01 -48.55 -22.04
CA ALA B 93 -22.16 -48.54 -20.85
C ALA B 93 -21.95 -47.12 -20.35
N ASP B 94 -21.57 -46.21 -21.25
CA ASP B 94 -21.40 -44.80 -20.88
C ASP B 94 -22.70 -44.22 -20.32
N LEU B 95 -23.83 -44.54 -20.96
CA LEU B 95 -25.12 -44.02 -20.50
C LEU B 95 -25.45 -44.53 -19.10
N ALA B 96 -25.19 -45.82 -18.85
CA ALA B 96 -25.49 -46.38 -17.54
C ALA B 96 -24.64 -45.75 -16.45
N GLU B 97 -23.38 -45.43 -16.77
CA GLU B 97 -22.52 -44.78 -15.78
C GLU B 97 -22.97 -43.35 -15.52
N ALA B 98 -23.44 -42.65 -16.55
CA ALA B 98 -23.87 -41.26 -16.39
C ALA B 98 -25.13 -41.15 -15.53
N GLN B 99 -25.99 -42.17 -15.56
CA GLN B 99 -27.24 -42.11 -14.82
C GLN B 99 -27.07 -42.37 -13.33
N ARG B 100 -25.96 -42.97 -12.92
CA ARG B 100 -25.67 -43.10 -11.50
C ARG B 100 -25.04 -41.85 -10.90
N ALA B 101 -24.89 -40.79 -11.68
CA ALA B 101 -24.14 -39.63 -11.23
C ALA B 101 -24.94 -38.82 -10.21
N GLU B 102 -24.23 -38.24 -9.24
N GLU B 102 -24.21 -38.26 -9.25
CA GLU B 102 -24.86 -37.48 -8.16
CA GLU B 102 -24.78 -37.44 -8.18
C GLU B 102 -24.98 -36.00 -8.54
C GLU B 102 -24.83 -35.99 -8.65
N LEU B 103 -25.71 -35.74 -9.62
CA LEU B 103 -25.89 -34.41 -10.16
C LEU B 103 -27.18 -33.79 -9.66
N LEU B 104 -27.16 -32.47 -9.49
CA LEU B 104 -28.35 -31.73 -9.12
C LEU B 104 -29.43 -31.95 -10.16
N PRO B 105 -30.66 -32.23 -9.75
CA PRO B 105 -31.75 -32.35 -10.73
C PRO B 105 -32.22 -30.98 -11.16
N TRP B 106 -32.69 -30.87 -12.40
CA TRP B 106 -33.38 -29.66 -12.78
C TRP B 106 -34.56 -29.91 -13.70
N THR B 107 -35.63 -29.14 -13.46
CA THR B 107 -36.85 -28.95 -14.24
C THR B 107 -37.54 -30.17 -14.85
N ALA B 108 -38.73 -29.92 -15.39
CA ALA B 108 -39.63 -30.96 -15.91
C ALA B 108 -39.16 -31.53 -17.24
N THR B 109 -38.19 -30.91 -17.90
CA THR B 109 -37.64 -31.53 -19.09
C THR B 109 -36.93 -32.82 -18.68
N ALA B 110 -37.57 -33.95 -18.97
CA ALA B 110 -36.90 -35.25 -18.90
C ALA B 110 -36.03 -35.50 -20.12
N LYS B 111 -35.84 -34.46 -20.93
CA LYS B 111 -34.86 -34.50 -22.01
C LYS B 111 -33.46 -34.58 -21.43
N THR B 112 -32.70 -35.56 -21.87
CA THR B 112 -31.35 -35.75 -21.36
C THR B 112 -30.36 -35.56 -22.51
N HIS B 113 -29.21 -34.98 -22.19
CA HIS B 113 -28.11 -34.81 -23.15
C HIS B 113 -26.84 -34.83 -22.32
N TRP B 114 -26.31 -36.03 -22.09
CA TRP B 114 -25.12 -36.20 -21.28
C TRP B 114 -23.87 -35.87 -22.10
N VAL B 115 -22.98 -35.07 -21.53
CA VAL B 115 -21.71 -34.71 -22.15
C VAL B 115 -20.60 -34.97 -21.16
N ARG B 116 -19.46 -35.43 -21.65
CA ARG B 116 -18.25 -35.62 -20.85
C ARG B 116 -17.11 -34.83 -21.45
N VAL B 117 -16.33 -34.18 -20.60
CA VAL B 117 -15.08 -33.56 -21.01
C VAL B 117 -13.99 -34.62 -20.86
N LEU B 118 -13.55 -35.19 -21.97
CA LEU B 118 -12.49 -36.19 -21.94
C LEU B 118 -11.15 -35.47 -21.85
N PRO B 119 -10.42 -35.62 -20.76
CA PRO B 119 -9.26 -34.75 -20.52
C PRO B 119 -8.09 -35.11 -21.41
N THR B 120 -7.45 -34.07 -21.96
CA THR B 120 -6.15 -34.17 -22.58
C THR B 120 -5.04 -33.67 -21.68
N GLN B 121 -5.39 -32.91 -20.64
CA GLN B 121 -4.44 -32.37 -19.68
C GLN B 121 -5.23 -31.87 -18.47
N ILE B 122 -4.71 -32.12 -17.27
CA ILE B 122 -5.29 -31.57 -16.05
C ILE B 122 -4.16 -30.99 -15.22
N THR B 123 -4.37 -29.78 -14.71
CA THR B 123 -3.39 -29.11 -13.85
C THR B 123 -4.12 -28.47 -12.68
N GLY B 124 -3.38 -28.20 -11.62
CA GLY B 124 -3.96 -27.63 -10.42
C GLY B 124 -2.95 -26.84 -9.63
N ARG B 125 -3.42 -25.79 -8.97
CA ARG B 125 -2.57 -24.90 -8.19
C ARG B 125 -3.17 -24.68 -6.81
N ARG B 126 -2.30 -24.47 -5.84
CA ARG B 126 -2.68 -23.99 -4.53
C ARG B 126 -2.18 -22.56 -4.38
N PHE B 127 -3.00 -21.68 -3.81
CA PHE B 127 -2.69 -20.27 -3.69
C PHE B 127 -2.95 -19.83 -2.25
N ARG B 128 -2.16 -18.86 -1.78
CA ARG B 128 -2.15 -18.50 -0.36
C ARG B 128 -2.67 -17.11 -0.05
N PHE B 129 -2.42 -16.12 -0.90
CA PHE B 129 -2.62 -14.71 -0.54
C PHE B 129 -1.78 -14.36 0.69
N GLY B 130 -0.52 -13.99 0.49
CA GLY B 130 0.33 -13.64 1.61
C GLY B 130 1.10 -12.33 1.42
N ASP C 2 33.71 7.78 -21.60
CA ASP C 2 33.77 9.23 -21.77
C ASP C 2 32.38 9.84 -21.70
N ALA C 3 31.99 10.55 -22.76
CA ALA C 3 30.66 11.15 -22.92
C ALA C 3 30.39 12.28 -21.93
N VAL C 4 30.43 11.99 -20.64
CA VAL C 4 30.12 12.98 -19.60
C VAL C 4 31.42 13.47 -18.97
N THR C 5 31.49 14.76 -18.68
CA THR C 5 32.69 15.38 -18.13
C THR C 5 32.29 16.25 -16.94
N ILE C 6 32.86 15.96 -15.77
CA ILE C 6 32.70 16.82 -14.61
C ILE C 6 33.66 18.00 -14.74
N LEU C 7 33.14 19.21 -14.61
CA LEU C 7 33.91 20.43 -14.80
C LEU C 7 34.39 20.98 -13.47
N SER C 8 35.62 21.51 -13.48
CA SER C 8 36.19 22.13 -12.30
C SER C 8 35.64 23.54 -12.11
N ALA C 9 35.84 24.08 -10.90
CA ALA C 9 35.32 25.41 -10.59
C ALA C 9 35.94 26.47 -11.48
N THR C 10 37.25 26.39 -11.72
CA THR C 10 37.91 27.34 -12.61
C THR C 10 37.26 27.32 -13.99
N GLU C 11 36.93 26.13 -14.49
CA GLU C 11 36.28 26.04 -15.79
C GLU C 11 34.86 26.59 -15.74
N CYS C 12 34.12 26.30 -14.66
CA CYS C 12 32.74 26.76 -14.55
C CYS C 12 32.66 28.28 -14.59
N TRP C 13 33.45 28.95 -13.75
CA TRP C 13 33.40 30.41 -13.69
C TRP C 13 33.82 31.03 -15.02
N ASP C 14 34.79 30.42 -15.70
CA ASP C 14 35.22 30.95 -16.99
C ASP C 14 34.20 30.67 -18.08
N LEU C 15 33.64 29.46 -18.10
CA LEU C 15 32.59 29.16 -19.08
C LEU C 15 31.39 30.08 -18.91
N LEU C 16 31.08 30.46 -17.66
CA LEU C 16 29.98 31.40 -17.42
C LEU C 16 30.22 32.73 -18.12
N LYS C 17 31.48 33.11 -18.34
CA LYS C 17 31.79 34.39 -18.97
C LYS C 17 31.58 34.38 -20.48
N SER C 18 31.49 33.19 -21.08
CA SER C 18 31.31 33.09 -22.52
C SER C 18 29.88 33.33 -22.97
N VAL C 19 28.95 33.52 -22.04
N VAL C 19 28.95 33.45 -22.03
CA VAL C 19 27.53 33.67 -22.34
CA VAL C 19 27.55 33.72 -22.35
C VAL C 19 26.98 34.82 -21.51
C VAL C 19 27.11 34.96 -21.58
N ALA C 20 26.09 35.62 -22.11
CA ALA C 20 25.56 36.83 -21.50
C ALA C 20 24.19 36.64 -20.85
N LEU C 21 23.55 35.48 -21.04
CA LEU C 21 22.21 35.27 -20.51
C LEU C 21 22.19 34.01 -19.66
N GLY C 22 21.61 34.10 -18.47
CA GLY C 22 21.43 32.98 -17.59
C GLY C 22 20.06 33.01 -16.96
N ARG C 23 19.84 32.25 -15.89
CA ARG C 23 18.52 32.18 -15.27
C ARG C 23 18.65 32.09 -13.76
N ILE C 24 17.79 32.83 -13.07
CA ILE C 24 17.65 32.76 -11.62
C ILE C 24 16.47 31.88 -11.29
N VAL C 25 16.68 30.87 -10.45
CA VAL C 25 15.61 30.01 -9.97
C VAL C 25 15.37 30.34 -8.50
N THR C 26 14.18 30.81 -8.20
CA THR C 26 13.79 31.20 -6.85
C THR C 26 12.81 30.19 -6.28
N THR C 27 12.78 30.08 -4.95
CA THR C 27 11.98 29.04 -4.30
C THR C 27 11.59 29.48 -2.91
N VAL C 28 10.28 29.59 -2.65
CA VAL C 28 9.75 29.77 -1.31
C VAL C 28 8.66 28.72 -1.10
N ASP C 29 8.68 28.07 0.06
CA ASP C 29 7.86 26.89 0.33
C ASP C 29 8.09 25.86 -0.78
N ASN C 30 7.06 25.35 -1.43
CA ASN C 30 7.20 24.34 -2.47
C ASN C 30 6.91 24.92 -3.86
N THR C 31 7.06 26.23 -4.02
CA THR C 31 6.76 26.91 -5.28
C THR C 31 8.04 27.53 -5.83
N SER C 32 8.34 27.24 -7.09
CA SER C 32 9.51 27.78 -7.76
C SER C 32 9.09 28.80 -8.81
N HIS C 33 9.99 29.74 -9.10
CA HIS C 33 9.90 30.61 -10.25
C HIS C 33 11.26 30.69 -10.90
N ILE C 34 11.28 31.08 -12.17
CA ILE C 34 12.53 31.20 -12.91
C ILE C 34 12.53 32.54 -13.64
N PHE C 35 13.69 33.19 -13.64
CA PHE C 35 13.82 34.56 -14.18
C PHE C 35 15.03 34.61 -15.10
N PRO C 36 14.84 34.79 -16.42
CA PRO C 36 15.99 35.06 -17.29
C PRO C 36 16.61 36.41 -16.97
N ILE C 37 17.93 36.45 -16.85
CA ILE C 37 18.62 37.68 -16.49
C ILE C 37 19.86 37.82 -17.36
N ASN C 38 20.19 39.07 -17.69
CA ASN C 38 21.48 39.41 -18.28
C ASN C 38 22.47 39.61 -17.14
N PHE C 39 23.62 38.93 -17.23
CA PHE C 39 24.52 38.82 -16.11
C PHE C 39 25.97 38.94 -16.56
N VAL C 40 26.85 39.15 -15.57
CA VAL C 40 28.30 39.08 -15.75
C VAL C 40 28.90 38.41 -14.52
N VAL C 41 30.10 37.88 -14.69
CA VAL C 41 30.84 37.26 -13.60
C VAL C 41 31.83 38.28 -13.05
N GLN C 42 31.91 38.37 -11.72
CA GLN C 42 32.85 39.28 -11.05
C GLN C 42 33.36 38.57 -9.81
N ASN C 43 34.60 38.07 -9.88
CA ASN C 43 35.30 37.46 -8.75
C ASN C 43 34.42 36.44 -8.03
N ARG C 44 34.13 35.36 -8.76
CA ARG C 44 33.36 34.22 -8.22
C ARG C 44 31.98 34.66 -7.72
N THR C 45 31.39 35.67 -8.35
CA THR C 45 30.02 36.05 -8.07
C THR C 45 29.30 36.31 -9.38
N VAL C 46 27.97 36.23 -9.34
CA VAL C 46 27.10 36.48 -10.48
C VAL C 46 26.40 37.81 -10.25
N LEU C 47 26.66 38.78 -11.12
CA LEU C 47 26.11 40.11 -10.98
C LEU C 47 25.03 40.38 -12.04
N PHE C 48 23.97 41.06 -11.63
CA PHE C 48 22.93 41.48 -12.57
C PHE C 48 22.18 42.66 -11.99
N ARG C 49 21.43 43.33 -12.87
CA ARG C 49 20.61 44.46 -12.52
C ARG C 49 19.18 44.01 -12.45
N THR C 50 18.45 44.53 -11.48
CA THR C 50 17.03 44.20 -11.32
C THR C 50 16.26 45.48 -11.02
N ALA C 51 14.97 45.46 -11.36
CA ALA C 51 14.10 46.61 -11.11
C ALA C 51 13.49 46.53 -9.71
N GLU C 52 12.94 47.66 -9.27
CA GLU C 52 12.46 47.75 -7.90
C GLU C 52 11.18 46.96 -7.70
N GLY C 53 11.12 46.20 -6.60
CA GLY C 53 9.95 45.47 -6.18
C GLY C 53 9.21 44.70 -7.26
N THR C 54 9.95 44.05 -8.14
CA THR C 54 9.33 43.41 -9.30
C THR C 54 8.64 42.11 -8.93
N LYS C 55 9.33 41.28 -8.12
CA LYS C 55 8.94 39.96 -7.61
C LYS C 55 10.18 39.09 -7.65
N LEU C 56 11.04 39.31 -8.65
CA LEU C 56 12.37 38.72 -8.63
C LEU C 56 13.13 39.18 -7.39
N VAL C 57 13.04 40.47 -7.06
CA VAL C 57 13.69 40.98 -5.86
C VAL C 57 13.11 40.33 -4.62
N SER C 58 11.78 40.38 -4.47
CA SER C 58 11.15 39.88 -3.26
C SER C 58 11.41 38.38 -3.06
N ALA C 59 11.43 37.62 -4.15
CA ALA C 59 11.57 36.18 -4.01
C ALA C 59 13.02 35.73 -3.85
N ALA C 60 13.98 36.52 -4.32
CA ALA C 60 15.38 36.10 -4.35
C ALA C 60 16.22 36.67 -3.20
N ILE C 61 16.04 37.95 -2.85
CA ILE C 61 16.97 38.61 -1.94
C ILE C 61 17.02 37.90 -0.60
N ASN C 62 18.24 37.59 -0.15
CA ASN C 62 18.53 36.93 1.12
C ASN C 62 17.92 35.54 1.23
N ASN C 63 17.43 34.99 0.12
CA ASN C 63 16.92 33.63 0.07
C ASN C 63 17.86 32.76 -0.76
N ASN C 64 17.68 31.45 -0.63
CA ASN C 64 18.45 30.52 -1.44
C ASN C 64 17.95 30.56 -2.89
N VAL C 65 18.89 30.69 -3.82
CA VAL C 65 18.56 30.77 -5.24
C VAL C 65 19.43 29.78 -6.00
N LEU C 66 19.00 29.50 -7.24
CA LEU C 66 19.83 28.81 -8.22
C LEU C 66 20.12 29.76 -9.38
N PHE C 67 21.35 29.72 -9.87
CA PHE C 67 21.71 30.41 -11.11
C PHE C 67 22.24 29.39 -12.11
N GLU C 68 21.81 29.51 -13.36
CA GLU C 68 22.14 28.52 -14.37
C GLU C 68 22.42 29.20 -15.70
N ALA C 69 23.43 28.70 -16.40
CA ALA C 69 23.74 29.14 -17.74
C ALA C 69 24.30 27.95 -18.51
N ASP C 70 24.18 28.00 -19.83
CA ASP C 70 24.53 26.85 -20.66
C ASP C 70 24.77 27.31 -22.09
N ASP C 71 25.30 26.40 -22.89
CA ASP C 71 25.54 26.64 -24.31
C ASP C 71 25.64 25.28 -24.99
N HIS C 72 25.33 25.26 -26.28
CA HIS C 72 25.34 24.01 -27.03
C HIS C 72 25.41 24.31 -28.51
N ASP C 73 26.04 23.39 -29.24
CA ASP C 73 25.97 23.36 -30.70
C ASP C 73 24.98 22.26 -31.10
N VAL C 74 25.10 21.76 -32.33
CA VAL C 74 24.18 20.72 -32.77
C VAL C 74 24.50 19.35 -32.19
N GLU C 75 25.71 19.13 -31.68
CA GLU C 75 26.14 17.81 -31.27
C GLU C 75 26.63 17.73 -29.82
N GLN C 76 26.69 18.85 -29.10
CA GLN C 76 27.33 18.84 -27.79
C GLN C 76 27.06 20.18 -27.09
N GLY C 77 26.97 20.14 -25.76
CA GLY C 77 26.78 21.35 -24.98
C GLY C 77 27.31 21.21 -23.57
N TRP C 78 27.32 22.34 -22.86
CA TRP C 78 27.74 22.41 -21.47
C TRP C 78 26.74 23.24 -20.67
N SER C 79 26.82 23.11 -19.34
CA SER C 79 25.98 23.91 -18.46
C SER C 79 26.66 24.05 -17.10
N VAL C 80 26.39 25.18 -16.44
CA VAL C 80 26.92 25.46 -15.11
C VAL C 80 25.77 25.90 -14.22
N ILE C 81 25.70 25.32 -13.02
CA ILE C 81 24.67 25.63 -12.03
C ILE C 81 25.36 26.16 -10.77
N VAL C 82 24.94 27.34 -10.32
CA VAL C 82 25.45 27.92 -9.09
C VAL C 82 24.34 27.87 -8.04
N ARG C 83 24.65 27.27 -6.90
CA ARG C 83 23.79 27.34 -5.72
C ARG C 83 24.32 28.47 -4.84
N GLY C 84 23.46 29.41 -4.48
CA GLY C 84 23.92 30.52 -3.68
C GLY C 84 22.78 31.32 -3.10
N VAL C 85 23.14 32.50 -2.59
CA VAL C 85 22.20 33.43 -1.98
C VAL C 85 22.30 34.75 -2.70
N ALA C 86 21.16 35.33 -3.04
CA ALA C 86 21.12 36.63 -3.69
C ALA C 86 21.24 37.72 -2.64
N ARG C 87 22.23 38.59 -2.80
CA ARG C 87 22.46 39.71 -1.90
C ARG C 87 22.42 41.00 -2.70
N THR C 88 21.75 42.01 -2.15
CA THR C 88 21.86 43.34 -2.74
C THR C 88 23.28 43.85 -2.57
N VAL C 89 23.75 44.60 -3.57
CA VAL C 89 25.03 45.28 -3.47
C VAL C 89 24.86 46.43 -2.47
N ARG C 90 25.53 46.34 -1.32
CA ARG C 90 25.26 47.25 -0.21
C ARG C 90 26.40 48.23 0.05
N ASP C 91 27.60 47.75 0.41
CA ASP C 91 28.63 48.72 0.77
C ASP C 91 29.22 49.36 -0.48
N GLU C 92 30.10 50.34 -0.28
CA GLU C 92 30.52 51.19 -1.39
C GLU C 92 31.55 50.52 -2.29
N ALA C 93 32.38 49.63 -1.73
CA ALA C 93 33.34 48.91 -2.57
C ALA C 93 32.62 47.94 -3.50
N ASP C 94 31.61 47.23 -2.98
CA ASP C 94 30.81 46.36 -3.83
C ASP C 94 30.17 47.14 -4.95
N LEU C 95 29.62 48.32 -4.65
CA LEU C 95 28.96 49.13 -5.67
C LEU C 95 29.95 49.60 -6.73
N ALA C 96 31.14 50.04 -6.31
CA ALA C 96 32.13 50.54 -7.26
C ALA C 96 32.56 49.44 -8.23
N GLU C 97 32.65 48.21 -7.74
CA GLU C 97 32.98 47.09 -8.62
C GLU C 97 31.83 46.79 -9.57
N ALA C 98 30.59 46.85 -9.07
CA ALA C 98 29.44 46.56 -9.92
C ALA C 98 29.31 47.57 -11.05
N GLN C 99 29.76 48.80 -10.84
CA GLN C 99 29.62 49.84 -11.85
C GLN C 99 30.67 49.73 -12.96
N ARG C 100 31.70 48.92 -12.77
CA ARG C 100 32.66 48.63 -13.84
C ARG C 100 32.18 47.55 -14.79
N ALA C 101 31.07 46.89 -14.49
CA ALA C 101 30.62 45.75 -15.27
C ALA C 101 30.10 46.20 -16.64
N GLU C 102 30.25 45.31 -17.62
CA GLU C 102 29.87 45.57 -19.01
C GLU C 102 28.63 44.73 -19.33
N LEU C 103 27.46 45.30 -19.05
CA LEU C 103 26.20 44.62 -19.29
C LEU C 103 25.55 45.20 -20.54
N LEU C 104 24.24 44.92 -20.72
CA LEU C 104 23.45 45.39 -21.84
C LEU C 104 22.64 46.63 -21.44
N PRO C 105 22.43 47.56 -22.37
CA PRO C 105 21.76 48.82 -22.00
C PRO C 105 20.34 48.60 -21.51
N TRP C 106 19.89 49.55 -20.70
CA TRP C 106 18.58 49.56 -20.06
C TRP C 106 17.57 50.56 -20.60
N THR C 107 16.27 50.30 -20.36
CA THR C 107 15.20 51.19 -20.77
C THR C 107 15.02 52.37 -19.81
N ALA C 108 15.06 52.11 -18.51
CA ALA C 108 14.72 53.11 -17.51
C ALA C 108 15.98 53.71 -16.90
N THR C 109 15.76 54.74 -16.06
CA THR C 109 16.83 55.56 -15.51
C THR C 109 16.93 55.30 -14.01
N ALA C 110 18.05 54.70 -13.59
CA ALA C 110 18.34 54.42 -12.18
C ALA C 110 17.20 53.67 -11.50
N LYS C 111 16.42 52.92 -12.28
CA LYS C 111 15.40 52.02 -11.78
C LYS C 111 16.00 50.72 -11.24
N THR C 112 17.30 50.71 -10.96
CA THR C 112 18.07 49.51 -10.74
C THR C 112 18.73 49.55 -9.37
N HIS C 113 18.73 48.40 -8.69
CA HIS C 113 19.72 48.13 -7.67
C HIS C 113 20.44 46.85 -8.09
N TRP C 114 21.77 46.86 -7.98
CA TRP C 114 22.55 45.70 -8.35
C TRP C 114 22.30 44.55 -7.37
N VAL C 115 22.34 43.34 -7.91
CA VAL C 115 22.21 42.13 -7.10
C VAL C 115 23.33 41.17 -7.49
N ARG C 116 23.92 40.52 -6.50
CA ARG C 116 24.88 39.46 -6.73
C ARG C 116 24.32 38.14 -6.23
N VAL C 117 24.64 37.06 -6.94
CA VAL C 117 24.49 35.72 -6.41
C VAL C 117 25.82 35.32 -5.79
N LEU C 118 25.83 35.13 -4.48
CA LEU C 118 27.04 34.70 -3.79
C LEU C 118 27.04 33.19 -3.68
N PRO C 119 28.01 32.49 -4.25
CA PRO C 119 27.89 31.04 -4.41
C PRO C 119 28.09 30.30 -3.10
N THR C 120 27.29 29.24 -2.93
CA THR C 120 27.57 28.22 -1.93
C THR C 120 28.13 26.95 -2.55
N GLN C 121 27.84 26.72 -3.82
CA GLN C 121 28.41 25.59 -4.57
C GLN C 121 28.26 25.89 -6.05
N ILE C 122 29.24 25.46 -6.84
CA ILE C 122 29.20 25.61 -8.28
C ILE C 122 29.59 24.28 -8.92
N THR C 123 28.80 23.84 -9.90
CA THR C 123 29.05 22.59 -10.61
C THR C 123 28.84 22.83 -12.10
N GLY C 124 29.47 21.99 -12.91
CA GLY C 124 29.34 22.10 -14.36
C GLY C 124 29.54 20.76 -15.03
N ARG C 125 28.85 20.58 -16.16
CA ARG C 125 28.92 19.33 -16.92
C ARG C 125 29.02 19.65 -18.40
N ARG C 126 29.73 18.78 -19.13
CA ARG C 126 29.75 18.78 -20.58
C ARG C 126 29.04 17.52 -21.07
N PHE C 127 28.16 17.67 -22.06
CA PHE C 127 27.39 16.55 -22.60
C PHE C 127 27.72 16.39 -24.07
N ARG C 128 28.42 15.29 -24.41
CA ARG C 128 28.92 15.07 -25.76
C ARG C 128 27.86 14.49 -26.70
N PHE C 129 26.76 13.97 -26.16
CA PHE C 129 25.71 13.32 -26.94
C PHE C 129 26.26 12.12 -27.72
N ALA D 3 10.57 48.36 -23.10
CA ALA D 3 9.24 47.84 -23.39
C ALA D 3 9.20 46.33 -23.23
N VAL D 4 8.29 45.86 -22.37
CA VAL D 4 8.09 44.44 -22.14
C VAL D 4 6.69 44.08 -22.65
N THR D 5 6.61 43.00 -23.43
CA THR D 5 5.36 42.57 -24.05
C THR D 5 5.01 41.17 -23.58
N ILE D 6 3.78 40.98 -23.16
CA ILE D 6 3.29 39.64 -22.83
C ILE D 6 2.92 38.92 -24.11
N LEU D 7 3.35 37.68 -24.24
CA LEU D 7 3.13 36.88 -25.43
C LEU D 7 1.87 36.05 -25.31
N SER D 8 1.28 35.72 -26.46
CA SER D 8 0.15 34.80 -26.49
C SER D 8 0.65 33.36 -26.41
N ALA D 9 -0.27 32.47 -26.02
CA ALA D 9 0.08 31.05 -25.97
C ALA D 9 0.55 30.55 -27.32
N THR D 10 -0.06 31.05 -28.40
CA THR D 10 0.36 30.67 -29.75
C THR D 10 1.82 31.03 -30.00
N GLU D 11 2.23 32.23 -29.60
CA GLU D 11 3.62 32.63 -29.79
C GLU D 11 4.56 31.82 -28.89
N CYS D 12 4.10 31.52 -27.67
CA CYS D 12 4.94 30.79 -26.73
C CYS D 12 5.30 29.41 -27.27
N TRP D 13 4.29 28.64 -27.69
CA TRP D 13 4.55 27.29 -28.17
C TRP D 13 5.40 27.28 -29.44
N ASP D 14 5.24 28.30 -30.28
CA ASP D 14 6.04 28.35 -31.51
C ASP D 14 7.47 28.79 -31.24
N LEU D 15 7.65 29.77 -30.35
CA LEU D 15 9.01 30.20 -29.99
C LEU D 15 9.79 29.06 -29.36
N LEU D 16 9.10 28.18 -28.62
CA LEU D 16 9.79 27.01 -28.07
C LEU D 16 10.32 26.10 -29.16
N LYS D 17 9.67 26.07 -30.32
CA LYS D 17 10.13 25.24 -31.43
C LYS D 17 11.38 25.79 -32.10
N SER D 18 11.74 27.04 -31.83
CA SER D 18 12.92 27.66 -32.42
C SER D 18 14.20 27.35 -31.66
N VAL D 19 14.10 26.69 -30.51
CA VAL D 19 15.25 26.39 -29.67
C VAL D 19 15.27 24.91 -29.36
N ALA D 20 16.47 24.35 -29.23
CA ALA D 20 16.64 22.91 -29.04
C ALA D 20 16.99 22.54 -27.62
N LEU D 21 17.42 23.50 -26.79
CA LEU D 21 17.82 23.23 -25.41
C LEU D 21 16.95 24.05 -24.47
N GLY D 22 16.29 23.36 -23.54
CA GLY D 22 15.52 24.02 -22.51
C GLY D 22 16.00 23.60 -21.14
N ARG D 23 15.27 24.00 -20.10
CA ARG D 23 15.69 23.69 -18.74
C ARG D 23 14.46 23.34 -17.91
N ILE D 24 14.54 22.22 -17.20
CA ILE D 24 13.47 21.75 -16.32
C ILE D 24 13.87 22.01 -14.88
N VAL D 25 12.91 22.47 -14.08
CA VAL D 25 13.15 22.82 -12.69
C VAL D 25 12.22 21.97 -11.82
N THR D 26 12.83 21.16 -10.95
CA THR D 26 12.08 20.36 -10.00
C THR D 26 12.18 20.98 -8.61
N THR D 27 11.15 20.77 -7.80
CA THR D 27 11.10 21.35 -6.46
C THR D 27 10.53 20.31 -5.50
N VAL D 28 11.33 19.92 -4.52
CA VAL D 28 10.89 19.08 -3.41
C VAL D 28 11.12 19.85 -2.11
N ASP D 29 10.16 19.75 -1.20
CA ASP D 29 10.16 20.54 0.04
C ASP D 29 10.41 22.01 -0.26
N ASN D 30 11.58 22.51 0.12
CA ASN D 30 12.00 23.88 -0.16
C ASN D 30 13.26 23.91 -1.02
N THR D 31 13.58 22.79 -1.66
CA THR D 31 14.84 22.63 -2.39
C THR D 31 14.55 22.43 -3.87
N SER D 32 15.17 23.26 -4.70
CA SER D 32 14.99 23.19 -6.14
C SER D 32 16.26 22.68 -6.82
N HIS D 33 16.06 22.04 -7.97
CA HIS D 33 17.15 21.64 -8.85
C HIS D 33 16.77 22.05 -10.27
N ILE D 34 17.78 22.22 -11.12
CA ILE D 34 17.56 22.58 -12.51
C ILE D 34 18.34 21.64 -13.40
N PHE D 35 17.73 21.21 -14.49
CA PHE D 35 18.30 20.22 -15.41
C PHE D 35 18.16 20.72 -16.84
N PRO D 36 19.25 21.03 -17.54
CA PRO D 36 19.15 21.30 -18.98
C PRO D 36 18.78 20.02 -19.73
N ILE D 37 17.84 20.15 -20.67
CA ILE D 37 17.36 19.01 -21.44
C ILE D 37 17.23 19.42 -22.90
N ASN D 38 17.53 18.47 -23.79
CA ASN D 38 17.13 18.59 -25.19
C ASN D 38 15.66 18.20 -25.31
N PHE D 39 14.85 19.09 -25.87
CA PHE D 39 13.41 18.93 -25.86
C PHE D 39 12.85 19.13 -27.26
N VAL D 40 11.58 18.76 -27.40
CA VAL D 40 10.81 18.99 -28.62
C VAL D 40 9.37 19.26 -28.21
N VAL D 41 8.75 20.24 -28.83
CA VAL D 41 7.34 20.55 -28.59
C VAL D 41 6.49 19.60 -29.41
N GLN D 42 5.50 18.98 -28.77
CA GLN D 42 4.56 18.09 -29.44
C GLN D 42 3.16 18.38 -28.94
N ASN D 43 2.36 19.06 -29.77
CA ASN D 43 0.95 19.32 -29.48
C ASN D 43 0.75 19.92 -28.09
N ARG D 44 1.33 21.10 -27.90
CA ARG D 44 1.23 21.83 -26.64
C ARG D 44 1.63 20.95 -25.46
N THR D 45 2.87 20.45 -25.56
CA THR D 45 3.46 19.50 -24.62
C THR D 45 4.96 19.46 -24.87
N VAL D 46 5.73 19.42 -23.79
CA VAL D 46 7.20 19.41 -23.88
C VAL D 46 7.68 17.98 -23.66
N LEU D 47 8.36 17.44 -24.67
CA LEU D 47 8.83 16.05 -24.68
C LEU D 47 10.34 16.00 -24.63
N PHE D 48 10.89 15.07 -23.85
CA PHE D 48 12.33 14.89 -23.77
C PHE D 48 12.62 13.47 -23.30
N ARG D 49 13.91 13.14 -23.18
CA ARG D 49 14.38 11.84 -22.76
CA ARG D 49 14.37 11.84 -22.76
C ARG D 49 15.16 11.95 -21.46
N THR D 50 15.23 10.84 -20.74
CA THR D 50 15.98 10.77 -19.49
C THR D 50 16.30 9.31 -19.19
N ALA D 51 17.27 9.11 -18.30
CA ALA D 51 17.64 7.77 -17.87
C ALA D 51 16.85 7.40 -16.61
N GLU D 52 16.69 6.09 -16.39
CA GLU D 52 15.69 5.61 -15.44
C GLU D 52 16.10 5.82 -13.98
N GLY D 53 17.38 5.67 -13.66
CA GLY D 53 17.81 5.76 -12.28
C GLY D 53 18.43 7.10 -11.93
N THR D 54 17.98 8.16 -12.59
N THR D 54 17.98 8.16 -12.59
CA THR D 54 18.52 9.50 -12.43
CA THR D 54 18.54 9.49 -12.40
C THR D 54 17.72 10.28 -11.41
C THR D 54 17.72 10.27 -11.37
N LYS D 55 18.37 11.29 -10.81
CA LYS D 55 17.70 12.17 -9.86
C LYS D 55 16.63 13.02 -10.54
N LEU D 56 16.72 13.20 -11.86
CA LEU D 56 15.73 13.99 -12.58
C LEU D 56 14.39 13.29 -12.65
N VAL D 57 14.39 11.97 -12.89
CA VAL D 57 13.11 11.28 -13.07
C VAL D 57 12.37 11.14 -11.74
N SER D 58 13.08 10.96 -10.64
CA SER D 58 12.38 10.79 -9.37
C SER D 58 11.82 12.11 -8.86
N ALA D 59 12.54 13.21 -9.10
CA ALA D 59 12.11 14.52 -8.62
C ALA D 59 11.01 15.13 -9.48
N ALA D 60 10.84 14.68 -10.72
CA ALA D 60 9.94 15.33 -11.65
C ALA D 60 8.63 14.57 -11.87
N ILE D 61 8.69 13.24 -11.98
CA ILE D 61 7.52 12.48 -12.42
C ILE D 61 6.36 12.66 -11.44
N ASN D 62 5.22 13.07 -11.97
CA ASN D 62 3.98 13.31 -11.24
C ASN D 62 4.09 14.46 -10.25
N ASN D 63 5.14 15.28 -10.35
CA ASN D 63 5.33 16.44 -9.49
C ASN D 63 5.23 17.72 -10.33
N ASN D 64 5.10 18.85 -9.62
CA ASN D 64 5.05 20.14 -10.28
C ASN D 64 6.45 20.54 -10.74
N VAL D 65 6.59 20.91 -12.01
CA VAL D 65 7.87 21.28 -12.58
C VAL D 65 7.72 22.57 -13.38
N LEU D 66 8.83 23.29 -13.53
CA LEU D 66 8.95 24.40 -14.46
C LEU D 66 9.79 23.96 -15.65
N PHE D 67 9.39 24.38 -16.84
CA PHE D 67 10.21 24.24 -18.03
C PHE D 67 10.41 25.62 -18.63
N GLU D 68 11.66 25.99 -18.89
CA GLU D 68 11.99 27.30 -19.41
C GLU D 68 12.87 27.17 -20.64
N ALA D 69 12.67 28.09 -21.58
CA ALA D 69 13.54 28.25 -22.74
C ALA D 69 13.55 29.73 -23.11
N ASP D 70 14.61 30.14 -23.82
CA ASP D 70 14.77 31.55 -24.14
C ASP D 70 15.71 31.70 -25.33
N ASP D 71 15.75 32.93 -25.87
CA ASP D 71 16.71 33.31 -26.88
C ASP D 71 16.84 34.82 -26.85
N HIS D 72 17.92 35.33 -27.43
CA HIS D 72 18.15 36.77 -27.39
C HIS D 72 19.20 37.17 -28.41
N ASP D 73 19.10 38.43 -28.84
CA ASP D 73 20.16 39.17 -29.54
C ASP D 73 20.43 40.44 -28.73
N VAL D 74 21.23 41.35 -29.30
CA VAL D 74 21.55 42.58 -28.60
C VAL D 74 20.39 43.56 -28.59
N GLU D 75 19.40 43.39 -29.46
CA GLU D 75 18.23 44.26 -29.44
C GLU D 75 17.19 43.77 -28.43
N GLN D 76 16.73 42.53 -28.59
CA GLN D 76 15.65 42.01 -27.76
C GLN D 76 15.94 40.56 -27.39
N GLY D 77 15.11 40.05 -26.48
CA GLY D 77 15.15 38.65 -26.12
C GLY D 77 13.76 38.21 -25.66
N TRP D 78 13.52 36.91 -25.76
CA TRP D 78 12.25 36.33 -25.35
C TRP D 78 12.50 35.13 -24.45
N SER D 79 11.50 34.80 -23.65
CA SER D 79 11.57 33.61 -22.80
C SER D 79 10.16 33.09 -22.55
N VAL D 80 10.05 31.77 -22.49
CA VAL D 80 8.78 31.08 -22.27
C VAL D 80 8.95 30.18 -21.04
N ILE D 81 8.00 30.27 -20.11
CA ILE D 81 8.02 29.45 -18.91
C ILE D 81 6.74 28.62 -18.89
N VAL D 82 6.89 27.30 -18.84
CA VAL D 82 5.77 26.38 -18.70
C VAL D 82 5.73 25.89 -17.26
N ARG D 83 4.65 26.21 -16.56
CA ARG D 83 4.31 25.55 -15.30
C ARG D 83 3.52 24.29 -15.62
N GLY D 84 4.02 23.14 -15.21
CA GLY D 84 3.34 21.92 -15.56
C GLY D 84 3.68 20.76 -14.65
N VAL D 85 3.26 19.58 -15.08
CA VAL D 85 3.47 18.34 -14.35
C VAL D 85 4.16 17.37 -15.28
N ALA D 86 5.28 16.78 -14.83
CA ALA D 86 5.94 15.76 -15.61
C ALA D 86 5.15 14.45 -15.54
N ARG D 87 4.93 13.84 -16.70
CA ARG D 87 4.23 12.57 -16.78
C ARG D 87 5.02 11.63 -17.69
N THR D 88 5.15 10.38 -17.28
CA THR D 88 5.70 9.38 -18.16
C THR D 88 4.72 9.11 -19.31
N VAL D 89 5.23 8.46 -20.35
CA VAL D 89 4.42 8.09 -21.50
C VAL D 89 3.76 6.75 -21.22
N ARG D 90 2.43 6.74 -21.18
CA ARG D 90 1.68 5.55 -20.78
C ARG D 90 0.82 4.97 -21.90
N ASP D 91 0.09 5.82 -22.62
CA ASP D 91 -0.77 5.35 -23.69
C ASP D 91 0.04 4.73 -24.82
N GLU D 92 -0.65 3.88 -25.59
CA GLU D 92 -0.08 3.37 -26.83
C GLU D 92 0.07 4.48 -27.86
N ALA D 93 -0.90 5.41 -27.90
CA ALA D 93 -0.82 6.53 -28.82
C ALA D 93 0.22 7.55 -28.35
N ASP D 94 0.27 7.83 -27.05
CA ASP D 94 1.30 8.72 -26.52
C ASP D 94 2.69 8.21 -26.87
N LEU D 95 2.91 6.90 -26.77
CA LEU D 95 4.20 6.32 -27.11
C LEU D 95 4.47 6.41 -28.61
N ALA D 96 3.44 6.18 -29.42
CA ALA D 96 3.61 6.26 -30.86
C ALA D 96 3.97 7.68 -31.29
N GLU D 97 3.27 8.66 -30.73
CA GLU D 97 3.54 10.05 -31.09
C GLU D 97 4.92 10.48 -30.62
N ALA D 98 5.33 10.04 -29.43
CA ALA D 98 6.66 10.35 -28.94
C ALA D 98 7.73 9.66 -29.78
N GLN D 99 7.42 8.48 -30.32
CA GLN D 99 8.38 7.78 -31.17
C GLN D 99 8.56 8.45 -32.52
N ARG D 100 7.63 9.32 -32.91
CA ARG D 100 7.84 10.23 -34.04
C ARG D 100 8.77 11.35 -33.56
N ALA D 101 10.03 10.96 -33.35
CA ALA D 101 10.97 11.73 -32.55
C ALA D 101 11.37 13.07 -33.17
N GLU D 102 12.39 13.04 -34.02
CA GLU D 102 13.11 14.24 -34.44
C GLU D 102 13.71 14.96 -33.23
N LEU D 103 14.28 14.16 -32.32
CA LEU D 103 14.93 14.66 -31.11
C LEU D 103 16.31 14.04 -31.01
N LEU D 104 17.32 14.88 -30.74
CA LEU D 104 18.72 14.49 -30.72
C LEU D 104 18.98 13.36 -29.70
N PRO D 105 19.32 12.16 -30.16
CA PRO D 105 19.50 11.03 -29.25
C PRO D 105 20.90 10.96 -28.66
N TRP D 106 21.02 10.18 -27.58
CA TRP D 106 22.33 9.85 -27.04
C TRP D 106 22.88 8.56 -27.62
N THR D 107 23.65 7.83 -26.81
CA THR D 107 24.33 6.61 -27.26
C THR D 107 24.31 5.55 -26.16
N ALA D 108 25.27 5.65 -25.26
CA ALA D 108 25.43 4.72 -24.15
C ALA D 108 24.56 5.13 -22.99
N THR D 109 23.44 5.76 -23.29
CA THR D 109 22.51 6.17 -22.25
C THR D 109 21.85 4.89 -21.78
N ALA D 110 21.58 4.79 -20.48
CA ALA D 110 20.99 3.58 -19.91
C ALA D 110 19.49 3.41 -20.14
N LYS D 111 19.12 3.29 -21.41
CA LYS D 111 17.74 3.10 -21.79
C LYS D 111 16.95 4.40 -21.75
N THR D 112 16.49 4.88 -22.90
CA THR D 112 15.67 6.09 -22.88
C THR D 112 14.42 5.91 -22.01
N HIS D 113 13.96 7.02 -21.44
CA HIS D 113 12.67 7.08 -20.75
C HIS D 113 11.98 8.36 -21.19
N TRP D 114 10.94 8.25 -22.01
CA TRP D 114 10.21 9.42 -22.47
C TRP D 114 9.49 10.10 -21.31
N VAL D 115 9.57 11.43 -21.27
CA VAL D 115 8.86 12.23 -20.28
C VAL D 115 8.23 13.41 -21.00
N ARG D 116 6.99 13.72 -20.63
CA ARG D 116 6.29 14.89 -21.14
C ARG D 116 6.01 15.85 -20.00
N VAL D 117 6.27 17.13 -20.22
CA VAL D 117 5.78 18.18 -19.35
C VAL D 117 4.39 18.56 -19.85
N LEU D 118 3.39 18.38 -19.00
CA LEU D 118 2.03 18.70 -19.39
C LEU D 118 1.65 20.05 -18.84
N PRO D 119 1.27 21.00 -19.69
CA PRO D 119 1.16 22.39 -19.24
C PRO D 119 -0.01 22.60 -18.28
N THR D 120 0.30 23.20 -17.13
CA THR D 120 -0.72 23.78 -16.28
C THR D 120 -0.89 25.26 -16.59
N GLN D 121 0.19 25.93 -17.01
CA GLN D 121 0.17 27.35 -17.33
C GLN D 121 1.42 27.63 -18.18
N ILE D 122 1.25 28.36 -19.26
CA ILE D 122 2.36 28.79 -20.11
C ILE D 122 2.34 30.30 -20.23
N THR D 123 3.52 30.91 -20.10
CA THR D 123 3.65 32.35 -20.19
C THR D 123 4.92 32.68 -20.98
N GLY D 124 4.90 33.84 -21.62
CA GLY D 124 6.04 34.27 -22.41
C GLY D 124 6.19 35.77 -22.41
N ARG D 125 7.44 36.25 -22.40
CA ARG D 125 7.73 37.67 -22.42
C ARG D 125 8.83 37.94 -23.44
N ARG D 126 8.69 39.04 -24.17
CA ARG D 126 9.78 39.61 -24.93
C ARG D 126 10.28 40.85 -24.20
N PHE D 127 11.59 41.06 -24.25
CA PHE D 127 12.27 41.96 -23.33
C PHE D 127 13.13 42.95 -24.09
N ARG D 128 13.07 44.22 -23.68
CA ARG D 128 13.90 45.29 -24.21
C ARG D 128 13.69 45.49 -25.71
N THR E 5 -22.08 19.86 17.86
CA THR E 5 -20.73 20.40 17.83
C THR E 5 -19.92 19.81 16.67
N ILE E 6 -19.26 18.68 16.92
CA ILE E 6 -18.41 18.03 15.94
C ILE E 6 -19.22 16.99 15.17
N LEU E 7 -19.01 16.94 13.85
CA LEU E 7 -19.72 16.02 12.97
C LEU E 7 -18.82 14.84 12.60
N SER E 8 -19.47 13.71 12.31
CA SER E 8 -18.76 12.50 11.90
C SER E 8 -18.48 12.54 10.39
N ALA E 9 -17.50 11.72 9.98
CA ALA E 9 -17.05 11.75 8.59
C ALA E 9 -18.17 11.35 7.63
N THR E 10 -18.93 10.31 7.96
CA THR E 10 -20.04 9.90 7.11
C THR E 10 -21.07 11.02 6.97
N GLU E 11 -21.26 11.82 8.02
CA GLU E 11 -22.17 12.95 7.92
C GLU E 11 -21.57 14.08 7.08
N CYS E 12 -20.27 14.33 7.24
CA CYS E 12 -19.63 15.41 6.50
C CYS E 12 -19.72 15.19 5.00
N TRP E 13 -19.39 13.98 4.55
CA TRP E 13 -19.38 13.70 3.11
C TRP E 13 -20.76 13.87 2.50
N ASP E 14 -21.81 13.49 3.25
CA ASP E 14 -23.17 13.60 2.71
C ASP E 14 -23.64 15.05 2.73
N LEU E 15 -23.29 15.81 3.77
CA LEU E 15 -23.61 17.23 3.78
C LEU E 15 -23.03 17.92 2.56
N LEU E 16 -21.83 17.50 2.14
CA LEU E 16 -21.23 18.06 0.93
C LEU E 16 -22.07 17.79 -0.30
N LYS E 17 -22.84 16.69 -0.31
CA LYS E 17 -23.66 16.37 -1.46
C LYS E 17 -24.94 17.19 -1.53
N SER E 18 -25.32 17.84 -0.43
CA SER E 18 -26.50 18.70 -0.41
C SER E 18 -26.23 20.08 -0.99
N VAL E 19 -25.01 20.35 -1.42
CA VAL E 19 -24.57 21.70 -1.78
C VAL E 19 -23.74 21.62 -3.05
N ALA E 20 -23.99 22.52 -3.99
CA ALA E 20 -23.35 22.49 -5.30
C ALA E 20 -22.14 23.40 -5.42
N LEU E 21 -21.93 24.32 -4.48
CA LEU E 21 -20.86 25.29 -4.57
C LEU E 21 -19.98 25.21 -3.33
N GLY E 22 -18.67 25.05 -3.55
CA GLY E 22 -17.69 25.07 -2.49
C GLY E 22 -16.57 26.03 -2.81
N ARG E 23 -15.45 25.95 -2.08
CA ARG E 23 -14.34 26.87 -2.30
C ARG E 23 -13.02 26.17 -2.07
N ILE E 24 -12.08 26.35 -3.00
CA ILE E 24 -10.72 25.86 -2.84
C ILE E 24 -9.87 26.99 -2.28
N VAL E 25 -9.10 26.70 -1.23
CA VAL E 25 -8.21 27.67 -0.62
C VAL E 25 -6.77 27.19 -0.83
N THR E 26 -5.99 27.99 -1.54
CA THR E 26 -4.58 27.71 -1.78
C THR E 26 -3.71 28.62 -0.92
N THR E 27 -2.52 28.15 -0.59
CA THR E 27 -1.62 28.88 0.30
C THR E 27 -0.19 28.77 -0.20
N VAL E 28 0.47 29.92 -0.34
CA VAL E 28 1.90 29.99 -0.55
C VAL E 28 2.37 31.33 0.01
N ASP E 29 3.59 31.34 0.56
CA ASP E 29 4.10 32.44 1.39
C ASP E 29 3.29 32.45 2.68
N ASN E 30 2.79 33.62 3.07
CA ASN E 30 1.78 33.71 4.12
C ASN E 30 0.49 34.31 3.59
N THR E 31 0.28 34.17 2.28
CA THR E 31 -0.89 34.69 1.59
C THR E 31 -1.73 33.54 1.07
N SER E 32 -3.04 33.64 1.24
CA SER E 32 -3.97 32.63 0.78
C SER E 32 -4.79 33.14 -0.40
N HIS E 33 -5.28 32.20 -1.19
CA HIS E 33 -6.17 32.48 -2.31
C HIS E 33 -7.34 31.51 -2.25
N ILE E 34 -8.54 32.01 -2.55
CA ILE E 34 -9.75 31.21 -2.47
C ILE E 34 -10.43 31.22 -3.83
N PHE E 35 -10.87 30.04 -4.27
CA PHE E 35 -11.50 29.87 -5.58
C PHE E 35 -12.83 29.16 -5.41
N PRO E 36 -13.95 29.84 -5.59
CA PRO E 36 -15.23 29.12 -5.62
C PRO E 36 -15.27 28.15 -6.79
N ILE E 37 -15.77 26.95 -6.51
CA ILE E 37 -15.86 25.89 -7.52
C ILE E 37 -17.19 25.18 -7.38
N ASN E 38 -17.68 24.69 -8.51
CA ASN E 38 -18.80 23.76 -8.54
C ASN E 38 -18.23 22.34 -8.41
N PHE E 39 -18.81 21.54 -7.53
CA PHE E 39 -18.21 20.27 -7.15
C PHE E 39 -19.29 19.22 -6.92
N VAL E 40 -18.85 17.95 -6.99
CA VAL E 40 -19.65 16.81 -6.54
C VAL E 40 -18.72 15.88 -5.78
N VAL E 41 -19.31 15.04 -4.93
CA VAL E 41 -18.57 14.09 -4.12
C VAL E 41 -18.67 12.71 -4.78
N GLN E 42 -17.52 12.06 -4.94
CA GLN E 42 -17.44 10.73 -5.54
C GLN E 42 -16.50 9.89 -4.69
N ASN E 43 -17.06 8.97 -3.90
CA ASN E 43 -16.27 8.02 -3.11
C ASN E 43 -15.23 8.73 -2.25
N ARG E 44 -15.72 9.56 -1.33
CA ARG E 44 -14.88 10.29 -0.39
C ARG E 44 -13.81 11.10 -1.12
N THR E 45 -14.26 11.91 -2.07
CA THR E 45 -13.39 12.67 -2.96
C THR E 45 -14.17 13.85 -3.51
N VAL E 46 -13.50 15.01 -3.61
CA VAL E 46 -14.13 16.23 -4.11
C VAL E 46 -13.71 16.40 -5.56
N LEU E 47 -14.66 16.25 -6.49
CA LEU E 47 -14.39 16.34 -7.92
C LEU E 47 -14.92 17.64 -8.47
N PHE E 48 -14.07 18.34 -9.24
CA PHE E 48 -14.47 19.56 -9.93
C PHE E 48 -13.75 19.63 -11.27
N ARG E 49 -14.24 20.50 -12.15
CA ARG E 49 -13.60 20.77 -13.42
C ARG E 49 -12.91 22.12 -13.38
N THR E 50 -11.80 22.22 -14.11
CA THR E 50 -11.03 23.45 -14.20
C THR E 50 -10.78 23.76 -15.67
N ALA E 51 -10.74 25.06 -15.97
CA ALA E 51 -10.25 25.53 -17.25
C ALA E 51 -8.74 25.66 -17.16
N GLU E 52 -8.03 25.20 -18.19
CA GLU E 52 -6.58 25.31 -18.12
C GLU E 52 -6.14 26.74 -18.42
N GLY E 53 -4.93 27.07 -17.98
CA GLY E 53 -4.36 28.37 -18.19
C GLY E 53 -4.84 29.45 -17.24
N THR E 54 -5.65 29.11 -16.24
CA THR E 54 -6.20 30.08 -15.32
C THR E 54 -5.63 29.85 -13.92
N LYS E 55 -5.88 30.82 -13.04
CA LYS E 55 -5.16 30.87 -11.76
C LYS E 55 -5.41 29.62 -10.91
N LEU E 56 -6.62 29.08 -10.94
CA LEU E 56 -6.97 28.00 -10.03
C LEU E 56 -6.14 26.75 -10.30
N VAL E 57 -6.07 26.32 -11.57
CA VAL E 57 -5.33 25.11 -11.89
C VAL E 57 -3.86 25.27 -11.54
N SER E 58 -3.31 26.47 -11.72
CA SER E 58 -1.90 26.70 -11.42
C SER E 58 -1.64 26.72 -9.93
N ALA E 59 -2.62 27.17 -9.14
CA ALA E 59 -2.41 27.30 -7.70
C ALA E 59 -2.71 26.00 -6.96
N ALA E 60 -3.58 25.16 -7.50
CA ALA E 60 -4.11 24.01 -6.77
C ALA E 60 -3.43 22.69 -7.11
N ILE E 61 -3.08 22.47 -8.38
CA ILE E 61 -2.66 21.14 -8.83
C ILE E 61 -1.43 20.70 -8.07
N ASN E 62 -1.48 19.49 -7.51
CA ASN E 62 -0.39 18.81 -6.82
C ASN E 62 0.06 19.52 -5.55
N ASN E 63 -0.73 20.47 -5.05
CA ASN E 63 -0.43 21.18 -3.82
C ASN E 63 -1.43 20.80 -2.74
N ASN E 64 -1.08 21.11 -1.48
CA ASN E 64 -2.02 20.95 -0.39
C ASN E 64 -3.05 22.06 -0.44
N VAL E 65 -4.33 21.70 -0.45
CA VAL E 65 -5.40 22.68 -0.56
C VAL E 65 -6.41 22.49 0.56
N LEU E 66 -7.20 23.53 0.79
CA LEU E 66 -8.37 23.47 1.64
C LEU E 66 -9.61 23.51 0.76
N PHE E 67 -10.59 22.67 1.07
CA PHE E 67 -11.91 22.74 0.44
C PHE E 67 -12.95 22.93 1.54
N GLU E 68 -13.81 23.92 1.36
CA GLU E 68 -14.85 24.24 2.33
C GLU E 68 -16.19 24.38 1.61
N ALA E 69 -17.23 23.83 2.23
CA ALA E 69 -18.60 24.01 1.78
C ALA E 69 -19.48 24.10 3.01
N ASP E 70 -20.60 24.82 2.89
CA ASP E 70 -21.42 25.08 4.06
C ASP E 70 -22.85 25.35 3.62
N ASP E 71 -23.73 25.41 4.61
CA ASP E 71 -25.14 25.75 4.42
C ASP E 71 -25.69 26.22 5.76
N HIS E 72 -26.65 27.12 5.72
CA HIS E 72 -27.16 27.72 6.94
C HIS E 72 -28.66 27.97 6.82
N ASP E 73 -29.25 28.42 7.94
CA ASP E 73 -30.69 28.57 8.09
C ASP E 73 -31.01 29.95 8.67
N VAL E 74 -32.05 30.03 9.49
CA VAL E 74 -32.34 31.25 10.24
C VAL E 74 -31.36 31.41 11.39
N GLU E 75 -30.92 30.28 11.95
CA GLU E 75 -30.22 30.26 13.22
C GLU E 75 -29.10 29.24 13.18
N GLN E 76 -29.31 28.17 12.39
CA GLN E 76 -28.59 26.91 12.52
C GLN E 76 -27.94 26.57 11.18
N GLY E 77 -26.61 26.51 11.16
CA GLY E 77 -25.88 26.16 9.96
C GLY E 77 -24.83 25.10 10.23
N TRP E 78 -24.23 24.61 9.14
CA TRP E 78 -23.15 23.64 9.21
C TRP E 78 -22.09 24.00 8.18
N SER E 79 -20.89 23.46 8.37
CA SER E 79 -19.81 23.63 7.41
C SER E 79 -18.88 22.43 7.49
N VAL E 80 -18.28 22.10 6.35
CA VAL E 80 -17.37 20.96 6.22
C VAL E 80 -16.09 21.44 5.56
N ILE E 81 -14.95 21.08 6.13
CA ILE E 81 -13.64 21.45 5.59
C ILE E 81 -12.90 20.16 5.24
N VAL E 82 -12.32 20.12 4.04
CA VAL E 82 -11.49 19.00 3.59
C VAL E 82 -10.07 19.51 3.38
N ARG E 83 -9.11 18.82 4.00
CA ARG E 83 -7.69 19.03 3.71
C ARG E 83 -7.21 17.90 2.82
N GLY E 84 -6.49 18.24 1.76
CA GLY E 84 -5.99 17.21 0.87
C GLY E 84 -5.13 17.80 -0.24
N VAL E 85 -4.85 16.97 -1.23
CA VAL E 85 -4.00 17.33 -2.36
C VAL E 85 -4.85 17.25 -3.63
N ALA E 86 -4.80 18.29 -4.44
CA ALA E 86 -5.48 18.29 -5.73
C ALA E 86 -4.68 17.47 -6.73
N ARG E 87 -5.33 16.51 -7.38
CA ARG E 87 -4.69 15.62 -8.34
C ARG E 87 -5.49 15.59 -9.64
N THR E 88 -4.77 15.54 -10.75
CA THR E 88 -5.40 15.49 -12.07
C THR E 88 -5.96 14.10 -12.33
N VAL E 89 -7.17 14.05 -12.88
CA VAL E 89 -7.77 12.79 -13.33
C VAL E 89 -7.12 12.40 -14.66
N ARG E 90 -6.47 11.23 -14.69
CA ARG E 90 -5.68 10.90 -15.88
C ARG E 90 -5.52 9.41 -16.19
N ASP E 91 -6.35 8.52 -15.64
CA ASP E 91 -6.41 7.16 -16.14
C ASP E 91 -7.85 6.80 -16.46
N GLU E 92 -8.03 5.68 -17.15
CA GLU E 92 -9.34 5.37 -17.72
C GLU E 92 -10.38 5.12 -16.64
N ALA E 93 -10.01 4.40 -15.58
CA ALA E 93 -10.95 4.12 -14.51
C ALA E 93 -11.41 5.43 -13.85
N ASP E 94 -10.46 6.30 -13.51
CA ASP E 94 -10.81 7.57 -12.89
C ASP E 94 -11.61 8.46 -13.85
N LEU E 95 -11.24 8.46 -15.13
CA LEU E 95 -11.92 9.33 -16.09
C LEU E 95 -13.36 8.89 -16.31
N ALA E 96 -13.60 7.57 -16.39
CA ALA E 96 -14.97 7.09 -16.57
C ALA E 96 -15.83 7.43 -15.36
N GLU E 97 -15.24 7.40 -14.16
CA GLU E 97 -15.99 7.75 -12.95
C GLU E 97 -16.28 9.24 -12.88
N ALA E 98 -15.37 10.08 -13.37
CA ALA E 98 -15.60 11.51 -13.37
C ALA E 98 -16.76 11.89 -14.29
N GLN E 99 -16.97 11.15 -15.37
CA GLN E 99 -17.98 11.53 -16.36
C GLN E 99 -19.40 11.16 -15.95
N ARG E 100 -19.57 10.24 -14.98
CA ARG E 100 -20.89 9.99 -14.43
C ARG E 100 -21.37 11.13 -13.55
N ALA E 101 -20.46 11.97 -13.08
CA ALA E 101 -20.82 13.02 -12.14
C ALA E 101 -21.84 13.96 -12.74
N GLU E 102 -22.95 14.17 -12.02
CA GLU E 102 -23.86 15.24 -12.37
C GLU E 102 -23.24 16.58 -12.00
N LEU E 103 -21.98 16.77 -12.38
CA LEU E 103 -21.22 17.97 -12.07
C LEU E 103 -21.63 19.12 -12.98
N LEU E 104 -22.89 19.56 -12.87
CA LEU E 104 -23.42 20.72 -13.58
C LEU E 104 -23.14 20.51 -15.08
N PRO E 105 -23.05 21.55 -15.96
CA PRO E 105 -22.76 21.21 -17.36
C PRO E 105 -21.44 21.74 -17.91
N TRP E 106 -21.13 23.02 -17.67
CA TRP E 106 -20.09 23.79 -18.36
C TRP E 106 -20.48 24.00 -19.82
N THR E 107 -20.13 25.16 -20.37
CA THR E 107 -20.72 25.66 -21.59
C THR E 107 -20.44 24.73 -22.78
N ALA E 108 -21.05 25.07 -23.92
CA ALA E 108 -21.02 24.24 -25.13
C ALA E 108 -19.60 23.90 -25.57
N THR E 109 -18.89 24.89 -26.11
CA THR E 109 -17.52 24.73 -26.60
C THR E 109 -16.65 24.00 -25.56
N ALA E 110 -16.14 24.75 -24.57
CA ALA E 110 -15.60 24.21 -23.33
C ALA E 110 -14.33 23.38 -23.48
N LYS E 111 -13.45 23.48 -22.49
CA LYS E 111 -12.25 22.67 -22.39
C LYS E 111 -12.24 22.00 -21.01
N THR E 112 -12.30 20.67 -21.00
CA THR E 112 -12.47 19.91 -19.76
C THR E 112 -11.11 19.60 -19.12
N HIS E 113 -11.07 19.67 -17.79
CA HIS E 113 -9.88 19.24 -17.05
C HIS E 113 -10.35 18.85 -15.63
N TRP E 114 -10.58 17.56 -15.42
CA TRP E 114 -11.06 17.08 -14.12
C TRP E 114 -9.95 17.09 -13.09
N VAL E 115 -10.27 17.55 -11.88
CA VAL E 115 -9.36 17.53 -10.75
C VAL E 115 -10.09 16.98 -9.55
N ARG E 116 -9.42 16.12 -8.78
CA ARG E 116 -9.94 15.61 -7.52
C ARG E 116 -9.09 16.10 -6.37
N VAL E 117 -9.75 16.55 -5.30
CA VAL E 117 -9.07 16.76 -4.02
C VAL E 117 -9.09 15.42 -3.30
N LEU E 118 -7.90 14.84 -3.11
CA LEU E 118 -7.79 13.59 -2.36
C LEU E 118 -7.69 13.91 -0.88
N PRO E 119 -8.67 13.52 -0.06
CA PRO E 119 -8.73 14.04 1.32
C PRO E 119 -7.65 13.43 2.20
N THR E 120 -7.03 14.29 3.00
CA THR E 120 -6.20 13.87 4.12
C THR E 120 -6.97 13.87 5.44
N GLN E 121 -7.89 14.81 5.60
CA GLN E 121 -8.79 14.83 6.75
C GLN E 121 -10.04 15.60 6.36
N ILE E 122 -11.13 15.30 7.06
CA ILE E 122 -12.41 15.97 6.83
C ILE E 122 -13.07 16.20 8.19
N THR E 123 -13.56 17.41 8.41
CA THR E 123 -14.14 17.80 9.69
C THR E 123 -15.39 18.62 9.43
N GLY E 124 -16.26 18.67 10.43
CA GLY E 124 -17.53 19.37 10.28
C GLY E 124 -17.99 19.95 11.60
N ARG E 125 -18.71 21.07 11.51
CA ARG E 125 -19.27 21.73 12.68
C ARG E 125 -20.69 22.18 12.39
N ARG E 126 -21.52 22.15 13.42
CA ARG E 126 -22.81 22.81 13.43
C ARG E 126 -22.71 24.05 14.32
N PHE E 127 -23.48 25.08 14.00
CA PHE E 127 -23.36 26.34 14.72
C PHE E 127 -24.71 27.02 14.85
N ARG E 128 -24.86 27.80 15.92
CA ARG E 128 -26.05 28.62 16.14
C ARG E 128 -25.73 30.10 15.98
N ASP F 2 -18.00 34.53 -23.81
CA ASP F 2 -18.15 35.39 -22.64
C ASP F 2 -18.99 34.70 -21.56
N ALA F 3 -18.33 34.33 -20.46
CA ALA F 3 -19.02 33.75 -19.30
C ALA F 3 -18.54 34.29 -17.97
N VAL F 4 -17.34 34.85 -17.88
CA VAL F 4 -16.84 35.48 -16.67
C VAL F 4 -17.04 36.99 -16.79
N THR F 5 -17.53 37.60 -15.72
CA THR F 5 -17.70 39.04 -15.65
C THR F 5 -16.96 39.56 -14.42
N ILE F 6 -16.07 40.52 -14.62
CA ILE F 6 -15.34 41.14 -13.52
C ILE F 6 -16.18 42.29 -12.98
N LEU F 7 -16.34 42.33 -11.66
CA LEU F 7 -17.27 43.24 -11.02
C LEU F 7 -16.55 44.47 -10.47
N SER F 8 -17.29 45.57 -10.42
CA SER F 8 -16.80 46.79 -9.79
C SER F 8 -16.90 46.67 -8.28
N ALA F 9 -16.20 47.57 -7.58
CA ALA F 9 -16.24 47.55 -6.12
C ALA F 9 -17.63 47.83 -5.60
N THR F 10 -18.36 48.74 -6.26
CA THR F 10 -19.70 49.09 -5.79
C THR F 10 -20.64 47.90 -5.84
N GLU F 11 -20.65 47.17 -6.96
CA GLU F 11 -21.43 45.94 -7.04
C GLU F 11 -20.94 44.91 -6.04
N CYS F 12 -19.63 44.86 -5.81
CA CYS F 12 -19.07 43.95 -4.81
C CYS F 12 -19.69 44.19 -3.45
N TRP F 13 -19.67 45.44 -2.98
CA TRP F 13 -20.26 45.76 -1.68
C TRP F 13 -21.78 45.54 -1.69
N ASP F 14 -22.43 45.81 -2.82
CA ASP F 14 -23.88 45.61 -2.89
C ASP F 14 -24.25 44.13 -2.76
N LEU F 15 -23.49 43.25 -3.44
CA LEU F 15 -23.79 41.83 -3.36
C LEU F 15 -23.46 41.26 -1.98
N LEU F 16 -22.48 41.84 -1.28
CA LEU F 16 -22.14 41.37 0.05
C LEU F 16 -23.28 41.58 1.05
N LYS F 17 -24.24 42.45 0.73
CA LYS F 17 -25.40 42.66 1.58
C LYS F 17 -26.53 41.69 1.28
N SER F 18 -26.45 40.94 0.18
CA SER F 18 -27.48 39.99 -0.21
C SER F 18 -27.33 38.63 0.44
N VAL F 19 -26.24 38.39 1.17
CA VAL F 19 -25.99 37.13 1.84
C VAL F 19 -25.57 37.41 3.27
N ALA F 20 -25.89 36.47 4.17
CA ALA F 20 -25.62 36.64 5.59
C ALA F 20 -24.44 35.83 6.10
N LEU F 21 -23.99 34.84 5.36
CA LEU F 21 -22.89 33.97 5.79
C LEU F 21 -21.69 34.16 4.86
N GLY F 22 -20.52 34.31 5.45
CA GLY F 22 -19.27 34.42 4.72
C GLY F 22 -18.16 33.69 5.45
N ARG F 23 -16.93 33.79 4.95
CA ARG F 23 -15.82 33.03 5.51
C ARG F 23 -14.59 33.90 5.69
N ILE F 24 -13.97 33.80 6.86
CA ILE F 24 -12.67 34.42 7.13
C ILE F 24 -11.59 33.38 6.90
N VAL F 25 -10.59 33.73 6.10
CA VAL F 25 -9.48 32.83 5.80
C VAL F 25 -8.23 33.40 6.46
N THR F 26 -7.67 32.65 7.40
CA THR F 26 -6.48 33.01 8.14
C THR F 26 -5.27 32.28 7.56
N THR F 27 -4.09 32.92 7.66
CA THR F 27 -2.86 32.31 7.20
C THR F 27 -1.71 32.70 8.13
N VAL F 28 -1.04 31.70 8.70
CA VAL F 28 0.21 31.89 9.44
C VAL F 28 1.12 30.71 9.16
N ASP F 29 2.43 30.98 9.19
CA ASP F 29 3.44 30.06 8.66
C ASP F 29 3.13 29.77 7.20
N ASN F 30 2.59 28.58 6.91
CA ASN F 30 2.06 28.32 5.57
C ASN F 30 0.83 27.43 5.64
N THR F 31 0.03 27.56 6.69
CA THR F 31 -1.16 26.76 6.90
C THR F 31 -2.36 27.70 7.02
N SER F 32 -3.32 27.54 6.11
CA SER F 32 -4.52 28.37 6.13
C SER F 32 -5.62 27.72 6.93
N HIS F 33 -6.48 28.55 7.52
CA HIS F 33 -7.65 28.09 8.24
C HIS F 33 -8.84 28.94 7.83
N ILE F 34 -9.97 28.30 7.57
CA ILE F 34 -11.18 28.98 7.11
C ILE F 34 -12.24 28.88 8.21
N PHE F 35 -12.90 30.01 8.47
CA PHE F 35 -13.92 30.10 9.52
C PHE F 35 -15.20 30.65 8.91
N PRO F 36 -16.30 29.91 8.94
CA PRO F 36 -17.59 30.50 8.54
C PRO F 36 -18.04 31.49 9.61
N ILE F 37 -18.56 32.64 9.15
CA ILE F 37 -18.97 33.71 10.04
C ILE F 37 -20.26 34.34 9.54
N ASN F 38 -21.07 34.81 10.49
CA ASN F 38 -22.21 35.67 10.20
C ASN F 38 -21.73 37.11 10.15
N PHE F 39 -22.05 37.83 9.07
CA PHE F 39 -21.44 39.12 8.82
C PHE F 39 -22.46 40.10 8.27
N VAL F 40 -22.12 41.39 8.38
CA VAL F 40 -22.87 42.48 7.78
C VAL F 40 -21.88 43.50 7.24
N VAL F 41 -22.36 44.35 6.33
CA VAL F 41 -21.54 45.37 5.68
C VAL F 41 -21.91 46.72 6.27
N GLN F 42 -20.89 47.49 6.66
CA GLN F 42 -21.08 48.82 7.22
C GLN F 42 -19.99 49.75 6.66
N ASN F 43 -20.41 50.79 5.93
CA ASN F 43 -19.51 51.80 5.41
C ASN F 43 -18.31 51.18 4.68
N ARG F 44 -18.61 50.20 3.83
CA ARG F 44 -17.60 49.47 3.07
C ARG F 44 -16.53 48.87 3.99
N THR F 45 -17.00 48.22 5.06
CA THR F 45 -16.17 47.37 5.90
C THR F 45 -16.97 46.13 6.28
N VAL F 46 -16.27 45.04 6.56
CA VAL F 46 -16.90 43.78 6.94
C VAL F 46 -16.87 43.69 8.46
N LEU F 47 -18.05 43.52 9.07
CA LEU F 47 -18.19 43.45 10.52
C LEU F 47 -18.80 42.11 10.89
N PHE F 48 -18.21 41.45 11.89
CA PHE F 48 -18.73 40.18 12.37
C PHE F 48 -18.43 40.04 13.86
N ARG F 49 -19.14 39.11 14.48
CA ARG F 49 -19.03 38.85 15.91
C ARG F 49 -18.32 37.52 16.13
N THR F 50 -17.67 37.41 17.29
CA THR F 50 -16.83 36.25 17.58
C THR F 50 -16.77 36.03 19.08
N ALA F 51 -16.50 34.77 19.45
CA ALA F 51 -16.38 34.38 20.84
C ALA F 51 -14.93 34.34 21.26
N GLU F 52 -14.67 34.70 22.51
CA GLU F 52 -13.31 34.71 23.05
C GLU F 52 -12.92 33.32 23.55
N GLY F 53 -11.64 33.01 23.42
CA GLY F 53 -11.13 31.69 23.69
C GLY F 53 -11.13 30.75 22.51
N THR F 54 -11.72 31.16 21.39
CA THR F 54 -11.73 30.37 20.17
C THR F 54 -10.49 30.69 19.32
N LYS F 55 -10.18 29.76 18.42
CA LYS F 55 -9.04 29.94 17.53
C LYS F 55 -9.25 31.08 16.54
N LEU F 56 -10.50 31.45 16.26
CA LEU F 56 -10.76 32.53 15.31
C LEU F 56 -10.27 33.87 15.84
N VAL F 57 -10.51 34.15 17.12
CA VAL F 57 -10.03 35.40 17.70
C VAL F 57 -8.51 35.43 17.73
N SER F 58 -7.89 34.30 18.09
CA SER F 58 -6.44 34.25 18.17
C SER F 58 -5.78 34.38 16.80
N ALA F 59 -6.48 33.97 15.75
CA ALA F 59 -5.89 33.94 14.41
C ALA F 59 -6.21 35.17 13.57
N ALA F 60 -7.32 35.86 13.85
CA ALA F 60 -7.78 36.92 12.98
C ALA F 60 -7.19 38.29 13.32
N ILE F 61 -7.32 38.70 14.58
CA ILE F 61 -7.14 40.10 14.93
C ILE F 61 -5.68 40.52 14.75
N ASN F 62 -5.49 41.73 14.23
CA ASN F 62 -4.20 42.36 13.98
C ASN F 62 -3.38 41.62 12.92
N ASN F 63 -4.04 40.83 12.07
CA ASN F 63 -3.39 40.10 11.00
C ASN F 63 -4.09 40.36 9.68
N ASN F 64 -3.42 40.03 8.59
CA ASN F 64 -4.04 40.09 7.28
C ASN F 64 -4.94 38.88 7.07
N VAL F 65 -6.16 39.11 6.60
CA VAL F 65 -7.15 38.06 6.45
C VAL F 65 -7.81 38.18 5.09
N LEU F 66 -8.44 37.08 4.67
CA LEU F 66 -9.33 37.06 3.53
C LEU F 66 -10.76 36.95 4.01
N PHE F 67 -11.66 37.70 3.41
CA PHE F 67 -13.09 37.50 3.58
C PHE F 67 -13.70 37.19 2.24
N GLU F 68 -14.55 36.16 2.19
CA GLU F 68 -15.17 35.71 0.96
C GLU F 68 -16.63 35.41 1.22
N ALA F 69 -17.47 35.70 0.22
CA ALA F 69 -18.88 35.37 0.26
C ALA F 69 -19.37 35.22 -1.16
N ASP F 70 -20.39 34.38 -1.34
CA ASP F 70 -20.88 34.06 -2.67
C ASP F 70 -22.35 33.67 -2.61
N ASP F 71 -22.94 33.47 -3.78
CA ASP F 71 -24.30 32.99 -3.94
C ASP F 71 -24.43 32.48 -5.37
N HIS F 72 -25.44 31.65 -5.61
CA HIS F 72 -25.59 31.05 -6.93
C HIS F 72 -26.99 30.48 -7.07
N ASP F 73 -27.39 30.25 -8.31
CA ASP F 73 -28.57 29.44 -8.61
C ASP F 73 -28.12 28.19 -9.36
N VAL F 74 -28.98 27.65 -10.21
CA VAL F 74 -28.61 26.48 -11.00
C VAL F 74 -27.84 26.90 -12.25
N GLU F 75 -28.11 28.09 -12.77
CA GLU F 75 -27.48 28.56 -14.00
C GLU F 75 -26.18 29.33 -13.76
N GLN F 76 -26.10 30.12 -12.69
CA GLN F 76 -25.06 31.11 -12.56
C GLN F 76 -24.68 31.28 -11.09
N GLY F 77 -23.76 32.20 -10.85
CA GLY F 77 -23.38 32.58 -9.50
C GLY F 77 -22.37 33.72 -9.52
N TRP F 78 -22.15 34.30 -8.33
CA TRP F 78 -21.17 35.36 -8.14
C TRP F 78 -20.36 35.08 -6.88
N SER F 79 -19.23 35.77 -6.76
CA SER F 79 -18.40 35.70 -5.56
C SER F 79 -17.67 37.02 -5.36
N VAL F 80 -17.35 37.31 -4.12
CA VAL F 80 -16.68 38.55 -3.73
C VAL F 80 -15.59 38.20 -2.71
N ILE F 81 -14.39 38.76 -2.90
CA ILE F 81 -13.24 38.47 -2.06
C ILE F 81 -12.65 39.78 -1.56
N VAL F 82 -12.47 39.88 -0.24
CA VAL F 82 -11.91 41.06 0.40
C VAL F 82 -10.58 40.68 1.05
N ARG F 83 -9.55 41.47 0.77
CA ARG F 83 -8.30 41.40 1.52
C ARG F 83 -8.24 42.61 2.45
N GLY F 84 -7.86 42.36 3.70
CA GLY F 84 -7.80 43.44 4.66
C GLY F 84 -7.22 42.98 5.96
N VAL F 85 -7.41 43.82 6.99
CA VAL F 85 -6.88 43.57 8.32
C VAL F 85 -8.05 43.48 9.29
N ALA F 86 -8.07 42.43 10.11
CA ALA F 86 -9.10 42.28 11.13
C ALA F 86 -8.71 43.06 12.37
N ARG F 87 -9.61 43.92 12.82
CA ARG F 87 -9.35 44.79 13.96
C ARG F 87 -10.46 44.64 14.99
N THR F 88 -10.07 44.58 16.25
CA THR F 88 -11.05 44.50 17.33
C THR F 88 -11.78 45.82 17.47
N VAL F 89 -13.11 45.76 17.55
CA VAL F 89 -13.92 46.93 17.83
C VAL F 89 -13.83 47.21 19.32
N ARG F 90 -13.24 48.36 19.69
CA ARG F 90 -13.03 48.70 21.09
C ARG F 90 -13.64 50.03 21.52
N ASP F 91 -13.66 51.04 20.66
CA ASP F 91 -13.94 52.39 21.11
C ASP F 91 -15.43 52.72 21.06
N GLU F 92 -15.79 53.82 21.74
CA GLU F 92 -17.17 54.27 21.91
C GLU F 92 -17.94 54.32 20.59
N ALA F 93 -17.33 54.87 19.53
CA ALA F 93 -18.08 55.19 18.32
C ALA F 93 -18.55 53.93 17.60
N ASP F 94 -17.68 52.94 17.44
CA ASP F 94 -18.05 51.75 16.68
C ASP F 94 -19.09 50.91 17.43
N LEU F 95 -19.12 51.00 18.76
CA LEU F 95 -20.08 50.20 19.52
C LEU F 95 -21.51 50.63 19.25
N ALA F 96 -21.74 51.93 19.07
CA ALA F 96 -23.05 52.40 18.64
C ALA F 96 -23.40 51.84 17.26
N GLU F 97 -22.31 51.67 16.50
CA GLU F 97 -22.23 51.19 15.13
C GLU F 97 -22.17 49.66 15.00
N ALA F 98 -22.03 48.96 16.12
CA ALA F 98 -21.97 47.50 16.15
C ALA F 98 -23.29 46.89 16.59
N GLN F 99 -23.80 47.28 17.76
CA GLN F 99 -25.06 46.72 18.24
C GLN F 99 -26.27 47.24 17.50
N ARG F 100 -26.08 48.07 16.47
CA ARG F 100 -27.12 48.46 15.54
C ARG F 100 -27.09 47.66 14.24
N ALA F 101 -26.09 46.81 14.05
CA ALA F 101 -25.85 46.13 12.79
C ALA F 101 -27.02 45.23 12.38
N GLU F 102 -27.21 44.12 13.07
CA GLU F 102 -28.25 43.17 12.71
C GLU F 102 -28.86 42.52 13.95
N THR F 112 -16.90 37.39 22.92
CA THR F 112 -18.12 38.18 22.81
C THR F 112 -17.81 39.61 22.41
N HIS F 113 -16.90 39.76 21.44
CA HIS F 113 -16.47 41.05 20.93
C HIS F 113 -16.71 41.12 19.42
N TRP F 114 -16.85 42.34 18.93
CA TRP F 114 -17.02 42.58 17.49
C TRP F 114 -15.67 42.80 16.83
N VAL F 115 -15.54 42.29 15.61
CA VAL F 115 -14.33 42.45 14.80
C VAL F 115 -14.75 43.08 13.48
N ARG F 116 -13.90 43.95 12.95
CA ARG F 116 -14.21 44.63 11.69
C ARG F 116 -13.01 44.56 10.75
N VAL F 117 -13.26 44.10 9.53
CA VAL F 117 -12.22 43.94 8.52
C VAL F 117 -12.13 45.22 7.72
N LEU F 118 -10.96 45.86 7.77
CA LEU F 118 -10.73 47.09 7.03
C LEU F 118 -10.15 46.75 5.66
N PRO F 119 -10.87 46.98 4.56
CA PRO F 119 -10.45 46.40 3.27
C PRO F 119 -9.21 47.05 2.71
N THR F 120 -8.22 46.23 2.38
CA THR F 120 -7.11 46.65 1.52
C THR F 120 -7.51 46.57 0.05
N GLN F 121 -8.36 45.60 -0.29
CA GLN F 121 -8.68 45.28 -1.67
C GLN F 121 -10.02 44.56 -1.68
N ILE F 122 -10.76 44.69 -2.78
CA ILE F 122 -12.03 43.99 -2.95
C ILE F 122 -12.22 43.69 -4.43
N THR F 123 -12.58 42.43 -4.73
CA THR F 123 -12.73 41.97 -6.10
C THR F 123 -13.92 41.02 -6.18
N GLY F 124 -14.56 40.99 -7.34
CA GLY F 124 -15.73 40.16 -7.52
C GLY F 124 -15.81 39.61 -8.93
N ARG F 125 -16.44 38.44 -9.05
CA ARG F 125 -16.60 37.79 -10.34
C ARG F 125 -17.98 37.17 -10.44
N ARG F 126 -18.52 37.17 -11.66
CA ARG F 126 -19.67 36.37 -12.02
C ARG F 126 -19.20 35.20 -12.88
N PHE F 127 -19.90 34.07 -12.75
CA PHE F 127 -19.51 32.85 -13.45
C PHE F 127 -20.75 32.21 -14.03
N ARG F 128 -20.86 32.21 -15.36
CA ARG F 128 -21.96 31.55 -16.05
C ARG F 128 -21.61 30.09 -16.30
N PHE F 129 -22.60 29.22 -16.14
CA PHE F 129 -22.44 27.81 -16.45
C PHE F 129 -23.18 27.46 -17.74
N ALA G 3 44.67 18.13 5.29
CA ALA G 3 44.01 17.26 4.33
C ALA G 3 42.76 16.62 4.94
N VAL G 4 41.77 16.37 4.11
CA VAL G 4 40.55 15.67 4.51
C VAL G 4 40.64 14.27 3.95
N THR G 5 40.80 13.28 4.84
CA THR G 5 41.02 11.90 4.45
C THR G 5 39.72 11.11 4.53
N ILE G 6 39.37 10.45 3.43
CA ILE G 6 38.20 9.58 3.38
C ILE G 6 38.62 8.19 3.85
N LEU G 7 37.90 7.66 4.83
CA LEU G 7 38.28 6.41 5.47
C LEU G 7 37.59 5.23 4.80
N SER G 8 38.26 4.08 4.84
CA SER G 8 37.68 2.84 4.34
C SER G 8 36.68 2.27 5.34
N ALA G 9 35.77 1.44 4.83
CA ALA G 9 34.80 0.79 5.71
C ALA G 9 35.49 -0.04 6.79
N THR G 10 36.69 -0.54 6.49
CA THR G 10 37.46 -1.28 7.47
C THR G 10 37.82 -0.41 8.67
N GLU G 11 38.39 0.76 8.40
CA GLU G 11 38.80 1.66 9.47
C GLU G 11 37.60 2.23 10.20
N CYS G 12 36.48 2.43 9.50
CA CYS G 12 35.28 2.98 10.13
C CYS G 12 34.81 2.09 11.28
N TRP G 13 34.64 0.79 11.01
CA TRP G 13 34.16 -0.12 12.05
C TRP G 13 35.14 -0.22 13.21
N ASP G 14 36.44 -0.07 12.94
CA ASP G 14 37.43 -0.10 14.01
C ASP G 14 37.32 1.14 14.88
N LEU G 15 37.20 2.32 14.25
CA LEU G 15 37.11 3.57 15.01
C LEU G 15 35.85 3.61 15.86
N LEU G 16 34.76 3.02 15.38
CA LEU G 16 33.51 2.99 16.16
C LEU G 16 33.68 2.26 17.48
N LYS G 17 34.65 1.36 17.60
CA LYS G 17 34.89 0.62 18.83
C LYS G 17 35.65 1.44 19.86
N SER G 18 36.23 2.57 19.47
CA SER G 18 37.02 3.40 20.37
C SER G 18 36.18 4.43 21.12
N VAL G 19 34.86 4.36 21.00
CA VAL G 19 33.96 5.37 21.56
C VAL G 19 32.72 4.67 22.07
N ALA G 20 32.20 5.14 23.21
CA ALA G 20 31.02 4.55 23.83
C ALA G 20 29.73 5.32 23.57
N LEU G 21 29.83 6.56 23.08
CA LEU G 21 28.66 7.42 22.92
C LEU G 21 28.47 7.80 21.46
N GLY G 22 27.27 7.57 20.94
CA GLY G 22 26.93 7.96 19.59
C GLY G 22 25.55 8.60 19.53
N ARG G 23 25.08 8.90 18.32
CA ARG G 23 23.79 9.56 18.15
C ARG G 23 23.00 8.89 17.04
N ILE G 24 21.73 8.63 17.30
CA ILE G 24 20.78 8.16 16.30
C ILE G 24 20.01 9.35 15.78
N VAL G 25 19.91 9.48 14.46
CA VAL G 25 19.15 10.56 13.83
C VAL G 25 17.91 9.95 13.18
N THR G 26 16.74 10.50 13.52
CA THR G 26 15.45 10.07 13.01
C THR G 26 14.89 11.15 12.09
N THR G 27 14.24 10.74 11.00
CA THR G 27 13.62 11.68 10.08
C THR G 27 12.23 11.18 9.72
N VAL G 28 11.23 12.04 9.96
CA VAL G 28 9.85 11.79 9.55
C VAL G 28 9.21 13.13 9.21
N ASP G 29 8.50 13.18 8.09
CA ASP G 29 7.82 14.40 7.64
C ASP G 29 8.80 15.56 7.46
N ASN G 30 9.96 15.27 6.85
CA ASN G 30 10.99 16.26 6.56
C ASN G 30 11.51 16.96 7.82
N THR G 31 11.33 16.35 8.99
CA THR G 31 11.81 16.90 10.25
C THR G 31 12.68 15.87 10.95
N SER G 32 13.80 16.32 11.50
CA SER G 32 14.79 15.44 12.08
C SER G 32 14.79 15.51 13.60
N HIS G 33 15.16 14.39 14.21
CA HIS G 33 15.37 14.30 15.65
C HIS G 33 16.67 13.54 15.90
N ILE G 34 17.37 13.91 16.97
CA ILE G 34 18.66 13.32 17.31
C ILE G 34 18.60 12.78 18.73
N PHE G 35 19.17 11.61 18.93
CA PHE G 35 19.12 10.91 20.21
C PHE G 35 20.50 10.39 20.57
N PRO G 36 21.19 10.98 21.55
CA PRO G 36 22.44 10.38 22.04
C PRO G 36 22.16 9.00 22.62
N ILE G 37 23.06 8.06 22.34
CA ILE G 37 22.92 6.68 22.78
C ILE G 37 24.28 6.12 23.19
N ASN G 38 24.25 5.20 24.15
CA ASN G 38 25.40 4.36 24.47
C ASN G 38 25.30 3.09 23.62
N PHE G 39 26.38 2.78 22.89
CA PHE G 39 26.31 1.75 21.86
C PHE G 39 27.55 0.88 21.89
N VAL G 40 27.46 -0.25 21.17
CA VAL G 40 28.58 -1.14 20.90
C VAL G 40 28.45 -1.66 19.47
N VAL G 41 29.58 -2.09 18.92
CA VAL G 41 29.64 -2.68 17.60
C VAL G 41 29.75 -4.19 17.73
N GLN G 42 28.86 -4.92 17.07
CA GLN G 42 28.91 -6.39 17.02
C GLN G 42 29.04 -6.78 15.55
N ASN G 43 30.25 -7.25 15.19
CA ASN G 43 30.78 -7.41 13.84
C ASN G 43 30.66 -6.11 13.02
N ARG G 44 29.63 -5.96 12.19
CA ARG G 44 29.43 -4.76 11.40
C ARG G 44 27.98 -4.30 11.51
N THR G 45 27.49 -4.25 12.75
CA THR G 45 26.20 -3.68 13.07
C THR G 45 26.34 -2.84 14.34
N VAL G 46 25.42 -1.89 14.52
CA VAL G 46 25.42 -0.97 15.64
C VAL G 46 24.26 -1.34 16.54
N LEU G 47 24.57 -1.71 17.79
CA LEU G 47 23.56 -2.10 18.76
C LEU G 47 23.58 -1.14 19.94
N PHE G 48 22.38 -0.79 20.40
CA PHE G 48 22.18 0.05 21.57
C PHE G 48 20.89 -0.41 22.25
N ARG G 49 20.77 -0.13 23.53
CA ARG G 49 19.57 -0.47 24.28
C ARG G 49 18.73 0.79 24.43
N THR G 50 17.44 0.68 24.13
CA THR G 50 16.51 1.79 24.25
C THR G 50 15.56 1.58 25.43
N ALA G 51 15.19 2.67 26.08
CA ALA G 51 14.24 2.62 27.18
C ALA G 51 12.83 2.78 26.64
N GLU G 52 11.93 1.87 27.04
CA GLU G 52 10.57 1.82 26.54
C GLU G 52 9.83 3.12 26.87
N GLY G 53 8.68 3.30 26.22
CA GLY G 53 7.84 4.44 26.46
C GLY G 53 8.38 5.77 25.97
N THR G 54 9.60 5.81 25.45
CA THR G 54 10.21 7.04 24.96
C THR G 54 10.00 7.17 23.45
N LYS G 55 10.23 8.39 22.96
CA LYS G 55 10.07 8.64 21.53
C LYS G 55 11.20 8.04 20.69
N LEU G 56 12.28 7.58 21.31
CA LEU G 56 13.32 6.89 20.55
C LEU G 56 12.82 5.55 20.01
N VAL G 57 12.07 4.82 20.82
CA VAL G 57 11.55 3.52 20.38
C VAL G 57 10.58 3.70 19.23
N SER G 58 9.67 4.67 19.35
CA SER G 58 8.61 4.82 18.37
C SER G 58 9.10 5.44 17.06
N ALA G 59 10.17 6.23 17.11
CA ALA G 59 10.62 6.95 15.92
C ALA G 59 11.70 6.23 15.15
N ALA G 60 12.37 5.24 15.75
CA ALA G 60 13.51 4.59 15.11
C ALA G 60 13.20 3.18 14.61
N ILE G 61 12.45 2.40 15.39
CA ILE G 61 12.32 0.97 15.13
C ILE G 61 11.60 0.75 13.82
N ASN G 62 12.24 0.00 12.91
CA ASN G 62 11.78 -0.37 11.57
C ASN G 62 11.77 0.80 10.59
N ASN G 63 12.41 1.92 10.93
CA ASN G 63 12.54 3.04 10.02
C ASN G 63 14.00 3.25 9.64
N ASN G 64 14.21 3.98 8.55
CA ASN G 64 15.55 4.34 8.13
C ASN G 64 16.11 5.41 9.08
N VAL G 65 17.33 5.18 9.57
CA VAL G 65 17.94 6.06 10.55
C VAL G 65 19.39 6.34 10.17
N LEU G 66 19.92 7.42 10.73
CA LEU G 66 21.34 7.71 10.71
C LEU G 66 21.96 7.32 12.05
N PHE G 67 23.24 6.94 12.00
CA PHE G 67 24.02 6.76 13.21
C PHE G 67 25.35 7.46 13.03
N GLU G 68 25.79 8.19 14.06
CA GLU G 68 27.03 8.94 13.98
C GLU G 68 27.77 8.85 15.30
N ALA G 69 29.09 8.69 15.19
CA ALA G 69 29.99 8.72 16.33
C ALA G 69 31.26 9.44 15.92
N ASP G 70 31.94 10.04 16.89
CA ASP G 70 33.06 10.91 16.60
C ASP G 70 34.03 10.92 17.77
N ASP G 71 35.22 11.45 17.50
CA ASP G 71 36.16 11.84 18.55
C ASP G 71 37.20 12.76 17.92
N HIS G 72 37.76 13.64 18.73
CA HIS G 72 38.63 14.68 18.22
C HIS G 72 39.78 14.95 19.20
N ASP G 73 40.86 15.46 18.63
CA ASP G 73 42.02 15.97 19.34
C ASP G 73 41.88 17.49 19.44
N VAL G 74 42.83 18.15 20.10
CA VAL G 74 42.87 19.60 20.06
C VAL G 74 43.07 20.14 18.65
N GLU G 75 43.50 19.30 17.71
CA GLU G 75 43.84 19.75 16.37
C GLU G 75 43.23 18.86 15.28
N GLN G 76 42.96 17.60 15.60
CA GLN G 76 42.47 16.66 14.61
C GLN G 76 41.28 15.90 15.16
N GLY G 77 40.59 15.17 14.28
CA GLY G 77 39.43 14.40 14.68
C GLY G 77 38.99 13.49 13.55
N TRP G 78 37.99 12.66 13.86
CA TRP G 78 37.42 11.74 12.89
C TRP G 78 35.94 11.56 13.20
N SER G 79 35.21 11.07 12.20
CA SER G 79 33.79 10.82 12.34
C SER G 79 33.38 9.68 11.42
N VAL G 80 32.38 8.92 11.85
CA VAL G 80 31.81 7.83 11.07
C VAL G 80 30.29 7.97 11.10
N ILE G 81 29.66 7.90 9.93
CA ILE G 81 28.21 7.93 9.81
C ILE G 81 27.73 6.65 9.16
N VAL G 82 26.63 6.10 9.68
CA VAL G 82 26.07 4.83 9.23
C VAL G 82 24.62 5.05 8.86
N ARG G 83 24.26 4.70 7.63
CA ARG G 83 22.87 4.68 7.18
C ARG G 83 22.36 3.25 7.23
N GLY G 84 21.20 3.05 7.84
CA GLY G 84 20.67 1.71 7.94
C GLY G 84 19.23 1.70 8.43
N VAL G 85 18.78 0.51 8.80
CA VAL G 85 17.43 0.29 9.31
C VAL G 85 17.54 -0.24 10.73
N ALA G 86 16.90 0.46 11.67
CA ALA G 86 16.89 0.01 13.06
C ALA G 86 15.83 -1.07 13.24
N ARG G 87 16.22 -2.20 13.84
CA ARG G 87 15.30 -3.31 14.08
C ARG G 87 15.47 -3.82 15.49
N THR G 88 14.36 -4.22 16.11
CA THR G 88 14.42 -4.82 17.44
C THR G 88 15.04 -6.21 17.36
N VAL G 89 15.59 -6.65 18.49
CA VAL G 89 16.13 -8.00 18.59
C VAL G 89 15.05 -8.92 19.14
N ARG G 90 14.95 -10.11 18.57
CA ARG G 90 13.87 -11.03 18.92
C ARG G 90 14.39 -12.11 19.86
N ASP G 91 15.28 -12.96 19.37
CA ASP G 91 16.01 -13.86 20.26
C ASP G 91 17.39 -14.13 19.67
N GLU G 92 18.39 -13.50 20.24
CA GLU G 92 19.80 -13.79 20.03
C GLU G 92 20.32 -14.46 21.31
N ALA G 93 21.62 -14.75 21.34
CA ALA G 93 22.21 -15.41 22.49
C ALA G 93 22.99 -14.43 23.35
N THR G 112 11.93 -1.95 27.46
CA THR G 112 13.26 -2.48 27.74
C THR G 112 13.65 -3.52 26.71
N HIS G 113 14.38 -3.09 25.68
CA HIS G 113 14.82 -4.00 24.64
C HIS G 113 15.97 -3.37 23.87
N TRP G 114 16.75 -4.23 23.22
CA TRP G 114 17.89 -3.78 22.43
C TRP G 114 17.48 -3.58 20.99
N VAL G 115 18.19 -2.68 20.33
CA VAL G 115 17.92 -2.32 18.94
C VAL G 115 19.23 -2.40 18.17
N ARG G 116 19.16 -2.93 16.96
CA ARG G 116 20.34 -3.06 16.12
C ARG G 116 20.11 -2.36 14.78
N VAL G 117 21.12 -1.61 14.36
CA VAL G 117 21.12 -0.89 13.09
C VAL G 117 21.89 -1.73 12.07
N LEU G 118 21.19 -2.22 11.06
CA LEU G 118 21.78 -2.96 9.95
C LEU G 118 22.23 -2.03 8.83
N PRO G 119 23.53 -1.83 8.60
CA PRO G 119 23.94 -0.74 7.73
C PRO G 119 23.73 -1.04 6.25
N THR G 120 23.22 -0.06 5.53
CA THR G 120 23.24 -0.08 4.07
C THR G 120 24.50 0.56 3.52
N GLN G 121 25.12 1.48 4.27
CA GLN G 121 26.41 2.05 3.90
C GLN G 121 27.07 2.61 5.14
N ILE G 122 28.36 2.88 5.03
CA ILE G 122 29.15 3.43 6.13
C ILE G 122 30.29 4.25 5.53
N THR G 123 30.46 5.47 6.05
CA THR G 123 31.51 6.37 5.57
C THR G 123 32.24 6.96 6.77
N GLY G 124 33.42 7.49 6.49
CA GLY G 124 34.24 8.09 7.53
C GLY G 124 35.19 9.12 6.96
N ARG G 125 35.46 10.16 7.75
CA ARG G 125 36.39 11.21 7.35
C ARG G 125 37.23 11.62 8.55
N ARG G 126 38.53 11.78 8.32
CA ARG G 126 39.43 12.35 9.32
C ARG G 126 39.76 13.78 8.89
N PHE G 127 39.58 14.71 9.82
CA PHE G 127 39.65 16.14 9.53
C PHE G 127 40.74 16.79 10.37
N ARG G 128 41.65 17.50 9.70
CA ARG G 128 42.61 18.35 10.42
C ARG G 128 42.05 19.77 10.47
N THR H 5 15.45 15.95 35.03
CA THR H 5 16.65 15.76 34.23
C THR H 5 16.69 16.73 33.05
N ILE H 6 15.83 17.74 33.10
CA ILE H 6 15.78 18.77 32.08
C ILE H 6 16.61 19.96 32.55
N LEU H 7 17.45 20.47 31.65
CA LEU H 7 18.37 21.56 31.97
C LEU H 7 17.78 22.91 31.57
N SER H 8 18.29 23.96 32.21
CA SER H 8 17.83 25.32 31.94
C SER H 8 18.57 25.91 30.74
N ALA H 9 18.10 27.07 30.30
CA ALA H 9 18.66 27.69 29.10
C ALA H 9 20.11 28.11 29.32
N THR H 10 20.41 28.72 30.46
CA THR H 10 21.78 29.14 30.75
C THR H 10 22.71 27.94 30.91
N GLU H 11 22.20 26.85 31.46
CA GLU H 11 22.98 25.62 31.52
C GLU H 11 23.39 25.17 30.12
N CYS H 12 22.41 25.07 29.22
CA CYS H 12 22.66 24.52 27.89
C CYS H 12 23.70 25.34 27.14
N TRP H 13 23.54 26.66 27.13
CA TRP H 13 24.48 27.50 26.38
C TRP H 13 25.88 27.44 26.96
N ASP H 14 26.01 27.25 28.28
CA ASP H 14 27.33 27.18 28.90
C ASP H 14 27.95 25.80 28.74
N LEU H 15 27.15 24.74 28.85
CA LEU H 15 27.66 23.41 28.58
C LEU H 15 28.26 23.32 27.18
N LEU H 16 27.59 23.93 26.20
CA LEU H 16 28.10 23.97 24.83
C LEU H 16 29.51 24.55 24.77
N LYS H 17 29.81 25.53 25.63
CA LYS H 17 31.14 26.13 25.62
C LYS H 17 32.21 25.20 26.19
N SER H 18 31.82 24.12 26.86
CA SER H 18 32.76 23.15 27.40
C SER H 18 33.24 22.16 26.35
N VAL H 19 32.73 22.27 25.13
CA VAL H 19 32.97 21.28 24.08
C VAL H 19 33.27 22.02 22.78
N ALA H 20 34.24 21.51 22.02
CA ALA H 20 34.66 22.15 20.79
C ALA H 20 34.11 21.47 19.54
N LEU H 21 33.37 20.37 19.67
CA LEU H 21 32.91 19.61 18.52
C LEU H 21 31.43 19.26 18.70
N GLY H 22 30.61 19.69 17.76
CA GLY H 22 29.22 19.30 17.69
C GLY H 22 28.87 18.87 16.28
N ARG H 23 27.58 18.70 15.97
CA ARG H 23 27.20 18.27 14.64
C ARG H 23 25.94 18.98 14.18
N ILE H 24 25.97 19.45 12.92
CA ILE H 24 24.81 20.02 12.24
C ILE H 24 24.06 18.88 11.56
N VAL H 25 22.73 18.89 11.65
CA VAL H 25 21.89 17.89 11.01
C VAL H 25 20.99 18.58 9.99
N THR H 26 21.20 18.27 8.73
CA THR H 26 20.45 18.81 7.60
C THR H 26 19.39 17.82 7.15
N THR H 27 18.24 18.34 6.71
CA THR H 27 17.15 17.48 6.27
C THR H 27 16.55 17.98 4.97
N VAL H 28 16.43 17.08 3.99
CA VAL H 28 15.76 17.36 2.73
C VAL H 28 15.13 16.07 2.24
N ASP H 29 14.08 16.19 1.42
CA ASP H 29 13.24 15.06 1.02
C ASP H 29 12.60 14.45 2.25
N ASN H 30 13.11 13.28 2.66
CA ASN H 30 12.79 12.72 3.98
C ASN H 30 14.02 12.04 4.57
N THR H 31 15.21 12.41 4.12
CA THR H 31 16.46 11.83 4.59
C THR H 31 17.32 12.95 5.17
N SER H 32 18.13 12.59 6.15
CA SER H 32 18.95 13.55 6.87
C SER H 32 20.43 13.36 6.57
N HIS H 33 21.18 14.44 6.73
CA HIS H 33 22.63 14.42 6.66
C HIS H 33 23.18 15.09 7.90
N ILE H 34 24.33 14.62 8.36
CA ILE H 34 24.94 15.11 9.58
C ILE H 34 26.36 15.57 9.27
N PHE H 35 26.78 16.65 9.91
CA PHE H 35 28.09 17.26 9.67
C PHE H 35 28.75 17.60 11.00
N PRO H 36 29.78 16.88 11.42
CA PRO H 36 30.54 17.29 12.60
C PRO H 36 31.17 18.65 12.37
N ILE H 37 30.99 19.56 13.32
CA ILE H 37 31.52 20.91 13.20
C ILE H 37 32.28 21.30 14.45
N ASN H 38 33.31 22.12 14.26
CA ASN H 38 34.00 22.81 15.33
C ASN H 38 33.34 24.16 15.54
N PHE H 39 33.04 24.50 16.79
CA PHE H 39 32.13 25.61 17.05
C PHE H 39 32.48 26.32 18.34
N VAL H 40 31.94 27.54 18.49
CA VAL H 40 31.95 28.29 19.74
C VAL H 40 30.59 28.97 19.88
N VAL H 41 30.23 29.31 21.12
CA VAL H 41 28.97 29.97 21.42
C VAL H 41 29.23 31.46 21.58
N GLN H 42 28.39 32.28 20.92
CA GLN H 42 28.48 33.74 21.01
C GLN H 42 27.07 34.29 21.14
N ASN H 43 26.76 34.85 22.29
CA ASN H 43 25.48 35.50 22.55
C ASN H 43 24.31 34.61 22.14
N ARG H 44 24.34 33.38 22.64
CA ARG H 44 23.30 32.39 22.37
C ARG H 44 23.12 32.15 20.88
N THR H 45 24.23 32.06 20.16
CA THR H 45 24.26 31.61 18.78
C THR H 45 25.43 30.64 18.62
N VAL H 46 25.29 29.70 17.70
CA VAL H 46 26.30 28.69 17.45
C VAL H 46 27.10 29.14 16.23
N LEU H 47 28.35 29.54 16.46
CA LEU H 47 29.22 30.03 15.40
C LEU H 47 30.19 28.93 14.98
N PHE H 48 30.39 28.82 13.67
CA PHE H 48 31.33 27.87 13.10
C PHE H 48 31.76 28.35 11.73
N ARG H 49 32.84 27.77 11.23
CA ARG H 49 33.41 28.13 9.93
C ARG H 49 33.27 26.99 8.95
N THR H 50 32.87 27.32 7.73
CA THR H 50 32.63 26.34 6.68
C THR H 50 33.62 26.56 5.53
N ALA H 51 33.86 25.50 4.78
CA ALA H 51 34.72 25.56 3.60
C ALA H 51 33.88 25.79 2.35
N GLU H 52 34.37 26.68 1.48
CA GLU H 52 33.64 26.95 0.24
C GLU H 52 33.63 25.70 -0.63
N GLY H 53 32.48 25.43 -1.23
CA GLY H 53 32.36 24.33 -2.16
C GLY H 53 32.17 22.97 -1.54
N THR H 54 32.04 22.86 -0.23
CA THR H 54 31.70 21.59 0.40
C THR H 54 30.19 21.48 0.55
N LYS H 55 29.73 20.28 0.91
CA LYS H 55 28.29 20.06 0.95
C LYS H 55 27.63 20.67 2.19
N LEU H 56 28.40 20.97 3.24
CA LEU H 56 27.81 21.55 4.45
C LEU H 56 27.26 22.95 4.17
N VAL H 57 28.02 23.77 3.45
CA VAL H 57 27.61 25.15 3.23
C VAL H 57 26.34 25.21 2.39
N SER H 58 26.20 24.31 1.41
CA SER H 58 24.99 24.28 0.61
C SER H 58 23.81 23.72 1.40
N ALA H 59 24.06 22.80 2.32
CA ALA H 59 22.99 22.11 3.01
C ALA H 59 22.44 22.92 4.18
N ALA H 60 23.25 23.78 4.77
CA ALA H 60 22.87 24.49 6.00
C ALA H 60 22.37 25.90 5.76
N ILE H 61 23.03 26.66 4.88
CA ILE H 61 22.79 28.11 4.80
C ILE H 61 21.33 28.37 4.48
N ASN H 62 20.68 29.16 5.35
CA ASN H 62 19.30 29.61 5.20
C ASN H 62 18.28 28.48 5.33
N ASN H 63 18.69 27.33 5.85
CA ASN H 63 17.80 26.19 6.03
C ASN H 63 17.61 25.90 7.52
N ASN H 64 16.50 25.23 7.82
CA ASN H 64 16.27 24.74 9.17
C ASN H 64 17.22 23.58 9.45
N VAL H 65 17.94 23.64 10.57
CA VAL H 65 18.96 22.66 10.90
C VAL H 65 18.82 22.25 12.36
N LEU H 66 19.50 21.16 12.70
CA LEU H 66 19.69 20.71 14.07
C LEU H 66 21.16 20.86 14.43
N PHE H 67 21.43 21.36 15.62
CA PHE H 67 22.79 21.38 16.18
C PHE H 67 22.80 20.59 17.47
N GLU H 68 23.81 19.75 17.64
CA GLU H 68 23.88 18.87 18.81
C GLU H 68 25.31 18.76 19.28
N ALA H 69 25.46 18.73 20.61
CA ALA H 69 26.75 18.50 21.25
C ALA H 69 26.49 17.83 22.59
N ASP H 70 27.48 17.08 23.07
CA ASP H 70 27.30 16.29 24.28
C ASP H 70 28.66 16.08 24.96
N ASP H 71 28.60 15.47 26.14
CA ASP H 71 29.79 15.05 26.87
C ASP H 71 29.36 14.01 27.89
N HIS H 72 30.30 13.19 28.33
CA HIS H 72 29.96 12.11 29.24
C HIS H 72 31.21 11.57 29.89
N ASP H 73 31.01 10.86 31.01
CA ASP H 73 32.03 10.03 31.64
C ASP H 73 31.45 8.62 31.77
N VAL H 74 32.14 7.79 32.58
CA VAL H 74 31.67 6.43 32.83
C VAL H 74 30.30 6.43 33.50
N GLU H 75 29.97 7.51 34.18
CA GLU H 75 28.80 7.53 35.06
C GLU H 75 27.64 8.32 34.51
N GLN H 76 27.90 9.38 33.76
CA GLN H 76 26.93 10.43 33.53
C GLN H 76 27.19 11.06 32.17
N GLY H 77 26.20 11.81 31.70
CA GLY H 77 26.34 12.54 30.45
C GLY H 77 25.26 13.56 30.28
N TRP H 78 25.55 14.55 29.44
CA TRP H 78 24.59 15.57 29.07
C TRP H 78 24.62 15.75 27.56
N SER H 79 23.56 16.34 27.02
CA SER H 79 23.53 16.73 25.61
C SER H 79 22.60 17.91 25.45
N VAL H 80 22.92 18.76 24.48
CA VAL H 80 22.14 19.95 24.18
C VAL H 80 21.78 19.92 22.69
N ILE H 81 20.52 20.20 22.38
CA ILE H 81 20.04 20.27 21.01
C ILE H 81 19.53 21.68 20.75
N VAL H 82 19.96 22.26 19.63
CA VAL H 82 19.51 23.57 19.20
C VAL H 82 18.81 23.41 17.85
N ARG H 83 17.64 24.01 17.71
CA ARG H 83 16.95 24.11 16.43
C ARG H 83 16.96 25.57 15.99
N GLY H 84 17.34 25.79 14.74
CA GLY H 84 17.40 27.14 14.23
C GLY H 84 17.68 27.18 12.75
N VAL H 85 18.10 28.34 12.28
CA VAL H 85 18.37 28.59 10.86
C VAL H 85 19.82 29.05 10.73
N ALA H 86 20.60 28.32 9.95
CA ALA H 86 21.97 28.74 9.67
C ALA H 86 21.97 29.98 8.81
N ARG H 87 22.75 30.99 9.21
CA ARG H 87 22.79 32.26 8.51
C ARG H 87 24.25 32.70 8.34
N THR H 88 24.54 33.29 7.18
CA THR H 88 25.89 33.76 6.89
C THR H 88 26.14 35.08 7.64
N VAL H 89 27.30 35.17 8.27
CA VAL H 89 27.73 36.40 8.93
C VAL H 89 28.15 37.40 7.85
N ARG H 90 27.45 38.54 7.77
CA ARG H 90 27.69 39.41 6.63
C ARG H 90 27.49 40.91 6.86
N ASP H 91 27.30 41.39 8.08
CA ASP H 91 27.44 42.82 8.32
C ASP H 91 28.58 43.04 9.31
N GLU H 92 28.96 44.32 9.49
CA GLU H 92 30.19 44.61 10.21
C GLU H 92 30.07 44.26 11.69
N ALA H 93 28.91 44.52 12.30
CA ALA H 93 28.75 44.19 13.71
C ALA H 93 28.80 42.67 13.93
N ASP H 94 28.15 41.91 13.06
CA ASP H 94 28.17 40.45 13.18
C ASP H 94 29.56 39.90 12.89
N LEU H 95 30.25 40.48 11.90
CA LEU H 95 31.60 40.02 11.58
C LEU H 95 32.59 40.37 12.69
N ALA H 96 32.45 41.56 13.29
CA ALA H 96 33.35 41.96 14.36
C ALA H 96 33.29 40.99 15.54
N GLU H 97 32.09 40.50 15.86
CA GLU H 97 31.97 39.54 16.95
C GLU H 97 32.46 38.16 16.55
N ALA H 98 32.26 37.78 15.28
CA ALA H 98 32.75 36.48 14.83
C ALA H 98 34.27 36.40 14.85
N GLN H 99 34.95 37.54 14.73
CA GLN H 99 36.41 37.52 14.73
C GLN H 99 37.00 37.36 16.12
N ARG H 100 36.20 37.56 17.17
CA ARG H 100 36.63 37.32 18.54
C ARG H 100 36.40 35.88 18.98
N ALA H 101 36.03 34.99 18.05
CA ALA H 101 35.37 33.74 18.40
C ALA H 101 36.26 32.69 19.05
N GLU H 102 37.59 32.83 18.98
CA GLU H 102 38.49 31.86 19.61
C GLU H 102 38.26 30.46 19.03
N LEU H 103 38.18 30.37 17.70
CA LEU H 103 37.93 29.11 17.03
C LEU H 103 39.23 28.33 16.84
N LEU H 104 39.17 27.25 16.09
CA LEU H 104 40.34 26.42 15.80
C LEU H 104 41.07 26.96 14.57
N PRO H 105 42.29 26.49 14.31
CA PRO H 105 43.10 27.12 13.25
C PRO H 105 42.44 27.12 11.87
N TRP H 106 41.85 26.00 11.46
CA TRP H 106 41.27 25.86 10.11
C TRP H 106 42.30 26.17 9.03
N LYS H 111 38.98 31.96 2.79
CA LYS H 111 38.66 30.62 2.31
C LYS H 111 37.51 30.01 3.08
N THR H 112 36.92 30.79 3.98
CA THR H 112 35.93 30.28 4.91
C THR H 112 34.75 31.24 5.00
N HIS H 113 33.55 30.69 4.98
CA HIS H 113 32.37 31.43 5.40
C HIS H 113 32.26 31.41 6.93
N TRP H 114 31.60 32.43 7.46
CA TRP H 114 31.14 32.40 8.85
C TRP H 114 29.64 32.13 8.84
N VAL H 115 29.21 31.17 9.64
CA VAL H 115 27.80 30.80 9.72
C VAL H 115 27.40 30.74 11.18
N ARG H 116 26.20 31.24 11.48
CA ARG H 116 25.59 31.14 12.79
C ARG H 116 24.31 30.33 12.69
N VAL H 117 24.06 29.49 13.68
CA VAL H 117 22.75 28.91 13.88
C VAL H 117 21.98 29.85 14.80
N LEU H 118 21.00 30.55 14.25
CA LEU H 118 20.17 31.43 15.06
C LEU H 118 19.07 30.61 15.72
N PRO H 119 19.04 30.51 17.05
CA PRO H 119 18.20 29.50 17.68
C PRO H 119 16.73 29.86 17.65
N THR H 120 15.92 28.85 17.31
CA THR H 120 14.48 28.88 17.59
C THR H 120 14.17 28.28 18.95
N GLN H 121 14.99 27.32 19.39
CA GLN H 121 14.72 26.55 20.59
C GLN H 121 16.01 25.84 21.00
N ILE H 122 16.23 25.73 22.31
CA ILE H 122 17.38 25.02 22.85
C ILE H 122 16.93 24.19 24.06
N THR H 123 17.25 22.90 24.05
CA THR H 123 16.90 22.00 25.12
C THR H 123 18.13 21.20 25.53
N GLY H 124 18.11 20.70 26.77
CA GLY H 124 19.24 19.96 27.29
C GLY H 124 18.79 18.90 28.27
N ARG H 125 19.57 17.82 28.35
CA ARG H 125 19.20 16.68 29.18
C ARG H 125 20.44 16.08 29.82
N ARG H 126 20.33 15.76 31.11
CA ARG H 126 21.32 14.96 31.81
C ARG H 126 20.83 13.52 31.85
N PHE H 127 21.78 12.58 31.87
CA PHE H 127 21.44 11.17 31.82
C PHE H 127 22.40 10.36 32.69
N ARG H 128 21.83 9.41 33.43
CA ARG H 128 22.59 8.53 34.31
C ARG H 128 22.80 7.17 33.65
N THR I 5 -26.23 10.69 19.24
CA THR I 5 -26.83 11.97 19.60
C THR I 5 -27.69 12.53 18.47
N ILE I 6 -28.42 13.61 18.76
CA ILE I 6 -29.47 14.10 17.88
C ILE I 6 -28.87 15.05 16.84
N LEU I 7 -29.64 15.31 15.78
CA LEU I 7 -29.24 16.20 14.70
C LEU I 7 -30.31 17.26 14.49
N SER I 8 -29.92 18.34 13.82
CA SER I 8 -30.78 19.50 13.63
C SER I 8 -31.56 19.40 12.32
N ALA I 9 -32.62 20.21 12.24
CA ALA I 9 -33.48 20.19 11.06
C ALA I 9 -32.71 20.61 9.81
N THR I 10 -31.75 21.52 9.97
CA THR I 10 -30.96 21.97 8.82
C THR I 10 -30.06 20.87 8.29
N GLU I 11 -29.55 20.01 9.17
CA GLU I 11 -28.80 18.84 8.72
C GLU I 11 -29.71 17.75 8.19
N CYS I 12 -30.86 17.56 8.84
CA CYS I 12 -31.83 16.55 8.42
C CYS I 12 -32.20 16.73 6.95
N TRP I 13 -32.73 17.91 6.61
CA TRP I 13 -33.17 18.16 5.25
C TRP I 13 -32.01 18.16 4.26
N ASP I 14 -30.81 18.51 4.72
CA ASP I 14 -29.65 18.47 3.82
C ASP I 14 -29.17 17.04 3.60
N LEU I 15 -29.09 16.24 4.68
CA LEU I 15 -28.70 14.84 4.53
C LEU I 15 -29.69 14.08 3.65
N LEU I 16 -30.97 14.45 3.70
CA LEU I 16 -31.96 13.82 2.84
C LEU I 16 -31.69 14.10 1.36
N LYS I 17 -30.97 15.17 1.05
CA LYS I 17 -30.62 15.45 -0.34
C LYS I 17 -29.42 14.65 -0.83
N SER I 18 -28.65 14.07 0.09
CA SER I 18 -27.47 13.28 -0.24
C SER I 18 -27.79 11.86 -0.66
N VAL I 19 -29.08 11.53 -0.80
CA VAL I 19 -29.51 10.15 -0.94
C VAL I 19 -30.73 10.12 -1.84
N ALA I 20 -30.73 9.16 -2.78
CA ALA I 20 -31.81 9.03 -3.75
C ALA I 20 -32.89 8.04 -3.34
N LEU I 21 -32.59 7.13 -2.41
CA LEU I 21 -33.51 6.07 -2.03
C LEU I 21 -33.95 6.26 -0.58
N GLY I 22 -35.26 6.27 -0.36
CA GLY I 22 -35.82 6.25 0.97
C GLY I 22 -36.83 5.13 1.11
N ARG I 23 -37.56 5.09 2.21
CA ARG I 23 -38.56 4.07 2.39
C ARG I 23 -39.75 4.60 3.17
N ILE I 24 -40.95 4.26 2.71
CA ILE I 24 -42.20 4.61 3.36
C ILE I 24 -42.65 3.42 4.20
N VAL I 25 -43.05 3.68 5.45
CA VAL I 25 -43.58 2.66 6.34
C VAL I 25 -45.00 3.05 6.73
N THR I 26 -45.95 2.19 6.39
CA THR I 26 -47.36 2.37 6.74
C THR I 26 -47.76 1.30 7.76
N THR I 27 -48.84 1.57 8.48
CA THR I 27 -49.27 0.70 9.57
C THR I 27 -50.79 0.59 9.60
N VAL I 28 -51.28 -0.64 9.66
CA VAL I 28 -52.69 -0.95 9.87
C VAL I 28 -52.78 -1.93 11.03
N ASP I 29 -53.68 -1.63 11.99
CA ASP I 29 -53.84 -2.45 13.18
C ASP I 29 -52.50 -2.57 13.92
N ASN I 30 -51.90 -3.76 13.88
CA ASN I 30 -50.54 -3.96 14.39
C ASN I 30 -49.63 -4.52 13.32
N THR I 31 -49.96 -4.32 12.05
CA THR I 31 -49.17 -4.77 10.93
C THR I 31 -48.58 -3.57 10.19
N SER I 32 -47.28 -3.62 9.96
CA SER I 32 -46.59 -2.58 9.22
C SER I 32 -46.15 -3.09 7.85
N HIS I 33 -46.04 -2.18 6.89
CA HIS I 33 -45.54 -2.49 5.57
C HIS I 33 -44.54 -1.41 5.18
N ILE I 34 -43.51 -1.81 4.45
CA ILE I 34 -42.41 -0.92 4.09
C ILE I 34 -42.27 -0.88 2.57
N PHE I 35 -42.05 0.31 2.03
CA PHE I 35 -41.96 0.53 0.59
C PHE I 35 -40.70 1.29 0.26
N PRO I 36 -39.71 0.64 -0.36
CA PRO I 36 -38.58 1.41 -0.91
C PRO I 36 -39.06 2.42 -1.92
N ILE I 37 -38.50 3.62 -1.86
CA ILE I 37 -39.00 4.75 -2.62
C ILE I 37 -37.86 5.61 -3.12
N ASN I 38 -38.05 6.18 -4.31
CA ASN I 38 -37.15 7.18 -4.88
C ASN I 38 -37.76 8.55 -4.62
N PHE I 39 -37.03 9.39 -3.89
CA PHE I 39 -37.58 10.65 -3.39
C PHE I 39 -36.64 11.79 -3.66
N VAL I 40 -37.18 13.01 -3.55
CA VAL I 40 -36.40 14.24 -3.54
C VAL I 40 -36.96 15.14 -2.44
N VAL I 41 -36.12 16.05 -1.98
CA VAL I 41 -36.54 17.06 -1.01
C VAL I 41 -36.97 18.30 -1.77
N GLN I 42 -37.96 19.02 -1.24
CA GLN I 42 -38.46 20.21 -1.89
C GLN I 42 -39.24 21.04 -0.87
N ASN I 43 -38.71 22.20 -0.52
CA ASN I 43 -39.33 23.12 0.44
C ASN I 43 -39.67 22.41 1.74
N ARG I 44 -38.72 21.61 2.22
CA ARG I 44 -38.86 20.86 3.47
C ARG I 44 -40.11 19.99 3.46
N THR I 45 -40.31 19.28 2.34
CA THR I 45 -41.25 18.18 2.24
C THR I 45 -40.58 17.04 1.48
N VAL I 46 -41.20 15.87 1.56
CA VAL I 46 -40.69 14.67 0.90
C VAL I 46 -41.58 14.39 -0.31
N LEU I 47 -40.98 14.47 -1.49
CA LEU I 47 -41.70 14.33 -2.75
C LEU I 47 -41.28 13.04 -3.44
N PHE I 48 -42.27 12.29 -3.94
CA PHE I 48 -41.98 11.08 -4.69
C PHE I 48 -43.16 10.77 -5.60
N ARG I 49 -42.88 10.03 -6.68
CA ARG I 49 -43.91 9.58 -7.60
C ARG I 49 -44.38 8.18 -7.20
N THR I 50 -45.54 7.80 -7.72
CA THR I 50 -46.17 6.54 -7.40
C THR I 50 -46.73 5.90 -8.66
N ALA I 51 -46.76 4.57 -8.67
CA ALA I 51 -47.31 3.82 -9.79
C ALA I 51 -48.79 3.59 -9.57
N GLU I 52 -49.60 3.84 -10.60
CA GLU I 52 -51.05 3.71 -10.48
C GLU I 52 -51.45 2.28 -10.20
N GLY I 53 -52.34 2.10 -9.22
CA GLY I 53 -52.88 0.78 -8.94
C GLY I 53 -52.00 -0.14 -8.12
N THR I 54 -50.96 0.38 -7.47
CA THR I 54 -50.08 -0.43 -6.63
C THR I 54 -50.46 -0.27 -5.17
N LYS I 55 -50.05 -1.24 -4.34
CA LYS I 55 -50.44 -1.20 -2.94
C LYS I 55 -49.88 0.02 -2.22
N LEU I 56 -48.88 0.69 -2.79
CA LEU I 56 -48.34 1.88 -2.15
C LEU I 56 -49.36 3.00 -2.14
N VAL I 57 -50.11 3.16 -3.23
CA VAL I 57 -51.13 4.21 -3.27
C VAL I 57 -52.29 3.88 -2.33
N SER I 58 -52.53 2.58 -2.09
CA SER I 58 -53.66 2.19 -1.26
C SER I 58 -53.36 2.31 0.23
N ALA I 59 -52.10 2.14 0.62
CA ALA I 59 -51.72 2.16 2.03
C ALA I 59 -51.16 3.49 2.49
N ALA I 60 -50.73 4.36 1.57
CA ALA I 60 -50.04 5.59 1.96
C ALA I 60 -50.88 6.85 1.83
N ILE I 61 -51.65 6.98 0.75
CA ILE I 61 -52.32 8.24 0.46
C ILE I 61 -53.37 8.53 1.51
N ASN I 62 -53.37 9.77 2.03
CA ASN I 62 -54.29 10.21 3.07
C ASN I 62 -54.14 9.43 4.37
N ASN I 63 -53.00 8.77 4.56
CA ASN I 63 -52.74 7.99 5.76
C ASN I 63 -51.45 8.47 6.41
N ASN I 64 -51.43 8.41 7.74
CA ASN I 64 -50.19 8.71 8.46
C ASN I 64 -49.11 7.71 8.06
N VAL I 65 -47.97 8.23 7.62
CA VAL I 65 -46.88 7.40 7.14
C VAL I 65 -45.60 7.77 7.86
N LEU I 66 -44.61 6.89 7.74
CA LEU I 66 -43.25 7.12 8.23
C LEU I 66 -42.32 7.03 7.03
N PHE I 67 -41.47 8.05 6.87
CA PHE I 67 -40.47 8.06 5.80
C PHE I 67 -39.09 8.01 6.44
N GLU I 68 -38.22 7.14 5.91
CA GLU I 68 -36.91 6.93 6.50
C GLU I 68 -35.84 6.96 5.41
N ALA I 69 -34.68 7.51 5.77
CA ALA I 69 -33.50 7.46 4.93
C ALA I 69 -32.28 7.38 5.84
N ASP I 70 -31.20 6.79 5.33
CA ASP I 70 -30.00 6.62 6.12
C ASP I 70 -28.81 6.42 5.17
N ASP I 71 -27.62 6.48 5.74
CA ASP I 71 -26.39 6.18 5.02
C ASP I 71 -25.33 5.77 6.03
N HIS I 72 -24.25 5.18 5.53
CA HIS I 72 -23.23 4.64 6.40
C HIS I 72 -21.94 4.41 5.61
N ASP I 73 -20.83 4.54 6.31
CA ASP I 73 -19.61 3.85 5.96
C ASP I 73 -19.49 2.64 6.89
N VAL I 74 -18.34 1.98 6.90
CA VAL I 74 -18.23 0.75 7.68
C VAL I 74 -18.31 1.08 9.17
N GLU I 75 -19.47 0.81 9.77
CA GLU I 75 -19.72 0.93 11.22
C GLU I 75 -19.74 2.38 11.68
N GLN I 76 -20.47 3.22 10.94
CA GLN I 76 -20.72 4.61 11.30
C GLN I 76 -21.66 5.24 10.27
N GLY I 77 -22.69 5.94 10.73
CA GLY I 77 -23.64 6.53 9.80
C GLY I 77 -24.61 7.48 10.47
N TRP I 78 -25.68 7.79 9.73
CA TRP I 78 -26.71 8.70 10.16
C TRP I 78 -28.05 8.22 9.61
N SER I 79 -29.14 8.69 10.21
CA SER I 79 -30.47 8.39 9.70
C SER I 79 -31.41 9.54 10.01
N VAL I 80 -32.41 9.70 9.14
CA VAL I 80 -33.43 10.72 9.26
C VAL I 80 -34.79 10.07 9.05
N ILE I 81 -35.70 10.31 9.98
CA ILE I 81 -37.06 9.81 9.88
C ILE I 81 -38.01 11.01 9.84
N VAL I 82 -39.05 10.90 9.02
CA VAL I 82 -40.04 11.96 8.86
C VAL I 82 -41.41 11.35 9.12
N ARG I 83 -42.16 11.94 10.05
CA ARG I 83 -43.53 11.54 10.31
C ARG I 83 -44.48 12.59 9.76
N GLY I 84 -45.40 12.14 8.92
CA GLY I 84 -46.38 13.02 8.31
C GLY I 84 -47.46 12.18 7.65
N VAL I 85 -48.29 12.85 6.83
CA VAL I 85 -49.36 12.19 6.10
C VAL I 85 -49.16 12.48 4.62
N ALA I 86 -49.18 11.42 3.81
CA ALA I 86 -48.91 11.55 2.39
C ALA I 86 -50.17 11.97 1.64
N ARG I 87 -50.03 12.92 0.73
CA ARG I 87 -51.16 13.45 -0.01
C ARG I 87 -50.80 13.57 -1.49
N THR I 88 -51.80 13.32 -2.34
CA THR I 88 -51.62 13.49 -3.77
C THR I 88 -51.58 14.97 -4.11
N VAL I 89 -50.56 15.39 -4.87
CA VAL I 89 -50.49 16.78 -5.31
C VAL I 89 -51.50 16.99 -6.44
N ARG I 90 -52.09 18.19 -6.46
CA ARG I 90 -53.09 18.50 -7.48
C ARG I 90 -53.24 20.01 -7.67
N ASP I 91 -52.89 20.79 -6.66
CA ASP I 91 -52.73 22.22 -6.89
C ASP I 91 -51.63 22.44 -7.95
N GLU I 92 -51.86 23.42 -8.86
CA GLU I 92 -50.86 23.78 -9.87
C GLU I 92 -49.73 24.61 -9.28
N ALA I 93 -49.93 25.25 -8.12
CA ALA I 93 -48.75 25.69 -7.39
C ALA I 93 -47.95 24.47 -6.93
N ASP I 94 -48.67 23.43 -6.50
CA ASP I 94 -48.04 22.16 -6.13
C ASP I 94 -47.51 21.39 -7.35
N LEU I 95 -48.14 21.55 -8.51
CA LEU I 95 -47.69 20.84 -9.71
C LEU I 95 -46.43 21.45 -10.31
N ALA I 96 -46.36 22.79 -10.38
CA ALA I 96 -45.24 23.46 -11.05
C ALA I 96 -43.91 23.11 -10.39
N GLU I 97 -43.79 23.32 -9.08
CA GLU I 97 -42.53 23.01 -8.40
C GLU I 97 -42.26 21.51 -8.35
N ALA I 98 -43.32 20.69 -8.39
CA ALA I 98 -43.12 19.25 -8.44
C ALA I 98 -42.53 18.81 -9.77
N GLN I 99 -42.80 19.54 -10.85
CA GLN I 99 -42.17 19.26 -12.14
C GLN I 99 -40.71 19.70 -12.17
N ARG I 100 -40.30 20.58 -11.25
CA ARG I 100 -38.91 21.00 -11.10
C ARG I 100 -38.06 19.98 -10.35
N ALA I 101 -38.67 18.92 -9.84
CA ALA I 101 -37.97 17.94 -9.02
C ALA I 101 -36.79 17.33 -9.76
N GLU I 102 -35.85 16.81 -8.98
CA GLU I 102 -34.62 16.17 -9.46
C GLU I 102 -33.99 16.87 -10.66
N THR I 112 -49.66 7.30 -13.22
CA THR I 112 -48.58 7.89 -12.43
C THR I 112 -49.07 9.16 -11.73
N HIS I 113 -48.64 9.33 -10.48
CA HIS I 113 -49.05 10.49 -9.69
C HIS I 113 -47.93 10.85 -8.72
N TRP I 114 -47.74 12.14 -8.50
CA TRP I 114 -46.77 12.58 -7.51
C TRP I 114 -47.40 12.63 -6.13
N VAL I 115 -46.66 12.15 -5.14
CA VAL I 115 -47.09 12.14 -3.75
C VAL I 115 -46.12 12.99 -2.94
N ARG I 116 -46.66 13.75 -1.99
CA ARG I 116 -45.85 14.60 -1.14
C ARG I 116 -46.23 14.37 0.32
N VAL I 117 -45.23 14.06 1.14
CA VAL I 117 -45.42 13.90 2.57
C VAL I 117 -45.15 15.25 3.24
N LEU I 118 -46.15 15.78 3.93
CA LEU I 118 -46.00 17.04 4.64
C LEU I 118 -45.67 16.74 6.10
N PRO I 119 -44.47 17.08 6.57
CA PRO I 119 -43.98 16.50 7.83
C PRO I 119 -44.71 17.06 9.05
N THR I 120 -45.11 16.15 9.95
CA THR I 120 -45.49 16.53 11.31
C THR I 120 -44.25 16.75 12.16
N GLN I 121 -43.21 15.94 11.94
CA GLN I 121 -41.94 16.09 12.64
C GLN I 121 -40.85 15.43 11.80
N ILE I 122 -39.61 15.81 12.08
CA ILE I 122 -38.44 15.23 11.42
C ILE I 122 -37.32 15.12 12.44
N THR I 123 -36.71 13.94 12.54
CA THR I 123 -35.68 13.67 13.53
C THR I 123 -34.49 13.00 12.86
N GLY I 124 -33.30 13.38 13.28
CA GLY I 124 -32.09 12.76 12.79
C GLY I 124 -31.18 12.37 13.93
N ARG I 125 -30.41 11.30 13.71
CA ARG I 125 -29.50 10.77 14.71
C ARG I 125 -28.22 10.24 14.06
N ARG I 126 -27.14 10.28 14.83
CA ARG I 126 -25.83 9.78 14.42
C ARG I 126 -25.49 8.57 15.26
N PHE I 127 -25.28 7.42 14.63
CA PHE I 127 -25.17 6.15 15.35
C PHE I 127 -23.81 5.50 15.16
N ARG I 128 -23.44 4.68 16.14
CA ARG I 128 -22.16 3.97 16.19
C ARG I 128 -20.97 4.89 15.94
N GLY J 1 -37.24 -4.53 -18.42
CA GLY J 1 -38.22 -5.00 -19.39
C GLY J 1 -38.17 -6.50 -19.62
N ASP J 2 -36.95 -7.01 -19.84
CA ASP J 2 -36.73 -8.43 -20.04
C ASP J 2 -35.99 -9.08 -18.89
N ALA J 3 -35.45 -8.30 -17.96
CA ALA J 3 -34.71 -8.84 -16.83
C ALA J 3 -35.67 -9.24 -15.70
N VAL J 4 -35.11 -9.73 -14.61
CA VAL J 4 -35.91 -10.24 -13.49
C VAL J 4 -36.49 -9.06 -12.71
N THR J 5 -37.77 -9.14 -12.38
CA THR J 5 -38.45 -8.16 -11.55
C THR J 5 -38.88 -8.71 -10.19
N ILE J 6 -39.35 -9.95 -10.14
CA ILE J 6 -39.69 -10.60 -8.87
C ILE J 6 -38.49 -11.48 -8.52
N LEU J 7 -37.83 -11.17 -7.41
CA LEU J 7 -36.61 -11.88 -7.03
C LEU J 7 -36.95 -13.19 -6.32
N SER J 8 -36.16 -14.22 -6.60
CA SER J 8 -36.27 -15.47 -5.89
C SER J 8 -35.58 -15.37 -4.53
N ALA J 9 -35.87 -16.35 -3.66
CA ALA J 9 -35.23 -16.37 -2.35
C ALA J 9 -33.72 -16.49 -2.47
N THR J 10 -33.24 -17.29 -3.43
CA THR J 10 -31.80 -17.44 -3.64
C THR J 10 -31.16 -16.10 -3.96
N GLU J 11 -31.79 -15.30 -4.84
CA GLU J 11 -31.28 -13.97 -5.12
C GLU J 11 -31.38 -13.07 -3.90
N CYS J 12 -32.50 -13.14 -3.18
CA CYS J 12 -32.69 -12.29 -2.00
C CYS J 12 -31.58 -12.50 -0.97
N TRP J 13 -31.31 -13.76 -0.61
CA TRP J 13 -30.29 -14.03 0.40
C TRP J 13 -28.90 -13.66 -0.10
N ASP J 14 -28.61 -13.93 -1.38
CA ASP J 14 -27.28 -13.64 -1.89
C ASP J 14 -27.09 -12.13 -2.07
N LEU J 15 -28.14 -11.41 -2.46
CA LEU J 15 -28.05 -9.96 -2.51
C LEU J 15 -27.87 -9.37 -1.12
N LEU J 16 -28.46 -10.01 -0.11
CA LEU J 16 -28.31 -9.53 1.26
C LEU J 16 -26.88 -9.59 1.74
N LYS J 17 -26.04 -10.43 1.15
CA LYS J 17 -24.63 -10.50 1.51
C LYS J 17 -23.80 -9.39 0.89
N SER J 18 -24.39 -8.57 0.02
CA SER J 18 -23.69 -7.48 -0.65
C SER J 18 -23.79 -6.16 0.08
N VAL J 19 -24.50 -6.12 1.21
CA VAL J 19 -24.80 -4.88 1.91
C VAL J 19 -24.75 -5.17 3.41
N ALA J 20 -24.17 -4.24 4.17
CA ALA J 20 -23.98 -4.43 5.60
C ALA J 20 -24.97 -3.66 6.45
N LEU J 21 -25.77 -2.77 5.86
CA LEU J 21 -26.71 -1.93 6.61
C LEU J 21 -28.14 -2.24 6.17
N GLY J 22 -29.02 -2.40 7.14
CA GLY J 22 -30.42 -2.61 6.87
C GLY J 22 -31.29 -1.85 7.85
N ARG J 23 -32.60 -2.10 7.83
CA ARG J 23 -33.53 -1.46 8.75
C ARG J 23 -34.44 -2.51 9.36
N ILE J 24 -34.61 -2.44 10.67
CA ILE J 24 -35.56 -3.28 11.39
C ILE J 24 -36.76 -2.41 11.75
N VAL J 25 -37.94 -2.81 11.30
CA VAL J 25 -39.18 -2.10 11.58
C VAL J 25 -39.95 -2.85 12.65
N THR J 26 -40.44 -2.12 13.64
CA THR J 26 -41.17 -2.67 14.77
C THR J 26 -42.46 -1.90 14.96
N THR J 27 -43.43 -2.54 15.62
CA THR J 27 -44.79 -2.01 15.68
C THR J 27 -45.37 -2.21 17.08
N VAL J 28 -45.50 -1.12 17.82
CA VAL J 28 -46.25 -1.11 19.06
C VAL J 28 -47.59 -0.44 18.81
N ASP J 29 -48.52 -0.63 19.74
CA ASP J 29 -49.77 0.14 19.79
C ASP J 29 -50.44 0.21 18.43
N ASN J 30 -50.01 1.17 17.61
CA ASN J 30 -50.33 1.24 16.19
C ASN J 30 -49.34 2.20 15.55
N THR J 31 -48.25 2.46 16.26
CA THR J 31 -47.17 3.30 15.76
C THR J 31 -45.98 2.45 15.39
N SER J 32 -45.38 2.75 14.23
CA SER J 32 -44.23 2.02 13.75
C SER J 32 -42.93 2.71 14.19
N HIS J 33 -41.90 1.90 14.41
CA HIS J 33 -40.56 2.41 14.69
C HIS J 33 -39.58 1.70 13.76
N ILE J 34 -38.59 2.44 13.29
CA ILE J 34 -37.62 1.93 12.33
C ILE J 34 -36.22 2.22 12.87
N PHE J 35 -35.31 1.26 12.73
CA PHE J 35 -33.98 1.34 13.32
C PHE J 35 -32.91 1.03 12.27
N PRO J 36 -31.96 1.93 12.04
CA PRO J 36 -30.82 1.60 11.19
C PRO J 36 -29.95 0.56 11.89
N ILE J 37 -29.59 -0.48 11.14
N ILE J 37 -29.69 -0.57 11.21
CA ILE J 37 -29.12 -1.74 11.69
CA ILE J 37 -29.04 -1.69 11.86
C ILE J 37 -27.92 -2.23 10.89
C ILE J 37 -27.97 -2.29 10.96
N ASN J 38 -26.91 -2.77 11.60
CA ASN J 38 -25.84 -3.50 10.95
C ASN J 38 -26.14 -5.00 11.07
N PHE J 39 -25.93 -5.74 9.98
CA PHE J 39 -26.38 -7.12 9.95
C PHE J 39 -25.46 -7.98 9.11
N VAL J 40 -25.52 -9.29 9.37
CA VAL J 40 -24.89 -10.31 8.54
C VAL J 40 -25.91 -11.41 8.30
N VAL J 41 -25.70 -12.16 7.22
CA VAL J 41 -26.51 -13.32 6.90
C VAL J 41 -25.83 -14.56 7.46
N GLN J 42 -26.61 -15.44 8.09
CA GLN J 42 -26.08 -16.69 8.62
C GLN J 42 -27.14 -17.78 8.49
N ASN J 43 -26.81 -18.80 7.69
CA ASN J 43 -27.72 -19.93 7.46
C ASN J 43 -29.10 -19.46 7.03
N ARG J 44 -29.11 -18.44 6.18
CA ARG J 44 -30.34 -17.80 5.70
C ARG J 44 -31.23 -17.36 6.87
N THR J 45 -30.59 -16.76 7.87
CA THR J 45 -31.26 -15.96 8.88
C THR J 45 -30.51 -14.64 9.00
N VAL J 46 -31.22 -13.60 9.45
CA VAL J 46 -30.66 -12.26 9.55
C VAL J 46 -30.20 -12.05 10.98
N LEU J 47 -28.88 -11.96 11.16
CA LEU J 47 -28.30 -11.63 12.47
C LEU J 47 -27.91 -10.16 12.45
N PHE J 48 -28.52 -9.37 13.32
CA PHE J 48 -28.37 -7.93 13.25
C PHE J 48 -28.02 -7.35 14.61
N ARG J 49 -27.42 -6.16 14.57
CA ARG J 49 -26.94 -5.45 15.75
C ARG J 49 -27.50 -4.04 15.75
N THR J 50 -28.08 -3.64 16.87
CA THR J 50 -28.62 -2.29 17.00
C THR J 50 -27.52 -1.33 17.48
N ALA J 51 -27.73 -0.05 17.22
CA ALA J 51 -26.69 0.94 17.47
C ALA J 51 -26.70 1.39 18.93
N GLU J 52 -25.62 2.06 19.32
CA GLU J 52 -25.43 2.45 20.71
C GLU J 52 -26.42 3.55 21.10
N GLY J 53 -27.03 3.39 22.26
CA GLY J 53 -27.98 4.37 22.75
C GLY J 53 -29.18 4.53 21.84
N THR J 54 -29.88 3.42 21.58
CA THR J 54 -31.05 3.42 20.71
C THR J 54 -32.32 3.23 21.52
N LYS J 55 -33.41 3.80 21.01
CA LYS J 55 -34.76 3.69 21.54
C LYS J 55 -35.00 2.41 22.33
N LEU J 56 -35.33 1.33 21.62
CA LEU J 56 -35.63 0.04 22.22
C LEU J 56 -36.75 0.16 23.24
N VAL J 57 -36.50 0.85 24.36
CA VAL J 57 -37.45 1.00 25.48
C VAL J 57 -38.88 1.10 24.98
N SER J 58 -39.65 0.03 25.17
CA SER J 58 -41.05 -0.06 24.74
C SER J 58 -41.18 0.12 23.22
N ALA J 59 -40.35 -0.61 22.46
CA ALA J 59 -40.47 -0.63 21.01
C ALA J 59 -41.06 -1.92 20.47
N ALA J 60 -41.15 -2.98 21.28
CA ALA J 60 -41.74 -4.23 20.79
C ALA J 60 -42.88 -4.65 21.69
N ILE J 61 -44.04 -4.89 21.08
CA ILE J 61 -45.14 -5.58 21.75
C ILE J 61 -44.90 -7.08 21.78
N ASN J 62 -44.47 -7.62 20.64
CA ASN J 62 -44.18 -9.03 20.47
C ASN J 62 -42.80 -9.20 19.87
N ASN J 63 -42.63 -10.18 18.98
CA ASN J 63 -41.36 -10.39 18.30
C ASN J 63 -41.48 -10.27 16.78
N ASN J 64 -42.61 -9.76 16.28
CA ASN J 64 -42.76 -9.55 14.85
C ASN J 64 -41.92 -8.36 14.40
N VAL J 65 -41.08 -8.58 13.39
CA VAL J 65 -40.23 -7.52 12.86
C VAL J 65 -40.29 -7.53 11.34
N LEU J 66 -40.01 -6.38 10.76
CA LEU J 66 -39.75 -6.22 9.34
C LEU J 66 -38.28 -5.90 9.16
N PHE J 67 -37.59 -6.66 8.32
CA PHE J 67 -36.22 -6.35 7.94
C PHE J 67 -36.19 -5.95 6.48
N GLU J 68 -35.47 -4.87 6.18
CA GLU J 68 -35.39 -4.36 4.82
C GLU J 68 -33.96 -3.95 4.51
N ALA J 69 -33.52 -4.24 3.28
CA ALA J 69 -32.26 -3.78 2.75
C ALA J 69 -32.47 -3.47 1.28
N ASP J 70 -31.61 -2.62 0.72
CA ASP J 70 -31.76 -2.23 -0.67
C ASP J 70 -30.44 -1.67 -1.19
N ASP J 71 -30.41 -1.47 -2.50
CA ASP J 71 -29.28 -0.84 -3.19
C ASP J 71 -29.77 -0.38 -4.55
N HIS J 72 -29.03 0.54 -5.15
CA HIS J 72 -29.45 1.14 -6.41
C HIS J 72 -28.27 1.80 -7.09
N ASP J 73 -28.36 1.91 -8.42
CA ASP J 73 -27.47 2.79 -9.16
C ASP J 73 -28.20 4.09 -9.46
N VAL J 74 -27.98 4.67 -10.63
CA VAL J 74 -28.53 5.99 -10.92
C VAL J 74 -30.03 5.90 -11.21
N GLU J 75 -30.46 4.86 -11.93
CA GLU J 75 -31.83 4.77 -12.41
C GLU J 75 -32.57 3.49 -12.03
N GLN J 76 -31.88 2.50 -11.45
CA GLN J 76 -32.55 1.24 -11.11
C GLN J 76 -31.97 0.71 -9.80
N GLY J 77 -32.74 -0.16 -9.16
CA GLY J 77 -32.32 -0.73 -7.88
C GLY J 77 -33.12 -1.96 -7.52
N TRP J 78 -32.68 -2.60 -6.45
CA TRP J 78 -33.33 -3.79 -5.90
C TRP J 78 -33.55 -3.59 -4.40
N SER J 79 -34.46 -4.38 -3.83
CA SER J 79 -34.70 -4.35 -2.40
C SER J 79 -35.20 -5.72 -1.94
N VAL J 80 -34.91 -6.03 -0.68
CA VAL J 80 -35.26 -7.32 -0.08
C VAL J 80 -35.94 -7.06 1.25
N ILE J 81 -37.13 -7.64 1.44
CA ILE J 81 -37.90 -7.48 2.67
C ILE J 81 -38.08 -8.86 3.30
N VAL J 82 -37.73 -8.96 4.59
CA VAL J 82 -37.91 -10.19 5.36
C VAL J 82 -38.91 -9.92 6.46
N ARG J 83 -39.95 -10.74 6.52
CA ARG J 83 -40.84 -10.81 7.68
C ARG J 83 -40.42 -11.99 8.54
N GLY J 84 -40.33 -11.77 9.85
CA GLY J 84 -39.90 -12.85 10.70
C GLY J 84 -40.04 -12.51 12.17
N VAL J 85 -39.54 -13.43 13.00
CA VAL J 85 -39.59 -13.31 14.45
C VAL J 85 -38.17 -13.07 14.95
N ALA J 86 -38.01 -12.00 15.73
CA ALA J 86 -36.72 -11.65 16.31
C ALA J 86 -36.56 -12.31 17.68
N ARG J 87 -35.34 -12.78 17.95
CA ARG J 87 -35.00 -13.29 19.27
C ARG J 87 -33.54 -12.99 19.54
N THR J 88 -33.27 -12.34 20.67
CA THR J 88 -31.90 -12.01 21.03
C THR J 88 -31.10 -13.29 21.26
N VAL J 89 -29.87 -13.30 20.73
CA VAL J 89 -28.99 -14.45 20.92
C VAL J 89 -28.68 -14.61 22.41
N ARG J 90 -28.62 -15.86 22.85
CA ARG J 90 -28.48 -16.15 24.27
C ARG J 90 -27.04 -15.96 24.71
N ASP J 91 -26.81 -15.01 25.61
CA ASP J 91 -25.51 -14.86 26.24
C ASP J 91 -25.23 -16.10 27.07
N GLU J 92 -24.22 -16.88 26.66
CA GLU J 92 -24.03 -18.22 27.20
C GLU J 92 -23.78 -18.20 28.71
N ALA J 93 -23.16 -17.15 29.22
CA ALA J 93 -22.86 -17.08 30.65
C ALA J 93 -23.92 -16.33 31.44
N ASP J 94 -24.47 -15.24 30.88
CA ASP J 94 -25.43 -14.42 31.61
C ASP J 94 -26.73 -15.19 31.79
N LEU J 95 -27.01 -15.60 33.03
CA LEU J 95 -28.24 -16.31 33.35
C LEU J 95 -29.46 -15.43 33.09
N ALA J 96 -29.40 -14.17 33.53
CA ALA J 96 -30.58 -13.32 33.55
C ALA J 96 -30.96 -12.85 32.15
N GLU J 97 -29.99 -12.46 31.34
CA GLU J 97 -30.29 -12.03 29.98
C GLU J 97 -30.80 -13.19 29.13
N ALA J 98 -30.32 -14.41 29.42
CA ALA J 98 -30.80 -15.61 28.74
C ALA J 98 -32.30 -15.79 28.88
N GLN J 99 -32.83 -15.60 30.08
CA GLN J 99 -34.26 -15.77 30.32
C GLN J 99 -35.06 -14.59 29.79
N ARG J 100 -34.51 -13.38 29.89
CA ARG J 100 -35.17 -12.22 29.33
C ARG J 100 -35.23 -12.29 27.80
N ALA J 101 -34.31 -13.01 27.18
CA ALA J 101 -34.29 -13.16 25.74
C ALA J 101 -35.37 -14.10 25.22
N GLU J 102 -35.86 -15.03 26.06
CA GLU J 102 -36.90 -15.97 25.63
C GLU J 102 -38.30 -15.53 25.99
N LEU J 103 -38.48 -14.85 27.13
CA LEU J 103 -39.80 -14.44 27.58
C LEU J 103 -40.14 -13.01 27.19
N LEU J 104 -39.23 -12.07 27.43
CA LEU J 104 -39.48 -10.69 27.03
C LEU J 104 -39.24 -10.53 25.53
N PRO J 105 -39.74 -9.45 24.94
CA PRO J 105 -39.43 -9.16 23.54
C PRO J 105 -37.93 -8.99 23.33
N TRP J 106 -37.50 -9.20 22.08
CA TRP J 106 -36.11 -8.98 21.70
C TRP J 106 -35.64 -7.59 22.09
N THR J 107 -36.57 -6.64 22.13
CA THR J 107 -36.27 -5.24 22.46
C THR J 107 -35.56 -5.11 23.79
N ALA J 108 -35.95 -5.91 24.78
CA ALA J 108 -35.49 -5.71 26.15
C ALA J 108 -34.09 -6.25 26.41
N THR J 109 -33.45 -6.91 25.43
CA THR J 109 -32.13 -7.47 25.63
C THR J 109 -31.19 -7.20 24.46
N ALA J 110 -31.53 -6.29 23.56
CA ALA J 110 -30.79 -6.10 22.32
C ALA J 110 -29.75 -4.99 22.39
N LYS J 111 -29.57 -4.36 23.55
CA LYS J 111 -28.69 -3.19 23.61
C LYS J 111 -27.24 -3.58 23.39
N THR J 112 -26.79 -4.66 24.04
CA THR J 112 -25.40 -5.13 23.92
C THR J 112 -25.34 -6.55 23.39
N HIS J 113 -26.27 -6.93 22.53
CA HIS J 113 -26.37 -8.30 22.06
C HIS J 113 -26.84 -8.32 20.61
N TRP J 114 -26.42 -9.34 19.87
CA TRP J 114 -26.93 -9.57 18.54
C TRP J 114 -28.35 -10.12 18.60
N VAL J 115 -29.09 -9.93 17.52
CA VAL J 115 -30.48 -10.35 17.44
C VAL J 115 -30.68 -11.12 16.14
N ARG J 116 -31.21 -12.34 16.25
CA ARG J 116 -31.47 -13.19 15.10
C ARG J 116 -32.92 -13.05 14.66
N VAL J 117 -33.11 -12.83 13.36
CA VAL J 117 -34.44 -12.80 12.76
C VAL J 117 -34.60 -14.08 11.95
N LEU J 118 -35.53 -14.93 12.38
CA LEU J 118 -35.83 -16.14 11.63
C LEU J 118 -36.98 -15.85 10.66
N PRO J 119 -36.77 -16.02 9.36
CA PRO J 119 -37.77 -15.55 8.40
C PRO J 119 -38.99 -16.45 8.33
N THR J 120 -40.16 -15.83 8.31
CA THR J 120 -41.37 -16.50 7.87
C THR J 120 -41.56 -16.39 6.37
N GLN J 121 -40.90 -15.43 5.73
CA GLN J 121 -40.93 -15.23 4.29
C GLN J 121 -39.86 -14.20 3.93
N ILE J 122 -39.44 -14.24 2.67
CA ILE J 122 -38.45 -13.31 2.13
C ILE J 122 -38.81 -13.01 0.70
N THR J 123 -38.93 -11.72 0.35
CA THR J 123 -39.29 -11.29 -0.99
C THR J 123 -38.34 -10.21 -1.45
N GLY J 124 -38.21 -10.09 -2.76
CA GLY J 124 -37.35 -9.08 -3.34
C GLY J 124 -37.90 -8.59 -4.66
N ARG J 125 -37.61 -7.33 -4.98
CA ARG J 125 -38.01 -6.74 -6.24
C ARG J 125 -36.84 -6.00 -6.86
N ARG J 126 -36.83 -5.95 -8.19
CA ARG J 126 -35.95 -5.08 -8.95
C ARG J 126 -36.84 -4.04 -9.63
N PHE J 127 -36.43 -2.77 -9.55
CA PHE J 127 -37.29 -1.67 -9.96
C PHE J 127 -36.49 -0.63 -10.70
N ARG J 128 -37.10 -0.06 -11.74
CA ARG J 128 -36.51 1.03 -12.52
C ARG J 128 -37.27 2.30 -12.18
N PHE J 129 -36.62 3.20 -11.44
CA PHE J 129 -37.21 4.47 -11.04
C PHE J 129 -36.71 5.65 -11.88
N GLY J 130 -35.99 5.37 -12.96
CA GLY J 130 -35.48 6.43 -13.81
C GLY J 130 -35.06 5.95 -15.19
N ALA K 3 49.96 47.14 34.24
CA ALA K 3 49.50 45.77 34.43
C ALA K 3 48.43 45.69 35.52
N VAL K 4 48.63 46.44 36.60
CA VAL K 4 47.69 46.49 37.72
C VAL K 4 47.56 47.93 38.18
N THR K 5 46.33 48.42 38.26
CA THR K 5 46.06 49.78 38.71
C THR K 5 45.01 49.76 39.81
N ILE K 6 45.16 50.68 40.76
CA ILE K 6 44.22 50.82 41.86
C ILE K 6 43.04 51.68 41.40
N LEU K 7 41.83 51.22 41.69
CA LEU K 7 40.63 51.97 41.33
C LEU K 7 40.18 52.84 42.49
N SER K 8 39.66 54.02 42.16
CA SER K 8 39.11 54.91 43.17
C SER K 8 37.73 54.44 43.60
N ALA K 9 37.26 54.98 44.72
CA ALA K 9 35.97 54.58 45.26
C ALA K 9 34.85 54.90 44.28
N THR K 10 34.84 56.12 43.74
CA THR K 10 33.81 56.51 42.78
C THR K 10 33.85 55.63 41.54
N GLU K 11 35.06 55.25 41.11
CA GLU K 11 35.19 54.33 39.98
C GLU K 11 34.61 52.96 40.33
N CYS K 12 34.85 52.50 41.55
CA CYS K 12 34.29 51.21 41.98
C CYS K 12 32.77 51.23 41.95
N TRP K 13 32.17 52.22 42.61
CA TRP K 13 30.71 52.29 42.69
C TRP K 13 30.09 52.43 41.31
N ASP K 14 30.77 53.11 40.39
CA ASP K 14 30.22 53.28 39.05
C ASP K 14 30.30 51.98 38.25
N LEU K 15 31.44 51.28 38.31
CA LEU K 15 31.56 50.01 37.61
C LEU K 15 30.59 48.97 38.17
N LEU K 16 30.26 49.06 39.47
CA LEU K 16 29.30 48.13 40.05
C LEU K 16 27.92 48.25 39.45
N LYS K 17 27.59 49.40 38.85
CA LYS K 17 26.30 49.56 38.18
C LYS K 17 26.26 48.88 36.82
N SER K 18 27.38 48.36 36.34
CA SER K 18 27.46 47.73 35.02
C SER K 18 27.23 46.23 35.05
N VAL K 19 27.08 45.63 36.25
CA VAL K 19 26.88 44.21 36.39
C VAL K 19 25.76 43.99 37.40
N ALA K 20 24.97 42.94 37.18
CA ALA K 20 23.82 42.64 38.02
C ALA K 20 24.03 41.38 38.87
N LEU K 21 25.14 40.68 38.72
CA LEU K 21 25.42 39.49 39.51
C LEU K 21 26.75 39.65 40.23
N GLY K 22 26.75 39.25 41.50
CA GLY K 22 27.96 39.21 42.31
C GLY K 22 27.83 38.10 43.34
N ARG K 23 28.73 38.07 44.32
CA ARG K 23 28.67 37.06 45.36
C ARG K 23 28.82 37.68 46.74
N ILE K 24 28.12 37.07 47.69
CA ILE K 24 28.22 37.42 49.10
C ILE K 24 28.97 36.29 49.80
N VAL K 25 29.98 36.65 50.59
CA VAL K 25 30.77 35.68 51.34
C VAL K 25 30.47 35.85 52.83
N THR K 26 30.32 34.72 53.52
CA THR K 26 29.96 34.67 54.93
C THR K 26 30.88 33.70 55.64
N THR K 27 31.29 34.05 56.87
CA THR K 27 32.31 33.30 57.60
C THR K 27 31.77 32.83 58.94
N VAL K 28 31.85 31.52 59.19
CA VAL K 28 31.61 30.90 60.49
C VAL K 28 32.84 30.07 60.83
N ASP K 29 33.05 29.84 62.13
CA ASP K 29 34.16 29.01 62.59
C ASP K 29 35.46 29.47 61.93
N ASN K 30 35.94 28.68 60.97
CA ASN K 30 36.88 29.15 59.97
C ASN K 30 36.43 28.72 58.58
N THR K 31 35.12 28.54 58.42
CA THR K 31 34.53 28.07 57.18
C THR K 31 33.89 29.24 56.44
N SER K 32 34.13 29.32 55.14
CA SER K 32 33.55 30.35 54.30
C SER K 32 32.39 29.78 53.49
N HIS K 33 31.39 30.63 53.26
CA HIS K 33 30.23 30.30 52.43
C HIS K 33 30.02 31.43 51.45
N ILE K 34 29.80 31.09 50.18
CA ILE K 34 29.65 32.08 49.13
C ILE K 34 28.35 31.82 48.38
N PHE K 35 27.60 32.89 48.10
CA PHE K 35 26.29 32.80 47.49
C PHE K 35 26.23 33.71 46.27
N PRO K 36 25.75 33.23 45.13
CA PRO K 36 25.48 34.13 44.01
C PRO K 36 24.23 34.96 44.31
N ILE K 37 24.32 36.26 44.05
CA ILE K 37 23.23 37.17 44.40
C ILE K 37 23.06 38.20 43.29
N ASN K 38 21.82 38.67 43.14
CA ASN K 38 21.52 39.80 42.26
C ASN K 38 21.54 41.06 43.11
N PHE K 39 22.15 42.12 42.58
CA PHE K 39 22.34 43.33 43.36
C PHE K 39 22.11 44.57 42.48
N VAL K 40 21.79 45.67 43.14
CA VAL K 40 21.75 47.00 42.54
C VAL K 40 22.45 47.97 43.50
N VAL K 41 22.97 49.06 42.95
CA VAL K 41 23.68 50.07 43.71
C VAL K 41 22.73 51.23 43.96
N GLN K 42 22.65 51.69 45.21
CA GLN K 42 21.80 52.83 45.57
C GLN K 42 22.48 53.63 46.67
N ASN K 43 22.92 54.84 46.34
CA ASN K 43 23.57 55.75 47.30
C ASN K 43 24.78 55.10 47.95
N ARG K 44 25.71 54.63 47.10
CA ARG K 44 26.94 53.99 47.56
C ARG K 44 26.63 52.87 48.55
N THR K 45 25.70 52.01 48.16
CA THR K 45 25.25 50.92 49.00
C THR K 45 24.89 49.74 48.12
N VAL K 46 25.24 48.54 48.55
CA VAL K 46 24.97 47.33 47.78
C VAL K 46 23.66 46.73 48.29
N LEU K 47 22.63 46.79 47.46
CA LEU K 47 21.33 46.18 47.74
C LEU K 47 21.28 44.87 46.98
N PHE K 48 21.27 43.74 47.71
CA PHE K 48 21.29 42.44 47.07
C PHE K 48 20.13 41.56 47.56
N ARG K 49 19.84 40.54 46.77
CA ARG K 49 18.81 39.55 47.10
C ARG K 49 19.30 38.17 46.69
N THR K 50 18.99 37.17 47.52
CA THR K 50 19.40 35.80 47.25
C THR K 50 18.42 35.11 46.32
N ALA K 51 18.81 33.93 45.84
CA ALA K 51 17.99 33.17 44.92
C ALA K 51 16.99 32.30 45.69
N GLU K 52 15.93 31.90 44.99
CA GLU K 52 14.90 31.08 45.61
C GLU K 52 15.44 29.70 45.97
N GLY K 53 15.00 29.21 47.13
CA GLY K 53 15.42 27.89 47.57
C GLY K 53 16.86 27.80 48.02
N THR K 54 17.48 28.93 48.33
CA THR K 54 18.86 28.94 48.81
C THR K 54 18.87 28.66 50.30
N LYS K 55 19.43 27.53 50.71
CA LYS K 55 19.64 27.29 52.13
C LYS K 55 20.67 28.28 52.65
N LEU K 56 20.25 29.11 53.62
CA LEU K 56 20.95 30.34 53.97
C LEU K 56 20.91 30.53 55.49
N VAL K 57 21.70 29.73 56.22
CA VAL K 57 21.64 29.73 57.68
C VAL K 57 23.04 29.63 58.29
N SER K 58 24.06 30.07 57.56
CA SER K 58 25.43 30.07 58.06
C SER K 58 25.94 31.47 58.37
N ALA K 59 25.09 32.36 58.82
CA ALA K 59 25.50 33.64 59.40
C ALA K 59 25.26 33.57 60.89
N ALA K 60 26.33 33.38 61.67
CA ALA K 60 26.26 33.23 63.10
C ALA K 60 27.01 34.37 63.78
N ILE K 61 26.38 34.94 64.81
CA ILE K 61 26.95 35.98 65.68
C ILE K 61 27.65 37.07 64.88
N ASN K 62 27.21 37.29 63.64
CA ASN K 62 27.85 38.28 62.79
C ASN K 62 26.94 38.65 61.64
N ASN K 63 26.96 39.93 61.28
CA ASN K 63 26.38 40.42 60.03
C ASN K 63 27.45 40.88 59.05
N ASN K 64 28.72 40.55 59.32
CA ASN K 64 29.79 40.92 58.41
C ASN K 64 29.68 40.13 57.13
N VAL K 65 29.88 40.83 56.00
CA VAL K 65 29.79 40.19 54.68
C VAL K 65 30.90 40.72 53.80
N LEU K 66 31.39 39.83 52.94
CA LEU K 66 32.27 40.19 51.83
C LEU K 66 31.42 40.22 50.55
N PHE K 67 31.49 41.32 49.82
CA PHE K 67 30.79 41.46 48.54
C PHE K 67 31.81 41.59 47.42
N GLU K 68 31.61 40.85 46.34
CA GLU K 68 32.52 40.89 45.21
C GLU K 68 31.73 40.82 43.91
N ALA K 69 32.14 41.64 42.94
CA ALA K 69 31.63 41.59 41.59
C ALA K 69 32.76 41.97 40.64
N ASP K 70 32.70 41.43 39.42
CA ASP K 70 33.78 41.66 38.47
C ASP K 70 33.24 41.64 37.05
N ASP K 71 34.14 41.86 36.10
CA ASP K 71 33.84 41.75 34.67
C ASP K 71 35.18 41.74 33.94
N HIS K 72 35.17 41.19 32.73
CA HIS K 72 36.40 41.06 31.97
C HIS K 72 36.09 40.88 30.49
N ASP K 73 37.09 41.16 29.68
CA ASP K 73 37.15 40.73 28.29
C ASP K 73 38.35 39.80 28.15
N VAL K 74 38.71 39.47 26.91
CA VAL K 74 39.88 38.63 26.69
C VAL K 74 41.16 39.37 27.06
N GLU K 75 41.13 40.71 27.06
CA GLU K 75 42.32 41.50 27.35
C GLU K 75 42.47 41.77 28.85
N GLN K 76 41.50 42.46 29.45
CA GLN K 76 41.62 42.92 30.83
C GLN K 76 40.37 42.58 31.62
N GLY K 77 40.41 42.90 32.90
CA GLY K 77 39.28 42.71 33.78
C GLY K 77 39.41 43.58 35.01
N TRP K 78 38.27 43.91 35.61
CA TRP K 78 38.23 44.69 36.83
C TRP K 78 37.42 43.93 37.88
N SER K 79 37.66 44.26 39.14
CA SER K 79 36.90 43.67 40.24
C SER K 79 36.78 44.69 41.35
N VAL K 80 35.64 44.65 42.04
CA VAL K 80 35.36 45.51 43.18
C VAL K 80 35.02 44.62 44.36
N ILE K 81 35.63 44.90 45.51
CA ILE K 81 35.39 44.15 46.74
C ILE K 81 34.90 45.13 47.81
N VAL K 82 33.83 44.74 48.50
CA VAL K 82 33.24 45.56 49.56
C VAL K 82 33.15 44.71 50.82
N ARG K 83 33.81 45.16 51.88
CA ARG K 83 33.54 44.67 53.22
C ARG K 83 32.50 45.55 53.87
N GLY K 84 31.54 44.94 54.56
CA GLY K 84 30.52 45.74 55.20
C GLY K 84 29.62 44.91 56.08
N VAL K 85 28.51 45.53 56.47
CA VAL K 85 27.53 44.95 57.37
C VAL K 85 26.23 44.77 56.59
N ALA K 86 25.70 43.55 56.61
CA ALA K 86 24.45 43.26 55.93
C ALA K 86 23.28 43.46 56.89
N ARG K 87 22.18 44.00 56.35
CA ARG K 87 20.95 44.15 57.11
C ARG K 87 19.78 44.09 56.15
N THR K 88 18.83 43.21 56.43
CA THR K 88 17.63 43.10 55.61
C THR K 88 16.83 44.39 55.66
N VAL K 89 16.34 44.82 54.50
CA VAL K 89 15.54 46.04 54.42
C VAL K 89 14.22 45.82 55.16
N ARG K 90 13.89 46.75 56.05
CA ARG K 90 12.69 46.62 56.88
C ARG K 90 11.44 46.72 56.01
N ASP K 91 10.49 45.82 56.26
CA ASP K 91 9.16 45.92 55.67
C ASP K 91 8.35 46.91 56.50
N GLU K 92 8.03 48.06 55.91
CA GLU K 92 7.38 49.13 56.66
C GLU K 92 5.96 48.77 57.09
N ALA K 93 5.34 47.78 56.46
CA ALA K 93 3.98 47.37 56.78
C ALA K 93 3.93 46.10 57.61
N ASP K 94 5.03 45.72 58.25
CA ASP K 94 5.10 44.49 59.03
C ASP K 94 6.15 44.69 60.13
N LEU K 95 5.69 45.19 61.28
CA LEU K 95 6.60 45.45 62.39
C LEU K 95 7.31 44.18 62.85
N ALA K 96 6.63 43.03 62.77
CA ALA K 96 7.26 41.78 63.17
C ALA K 96 8.45 41.45 62.27
N GLU K 97 8.30 41.64 60.96
CA GLU K 97 9.44 41.43 60.06
C GLU K 97 10.54 42.44 60.34
N ALA K 98 10.18 43.69 60.59
CA ALA K 98 11.18 44.71 60.89
C ALA K 98 12.03 44.31 62.10
N GLN K 99 11.39 43.84 63.16
CA GLN K 99 12.13 43.49 64.37
C GLN K 99 13.01 42.26 64.16
N ARG K 100 12.52 41.28 63.40
CA ARG K 100 13.36 40.12 63.09
C ARG K 100 14.56 40.52 62.26
N ALA K 101 14.41 41.50 61.37
CA ALA K 101 15.54 41.96 60.56
C ALA K 101 16.55 42.75 61.38
N GLU K 102 16.13 43.30 62.53
CA GLU K 102 17.01 44.07 63.40
C GLU K 102 17.60 43.24 64.53
N LEU K 103 16.92 42.18 64.95
CA LEU K 103 17.37 41.37 66.08
C LEU K 103 18.09 40.10 65.67
N LEU K 104 17.72 39.49 64.56
CA LEU K 104 18.37 38.28 64.09
C LEU K 104 19.38 38.62 63.00
N PRO K 105 20.31 37.70 62.70
CA PRO K 105 21.20 37.91 61.56
C PRO K 105 20.40 38.04 60.27
N TRP K 106 21.02 38.69 59.27
CA TRP K 106 20.31 39.02 58.04
C TRP K 106 19.78 37.77 57.34
N THR K 107 20.48 36.65 57.47
CA THR K 107 20.07 35.42 56.77
C THR K 107 18.71 34.92 57.22
N ALA K 108 18.25 35.28 58.42
CA ALA K 108 16.99 34.76 58.92
C ALA K 108 15.78 35.42 58.29
N THR K 109 15.96 36.57 57.60
CA THR K 109 14.84 37.28 56.99
C THR K 109 15.11 37.63 55.53
N ALA K 110 16.10 36.99 54.91
CA ALA K 110 16.54 37.35 53.56
C ALA K 110 15.84 36.56 52.47
N LYS K 111 14.85 35.74 52.82
CA LYS K 111 14.24 34.83 51.84
C LYS K 111 13.56 35.61 50.71
N THR K 112 12.64 36.50 51.06
CA THR K 112 11.89 37.29 50.09
C THR K 112 12.10 38.78 50.31
N HIS K 113 13.33 39.16 50.64
CA HIS K 113 13.64 40.55 50.98
C HIS K 113 15.00 40.93 50.42
N TRP K 114 15.13 42.19 50.04
CA TRP K 114 16.44 42.73 49.70
C TRP K 114 17.27 42.89 50.96
N VAL K 115 18.59 42.81 50.79
CA VAL K 115 19.52 42.98 51.90
C VAL K 115 20.47 44.12 51.54
N ARG K 116 20.64 45.06 52.46
CA ARG K 116 21.50 46.22 52.26
C ARG K 116 22.86 45.96 52.89
N VAL K 117 23.91 46.12 52.11
CA VAL K 117 25.28 46.06 52.59
C VAL K 117 25.78 47.49 52.72
N LEU K 118 26.07 47.92 53.95
CA LEU K 118 26.67 49.23 54.16
C LEU K 118 28.18 49.09 54.21
N PRO K 119 28.93 49.77 53.34
CA PRO K 119 30.36 49.50 53.23
C PRO K 119 31.15 50.08 54.39
N THR K 120 32.06 49.26 54.91
CA THR K 120 33.14 49.76 55.75
C THR K 120 34.39 50.05 54.93
N GLN K 121 34.47 49.50 53.72
CA GLN K 121 35.63 49.56 52.84
C GLN K 121 35.16 49.15 51.45
N ILE K 122 35.65 49.86 50.43
CA ILE K 122 35.42 49.46 49.05
C ILE K 122 36.72 49.68 48.28
N THR K 123 37.20 48.62 47.62
CA THR K 123 38.43 48.68 46.86
C THR K 123 38.20 48.09 45.47
N GLY K 124 39.03 48.50 44.53
CA GLY K 124 38.93 48.02 43.17
C GLY K 124 40.26 47.91 42.45
N ARG K 125 40.40 46.89 41.62
CA ARG K 125 41.61 46.66 40.86
C ARG K 125 41.27 46.45 39.39
N ARG K 126 42.22 46.80 38.52
CA ARG K 126 42.18 46.43 37.11
C ARG K 126 43.40 45.59 36.81
N PHE K 127 43.20 44.53 36.03
CA PHE K 127 44.20 43.49 35.84
C PHE K 127 44.26 43.13 34.36
N ARG K 128 45.48 43.13 33.79
CA ARG K 128 45.69 42.80 32.39
C ARG K 128 46.00 41.32 32.24
N PHE K 129 45.45 40.72 31.18
CA PHE K 129 45.66 39.31 30.89
C PHE K 129 46.74 39.06 29.84
N THR L 5 17.48 21.43 41.89
CA THR L 5 18.40 22.55 41.68
C THR L 5 19.85 22.11 41.79
N ILE L 6 20.07 20.80 41.85
CA ILE L 6 21.38 20.23 42.17
C ILE L 6 22.01 19.68 40.92
N LEU L 7 23.27 20.05 40.68
CA LEU L 7 24.02 19.63 39.51
C LEU L 7 24.94 18.47 39.82
N SER L 8 25.27 17.72 38.77
CA SER L 8 26.17 16.59 38.86
C SER L 8 27.62 17.01 38.62
N ALA L 9 28.55 16.14 39.02
CA ALA L 9 29.96 16.45 38.88
C ALA L 9 30.34 16.72 37.43
N THR L 10 29.83 15.89 36.51
CA THR L 10 30.14 16.08 35.09
C THR L 10 29.62 17.41 34.57
N GLU L 11 28.47 17.87 35.09
CA GLU L 11 27.98 19.20 34.73
C GLU L 11 28.86 20.28 35.33
N CYS L 12 29.25 20.13 36.59
CA CYS L 12 30.03 21.15 37.28
C CYS L 12 31.36 21.39 36.58
N TRP L 13 32.07 20.31 36.24
CA TRP L 13 33.38 20.46 35.62
C TRP L 13 33.28 21.05 34.22
N ASP L 14 32.22 20.73 33.47
CA ASP L 14 32.04 21.31 32.16
C ASP L 14 31.64 22.79 32.27
N LEU L 15 30.72 23.11 33.18
CA LEU L 15 30.32 24.50 33.37
C LEU L 15 31.50 25.37 33.73
N LEU L 16 32.45 24.83 34.50
CA LEU L 16 33.66 25.57 34.82
C LEU L 16 34.49 25.89 33.58
N LYS L 17 34.35 25.09 32.51
CA LYS L 17 35.09 25.34 31.29
C LYS L 17 34.48 26.44 30.44
N SER L 18 33.23 26.82 30.69
CA SER L 18 32.56 27.88 29.94
C SER L 18 32.91 29.27 30.44
N VAL L 19 33.70 29.38 31.49
CA VAL L 19 33.96 30.65 32.16
C VAL L 19 35.43 30.76 32.46
N ALA L 20 36.01 31.93 32.22
CA ALA L 20 37.44 32.16 32.35
C ALA L 20 37.84 32.84 33.64
N LEU L 21 36.88 33.36 34.41
CA LEU L 21 37.17 34.10 35.64
C LEU L 21 36.54 33.40 36.83
N GLY L 22 37.35 33.13 37.84
CA GLY L 22 36.86 32.51 39.06
C GLY L 22 37.23 33.31 40.29
N ARG L 23 37.03 32.74 41.47
CA ARG L 23 37.32 33.42 42.72
C ARG L 23 37.85 32.44 43.75
N ILE L 24 39.01 32.75 44.32
CA ILE L 24 39.56 32.00 45.43
C ILE L 24 39.16 32.70 46.73
N VAL L 25 38.60 31.94 47.67
CA VAL L 25 38.18 32.45 48.96
C VAL L 25 39.05 31.81 50.03
N THR L 26 39.77 32.63 50.78
CA THR L 26 40.67 32.19 51.84
C THR L 26 40.07 32.56 53.20
N THR L 27 40.23 31.68 54.18
CA THR L 27 39.75 31.92 55.53
C THR L 27 40.82 31.54 56.54
N VAL L 28 41.28 32.52 57.30
CA VAL L 28 42.21 32.29 58.40
C VAL L 28 41.80 33.19 59.56
N ASP L 29 41.85 32.62 60.77
CA ASP L 29 41.46 33.32 62.00
C ASP L 29 40.09 34.01 61.85
N ASN L 30 39.16 33.31 61.20
CA ASN L 30 37.77 33.71 61.04
C ASN L 30 37.60 35.01 60.27
N THR L 31 38.56 35.40 59.44
CA THR L 31 38.33 36.47 58.47
C THR L 31 38.55 35.91 57.07
N SER L 32 37.61 36.21 56.18
CA SER L 32 37.65 35.69 54.82
C SER L 32 38.19 36.74 53.86
N HIS L 33 38.87 36.27 52.82
CA HIS L 33 39.36 37.13 51.77
C HIS L 33 39.09 36.45 50.43
N ILE L 34 38.84 37.26 49.41
CA ILE L 34 38.43 36.77 48.10
C ILE L 34 39.42 37.30 47.07
N PHE L 35 39.76 36.45 46.09
CA PHE L 35 40.70 36.81 45.03
C PHE L 35 40.13 36.43 43.67
N PRO L 36 39.80 37.39 42.82
CA PRO L 36 39.46 37.06 41.43
C PRO L 36 40.66 36.40 40.75
N ILE L 37 40.43 35.25 40.15
CA ILE L 37 41.48 34.52 39.46
C ILE L 37 41.01 34.15 38.05
N ASN L 38 41.97 34.10 37.14
CA ASN L 38 41.77 33.56 35.81
C ASN L 38 42.26 32.12 35.81
N PHE L 39 41.39 31.19 35.43
CA PHE L 39 41.64 29.77 35.64
C PHE L 39 41.25 28.98 34.40
N VAL L 40 41.81 27.77 34.31
CA VAL L 40 41.40 26.75 33.35
C VAL L 40 41.22 25.45 34.10
N VAL L 41 40.30 24.61 33.60
CA VAL L 41 40.10 23.28 34.14
C VAL L 41 41.05 22.32 33.45
N GLN L 42 41.77 21.53 34.24
CA GLN L 42 42.59 20.44 33.74
C GLN L 42 42.15 19.15 34.42
N ASN L 43 41.74 18.17 33.62
CA ASN L 43 41.20 16.93 34.13
C ASN L 43 40.05 17.24 35.09
N ARG L 44 40.30 17.11 36.39
CA ARG L 44 39.34 17.55 37.40
C ARG L 44 40.09 18.29 38.51
N THR L 45 40.90 19.27 38.11
CA THR L 45 41.57 20.19 39.02
C THR L 45 41.41 21.60 38.49
N VAL L 46 41.64 22.58 39.35
CA VAL L 46 41.54 23.99 39.00
C VAL L 46 42.97 24.55 38.94
N LEU L 47 43.35 25.05 37.77
CA LEU L 47 44.71 25.52 37.52
C LEU L 47 44.70 27.01 37.24
N PHE L 48 45.67 27.72 37.84
CA PHE L 48 45.80 29.16 37.64
C PHE L 48 47.22 29.57 38.00
N ARG L 49 47.63 30.73 37.50
CA ARG L 49 48.95 31.27 37.77
C ARG L 49 48.87 32.37 38.83
N THR L 50 49.91 32.47 39.64
CA THR L 50 50.01 33.46 40.70
C THR L 50 51.24 34.33 40.47
N ALA L 51 51.13 35.60 40.88
CA ALA L 51 52.26 36.51 40.82
C ALA L 51 53.11 36.35 42.07
N GLU L 52 54.43 36.31 41.87
CA GLU L 52 55.35 36.12 42.99
C GLU L 52 55.28 37.29 43.94
N GLY L 53 55.10 36.99 45.23
CA GLY L 53 55.12 38.01 46.27
C GLY L 53 53.80 38.69 46.54
N THR L 54 52.69 38.17 46.02
CA THR L 54 51.37 38.73 46.28
C THR L 54 50.70 37.99 47.43
N LYS L 55 49.75 38.69 48.08
CA LYS L 55 49.05 38.11 49.21
C LYS L 55 48.21 36.89 48.82
N LEU L 56 47.87 36.75 47.55
CA LEU L 56 47.19 35.54 47.10
C LEU L 56 48.06 34.31 47.32
N VAL L 57 49.36 34.42 47.05
CA VAL L 57 50.28 33.34 47.38
C VAL L 57 50.33 33.12 48.89
N SER L 58 50.42 34.21 49.65
CA SER L 58 50.60 34.12 51.09
C SER L 58 49.50 33.29 51.75
N ALA L 59 48.27 33.44 51.26
CA ALA L 59 47.11 32.91 51.96
C ALA L 59 46.55 31.61 51.37
N ALA L 60 46.97 31.21 50.18
CA ALA L 60 46.34 30.09 49.48
C ALA L 60 47.19 28.84 49.42
N ILE L 61 48.50 28.96 49.23
CA ILE L 61 49.33 27.79 48.94
C ILE L 61 49.42 26.91 50.18
N ASN L 62 49.18 25.62 49.99
CA ASN L 62 49.21 24.61 51.07
C ASN L 62 48.14 24.87 52.12
N ASN L 63 47.10 25.65 51.78
CA ASN L 63 45.99 25.91 52.68
C ASN L 63 44.68 25.48 52.02
N ASN L 64 43.70 25.16 52.84
CA ASN L 64 42.37 24.87 52.34
C ASN L 64 41.73 26.14 51.79
N VAL L 65 41.28 26.09 50.54
CA VAL L 65 40.73 27.25 49.86
C VAL L 65 39.36 26.91 49.30
N LEU L 66 38.63 27.95 48.92
CA LEU L 66 37.30 27.85 48.33
C LEU L 66 37.33 28.52 46.97
N PHE L 67 37.03 27.75 45.92
CA PHE L 67 37.00 28.27 44.56
C PHE L 67 35.55 28.35 44.09
N GLU L 68 35.18 29.50 43.52
CA GLU L 68 33.83 29.74 43.05
C GLU L 68 33.86 30.23 41.61
N ALA L 69 32.86 29.81 40.84
CA ALA L 69 32.62 30.34 39.51
C ALA L 69 31.12 30.29 39.25
N ASP L 70 30.63 31.18 38.41
CA ASP L 70 29.21 31.22 38.10
C ASP L 70 28.99 31.93 36.78
N ASP L 71 27.74 31.88 36.32
CA ASP L 71 27.30 32.63 35.15
C ASP L 71 25.80 32.85 35.27
N HIS L 72 25.30 33.81 34.51
CA HIS L 72 23.89 34.17 34.58
C HIS L 72 23.47 34.85 33.30
N ASP L 73 22.17 34.77 33.01
CA ASP L 73 21.56 35.50 31.91
C ASP L 73 20.22 36.03 32.40
N VAL L 74 20.14 37.35 32.58
CA VAL L 74 18.99 38.01 33.20
C VAL L 74 18.78 37.45 34.60
N GLU L 75 17.77 36.59 34.77
CA GLU L 75 17.41 36.10 36.11
C GLU L 75 17.56 34.58 36.23
N GLN L 76 18.36 33.97 35.36
CA GLN L 76 18.64 32.54 35.42
C GLN L 76 20.15 32.34 35.46
N GLY L 77 20.59 31.31 36.17
CA GLY L 77 22.03 31.11 36.26
C GLY L 77 22.40 29.84 36.99
N TRP L 78 23.71 29.59 37.03
CA TRP L 78 24.30 28.44 37.70
C TRP L 78 25.54 28.92 38.46
N SER L 79 25.97 28.10 39.43
CA SER L 79 27.22 28.37 40.14
C SER L 79 27.81 27.04 40.58
N VAL L 80 29.14 27.01 40.69
CA VAL L 80 29.87 25.80 41.05
C VAL L 80 30.91 26.14 42.11
N ILE L 81 30.96 25.36 43.17
CA ILE L 81 31.89 25.53 44.28
C ILE L 81 32.85 24.34 44.31
N VAL L 82 34.12 24.62 44.56
CA VAL L 82 35.14 23.60 44.70
C VAL L 82 35.92 23.85 45.99
N ARG L 83 35.83 22.90 46.93
CA ARG L 83 36.66 22.92 48.13
C ARG L 83 37.85 22.00 47.93
N GLY L 84 39.01 22.44 48.41
CA GLY L 84 40.21 21.67 48.24
C GLY L 84 41.43 22.44 48.72
N VAL L 85 42.60 21.87 48.43
CA VAL L 85 43.88 22.42 48.87
C VAL L 85 44.62 22.94 47.65
N ALA L 86 45.11 24.18 47.72
CA ALA L 86 45.90 24.76 46.65
C ALA L 86 47.36 24.32 46.81
N ARG L 87 47.91 23.74 45.75
CA ARG L 87 49.27 23.22 45.75
C ARG L 87 50.08 23.87 44.63
N THR L 88 51.34 24.16 44.91
CA THR L 88 52.23 24.74 43.92
C THR L 88 52.72 23.64 42.98
N VAL L 89 52.66 23.91 41.67
CA VAL L 89 53.15 22.96 40.67
C VAL L 89 54.68 22.89 40.79
N ARG L 90 55.19 21.69 41.07
CA ARG L 90 56.62 21.52 41.28
C ARG L 90 57.25 20.52 40.30
N ASP L 91 56.62 19.37 40.08
CA ASP L 91 57.25 18.33 39.28
C ASP L 91 57.14 18.65 37.80
N GLU L 92 58.10 18.13 37.03
CA GLU L 92 58.07 18.31 35.58
C GLU L 92 56.92 17.54 34.94
N ALA L 93 56.43 16.49 35.58
CA ALA L 93 55.19 15.86 35.12
C ALA L 93 54.01 16.78 35.31
N ASP L 94 54.03 17.62 36.35
CA ASP L 94 52.99 18.61 36.55
C ASP L 94 53.26 19.89 35.75
N LEU L 95 54.53 20.26 35.61
CA LEU L 95 54.88 21.49 34.90
C LEU L 95 54.58 21.37 33.40
N ALA L 96 54.90 20.22 32.81
CA ALA L 96 54.65 20.04 31.37
C ALA L 96 53.16 19.99 31.06
N GLU L 97 52.35 19.45 31.96
CA GLU L 97 50.92 19.46 31.72
C GLU L 97 50.32 20.85 31.95
N ALA L 98 50.82 21.60 32.95
CA ALA L 98 50.26 22.91 33.23
C ALA L 98 50.45 23.88 32.06
N GLN L 99 51.49 23.68 31.25
CA GLN L 99 51.73 24.59 30.14
C GLN L 99 50.73 24.40 29.00
N ARG L 100 50.25 23.17 28.80
CA ARG L 100 49.31 22.89 27.72
C ARG L 100 47.85 23.12 28.12
N ALA L 101 47.62 24.05 29.04
CA ALA L 101 46.28 24.36 29.52
C ALA L 101 45.60 25.48 28.74
N GLU L 102 46.14 25.83 27.56
CA GLU L 102 45.62 26.88 26.69
C GLU L 102 45.23 28.14 27.47
N LEU L 103 46.01 28.46 28.50
CA LEU L 103 45.76 29.65 29.30
C LEU L 103 46.49 30.85 28.70
N LEU L 104 45.79 31.98 28.63
CA LEU L 104 46.35 33.19 28.05
C LEU L 104 47.56 33.67 28.84
N PRO L 105 48.46 34.41 28.20
CA PRO L 105 49.61 34.97 28.93
C PRO L 105 49.45 36.45 29.25
N TRP L 106 49.78 36.84 30.47
CA TRP L 106 49.95 38.24 30.84
C TRP L 106 51.44 38.51 31.08
N THR L 107 51.79 39.78 31.06
CA THR L 107 53.20 40.17 31.06
C THR L 107 53.77 40.22 32.48
N ALA L 108 54.97 39.67 32.62
CA ALA L 108 55.79 39.65 33.82
C ALA L 108 57.12 39.03 33.44
N THR L 109 58.19 39.53 34.05
CA THR L 109 59.53 39.09 33.64
C THR L 109 59.76 37.61 33.90
N ALA L 110 59.02 36.76 33.18
CA ALA L 110 59.19 35.31 33.14
C ALA L 110 58.97 34.63 34.49
N LYS L 111 58.51 35.35 35.51
CA LYS L 111 58.28 34.72 36.81
C LYS L 111 56.89 34.10 36.86
N THR L 112 56.20 34.24 37.99
CA THR L 112 54.87 33.71 38.24
C THR L 112 54.84 32.18 38.16
N HIS L 113 54.56 31.53 39.30
CA HIS L 113 54.50 30.09 39.37
C HIS L 113 53.06 29.58 39.27
N TRP L 114 52.92 28.34 38.83
CA TRP L 114 51.61 27.73 38.67
C TRP L 114 51.09 27.21 40.00
N VAL L 115 49.76 27.19 40.13
CA VAL L 115 49.09 26.65 41.32
C VAL L 115 47.92 25.80 40.86
N ARG L 116 47.71 24.68 41.54
CA ARG L 116 46.65 23.73 41.22
C ARG L 116 45.81 23.48 42.47
N VAL L 117 44.50 23.54 42.32
CA VAL L 117 43.57 23.25 43.41
C VAL L 117 43.09 21.82 43.22
N LEU L 118 43.56 20.92 44.09
CA LEU L 118 43.14 19.53 44.04
C LEU L 118 41.84 19.37 44.82
N PRO L 119 40.73 19.05 44.18
CA PRO L 119 39.42 19.14 44.84
C PRO L 119 39.23 18.04 45.88
N THR L 120 38.74 18.44 47.05
CA THR L 120 38.14 17.52 47.99
C THR L 120 36.65 17.33 47.73
N GLN L 121 35.99 18.37 47.22
CA GLN L 121 34.55 18.36 47.01
C GLN L 121 34.21 19.35 45.91
N ILE L 122 33.17 19.06 45.15
CA ILE L 122 32.64 19.97 44.14
C ILE L 122 31.12 19.94 44.17
N THR L 123 30.51 21.11 44.21
CA THR L 123 29.06 21.24 44.24
C THR L 123 28.63 22.31 43.24
N GLY L 124 27.44 22.12 42.67
CA GLY L 124 26.92 23.07 41.70
C GLY L 124 25.42 23.18 41.83
N ARG L 125 24.90 24.36 41.48
CA ARG L 125 23.48 24.64 41.64
C ARG L 125 22.98 25.52 40.51
N ARG L 126 21.75 25.25 40.07
CA ARG L 126 21.00 26.17 39.22
C ARG L 126 20.20 27.11 40.12
N PHE L 127 20.15 28.39 39.74
CA PHE L 127 19.42 29.36 40.57
C PHE L 127 18.60 30.29 39.69
N ARG L 128 17.54 30.82 40.30
CA ARG L 128 16.62 31.75 39.66
C ARG L 128 16.19 32.79 40.68
N PHE L 129 15.98 34.02 40.21
CA PHE L 129 15.54 35.14 41.05
C PHE L 129 14.10 35.47 40.73
N GLY L 130 13.26 35.54 41.75
CA GLY L 130 11.83 35.75 41.57
C GLY L 130 11.36 37.19 41.45
N VAL M 4 -29.89 6.61 -33.47
CA VAL M 4 -30.88 7.30 -32.67
C VAL M 4 -32.27 7.13 -33.31
N THR M 5 -32.29 6.88 -34.62
CA THR M 5 -33.54 6.73 -35.34
C THR M 5 -33.43 5.54 -36.28
N ILE M 6 -34.27 4.53 -36.08
CA ILE M 6 -34.32 3.38 -36.97
C ILE M 6 -35.06 3.78 -38.24
N LEU M 7 -34.52 3.37 -39.38
CA LEU M 7 -35.13 3.66 -40.67
C LEU M 7 -35.83 2.43 -41.21
N SER M 8 -36.93 2.66 -41.91
CA SER M 8 -37.65 1.59 -42.58
C SER M 8 -36.96 1.21 -43.88
N ALA M 9 -37.27 0.00 -44.36
CA ALA M 9 -36.62 -0.49 -45.58
C ALA M 9 -36.88 0.43 -46.76
N THR M 10 -38.11 0.95 -46.87
CA THR M 10 -38.43 1.84 -47.98
C THR M 10 -37.56 3.09 -47.96
N GLU M 11 -37.37 3.67 -46.77
CA GLU M 11 -36.51 4.86 -46.65
C GLU M 11 -35.06 4.52 -46.92
N CYS M 12 -34.63 3.30 -46.60
CA CYS M 12 -33.27 2.88 -46.91
C CYS M 12 -33.02 2.87 -48.42
N TRP M 13 -33.88 2.16 -49.16
CA TRP M 13 -33.71 2.08 -50.61
C TRP M 13 -33.86 3.45 -51.27
N ASP M 14 -34.68 4.34 -50.68
CA ASP M 14 -34.81 5.68 -51.24
C ASP M 14 -33.56 6.50 -50.98
N LEU M 15 -33.01 6.44 -49.76
CA LEU M 15 -31.79 7.16 -49.45
C LEU M 15 -30.60 6.65 -50.26
N LEU M 16 -30.60 5.36 -50.61
CA LEU M 16 -29.52 4.81 -51.41
C LEU M 16 -29.49 5.44 -52.80
N LYS M 17 -30.64 5.92 -53.29
CA LYS M 17 -30.71 6.58 -54.59
C LYS M 17 -30.14 8.00 -54.56
N SER M 18 -29.94 8.57 -53.38
CA SER M 18 -29.43 9.93 -53.24
C SER M 18 -27.90 10.01 -53.27
N VAL M 19 -27.22 8.87 -53.39
CA VAL M 19 -25.76 8.82 -53.33
C VAL M 19 -25.26 7.86 -54.41
N ALA M 20 -24.11 8.18 -55.00
CA ALA M 20 -23.57 7.39 -56.10
C ALA M 20 -22.40 6.51 -55.68
N LEU M 21 -21.84 6.70 -54.48
CA LEU M 21 -20.65 6.00 -54.05
C LEU M 21 -20.96 5.17 -52.81
N GLY M 22 -20.62 3.88 -52.87
CA GLY M 22 -20.75 2.99 -51.74
C GLY M 22 -19.51 2.11 -51.62
N ARG M 23 -19.54 1.20 -50.65
CA ARG M 23 -18.42 0.32 -50.40
C ARG M 23 -18.89 -1.11 -50.14
N ILE M 24 -18.21 -2.06 -50.76
CA ILE M 24 -18.45 -3.49 -50.55
C ILE M 24 -17.43 -3.99 -49.54
N VAL M 25 -17.90 -4.74 -48.55
CA VAL M 25 -17.05 -5.30 -47.50
C VAL M 25 -17.01 -6.80 -47.66
N THR M 26 -15.82 -7.34 -47.90
CA THR M 26 -15.60 -8.78 -48.04
C THR M 26 -14.92 -9.31 -46.79
N THR M 27 -15.13 -10.60 -46.51
CA THR M 27 -14.63 -11.21 -45.28
C THR M 27 -14.19 -12.64 -45.56
N VAL M 28 -12.94 -12.96 -45.19
CA VAL M 28 -12.42 -14.32 -45.21
C VAL M 28 -11.57 -14.52 -43.95
N ASP M 29 -11.64 -15.74 -43.41
CA ASP M 29 -10.88 -16.09 -42.21
C ASP M 29 -11.14 -15.11 -41.07
N ASN M 30 -10.09 -14.44 -40.61
CA ASN M 30 -10.23 -13.37 -39.64
C ASN M 30 -10.27 -12.00 -40.30
N THR M 31 -9.69 -11.87 -41.49
CA THR M 31 -9.47 -10.57 -42.11
C THR M 31 -10.70 -10.12 -42.89
N SER M 32 -10.65 -8.86 -43.32
CA SER M 32 -11.70 -8.27 -44.14
C SER M 32 -11.08 -7.27 -45.10
N HIS M 33 -11.80 -6.98 -46.16
CA HIS M 33 -11.39 -5.98 -47.14
C HIS M 33 -12.60 -5.14 -47.52
N ILE M 34 -12.34 -3.90 -47.91
CA ILE M 34 -13.40 -2.96 -48.26
C ILE M 34 -13.06 -2.33 -49.61
N PHE M 35 -14.06 -2.19 -50.46
CA PHE M 35 -13.87 -1.73 -51.83
C PHE M 35 -14.85 -0.62 -52.16
N PRO M 36 -14.41 0.62 -52.26
CA PRO M 36 -15.30 1.68 -52.73
C PRO M 36 -15.79 1.39 -54.14
N ILE M 37 -17.09 1.57 -54.36
CA ILE M 37 -17.72 1.24 -55.63
C ILE M 37 -18.68 2.35 -56.04
N ASN M 38 -18.79 2.55 -57.36
CA ASN M 38 -19.85 3.36 -57.95
C ASN M 38 -21.05 2.46 -58.18
N PHE M 39 -22.18 2.78 -57.55
CA PHE M 39 -23.32 1.90 -57.51
C PHE M 39 -24.61 2.64 -57.84
N VAL M 40 -25.61 1.86 -58.26
CA VAL M 40 -26.98 2.33 -58.41
C VAL M 40 -27.90 1.26 -57.83
N VAL M 41 -29.11 1.69 -57.45
CA VAL M 41 -30.14 0.80 -56.92
C VAL M 41 -31.06 0.41 -58.06
N GLN M 42 -31.34 -0.89 -58.18
CA GLN M 42 -32.20 -1.43 -59.24
C GLN M 42 -33.10 -2.49 -58.65
N ASN M 43 -34.36 -2.13 -58.38
CA ASN M 43 -35.37 -3.08 -57.92
C ASN M 43 -34.98 -3.70 -56.59
N ARG M 44 -34.67 -2.85 -55.62
CA ARG M 44 -34.18 -3.29 -54.31
C ARG M 44 -33.02 -4.27 -54.46
N THR M 45 -31.98 -3.78 -55.16
CA THR M 45 -30.76 -4.52 -55.41
C THR M 45 -29.67 -3.51 -55.70
N VAL M 46 -28.48 -3.81 -55.22
CA VAL M 46 -27.33 -2.96 -55.43
C VAL M 46 -26.60 -3.45 -56.67
N LEU M 47 -26.48 -2.57 -57.67
CA LEU M 47 -25.78 -2.87 -58.92
C LEU M 47 -24.56 -1.98 -59.05
N PHE M 48 -23.41 -2.60 -59.29
CA PHE M 48 -22.16 -1.91 -59.56
C PHE M 48 -21.42 -2.71 -60.62
N ARG M 49 -20.52 -2.06 -61.35
CA ARG M 49 -19.72 -2.77 -62.32
C ARG M 49 -18.29 -2.91 -61.82
N THR M 50 -17.63 -3.95 -62.29
CA THR M 50 -16.34 -4.42 -61.78
C THR M 50 -15.28 -4.33 -62.88
N ALA M 51 -14.02 -4.37 -62.46
CA ALA M 51 -12.89 -4.43 -63.39
C ALA M 51 -12.29 -5.84 -63.36
N GLU M 52 -12.18 -6.46 -64.53
CA GLU M 52 -11.78 -7.86 -64.59
C GLU M 52 -10.36 -8.04 -64.06
N GLY M 53 -10.14 -9.14 -63.35
CA GLY M 53 -8.82 -9.48 -62.84
C GLY M 53 -8.44 -8.81 -61.54
N THR M 54 -9.35 -8.06 -60.91
CA THR M 54 -9.05 -7.41 -59.65
C THR M 54 -9.51 -8.27 -58.47
N LYS M 55 -8.94 -7.97 -57.30
CA LYS M 55 -9.27 -8.73 -56.10
C LYS M 55 -10.74 -8.57 -55.73
N LEU M 56 -11.37 -7.46 -56.11
CA LEU M 56 -12.77 -7.25 -55.79
C LEU M 56 -13.65 -8.31 -56.46
N VAL M 57 -13.34 -8.66 -57.71
CA VAL M 57 -14.09 -9.71 -58.38
C VAL M 57 -13.96 -11.02 -57.62
N SER M 58 -12.72 -11.45 -57.37
CA SER M 58 -12.47 -12.77 -56.79
C SER M 58 -13.05 -12.89 -55.38
N ALA M 59 -13.10 -11.79 -54.63
CA ALA M 59 -13.51 -11.84 -53.23
C ALA M 59 -15.02 -11.68 -53.03
N ALA M 60 -15.75 -11.19 -54.02
CA ALA M 60 -17.16 -10.89 -53.85
C ALA M 60 -18.09 -11.92 -54.46
N ILE M 61 -17.69 -12.56 -55.57
CA ILE M 61 -18.60 -13.43 -56.30
C ILE M 61 -19.10 -14.57 -55.41
N ASN M 62 -20.41 -14.85 -55.53
CA ASN M 62 -21.09 -15.91 -54.79
C ASN M 62 -20.63 -16.00 -53.33
N ASN M 63 -20.38 -14.87 -52.71
CA ASN M 63 -20.02 -14.80 -51.30
C ASN M 63 -20.94 -13.81 -50.61
N ASN M 64 -21.17 -14.05 -49.32
CA ASN M 64 -21.98 -13.13 -48.53
C ASN M 64 -21.19 -11.87 -48.26
N VAL M 65 -21.60 -10.78 -48.90
CA VAL M 65 -20.87 -9.51 -48.81
C VAL M 65 -21.68 -8.51 -48.00
N LEU M 66 -21.10 -7.33 -47.80
CA LEU M 66 -21.77 -6.22 -47.12
C LEU M 66 -21.68 -4.99 -48.02
N PHE M 67 -22.78 -4.26 -48.12
CA PHE M 67 -22.80 -2.99 -48.82
C PHE M 67 -23.22 -1.88 -47.87
N GLU M 68 -22.60 -0.71 -48.03
CA GLU M 68 -22.87 0.42 -47.16
C GLU M 68 -22.78 1.72 -47.94
N ALA M 69 -23.66 2.66 -47.60
CA ALA M 69 -23.64 4.01 -48.17
C ALA M 69 -24.16 4.97 -47.12
N ASP M 70 -23.72 6.22 -47.19
CA ASP M 70 -24.07 7.19 -46.16
C ASP M 70 -23.96 8.60 -46.72
N ASP M 71 -24.45 9.55 -45.94
CA ASP M 71 -24.39 10.98 -46.27
C ASP M 71 -24.66 11.75 -44.98
N HIS M 72 -24.26 13.02 -44.98
CA HIS M 72 -24.37 13.81 -43.75
C HIS M 72 -24.19 15.29 -44.07
N ASP M 73 -24.65 16.13 -43.14
CA ASP M 73 -24.20 17.51 -43.03
C ASP M 73 -23.73 17.78 -41.62
N VAL M 74 -23.63 19.06 -41.23
CA VAL M 74 -23.07 19.40 -39.93
C VAL M 74 -23.98 18.97 -38.78
N GLU M 75 -25.29 18.82 -39.01
CA GLU M 75 -26.21 18.54 -37.92
C GLU M 75 -26.62 17.07 -37.83
N GLN M 76 -26.75 16.34 -38.93
CA GLN M 76 -27.12 14.93 -38.88
C GLN M 76 -26.51 14.17 -40.04
N GLY M 77 -26.63 12.85 -39.98
CA GLY M 77 -26.31 11.99 -41.09
C GLY M 77 -27.11 10.71 -41.06
N TRP M 78 -27.08 9.99 -42.17
CA TRP M 78 -27.77 8.71 -42.29
C TRP M 78 -26.84 7.69 -42.91
N SER M 79 -27.17 6.41 -42.71
CA SER M 79 -26.38 5.33 -43.29
C SER M 79 -27.28 4.12 -43.51
N VAL M 80 -26.96 3.34 -44.53
CA VAL M 80 -27.69 2.14 -44.89
C VAL M 80 -26.69 1.01 -45.06
N ILE M 81 -26.96 -0.13 -44.44
CA ILE M 81 -26.12 -1.32 -44.55
C ILE M 81 -26.95 -2.44 -45.17
N VAL M 82 -26.40 -3.06 -46.21
CA VAL M 82 -27.05 -4.16 -46.91
C VAL M 82 -26.17 -5.39 -46.79
N ARG M 83 -26.72 -6.46 -46.23
CA ARG M 83 -26.10 -7.77 -46.30
C ARG M 83 -26.78 -8.59 -47.37
N GLY M 84 -26.00 -9.40 -48.07
CA GLY M 84 -26.55 -10.21 -49.13
C GLY M 84 -25.45 -10.99 -49.81
N VAL M 85 -25.76 -11.46 -51.03
CA VAL M 85 -24.85 -12.28 -51.81
C VAL M 85 -24.58 -11.57 -53.14
N ALA M 86 -23.31 -11.35 -53.44
CA ALA M 86 -22.93 -10.76 -54.71
C ALA M 86 -22.95 -11.84 -55.79
N ARG M 87 -23.68 -11.58 -56.87
CA ARG M 87 -23.82 -12.52 -57.96
C ARG M 87 -23.55 -11.80 -59.28
N THR M 88 -22.64 -12.37 -60.08
CA THR M 88 -22.39 -11.83 -61.41
C THR M 88 -23.61 -12.05 -62.29
N VAL M 89 -23.90 -11.08 -63.16
CA VAL M 89 -25.05 -11.16 -64.04
C VAL M 89 -24.60 -11.63 -65.41
N ARG M 90 -25.30 -12.64 -65.93
CA ARG M 90 -25.10 -13.12 -67.29
C ARG M 90 -26.42 -13.39 -68.01
N ASP M 91 -27.53 -13.51 -67.28
CA ASP M 91 -28.84 -13.67 -67.89
C ASP M 91 -29.12 -12.51 -68.84
N GLU M 92 -29.66 -12.85 -70.01
CA GLU M 92 -29.99 -11.84 -71.01
C GLU M 92 -30.92 -10.76 -70.45
N ALA M 93 -31.82 -11.14 -69.55
CA ALA M 93 -32.83 -10.20 -69.08
C ALA M 93 -32.21 -9.13 -68.19
N ASP M 94 -31.40 -9.54 -67.22
CA ASP M 94 -30.90 -8.59 -66.23
C ASP M 94 -29.58 -7.95 -66.65
N LEU M 95 -28.91 -8.49 -67.67
CA LEU M 95 -27.84 -7.77 -68.36
C LEU M 95 -28.43 -6.57 -69.10
N ALA M 96 -29.55 -6.79 -69.78
CA ALA M 96 -30.30 -5.69 -70.40
C ALA M 96 -30.79 -4.71 -69.36
N GLU M 97 -31.26 -5.22 -68.21
CA GLU M 97 -31.65 -4.33 -67.12
C GLU M 97 -30.43 -3.62 -66.54
N ALA M 98 -29.29 -4.32 -66.46
CA ALA M 98 -28.09 -3.70 -65.92
C ALA M 98 -27.61 -2.55 -66.79
N GLN M 99 -27.78 -2.66 -68.11
CA GLN M 99 -27.32 -1.60 -69.02
C GLN M 99 -28.22 -0.38 -68.99
N ARG M 100 -29.38 -0.44 -68.33
CA ARG M 100 -30.07 0.81 -68.02
C ARG M 100 -29.25 1.64 -67.04
N ALA M 101 -28.50 0.96 -66.15
CA ALA M 101 -27.37 1.51 -65.41
C ALA M 101 -27.60 2.90 -64.84
N GLU M 102 -27.33 3.93 -65.65
CA GLU M 102 -27.19 5.31 -65.19
C GLU M 102 -26.02 5.46 -64.22
N LEU M 103 -25.00 4.62 -64.41
CA LEU M 103 -23.75 4.76 -63.69
C LEU M 103 -22.87 5.78 -64.39
N LEU M 104 -21.74 6.09 -63.77
CA LEU M 104 -20.86 7.08 -64.35
C LEU M 104 -19.94 6.46 -65.41
N PRO M 105 -19.60 7.22 -66.47
CA PRO M 105 -18.79 6.74 -67.60
C PRO M 105 -17.50 6.03 -67.18
N THR M 112 -15.42 -5.61 -67.75
CA THR M 112 -16.71 -4.99 -68.09
C THR M 112 -17.86 -5.74 -67.39
N HIS M 113 -17.51 -6.69 -66.53
CA HIS M 113 -18.53 -7.50 -65.86
C HIS M 113 -19.39 -6.63 -64.94
N TRP M 114 -20.63 -7.03 -64.78
CA TRP M 114 -21.56 -6.42 -63.84
C TRP M 114 -21.80 -7.38 -62.68
N VAL M 115 -21.98 -6.81 -61.49
CA VAL M 115 -22.21 -7.58 -60.27
C VAL M 115 -23.38 -6.98 -59.52
N ARG M 116 -24.16 -7.83 -58.86
CA ARG M 116 -25.28 -7.33 -58.09
C ARG M 116 -25.42 -8.06 -56.77
N VAL M 117 -25.64 -7.28 -55.71
CA VAL M 117 -25.81 -7.80 -54.37
C VAL M 117 -27.31 -8.07 -54.18
N LEU M 118 -27.67 -9.34 -54.09
CA LEU M 118 -29.05 -9.71 -53.79
C LEU M 118 -29.25 -9.63 -52.29
N PRO M 119 -30.02 -8.66 -51.81
CA PRO M 119 -30.02 -8.36 -50.37
C PRO M 119 -30.61 -9.49 -49.53
N THR M 120 -29.89 -9.86 -48.47
CA THR M 120 -30.44 -10.71 -47.43
C THR M 120 -31.27 -9.88 -46.45
N GLN M 121 -30.80 -8.68 -46.13
CA GLN M 121 -31.47 -7.77 -45.21
C GLN M 121 -30.89 -6.37 -45.42
N ILE M 122 -31.67 -5.36 -45.03
CA ILE M 122 -31.26 -3.97 -45.22
C ILE M 122 -31.69 -3.18 -43.98
N THR M 123 -30.74 -2.42 -43.42
CA THR M 123 -30.97 -1.63 -42.22
C THR M 123 -30.43 -0.22 -42.42
N GLY M 124 -30.95 0.70 -41.63
CA GLY M 124 -30.53 2.09 -41.73
C GLY M 124 -30.74 2.82 -40.43
N ARG M 125 -29.86 3.77 -40.15
CA ARG M 125 -29.95 4.61 -38.97
C ARG M 125 -29.81 6.07 -39.37
N ARG M 126 -30.27 6.95 -38.49
CA ARG M 126 -30.04 8.38 -38.62
C ARG M 126 -29.45 8.89 -37.31
N PHE M 127 -28.47 9.80 -37.44
CA PHE M 127 -27.62 10.19 -36.32
C PHE M 127 -27.57 11.70 -36.24
N ARG M 128 -27.80 12.24 -35.06
CA ARG M 128 -27.70 13.69 -34.86
C ARG M 128 -26.32 14.06 -34.36
N PHE M 129 -26.03 15.37 -34.40
CA PHE M 129 -24.71 15.87 -34.02
C PHE M 129 -24.83 17.10 -33.12
N THR N 5 -2.48 7.54 -59.69
CA THR N 5 -3.52 6.57 -59.40
C THR N 5 -3.31 5.95 -58.02
N ILE N 6 -2.06 5.78 -57.63
CA ILE N 6 -1.68 5.34 -56.28
C ILE N 6 -1.31 6.57 -55.47
N LEU N 7 -1.80 6.63 -54.24
CA LEU N 7 -1.60 7.78 -53.37
C LEU N 7 -0.49 7.53 -52.36
N SER N 8 0.23 8.59 -52.03
CA SER N 8 1.26 8.55 -51.01
C SER N 8 0.64 8.77 -49.63
N ALA N 9 1.38 8.34 -48.59
CA ALA N 9 0.90 8.51 -47.23
C ALA N 9 0.60 9.96 -46.92
N THR N 10 1.39 10.88 -47.47
CA THR N 10 1.15 12.31 -47.24
C THR N 10 -0.19 12.73 -47.82
N GLU N 11 -0.53 12.25 -49.02
CA GLU N 11 -1.81 12.58 -49.61
C GLU N 11 -2.95 11.94 -48.82
N CYS N 12 -2.79 10.67 -48.43
CA CYS N 12 -3.84 9.96 -47.73
C CYS N 12 -4.25 10.68 -46.46
N TRP N 13 -3.28 10.97 -45.58
CA TRP N 13 -3.59 11.65 -44.33
C TRP N 13 -4.23 13.01 -44.58
N ASP N 14 -3.75 13.72 -45.62
CA ASP N 14 -4.30 15.03 -45.92
C ASP N 14 -5.70 14.91 -46.51
N LEU N 15 -5.92 13.98 -47.43
CA LEU N 15 -7.25 13.78 -47.99
C LEU N 15 -8.24 13.37 -46.91
N LEU N 16 -7.80 12.55 -45.95
CA LEU N 16 -8.68 12.15 -44.85
C LEU N 16 -9.22 13.36 -44.10
N LYS N 17 -8.40 14.40 -43.94
CA LYS N 17 -8.83 15.59 -43.21
C LYS N 17 -9.93 16.34 -43.94
N SER N 18 -10.02 16.20 -45.27
CA SER N 18 -11.05 16.88 -46.06
C SER N 18 -12.45 16.33 -45.84
N VAL N 19 -12.58 15.25 -45.08
CA VAL N 19 -13.84 14.53 -44.93
C VAL N 19 -14.11 14.31 -43.45
N ALA N 20 -15.37 14.48 -43.05
CA ALA N 20 -15.75 14.39 -41.64
C ALA N 20 -16.40 13.06 -41.26
N LEU N 21 -16.71 12.20 -42.23
CA LEU N 21 -17.41 10.95 -41.97
C LEU N 21 -16.62 9.78 -42.53
N GLY N 22 -16.43 8.76 -41.70
CA GLY N 22 -15.75 7.56 -42.12
C GLY N 22 -16.46 6.30 -41.66
N ARG N 23 -15.84 5.14 -41.87
CA ARG N 23 -16.45 3.87 -41.48
C ARG N 23 -15.41 2.99 -40.82
N ILE N 24 -15.79 2.39 -39.70
CA ILE N 24 -14.98 1.40 -38.99
C ILE N 24 -15.51 0.02 -39.35
N VAL N 25 -14.65 -0.83 -39.89
CA VAL N 25 -15.04 -2.19 -40.27
C VAL N 25 -14.46 -3.15 -39.23
N THR N 26 -15.35 -3.79 -38.49
CA THR N 26 -15.00 -4.75 -37.46
C THR N 26 -15.24 -6.16 -37.96
N THR N 27 -14.35 -7.09 -37.60
CA THR N 27 -14.51 -8.49 -38.00
C THR N 27 -14.24 -9.40 -36.81
N VAL N 28 -15.27 -10.12 -36.39
CA VAL N 28 -15.13 -11.22 -35.44
C VAL N 28 -15.57 -12.50 -36.15
N ASP N 29 -14.89 -13.61 -35.84
CA ASP N 29 -15.11 -14.87 -36.54
C ASP N 29 -14.95 -14.64 -38.04
N ASN N 30 -15.98 -14.93 -38.83
CA ASN N 30 -15.97 -14.56 -40.25
C ASN N 30 -17.15 -13.65 -40.60
N THR N 31 -17.70 -12.93 -39.63
CA THR N 31 -18.76 -11.96 -39.87
C THR N 31 -18.21 -10.56 -39.71
N SER N 32 -18.53 -9.69 -40.67
CA SER N 32 -18.08 -8.30 -40.67
C SER N 32 -19.22 -7.38 -40.28
N HIS N 33 -18.88 -6.30 -39.59
CA HIS N 33 -19.79 -5.22 -39.30
C HIS N 33 -19.10 -3.90 -39.58
N ILE N 34 -19.90 -2.88 -39.92
CA ILE N 34 -19.39 -1.58 -40.32
C ILE N 34 -20.08 -0.52 -39.49
N PHE N 35 -19.31 0.48 -39.06
CA PHE N 35 -19.81 1.53 -38.17
C PHE N 35 -19.44 2.90 -38.74
N PRO N 36 -20.39 3.63 -39.30
CA PRO N 36 -20.10 5.01 -39.72
C PRO N 36 -19.78 5.87 -38.50
N ILE N 37 -18.68 6.61 -38.57
CA ILE N 37 -18.23 7.43 -37.46
C ILE N 37 -17.87 8.82 -37.98
N ASN N 38 -18.05 9.80 -37.11
CA ASN N 38 -17.48 11.14 -37.30
C ASN N 38 -16.06 11.13 -36.73
N PHE N 39 -15.11 11.63 -37.51
CA PHE N 39 -13.69 11.46 -37.17
C PHE N 39 -12.90 12.70 -37.55
N VAL N 40 -11.69 12.80 -36.98
CA VAL N 40 -10.69 13.78 -37.37
C VAL N 40 -9.33 13.09 -37.37
N VAL N 41 -8.34 13.75 -37.97
CA VAL N 41 -6.98 13.25 -38.06
C VAL N 41 -6.11 13.99 -37.06
N GLN N 42 -5.27 13.24 -36.34
CA GLN N 42 -4.33 13.81 -35.38
C GLN N 42 -3.07 12.95 -35.36
N ASN N 43 -1.93 13.56 -35.70
CA ASN N 43 -0.62 12.90 -35.58
C ASN N 43 -0.61 11.54 -36.28
N ARG N 44 -1.22 11.49 -37.47
CA ARG N 44 -1.35 10.25 -38.22
C ARG N 44 -2.08 9.17 -37.42
N THR N 45 -3.16 9.58 -36.75
CA THR N 45 -4.09 8.65 -36.13
C THR N 45 -5.51 9.11 -36.47
N VAL N 46 -6.46 8.20 -36.37
CA VAL N 46 -7.86 8.45 -36.68
C VAL N 46 -8.62 8.51 -35.36
N LEU N 47 -8.97 9.72 -34.93
CA LEU N 47 -9.62 9.94 -33.65
C LEU N 47 -11.13 10.04 -33.85
N PHE N 48 -11.89 9.35 -33.00
CA PHE N 48 -13.34 9.44 -33.03
C PHE N 48 -13.88 9.29 -31.62
N ARG N 49 -15.16 9.63 -31.47
CA ARG N 49 -15.84 9.61 -30.19
C ARG N 49 -16.94 8.57 -30.24
N THR N 50 -16.90 7.63 -29.29
CA THR N 50 -17.88 6.56 -29.23
C THR N 50 -18.76 6.71 -28.00
N ALA N 51 -19.91 6.05 -28.03
CA ALA N 51 -20.86 6.04 -26.93
C ALA N 51 -20.74 4.73 -26.17
N GLU N 52 -20.63 4.81 -24.85
CA GLU N 52 -20.53 3.61 -24.03
C GLU N 52 -21.82 2.81 -24.09
N GLY N 53 -21.69 1.49 -24.01
CA GLY N 53 -22.81 0.59 -24.12
C GLY N 53 -23.21 0.23 -25.53
N THR N 54 -22.64 0.87 -26.53
CA THR N 54 -22.93 0.58 -27.92
C THR N 54 -22.02 -0.52 -28.45
N LYS N 55 -22.50 -1.25 -29.45
CA LYS N 55 -21.73 -2.38 -29.99
C LYS N 55 -20.43 -1.92 -30.63
N LEU N 56 -20.30 -0.63 -30.96
CA LEU N 56 -19.04 -0.14 -31.52
C LEU N 56 -17.91 -0.28 -30.51
N VAL N 57 -18.19 -0.02 -29.23
CA VAL N 57 -17.18 -0.19 -28.19
C VAL N 57 -16.76 -1.65 -28.10
N SER N 58 -17.73 -2.55 -27.96
CA SER N 58 -17.42 -3.97 -27.78
C SER N 58 -16.74 -4.56 -29.00
N ALA N 59 -16.98 -3.99 -30.17
CA ALA N 59 -16.45 -4.57 -31.41
C ALA N 59 -15.08 -4.05 -31.80
N ALA N 60 -14.77 -2.79 -31.46
CA ALA N 60 -13.59 -2.12 -32.00
C ALA N 60 -12.38 -2.15 -31.05
N ILE N 61 -12.57 -1.79 -29.79
CA ILE N 61 -11.44 -1.49 -28.91
C ILE N 61 -10.54 -2.71 -28.79
N ASN N 62 -9.23 -2.48 -28.95
CA ASN N 62 -8.17 -3.47 -28.80
C ASN N 62 -8.21 -4.56 -29.85
N ASN N 63 -8.95 -4.38 -30.94
CA ASN N 63 -9.04 -5.32 -32.03
C ASN N 63 -8.50 -4.70 -33.31
N ASN N 64 -8.07 -5.55 -34.23
CA ASN N 64 -7.67 -5.06 -35.56
C ASN N 64 -8.91 -4.62 -36.33
N VAL N 65 -8.88 -3.38 -36.81
CA VAL N 65 -10.03 -2.78 -37.47
C VAL N 65 -9.60 -2.20 -38.81
N LEU N 66 -10.60 -1.88 -39.63
CA LEU N 66 -10.42 -1.12 -40.86
C LEU N 66 -11.10 0.23 -40.72
N PHE N 67 -10.43 1.28 -41.18
CA PHE N 67 -11.05 2.59 -41.29
C PHE N 67 -10.99 3.04 -42.73
N GLU N 68 -12.12 3.50 -43.25
CA GLU N 68 -12.26 3.90 -44.64
C GLU N 68 -12.88 5.29 -44.72
N ALA N 69 -12.40 6.10 -45.67
CA ALA N 69 -13.02 7.37 -46.01
C ALA N 69 -12.77 7.63 -47.48
N ASP N 70 -13.64 8.46 -48.07
CA ASP N 70 -13.54 8.73 -49.50
C ASP N 70 -14.34 9.97 -49.84
N ASP N 71 -14.15 10.43 -51.08
CA ASP N 71 -14.90 11.53 -51.66
C ASP N 71 -14.84 11.38 -53.17
N HIS N 72 -15.75 12.08 -53.85
CA HIS N 72 -15.83 11.96 -55.31
C HIS N 72 -16.69 13.11 -55.85
N ASP N 73 -16.46 13.43 -57.12
CA ASP N 73 -17.33 14.37 -57.84
C ASP N 73 -17.89 13.70 -59.09
N VAL N 74 -18.24 14.50 -60.10
CA VAL N 74 -18.85 13.97 -61.31
C VAL N 74 -17.87 13.15 -62.12
N GLU N 75 -16.57 13.40 -61.97
CA GLU N 75 -15.56 12.85 -62.87
C GLU N 75 -14.49 12.02 -62.19
N GLN N 76 -14.29 12.12 -60.87
CA GLN N 76 -13.21 11.41 -60.22
C GLN N 76 -13.52 11.27 -58.73
N GLY N 77 -12.74 10.42 -58.08
CA GLY N 77 -12.89 10.20 -56.65
C GLY N 77 -11.68 9.52 -56.07
N TRP N 78 -11.51 9.68 -54.75
CA TRP N 78 -10.41 9.09 -54.01
C TRP N 78 -10.95 8.34 -52.81
N SER N 79 -10.15 7.41 -52.29
CA SER N 79 -10.49 6.68 -51.08
C SER N 79 -9.21 6.34 -50.33
N VAL N 80 -9.35 6.11 -49.03
CA VAL N 80 -8.22 5.84 -48.14
C VAL N 80 -8.61 4.72 -47.18
N ILE N 81 -7.81 3.67 -47.14
CA ILE N 81 -7.98 2.56 -46.19
C ILE N 81 -6.90 2.68 -45.13
N VAL N 82 -7.29 2.54 -43.86
CA VAL N 82 -6.35 2.45 -42.75
C VAL N 82 -6.59 1.14 -42.04
N ARG N 83 -5.52 0.35 -41.87
CA ARG N 83 -5.55 -0.83 -41.02
C ARG N 83 -4.81 -0.52 -39.74
N GLY N 84 -5.45 -0.79 -38.61
CA GLY N 84 -4.83 -0.54 -37.33
C GLY N 84 -5.62 -1.16 -36.20
N VAL N 85 -5.21 -0.80 -34.98
CA VAL N 85 -5.87 -1.26 -33.77
C VAL N 85 -6.52 -0.06 -33.09
N ALA N 86 -7.80 -0.18 -32.78
CA ALA N 86 -8.48 0.85 -32.00
C ALA N 86 -8.03 0.80 -30.55
N ARG N 87 -7.65 1.96 -30.01
CA ARG N 87 -7.16 2.06 -28.64
C ARG N 87 -7.88 3.18 -27.91
N THR N 88 -8.19 2.94 -26.64
CA THR N 88 -8.86 3.95 -25.83
C THR N 88 -7.88 5.05 -25.41
N VAL N 89 -8.33 6.29 -25.49
CA VAL N 89 -7.56 7.43 -25.01
C VAL N 89 -7.67 7.48 -23.49
N ARG N 90 -6.53 7.32 -22.79
CA ARG N 90 -6.61 7.12 -21.36
C ARG N 90 -5.43 7.65 -20.55
N ASP N 91 -4.56 8.49 -21.10
CA ASP N 91 -3.62 9.23 -20.27
C ASP N 91 -3.76 10.72 -20.55
N GLU N 92 -3.10 11.54 -19.73
CA GLU N 92 -3.37 12.98 -19.74
C GLU N 92 -3.01 13.60 -21.08
N ALA N 93 -1.82 13.28 -21.60
CA ALA N 93 -1.38 13.90 -22.85
C ALA N 93 -2.28 13.50 -24.00
N ASP N 94 -2.66 12.22 -24.09
CA ASP N 94 -3.54 11.77 -25.15
C ASP N 94 -4.92 12.41 -25.03
N LEU N 95 -5.42 12.54 -23.80
CA LEU N 95 -6.74 13.15 -23.62
C LEU N 95 -6.69 14.65 -23.94
N ALA N 96 -5.61 15.33 -23.50
CA ALA N 96 -5.47 16.75 -23.79
C ALA N 96 -5.44 16.99 -25.29
N GLU N 97 -4.83 16.07 -26.04
CA GLU N 97 -4.81 16.20 -27.50
C GLU N 97 -6.16 15.87 -28.12
N ALA N 98 -6.92 14.95 -27.52
CA ALA N 98 -8.21 14.59 -28.08
C ALA N 98 -9.25 15.69 -27.91
N GLN N 99 -9.14 16.49 -26.84
CA GLN N 99 -10.19 17.45 -26.53
C GLN N 99 -10.18 18.67 -27.44
N ARG N 100 -9.05 18.98 -28.07
CA ARG N 100 -9.00 20.05 -29.08
C ARG N 100 -9.02 19.47 -30.48
N ALA N 101 -9.81 18.42 -30.70
CA ALA N 101 -9.87 17.77 -32.01
C ALA N 101 -10.79 18.48 -32.99
N GLU N 102 -11.71 19.30 -32.49
CA GLU N 102 -12.67 20.02 -33.34
C GLU N 102 -13.52 19.04 -34.15
N LEU N 103 -14.19 18.15 -33.42
CA LEU N 103 -15.12 17.20 -34.01
C LEU N 103 -16.49 17.86 -34.15
N LEU N 104 -17.53 17.07 -34.35
CA LEU N 104 -18.89 17.58 -34.36
C LEU N 104 -19.43 17.64 -32.94
N PRO N 105 -20.45 18.49 -32.69
CA PRO N 105 -20.90 18.72 -31.30
C PRO N 105 -21.43 17.51 -30.55
N TRP N 106 -21.20 16.31 -31.08
CA TRP N 106 -21.64 15.06 -30.45
C TRP N 106 -23.14 15.10 -30.18
N THR N 107 -23.53 15.45 -28.95
CA THR N 107 -24.93 15.70 -28.61
C THR N 107 -25.06 16.30 -27.21
N ALA N 108 -26.04 15.82 -26.43
CA ALA N 108 -26.29 16.34 -25.09
C ALA N 108 -25.21 15.93 -24.08
N THR N 109 -24.15 15.24 -24.52
CA THR N 109 -23.05 14.79 -23.68
C THR N 109 -23.49 13.74 -22.66
N ALA N 110 -23.57 12.49 -23.11
CA ALA N 110 -23.60 11.35 -22.20
C ALA N 110 -22.16 10.93 -21.92
N LYS N 111 -22.00 9.91 -21.08
CA LYS N 111 -20.67 9.38 -20.80
C LYS N 111 -19.97 8.97 -22.10
N THR N 112 -18.93 9.72 -22.47
CA THR N 112 -18.26 9.55 -23.75
C THR N 112 -17.09 8.59 -23.62
N HIS N 113 -16.29 8.49 -24.67
CA HIS N 113 -15.21 7.50 -24.75
C HIS N 113 -14.36 7.77 -25.99
N TRP N 114 -13.22 8.42 -25.81
CA TRP N 114 -12.34 8.73 -26.94
C TRP N 114 -11.60 7.48 -27.38
N VAL N 115 -11.50 7.29 -28.70
CA VAL N 115 -10.83 6.14 -29.29
C VAL N 115 -9.98 6.61 -30.46
N ARG N 116 -8.75 6.11 -30.54
CA ARG N 116 -7.90 6.32 -31.70
C ARG N 116 -7.68 5.01 -32.42
N VAL N 117 -7.61 5.09 -33.74
CA VAL N 117 -7.12 3.99 -34.56
C VAL N 117 -5.63 4.24 -34.78
N LEU N 118 -4.79 3.43 -34.14
CA LEU N 118 -3.35 3.54 -34.32
C LEU N 118 -2.94 2.74 -35.56
N PRO N 119 -2.46 3.38 -36.61
CA PRO N 119 -2.35 2.69 -37.91
C PRO N 119 -1.16 1.74 -37.97
N THR N 120 -1.41 0.58 -38.57
CA THR N 120 -0.36 -0.32 -39.03
C THR N 120 0.00 -0.05 -40.49
N GLN N 121 -0.96 0.43 -41.28
CA GLN N 121 -0.78 0.63 -42.71
C GLN N 121 -1.86 1.56 -43.22
N ILE N 122 -1.50 2.46 -44.14
CA ILE N 122 -2.44 3.38 -44.77
C ILE N 122 -2.20 3.37 -46.28
N THR N 123 -3.28 3.23 -47.05
CA THR N 123 -3.20 3.19 -48.50
C THR N 123 -4.30 4.07 -49.07
N GLY N 124 -4.04 4.61 -50.27
CA GLY N 124 -4.98 5.49 -50.92
C GLY N 124 -5.00 5.27 -52.42
N ARG N 125 -6.14 5.53 -53.03
CA ARG N 125 -6.33 5.35 -54.46
C ARG N 125 -7.15 6.49 -55.03
N ARG N 126 -6.82 6.86 -56.26
CA ARG N 126 -7.61 7.75 -57.08
C ARG N 126 -8.29 6.93 -58.17
N PHE N 127 -9.51 7.29 -58.54
CA PHE N 127 -10.28 6.52 -59.53
C PHE N 127 -10.91 7.47 -60.53
N ARG N 128 -10.57 7.30 -61.81
CA ARG N 128 -11.11 8.09 -62.90
C ARG N 128 -12.38 7.45 -63.45
N PHE N 129 -13.27 8.28 -63.98
CA PHE N 129 -14.48 7.80 -64.62
C PHE N 129 -14.52 8.18 -66.10
N THR O 5 -22.68 -59.01 9.00
CA THR O 5 -22.45 -60.45 9.13
C THR O 5 -21.01 -60.84 8.78
N ILE O 6 -20.54 -61.94 9.39
CA ILE O 6 -19.13 -62.34 9.33
C ILE O 6 -18.78 -62.94 7.97
N LEU O 7 -17.60 -62.60 7.49
CA LEU O 7 -17.04 -63.18 6.27
C LEU O 7 -16.01 -64.24 6.62
N SER O 8 -15.92 -65.25 5.75
CA SER O 8 -14.98 -66.34 5.91
C SER O 8 -13.57 -65.89 5.51
N ALA O 9 -12.58 -66.68 5.93
CA ALA O 9 -11.19 -66.35 5.65
C ALA O 9 -10.93 -66.24 4.17
N THR O 10 -11.53 -67.13 3.36
CA THR O 10 -11.36 -67.05 1.92
C THR O 10 -11.85 -65.71 1.39
N GLU O 11 -13.00 -65.24 1.87
CA GLU O 11 -13.51 -63.95 1.42
C GLU O 11 -12.58 -62.82 1.86
N CYS O 12 -12.11 -62.85 3.10
CA CYS O 12 -11.27 -61.78 3.61
C CYS O 12 -9.99 -61.65 2.79
N TRP O 13 -9.32 -62.78 2.53
CA TRP O 13 -8.00 -62.72 1.92
C TRP O 13 -8.05 -62.28 0.46
N ASP O 14 -9.13 -62.59 -0.24
CA ASP O 14 -9.29 -62.14 -1.62
C ASP O 14 -9.96 -60.78 -1.71
N LEU O 15 -10.77 -60.41 -0.71
CA LEU O 15 -11.23 -59.03 -0.64
C LEU O 15 -10.05 -58.07 -0.46
N LEU O 16 -9.00 -58.52 0.22
CA LEU O 16 -7.80 -57.69 0.34
C LEU O 16 -7.11 -57.51 -0.99
N LYS O 17 -7.19 -58.51 -1.87
CA LYS O 17 -6.54 -58.40 -3.18
C LYS O 17 -7.24 -57.42 -4.10
N SER O 18 -8.50 -57.08 -3.83
CA SER O 18 -9.25 -56.14 -4.65
C SER O 18 -8.89 -54.70 -4.37
N VAL O 19 -7.97 -54.44 -3.45
CA VAL O 19 -7.68 -53.09 -2.98
C VAL O 19 -6.17 -52.93 -2.88
N ALA O 20 -5.66 -51.79 -3.38
CA ALA O 20 -4.23 -51.55 -3.40
C ALA O 20 -3.71 -50.86 -2.15
N LEU O 21 -4.58 -50.20 -1.39
CA LEU O 21 -4.18 -49.35 -0.28
C LEU O 21 -4.78 -49.85 1.01
N GLY O 22 -3.93 -50.19 1.97
CA GLY O 22 -4.37 -50.57 3.30
C GLY O 22 -3.84 -49.63 4.35
N ARG O 23 -4.02 -49.95 5.64
CA ARG O 23 -3.54 -49.08 6.71
C ARG O 23 -2.98 -49.90 7.85
N ILE O 24 -1.77 -49.54 8.28
CA ILE O 24 -1.14 -50.13 9.45
C ILE O 24 -1.45 -49.24 10.65
N VAL O 25 -1.88 -49.85 11.75
CA VAL O 25 -2.13 -49.16 13.01
C VAL O 25 -1.15 -49.65 14.05
N THR O 26 -0.43 -48.72 14.68
CA THR O 26 0.58 -49.00 15.69
C THR O 26 0.12 -48.46 17.03
N THR O 27 0.44 -49.18 18.11
CA THR O 27 0.05 -48.74 19.46
C THR O 27 1.21 -48.94 20.41
N VAL O 28 1.59 -47.89 21.13
CA VAL O 28 2.59 -48.01 22.17
C VAL O 28 2.28 -46.97 23.24
N ASP O 29 2.40 -47.38 24.52
CA ASP O 29 2.06 -46.52 25.65
C ASP O 29 0.70 -45.86 25.45
N ASN O 30 -0.28 -46.65 25.02
CA ASN O 30 -1.68 -46.27 24.90
C ASN O 30 -1.92 -45.13 23.91
N THR O 31 -1.00 -44.92 22.98
CA THR O 31 -1.20 -43.98 21.90
C THR O 31 -1.16 -44.73 20.58
N SER O 32 -2.12 -44.47 19.71
CA SER O 32 -2.24 -45.16 18.44
C SER O 32 -1.76 -44.29 17.29
N HIS O 33 -1.15 -44.93 16.30
CA HIS O 33 -0.65 -44.27 15.11
C HIS O 33 -1.07 -45.07 13.89
N ILE O 34 -1.33 -44.37 12.78
CA ILE O 34 -1.86 -44.99 11.58
C ILE O 34 -0.97 -44.63 10.39
N PHE O 35 -0.79 -45.59 9.47
CA PHE O 35 0.09 -45.45 8.32
C PHE O 35 -0.55 -46.03 7.07
N PRO O 36 -0.96 -45.20 6.12
CA PRO O 36 -1.42 -45.73 4.83
C PRO O 36 -0.26 -46.40 4.10
N ILE O 37 -0.51 -47.61 3.58
CA ILE O 37 0.52 -48.38 2.88
C ILE O 37 -0.08 -49.04 1.64
N ASN O 38 0.75 -49.13 0.59
CA ASN O 38 0.45 -49.94 -0.57
C ASN O 38 0.92 -51.37 -0.29
N PHE O 39 0.04 -52.34 -0.55
CA PHE O 39 0.29 -53.71 -0.13
C PHE O 39 -0.18 -54.69 -1.19
N VAL O 40 0.32 -55.93 -1.06
CA VAL O 40 -0.17 -57.07 -1.83
C VAL O 40 -0.32 -58.25 -0.87
N VAL O 41 -1.19 -59.17 -1.26
CA VAL O 41 -1.42 -60.38 -0.47
C VAL O 41 -0.55 -61.50 -1.04
N GLN O 42 0.22 -62.15 -0.18
CA GLN O 42 1.10 -63.25 -0.57
C GLN O 42 1.05 -64.32 0.51
N ASN O 43 0.52 -65.48 0.17
CA ASN O 43 0.48 -66.64 1.07
C ASN O 43 -0.24 -66.30 2.38
N ARG O 44 -1.42 -65.69 2.25
CA ARG O 44 -2.20 -65.24 3.40
C ARG O 44 -1.33 -64.43 4.36
N THR O 45 -0.65 -63.43 3.79
CA THR O 45 0.26 -62.57 4.53
C THR O 45 0.31 -61.22 3.82
N VAL O 46 0.32 -60.16 4.60
CA VAL O 46 0.30 -58.80 4.06
C VAL O 46 1.73 -58.33 3.82
N LEU O 47 2.07 -58.06 2.56
CA LEU O 47 3.42 -57.69 2.17
C LEU O 47 3.44 -56.26 1.65
N PHE O 48 4.37 -55.47 2.17
CA PHE O 48 4.55 -54.09 1.75
C PHE O 48 6.01 -53.71 1.95
N ARG O 49 6.48 -52.75 1.16
CA ARG O 49 7.83 -52.23 1.32
C ARG O 49 7.78 -50.88 2.03
N THR O 50 8.80 -50.62 2.84
CA THR O 50 8.87 -49.42 3.66
C THR O 50 10.05 -48.55 3.27
N ALA O 51 9.89 -47.25 3.44
CA ALA O 51 10.97 -46.31 3.21
C ALA O 51 11.93 -46.32 4.40
N GLU O 52 13.22 -46.47 4.11
CA GLU O 52 14.22 -46.56 5.16
C GLU O 52 14.34 -45.23 5.90
N GLY O 53 14.41 -45.31 7.23
CA GLY O 53 14.57 -44.13 8.05
C GLY O 53 13.29 -43.38 8.36
N THR O 54 12.13 -43.99 8.17
CA THR O 54 10.85 -43.37 8.42
C THR O 54 10.24 -43.89 9.73
N LYS O 55 9.20 -43.21 10.20
CA LYS O 55 8.58 -43.58 11.46
C LYS O 55 7.75 -44.85 11.37
N LEU O 56 7.30 -45.22 10.17
CA LEU O 56 6.65 -46.52 10.01
C LEU O 56 7.60 -47.66 10.35
N VAL O 57 8.87 -47.54 9.95
CA VAL O 57 9.84 -48.61 10.19
C VAL O 57 10.03 -48.81 11.69
N SER O 58 10.16 -47.72 12.44
CA SER O 58 10.52 -47.82 13.84
C SER O 58 9.35 -48.28 14.71
N ALA O 59 8.12 -48.02 14.29
CA ALA O 59 6.96 -48.29 15.15
C ALA O 59 6.28 -49.62 14.85
N ALA O 60 6.62 -50.28 13.74
CA ALA O 60 5.89 -51.46 13.29
C ALA O 60 6.68 -52.75 13.33
N ILE O 61 7.96 -52.73 12.95
CA ILE O 61 8.69 -53.97 12.75
C ILE O 61 8.99 -54.64 14.09
N ASN O 62 8.80 -55.96 14.13
CA ASN O 62 8.98 -56.81 15.30
C ASN O 62 7.99 -56.48 16.42
N ASN O 63 6.90 -55.80 16.09
CA ASN O 63 5.87 -55.42 17.05
C ASN O 63 4.52 -55.92 16.55
N ASN O 64 3.56 -55.98 17.47
CA ASN O 64 2.19 -56.30 17.09
C ASN O 64 1.57 -55.09 16.40
N VAL O 65 0.99 -55.31 15.23
CA VAL O 65 0.37 -54.24 14.45
C VAL O 65 -1.03 -54.68 14.04
N LEU O 66 -1.79 -53.72 13.54
CA LEU O 66 -3.11 -53.94 12.98
C LEU O 66 -3.15 -53.44 11.55
N PHE O 67 -3.62 -54.29 10.65
CA PHE O 67 -3.74 -53.94 9.23
C PHE O 67 -5.23 -53.94 8.87
N GLU O 68 -5.69 -52.84 8.29
CA GLU O 68 -7.09 -52.69 7.92
C GLU O 68 -7.20 -52.28 6.47
N ALA O 69 -8.17 -52.85 5.77
CA ALA O 69 -8.53 -52.42 4.43
C ALA O 69 -10.03 -52.55 4.27
N ASP O 70 -10.60 -51.72 3.39
CA ASP O 70 -12.03 -51.71 3.19
C ASP O 70 -12.34 -51.14 1.81
N ASP O 71 -13.58 -51.31 1.39
CA ASP O 71 -14.08 -50.73 0.15
C ASP O 71 -15.58 -50.52 0.31
N HIS O 72 -16.14 -49.66 -0.54
CA HIS O 72 -17.56 -49.37 -0.47
C HIS O 72 -18.03 -48.81 -1.80
N ASP O 73 -19.34 -48.90 -2.03
CA ASP O 73 -19.98 -48.30 -3.20
C ASP O 73 -21.32 -47.72 -2.74
N VAL O 74 -21.23 -46.59 -2.02
CA VAL O 74 -22.38 -45.83 -1.55
C VAL O 74 -23.23 -46.66 -0.58
N GLU O 75 -23.12 -46.34 0.71
CA GLU O 75 -23.96 -46.90 1.77
C GLU O 75 -23.77 -48.39 1.97
N GLN O 76 -22.80 -49.01 1.31
CA GLN O 76 -22.64 -50.46 1.36
C GLN O 76 -21.17 -50.81 1.16
N GLY O 77 -20.69 -51.83 1.87
CA GLY O 77 -19.32 -52.26 1.70
C GLY O 77 -18.93 -53.32 2.71
N TRP O 78 -17.63 -53.61 2.73
CA TRP O 78 -17.01 -54.59 3.60
C TRP O 78 -15.76 -54.00 4.23
N SER O 79 -15.22 -54.69 5.23
CA SER O 79 -13.97 -54.28 5.86
C SER O 79 -13.26 -55.52 6.39
N VAL O 80 -11.93 -55.48 6.35
CA VAL O 80 -11.09 -56.60 6.79
C VAL O 80 -10.02 -56.07 7.73
N ILE O 81 -9.82 -56.75 8.86
CA ILE O 81 -8.83 -56.38 9.86
C ILE O 81 -7.91 -57.58 10.06
N VAL O 82 -6.60 -57.32 10.08
CA VAL O 82 -5.58 -58.37 10.22
C VAL O 82 -4.68 -58.01 11.40
N ARG O 83 -4.76 -58.79 12.48
CA ARG O 83 -3.84 -58.67 13.61
C ARG O 83 -2.64 -59.57 13.38
N GLY O 84 -1.45 -59.04 13.62
CA GLY O 84 -0.25 -59.82 13.39
C GLY O 84 0.99 -59.07 13.81
N VAL O 85 2.14 -59.62 13.42
CA VAL O 85 3.45 -59.07 13.78
C VAL O 85 4.19 -58.75 12.48
N ALA O 86 4.59 -57.49 12.33
CA ALA O 86 5.36 -57.08 11.17
C ALA O 86 6.81 -57.56 11.30
N ARG O 87 7.35 -58.13 10.22
CA ARG O 87 8.70 -58.67 10.23
C ARG O 87 9.40 -58.33 8.92
N THR O 88 10.70 -58.08 9.01
CA THR O 88 11.50 -57.78 7.83
C THR O 88 11.67 -59.03 6.98
N VAL O 89 11.85 -58.82 5.67
CA VAL O 89 12.09 -59.90 4.73
C VAL O 89 13.57 -59.89 4.39
N ARG O 90 14.32 -60.82 4.99
CA ARG O 90 15.74 -60.99 4.72
C ARG O 90 16.11 -62.38 4.25
N ASP O 91 15.29 -63.40 4.54
CA ASP O 91 15.58 -64.76 4.13
C ASP O 91 15.50 -64.90 2.61
N GLU O 92 16.37 -65.75 2.06
CA GLU O 92 16.47 -65.88 0.60
C GLU O 92 15.15 -66.33 -0.01
N ALA O 93 14.53 -67.37 0.57
CA ALA O 93 13.26 -67.85 0.06
C ALA O 93 12.16 -66.80 0.24
N ASP O 94 12.12 -66.17 1.42
CA ASP O 94 11.17 -65.08 1.64
C ASP O 94 11.40 -63.93 0.68
N LEU O 95 12.68 -63.56 0.48
CA LEU O 95 12.99 -62.49 -0.47
C LEU O 95 12.54 -62.87 -1.88
N ALA O 96 12.93 -64.07 -2.34
CA ALA O 96 12.59 -64.50 -3.69
C ALA O 96 11.10 -64.46 -3.96
N GLU O 97 10.28 -64.70 -2.93
CA GLU O 97 8.83 -64.65 -3.13
C GLU O 97 8.31 -63.22 -3.10
N ALA O 98 8.90 -62.36 -2.26
CA ALA O 98 8.48 -60.97 -2.21
C ALA O 98 8.78 -60.25 -3.52
N GLN O 99 9.77 -60.73 -4.28
CA GLN O 99 10.14 -60.13 -5.55
C GLN O 99 9.18 -60.49 -6.69
N ARG O 100 7.96 -60.94 -6.38
CA ARG O 100 7.02 -61.38 -7.40
C ARG O 100 5.70 -60.62 -7.32
N ALA O 101 5.74 -59.35 -6.94
CA ALA O 101 4.50 -58.62 -6.67
C ALA O 101 4.41 -57.30 -7.39
N GLU O 102 4.90 -56.23 -6.77
CA GLU O 102 4.77 -54.87 -7.28
C GLU O 102 6.14 -54.31 -7.68
N LEU O 103 6.14 -53.47 -8.70
CA LEU O 103 7.37 -52.93 -9.26
C LEU O 103 7.88 -51.78 -8.38
N LEU O 104 8.84 -51.01 -8.88
CA LEU O 104 9.57 -50.09 -8.02
C LEU O 104 9.82 -48.73 -8.65
N PRO O 105 9.57 -47.65 -7.89
CA PRO O 105 10.16 -46.34 -8.21
C PRO O 105 11.14 -45.88 -7.14
N TRP O 106 10.62 -45.61 -5.96
CA TRP O 106 11.38 -45.09 -4.82
C TRP O 106 12.41 -46.09 -4.30
N THR O 112 14.18 -49.03 1.07
CA THR O 112 13.59 -50.06 0.22
C THR O 112 13.78 -51.45 0.82
N HIS O 113 12.91 -51.79 1.77
CA HIS O 113 12.94 -53.11 2.39
C HIS O 113 11.53 -53.64 2.52
N TRP O 114 11.36 -54.93 2.21
CA TRP O 114 10.07 -55.57 2.33
C TRP O 114 9.76 -55.86 3.80
N VAL O 115 8.47 -55.77 4.14
CA VAL O 115 7.99 -56.09 5.47
C VAL O 115 6.73 -56.93 5.33
N ARG O 116 6.63 -57.97 6.14
CA ARG O 116 5.50 -58.89 6.10
C ARG O 116 4.74 -58.82 7.43
N VAL O 117 3.42 -58.71 7.34
CA VAL O 117 2.57 -58.84 8.52
C VAL O 117 2.14 -60.30 8.59
N LEU O 118 2.57 -60.99 9.65
CA LEU O 118 2.29 -62.40 9.80
C LEU O 118 1.04 -62.57 10.65
N PRO O 119 -0.08 -62.99 10.08
CA PRO O 119 -1.37 -62.86 10.76
C PRO O 119 -1.47 -63.75 12.00
N THR O 120 -1.90 -63.15 13.10
CA THR O 120 -2.42 -63.90 14.23
C THR O 120 -3.89 -64.23 14.01
N GLN O 121 -4.64 -63.30 13.42
CA GLN O 121 -6.05 -63.47 13.13
C GLN O 121 -6.42 -62.55 11.99
N ILE O 122 -7.55 -62.85 11.35
CA ILE O 122 -8.10 -62.00 10.30
C ILE O 122 -9.62 -62.08 10.38
N THR O 123 -10.26 -60.92 10.39
CA THR O 123 -11.71 -60.85 10.53
C THR O 123 -12.27 -59.97 9.42
N GLY O 124 -13.45 -60.35 8.94
CA GLY O 124 -14.12 -59.59 7.90
C GLY O 124 -15.61 -59.44 8.20
N ARG O 125 -16.11 -58.23 8.00
CA ARG O 125 -17.51 -57.91 8.18
C ARG O 125 -18.00 -57.12 6.98
N ARG O 126 -19.29 -57.27 6.67
CA ARG O 126 -19.94 -56.52 5.60
C ARG O 126 -20.99 -55.61 6.23
N PHE O 127 -21.00 -54.34 5.84
CA PHE O 127 -21.76 -53.33 6.56
C PHE O 127 -22.61 -52.51 5.59
N ARG O 128 -23.44 -51.65 6.17
CA ARG O 128 -24.29 -50.73 5.43
C ARG O 128 -24.57 -49.52 6.31
N PHE O 129 -24.66 -48.35 5.67
CA PHE O 129 -24.98 -47.12 6.39
C PHE O 129 -26.39 -46.65 6.06
N GLY P 1 10.38 -31.46 -5.39
CA GLY P 1 9.61 -32.33 -4.53
C GLY P 1 8.47 -33.02 -5.24
N ASP P 2 8.60 -34.34 -5.41
CA ASP P 2 7.59 -35.11 -6.13
C ASP P 2 7.26 -36.41 -5.43
N ALA P 3 8.24 -37.02 -4.76
CA ALA P 3 8.02 -38.32 -4.13
C ALA P 3 7.04 -38.19 -2.96
N VAL P 4 7.29 -37.26 -2.05
CA VAL P 4 6.44 -37.04 -0.89
C VAL P 4 6.29 -35.54 -0.68
N THR P 5 5.05 -35.05 -0.64
CA THR P 5 4.77 -33.65 -0.39
C THR P 5 3.84 -33.52 0.82
N ILE P 6 4.09 -32.49 1.63
CA ILE P 6 3.27 -32.21 2.80
C ILE P 6 2.12 -31.31 2.37
N LEU P 7 0.90 -31.70 2.71
CA LEU P 7 -0.29 -30.96 2.29
C LEU P 7 -0.68 -29.94 3.36
N SER P 8 -1.26 -28.84 2.90
CA SER P 8 -1.73 -27.80 3.80
C SER P 8 -3.06 -28.17 4.43
N ALA P 9 -3.41 -27.45 5.49
CA ALA P 9 -4.67 -27.72 6.19
C ALA P 9 -5.87 -27.45 5.28
N THR P 10 -5.81 -26.36 4.49
CA THR P 10 -6.89 -26.07 3.56
C THR P 10 -7.10 -27.21 2.58
N GLU P 11 -6.01 -27.77 2.05
CA GLU P 11 -6.14 -28.87 1.09
C GLU P 11 -6.64 -30.14 1.78
N CYS P 12 -6.16 -30.41 3.00
CA CYS P 12 -6.60 -31.59 3.74
C CYS P 12 -8.11 -31.62 3.86
N TRP P 13 -8.70 -30.53 4.33
CA TRP P 13 -10.15 -30.47 4.49
C TRP P 13 -10.87 -30.65 3.16
N ASP P 14 -10.36 -30.01 2.11
CA ASP P 14 -10.99 -30.11 0.80
C ASP P 14 -10.89 -31.54 0.25
N LEU P 15 -9.74 -32.18 0.41
CA LEU P 15 -9.59 -33.56 -0.03
C LEU P 15 -10.54 -34.50 0.71
N LEU P 16 -10.80 -34.21 2.00
CA LEU P 16 -11.74 -35.03 2.77
C LEU P 16 -13.15 -34.95 2.21
N LYS P 17 -13.49 -33.87 1.50
CA LYS P 17 -14.82 -33.73 0.94
C LYS P 17 -15.05 -34.59 -0.31
N SER P 18 -13.99 -35.20 -0.85
CA SER P 18 -14.09 -36.00 -2.06
C SER P 18 -14.30 -37.49 -1.79
N VAL P 19 -14.39 -37.89 -0.52
CA VAL P 19 -14.50 -39.28 -0.15
C VAL P 19 -15.50 -39.40 1.00
N ALA P 20 -16.35 -40.42 0.95
CA ALA P 20 -17.41 -40.60 1.91
C ALA P 20 -17.16 -41.72 2.91
N LEU P 21 -16.02 -42.40 2.84
CA LEU P 21 -15.70 -43.49 3.76
C LEU P 21 -14.31 -43.27 4.33
N GLY P 22 -14.22 -43.16 5.65
CA GLY P 22 -12.96 -43.06 6.34
C GLY P 22 -12.91 -44.04 7.48
N ARG P 23 -12.00 -43.84 8.43
CA ARG P 23 -11.86 -44.78 9.54
C ARG P 23 -11.60 -44.05 10.84
N ILE P 24 -12.23 -44.54 11.91
CA ILE P 24 -12.02 -44.04 13.26
C ILE P 24 -11.21 -45.09 14.01
N VAL P 25 -10.16 -44.65 14.72
CA VAL P 25 -9.33 -45.53 15.51
C VAL P 25 -9.48 -45.13 16.98
N THR P 26 -9.66 -46.13 17.84
CA THR P 26 -9.88 -45.93 19.26
C THR P 26 -8.91 -46.81 20.03
N THR P 27 -8.41 -46.30 21.17
CA THR P 27 -7.34 -46.94 21.92
C THR P 27 -7.74 -47.09 23.38
N VAL P 28 -7.71 -48.34 23.88
CA VAL P 28 -7.93 -48.64 25.28
C VAL P 28 -6.98 -49.77 25.71
N ASP P 29 -6.35 -49.60 26.87
CA ASP P 29 -5.40 -50.55 27.44
C ASP P 29 -4.39 -51.04 26.41
N ASN P 30 -3.77 -50.09 25.72
CA ASN P 30 -2.69 -50.36 24.77
C ASN P 30 -3.17 -51.24 23.61
N THR P 31 -4.45 -51.15 23.27
CA THR P 31 -5.02 -51.91 22.16
C THR P 31 -5.86 -50.98 21.31
N SER P 32 -5.69 -51.06 19.99
CA SER P 32 -6.38 -50.20 19.06
C SER P 32 -7.59 -50.91 18.45
N HIS P 33 -8.62 -50.13 18.13
CA HIS P 33 -9.81 -50.61 17.47
C HIS P 33 -10.12 -49.67 16.31
N ILE P 34 -10.38 -50.22 15.13
CA ILE P 34 -10.62 -49.43 13.93
C ILE P 34 -12.00 -49.78 13.39
N PHE P 35 -12.68 -48.77 12.84
CA PHE P 35 -14.05 -48.94 12.38
C PHE P 35 -14.25 -48.20 11.06
N PRO P 36 -14.77 -48.88 10.04
CA PRO P 36 -15.15 -48.17 8.80
C PRO P 36 -16.35 -47.27 9.06
N ILE P 37 -16.23 -46.01 8.69
CA ILE P 37 -17.26 -45.02 8.98
C ILE P 37 -17.55 -44.19 7.74
N ASN P 38 -18.76 -43.66 7.69
CA ASN P 38 -19.19 -42.73 6.66
C ASN P 38 -19.23 -41.34 7.26
N PHE P 39 -18.60 -40.37 6.60
CA PHE P 39 -18.41 -39.06 7.18
C PHE P 39 -18.64 -37.97 6.13
N VAL P 40 -18.84 -36.75 6.63
CA VAL P 40 -18.89 -35.55 5.80
C VAL P 40 -18.22 -34.41 6.56
N VAL P 41 -17.69 -33.46 5.80
CA VAL P 41 -16.96 -32.32 6.37
C VAL P 41 -17.92 -31.16 6.53
N GLN P 42 -18.01 -30.64 7.75
CA GLN P 42 -18.87 -29.50 8.04
C GLN P 42 -18.08 -28.51 8.88
N ASN P 43 -18.04 -27.25 8.44
CA ASN P 43 -17.05 -26.29 8.92
C ASN P 43 -15.67 -26.91 8.70
N ARG P 44 -14.91 -27.06 9.78
CA ARG P 44 -13.69 -27.86 9.75
C ARG P 44 -13.71 -28.86 10.89
N THR P 45 -14.78 -29.64 10.94
CA THR P 45 -14.93 -30.78 11.84
C THR P 45 -15.34 -31.98 11.02
N VAL P 46 -15.21 -33.17 11.61
CA VAL P 46 -15.55 -34.42 10.94
C VAL P 46 -16.82 -34.96 11.57
N LEU P 47 -17.92 -34.89 10.83
CA LEU P 47 -19.18 -35.53 11.22
C LEU P 47 -19.22 -36.92 10.60
N PHE P 48 -19.32 -37.95 11.44
CA PHE P 48 -19.31 -39.32 10.95
C PHE P 48 -20.35 -40.15 11.67
N ARG P 49 -20.68 -41.30 11.08
CA ARG P 49 -21.61 -42.26 11.66
C ARG P 49 -21.06 -43.66 11.48
N THR P 50 -21.43 -44.54 12.40
N THR P 50 -21.42 -44.54 12.40
CA THR P 50 -20.99 -45.92 12.37
CA THR P 50 -20.98 -45.92 12.36
C THR P 50 -22.00 -46.80 11.64
C THR P 50 -21.98 -46.78 11.60
N ALA P 51 -21.60 -48.03 11.36
CA ALA P 51 -22.45 -48.99 10.68
C ALA P 51 -23.39 -49.68 11.68
N GLU P 52 -24.39 -50.39 11.15
CA GLU P 52 -25.48 -50.90 11.97
C GLU P 52 -24.98 -51.94 12.99
N GLY P 53 -24.35 -53.00 12.50
CA GLY P 53 -23.93 -54.08 13.39
C GLY P 53 -22.50 -53.96 13.86
N THR P 54 -22.17 -52.83 14.48
CA THR P 54 -20.80 -52.53 14.89
C THR P 54 -20.63 -52.79 16.39
N LYS P 55 -19.70 -53.67 16.75
CA LYS P 55 -19.32 -53.87 18.13
C LYS P 55 -18.68 -52.59 18.66
N LEU P 56 -19.48 -51.74 19.31
CA LEU P 56 -19.03 -50.44 19.78
C LEU P 56 -18.84 -50.39 21.30
N VAL P 57 -19.72 -51.06 22.05
CA VAL P 57 -19.64 -51.00 23.51
C VAL P 57 -18.28 -51.50 23.99
N SER P 58 -17.71 -50.80 24.97
CA SER P 58 -16.42 -51.09 25.57
C SER P 58 -15.26 -50.89 24.59
N ALA P 59 -15.46 -50.11 23.53
CA ALA P 59 -14.34 -49.75 22.66
C ALA P 59 -13.60 -48.54 23.20
N ALA P 60 -14.32 -47.52 23.65
CA ALA P 60 -13.73 -46.28 24.13
C ALA P 60 -13.94 -46.12 25.63
N ILE P 61 -12.92 -45.62 26.32
CA ILE P 61 -13.06 -45.13 27.69
C ILE P 61 -12.98 -43.62 27.78
N ASN P 62 -12.53 -42.94 26.73
CA ASN P 62 -12.59 -41.50 26.64
C ASN P 62 -13.11 -41.14 25.25
N ASN P 63 -12.80 -39.94 24.78
CA ASN P 63 -13.28 -39.47 23.48
C ASN P 63 -12.15 -39.13 22.53
N ASN P 64 -10.93 -39.62 22.79
CA ASN P 64 -9.83 -39.43 21.87
C ASN P 64 -9.98 -40.38 20.69
N VAL P 65 -9.90 -39.84 19.48
CA VAL P 65 -10.10 -40.63 18.26
C VAL P 65 -9.06 -40.23 17.22
N LEU P 66 -8.69 -41.22 16.40
CA LEU P 66 -7.90 -41.00 15.19
C LEU P 66 -8.81 -41.16 13.98
N PHE P 67 -8.85 -40.15 13.13
CA PHE P 67 -9.60 -40.21 11.88
C PHE P 67 -8.63 -40.28 10.71
N GLU P 68 -8.92 -41.17 9.76
CA GLU P 68 -8.10 -41.34 8.57
C GLU P 68 -8.98 -41.54 7.36
N ALA P 69 -8.56 -40.98 6.23
CA ALA P 69 -9.22 -41.17 4.94
C ALA P 69 -8.16 -41.01 3.86
N ASP P 70 -8.41 -41.65 2.71
CA ASP P 70 -7.39 -41.65 1.66
C ASP P 70 -8.04 -41.95 0.31
N ASP P 71 -7.23 -41.82 -0.73
CA ASP P 71 -7.61 -42.13 -2.10
C ASP P 71 -6.32 -42.29 -2.91
N HIS P 72 -6.45 -42.89 -4.08
CA HIS P 72 -5.25 -43.20 -4.86
C HIS P 72 -5.63 -43.57 -6.28
N ASP P 73 -4.72 -43.31 -7.22
CA ASP P 73 -4.80 -43.88 -8.55
C ASP P 73 -3.87 -45.07 -8.67
N VAL P 74 -3.38 -45.36 -9.87
CA VAL P 74 -2.55 -46.54 -10.06
C VAL P 74 -1.19 -46.38 -9.38
N GLU P 75 -0.71 -45.14 -9.23
CA GLU P 75 0.67 -44.93 -8.81
C GLU P 75 0.83 -43.96 -7.66
N GLN P 76 -0.09 -43.01 -7.52
CA GLN P 76 0.01 -41.99 -6.47
C GLN P 76 -1.25 -41.97 -5.62
N GLY P 77 -1.12 -41.40 -4.43
CA GLY P 77 -2.26 -41.27 -3.55
C GLY P 77 -2.04 -40.17 -2.53
N TRP P 78 -3.14 -39.81 -1.87
CA TRP P 78 -3.11 -38.87 -0.76
C TRP P 78 -3.79 -39.51 0.45
N SER P 79 -3.52 -38.96 1.62
CA SER P 79 -4.20 -39.40 2.83
C SER P 79 -4.22 -38.25 3.82
N VAL P 80 -5.26 -38.22 4.64
CA VAL P 80 -5.46 -37.19 5.65
C VAL P 80 -5.76 -37.88 6.98
N ILE P 81 -5.05 -37.47 8.03
CA ILE P 81 -5.23 -38.00 9.37
C ILE P 81 -5.61 -36.85 10.29
N VAL P 82 -6.62 -37.08 11.13
CA VAL P 82 -7.14 -36.07 12.04
C VAL P 82 -7.17 -36.64 13.44
N ARG P 83 -6.43 -36.01 14.36
CA ARG P 83 -6.53 -36.30 15.79
C ARG P 83 -7.48 -35.30 16.42
N GLY P 84 -8.39 -35.79 17.24
CA GLY P 84 -9.35 -34.88 17.86
C GLY P 84 -10.24 -35.60 18.85
N VAL P 85 -11.23 -34.86 19.33
CA VAL P 85 -12.15 -35.32 20.36
C VAL P 85 -13.52 -35.53 19.72
N ALA P 86 -14.08 -36.72 19.90
CA ALA P 86 -15.36 -37.08 19.30
C ALA P 86 -16.47 -36.94 20.33
N ARG P 87 -17.55 -36.28 19.94
CA ARG P 87 -18.77 -36.25 20.74
C ARG P 87 -19.98 -36.31 19.81
N THR P 88 -20.90 -37.22 20.10
CA THR P 88 -22.09 -37.34 19.28
C THR P 88 -22.96 -36.10 19.39
N VAL P 89 -23.76 -35.85 18.36
CA VAL P 89 -24.60 -34.67 18.32
C VAL P 89 -25.79 -34.83 19.27
N ARG P 90 -26.16 -33.76 19.93
CA ARG P 90 -27.30 -33.78 20.85
C ARG P 90 -28.60 -33.87 20.07
N ASP P 91 -29.51 -34.73 20.54
CA ASP P 91 -30.76 -34.96 19.83
C ASP P 91 -31.67 -33.73 19.84
N GLU P 92 -31.45 -32.79 20.76
CA GLU P 92 -32.16 -31.51 20.80
C GLU P 92 -33.65 -31.69 21.13
N ALA P 93 -34.19 -32.88 20.92
CA ALA P 93 -35.55 -33.21 21.31
C ALA P 93 -35.61 -34.28 22.38
N ASP P 94 -34.47 -34.81 22.81
CA ASP P 94 -34.39 -35.85 23.83
C ASP P 94 -33.33 -35.42 24.83
N LEU P 95 -33.77 -34.86 25.96
CA LEU P 95 -32.81 -34.44 26.98
C LEU P 95 -32.01 -35.61 27.52
N ALA P 96 -32.61 -36.81 27.53
CA ALA P 96 -31.91 -37.98 28.04
C ALA P 96 -30.73 -38.34 27.13
N GLU P 97 -30.95 -38.36 25.81
CA GLU P 97 -29.88 -38.68 24.88
C GLU P 97 -28.78 -37.61 24.94
N ALA P 98 -29.18 -36.34 25.05
CA ALA P 98 -28.19 -35.26 25.09
C ALA P 98 -27.29 -35.38 26.31
N GLN P 99 -27.86 -35.85 27.43
CA GLN P 99 -27.05 -35.99 28.65
C GLN P 99 -26.12 -37.19 28.55
N ARG P 100 -26.60 -38.31 28.02
CA ARG P 100 -25.72 -39.46 27.78
C ARG P 100 -24.61 -39.11 26.81
N ALA P 101 -24.89 -38.26 25.82
CA ALA P 101 -23.85 -37.81 24.91
C ALA P 101 -22.82 -36.93 25.59
N GLU P 102 -23.18 -36.27 26.69
CA GLU P 102 -22.26 -35.39 27.41
C GLU P 102 -21.55 -36.10 28.56
N LEU P 103 -22.11 -37.20 29.07
CA LEU P 103 -21.59 -37.89 30.24
C LEU P 103 -20.87 -39.19 29.91
N LEU P 104 -21.34 -39.92 28.91
CA LEU P 104 -20.72 -41.17 28.49
C LEU P 104 -19.79 -40.94 27.31
N PRO P 105 -18.88 -41.87 27.04
CA PRO P 105 -18.08 -41.77 25.81
C PRO P 105 -18.95 -41.89 24.57
N TRP P 106 -18.44 -41.34 23.47
CA TRP P 106 -19.23 -41.24 22.23
C TRP P 106 -19.76 -42.59 21.77
N THR P 107 -19.07 -43.67 22.09
CA THR P 107 -19.48 -45.00 21.64
C THR P 107 -20.82 -45.43 22.22
N ALA P 108 -21.30 -44.76 23.27
CA ALA P 108 -22.52 -45.22 23.92
C ALA P 108 -23.79 -44.67 23.28
N THR P 109 -23.68 -43.62 22.46
CA THR P 109 -24.85 -43.04 21.80
C THR P 109 -24.66 -42.93 20.29
N ALA P 110 -23.71 -43.67 19.73
CA ALA P 110 -23.37 -43.57 18.32
C ALA P 110 -24.18 -44.51 17.44
N LYS P 111 -25.07 -45.32 18.01
CA LYS P 111 -25.75 -46.35 17.24
C LYS P 111 -26.64 -45.75 16.15
N THR P 112 -27.33 -44.65 16.46
CA THR P 112 -28.25 -44.03 15.52
C THR P 112 -28.02 -42.54 15.37
N HIS P 113 -26.85 -42.03 15.76
CA HIS P 113 -26.59 -40.61 15.76
C HIS P 113 -25.28 -40.32 15.02
N TRP P 114 -25.12 -39.06 14.64
CA TRP P 114 -23.88 -38.59 14.05
C TRP P 114 -22.91 -38.16 15.14
N VAL P 115 -21.62 -38.34 14.87
CA VAL P 115 -20.56 -38.04 15.83
C VAL P 115 -19.65 -37.00 15.23
N ARG P 116 -19.39 -35.93 15.98
CA ARG P 116 -18.54 -34.85 15.53
C ARG P 116 -17.16 -34.99 16.14
N VAL P 117 -16.13 -34.86 15.30
CA VAL P 117 -14.74 -34.89 15.73
C VAL P 117 -14.20 -33.47 15.62
N LEU P 118 -13.90 -32.86 16.75
CA LEU P 118 -13.32 -31.52 16.74
C LEU P 118 -11.81 -31.63 16.75
N PRO P 119 -11.11 -31.17 15.71
CA PRO P 119 -9.71 -31.54 15.54
C PRO P 119 -8.77 -30.76 16.43
N THR P 120 -7.75 -31.47 16.94
CA THR P 120 -6.57 -30.84 17.50
C THR P 120 -5.42 -30.80 16.52
N GLN P 121 -5.44 -31.67 15.51
CA GLN P 121 -4.38 -31.73 14.51
C GLN P 121 -4.96 -32.36 13.25
N ILE P 122 -4.56 -31.81 12.09
CA ILE P 122 -4.90 -32.39 10.80
C ILE P 122 -3.66 -32.32 9.92
N THR P 123 -3.34 -33.42 9.27
CA THR P 123 -2.16 -33.51 8.41
C THR P 123 -2.52 -34.30 7.16
N GLY P 124 -1.79 -34.04 6.10
CA GLY P 124 -2.03 -34.71 4.84
C GLY P 124 -0.74 -34.97 4.12
N ARG P 125 -0.73 -36.03 3.32
CA ARG P 125 0.46 -36.41 2.57
C ARG P 125 0.05 -36.84 1.16
N ARG P 126 0.90 -36.52 0.19
CA ARG P 126 0.85 -37.15 -1.12
C ARG P 126 2.06 -38.06 -1.24
N PHE P 127 1.84 -39.24 -1.81
CA PHE P 127 2.86 -40.27 -1.85
C PHE P 127 2.79 -41.01 -3.18
N ARG P 128 3.95 -41.36 -3.71
CA ARG P 128 4.06 -42.12 -4.94
C ARG P 128 4.56 -43.52 -4.58
N PHE P 129 3.71 -44.52 -4.81
CA PHE P 129 4.04 -45.90 -4.52
C PHE P 129 4.25 -46.74 -5.77
N GLY P 130 4.04 -46.16 -6.95
CA GLY P 130 4.32 -46.81 -8.20
C GLY P 130 5.11 -45.89 -9.11
N PRO P 131 5.63 -46.41 -10.22
CA PRO P 131 6.45 -45.60 -11.11
C PRO P 131 5.59 -44.82 -12.10
N GLU P 132 6.25 -43.91 -12.83
CA GLU P 132 5.61 -43.13 -13.89
C GLU P 132 4.39 -42.36 -13.38
N VAL Q 4 -4.77 -5.02 35.42
CA VAL Q 4 -3.67 -5.97 35.45
C VAL Q 4 -2.38 -5.26 35.86
N THR Q 5 -1.70 -5.83 36.85
CA THR Q 5 -0.43 -5.32 37.32
C THR Q 5 0.49 -6.48 37.66
N ILE Q 6 1.79 -6.24 37.63
CA ILE Q 6 2.78 -7.27 37.93
C ILE Q 6 3.14 -7.19 39.40
N LEU Q 7 3.21 -8.33 40.07
CA LEU Q 7 3.58 -8.41 41.47
C LEU Q 7 5.08 -8.58 41.62
N SER Q 8 5.62 -8.10 42.74
CA SER Q 8 7.02 -8.30 43.04
C SER Q 8 7.26 -9.70 43.59
N ALA Q 9 8.54 -10.08 43.68
CA ALA Q 9 8.87 -11.40 44.22
C ALA Q 9 8.52 -11.51 45.69
N THR Q 10 8.67 -10.41 46.44
CA THR Q 10 8.31 -10.42 47.86
C THR Q 10 6.83 -10.73 48.04
N GLU Q 11 5.97 -10.05 47.29
CA GLU Q 11 4.54 -10.28 47.42
C GLU Q 11 4.13 -11.64 46.87
N CYS Q 12 4.85 -12.14 45.87
CA CYS Q 12 4.57 -13.48 45.34
C CYS Q 12 4.73 -14.53 46.44
N TRP Q 13 5.90 -14.56 47.07
CA TRP Q 13 6.13 -15.53 48.14
C TRP Q 13 5.20 -15.29 49.32
N ASP Q 14 4.81 -14.02 49.55
CA ASP Q 14 3.93 -13.71 50.67
C ASP Q 14 2.51 -14.24 50.43
N LEU Q 15 1.95 -13.95 49.25
CA LEU Q 15 0.61 -14.44 48.95
C LEU Q 15 0.56 -15.96 48.88
N LEU Q 16 1.68 -16.60 48.52
CA LEU Q 16 1.70 -18.06 48.49
C LEU Q 16 1.50 -18.64 49.88
N LYS Q 17 1.89 -17.91 50.93
CA LYS Q 17 1.66 -18.36 52.30
C LYS Q 17 0.20 -18.21 52.74
N SER Q 18 -0.61 -17.46 52.00
CA SER Q 18 -2.01 -17.25 52.33
C SER Q 18 -2.92 -18.37 51.84
N VAL Q 19 -2.34 -19.43 51.28
CA VAL Q 19 -3.11 -20.50 50.66
C VAL Q 19 -2.43 -21.83 51.01
N ALA Q 20 -3.23 -22.87 51.19
CA ALA Q 20 -2.74 -24.19 51.55
C ALA Q 20 -2.76 -25.19 50.40
N LEU Q 21 -3.40 -24.85 49.29
CA LEU Q 21 -3.59 -25.80 48.18
C LEU Q 21 -3.07 -25.19 46.89
N GLY Q 22 -2.17 -25.90 46.21
CA GLY Q 22 -1.66 -25.51 44.92
C GLY Q 22 -1.64 -26.67 43.96
N ARG Q 23 -0.98 -26.53 42.82
CA ARG Q 23 -0.88 -27.65 41.89
C ARG Q 23 0.46 -27.64 41.17
N ILE Q 24 0.99 -28.83 40.93
CA ILE Q 24 2.21 -29.02 40.15
C ILE Q 24 1.81 -29.49 38.76
N VAL Q 25 2.40 -28.86 37.74
CA VAL Q 25 2.17 -29.25 36.35
C VAL Q 25 3.44 -29.93 35.84
N THR Q 26 3.31 -31.17 35.38
N THR Q 26 3.32 -31.18 35.42
CA THR Q 26 4.41 -31.93 34.81
CA THR Q 26 4.41 -31.91 34.81
C THR Q 26 4.26 -32.00 33.30
C THR Q 26 4.27 -31.88 33.30
N THR Q 27 5.40 -32.01 32.60
CA THR Q 27 5.41 -31.98 31.14
C THR Q 27 6.43 -32.97 30.60
N VAL Q 28 5.95 -33.93 29.81
CA VAL Q 28 6.79 -34.88 29.10
C VAL Q 28 6.27 -35.00 27.67
N ASP Q 29 7.19 -35.23 26.74
CA ASP Q 29 6.88 -35.23 25.31
C ASP Q 29 6.24 -33.91 24.90
N ASN Q 30 4.91 -33.89 24.76
CA ASN Q 30 4.18 -32.64 24.58
C ASN Q 30 2.86 -32.67 25.33
N THR Q 31 2.75 -33.47 26.38
CA THR Q 31 1.53 -33.63 27.15
C THR Q 31 1.78 -33.21 28.58
N SER Q 32 0.87 -32.41 29.13
CA SER Q 32 0.97 -31.94 30.50
C SER Q 32 0.08 -32.76 31.42
N HIS Q 33 0.46 -32.80 32.70
CA HIS Q 33 -0.34 -33.42 33.75
C HIS Q 33 -0.28 -32.50 34.97
N ILE Q 34 -1.39 -32.43 35.69
CA ILE Q 34 -1.53 -31.49 36.79
C ILE Q 34 -1.92 -32.26 38.05
N PHE Q 35 -1.33 -31.87 39.18
CA PHE Q 35 -1.52 -32.57 40.46
C PHE Q 35 -1.79 -31.56 41.56
N PRO Q 36 -3.00 -31.51 42.10
CA PRO Q 36 -3.22 -30.70 43.31
C PRO Q 36 -2.39 -31.21 44.47
N ILE Q 37 -1.71 -30.30 45.15
CA ILE Q 37 -0.82 -30.65 46.26
C ILE Q 37 -1.06 -29.68 47.42
N ASN Q 38 -1.01 -30.22 48.64
CA ASN Q 38 -1.01 -29.41 49.85
C ASN Q 38 0.44 -29.03 50.16
N PHE Q 39 0.69 -27.72 50.28
CA PHE Q 39 2.05 -27.22 50.32
C PHE Q 39 2.21 -26.17 51.42
N VAL Q 40 3.47 -25.83 51.69
CA VAL Q 40 3.83 -24.73 52.58
C VAL Q 40 5.07 -24.06 52.01
N VAL Q 41 5.13 -22.74 52.10
CA VAL Q 41 6.31 -22.00 51.67
C VAL Q 41 7.35 -22.06 52.77
N GLN Q 42 8.57 -22.45 52.41
CA GLN Q 42 9.69 -22.49 53.34
C GLN Q 42 10.85 -21.72 52.71
N ASN Q 43 11.33 -20.69 53.40
CA ASN Q 43 12.32 -19.78 52.85
C ASN Q 43 11.79 -19.17 51.57
N ARG Q 44 12.32 -19.60 50.43
CA ARG Q 44 11.76 -19.24 49.13
C ARG Q 44 11.71 -20.49 48.25
N THR Q 45 11.14 -21.55 48.80
CA THR Q 45 10.91 -22.81 48.09
C THR Q 45 9.50 -23.29 48.38
N VAL Q 46 9.06 -24.31 47.64
CA VAL Q 46 7.73 -24.88 47.78
C VAL Q 46 7.89 -26.30 48.29
N LEU Q 47 7.42 -26.55 49.51
CA LEU Q 47 7.56 -27.84 50.17
C LEU Q 47 6.20 -28.53 50.27
N PHE Q 48 6.15 -29.80 49.90
CA PHE Q 48 4.94 -30.60 49.98
C PHE Q 48 5.36 -32.04 50.27
N ARG Q 49 4.38 -32.86 50.64
CA ARG Q 49 4.61 -34.28 50.88
C ARG Q 49 3.96 -35.08 49.76
N THR Q 50 4.50 -36.28 49.54
CA THR Q 50 4.05 -37.12 48.44
C THR Q 50 4.08 -38.59 48.87
N ALA Q 51 2.98 -39.28 48.62
CA ALA Q 51 2.90 -40.70 48.92
C ALA Q 51 3.73 -41.51 47.94
N GLU Q 52 4.38 -42.56 48.44
CA GLU Q 52 5.16 -43.43 47.57
C GLU Q 52 4.24 -44.34 46.75
N GLY Q 53 4.70 -44.68 45.56
CA GLY Q 53 3.92 -45.51 44.65
C GLY Q 53 2.88 -44.77 43.83
N THR Q 54 2.78 -43.45 43.96
CA THR Q 54 1.80 -42.67 43.22
C THR Q 54 2.45 -42.00 42.01
N LYS Q 55 1.60 -41.53 41.09
CA LYS Q 55 2.07 -40.98 39.83
C LYS Q 55 2.75 -39.61 40.00
N LEU Q 56 2.42 -38.88 41.07
CA LEU Q 56 3.02 -37.57 41.28
C LEU Q 56 4.53 -37.70 41.51
N VAL Q 57 4.96 -38.71 42.26
CA VAL Q 57 6.39 -38.99 42.42
C VAL Q 57 7.03 -39.24 41.06
N SER Q 58 6.53 -40.26 40.36
CA SER Q 58 7.17 -40.69 39.13
C SER Q 58 7.24 -39.59 38.08
N ALA Q 59 6.25 -38.70 38.06
CA ALA Q 59 6.18 -37.67 37.03
C ALA Q 59 6.96 -36.41 37.38
N ALA Q 60 7.20 -36.13 38.65
CA ALA Q 60 7.78 -34.86 39.05
C ALA Q 60 9.03 -34.95 39.92
N ILE Q 61 9.35 -36.13 40.47
CA ILE Q 61 10.30 -36.23 41.58
C ILE Q 61 11.61 -35.50 41.32
N ASN Q 62 12.06 -35.44 40.06
CA ASN Q 62 13.37 -34.85 39.79
C ASN Q 62 13.44 -34.18 38.43
N ASN Q 63 12.35 -33.57 37.98
CA ASN Q 63 12.33 -32.88 36.69
C ASN Q 63 11.78 -31.48 36.86
N ASN Q 64 11.94 -30.67 35.82
CA ASN Q 64 11.39 -29.32 35.82
C ASN Q 64 9.88 -29.36 35.87
N VAL Q 65 9.28 -28.57 36.76
CA VAL Q 65 7.86 -28.58 36.99
C VAL Q 65 7.34 -27.15 37.01
N LEU Q 66 6.01 -27.03 37.05
CA LEU Q 66 5.32 -25.76 37.25
C LEU Q 66 4.56 -25.84 38.55
N PHE Q 67 4.66 -24.81 39.38
CA PHE Q 67 3.83 -24.69 40.57
C PHE Q 67 2.97 -23.44 40.44
N GLU Q 68 1.69 -23.57 40.76
CA GLU Q 68 0.74 -22.48 40.63
C GLU Q 68 -0.17 -22.45 41.84
N ALA Q 69 -0.44 -21.24 42.32
CA ALA Q 69 -1.44 -21.00 43.36
C ALA Q 69 -2.12 -19.68 43.07
N ASP Q 70 -3.35 -19.54 43.57
CA ASP Q 70 -4.14 -18.36 43.26
C ASP Q 70 -5.23 -18.20 44.32
N ASP Q 71 -5.84 -17.01 44.33
CA ASP Q 71 -6.99 -16.73 45.17
C ASP Q 71 -7.80 -15.61 44.52
N HIS Q 72 -9.05 -15.48 44.94
CA HIS Q 72 -9.92 -14.47 44.36
C HIS Q 72 -11.10 -14.22 45.27
N ASP Q 73 -11.58 -12.98 45.27
CA ASP Q 73 -12.91 -12.66 45.79
C ASP Q 73 -13.85 -12.49 44.59
N VAL Q 74 -15.00 -11.85 44.82
CA VAL Q 74 -15.99 -11.71 43.75
C VAL Q 74 -15.51 -10.74 42.69
N GLU Q 75 -14.70 -9.75 43.07
CA GLU Q 75 -14.22 -8.70 42.17
C GLU Q 75 -12.96 -9.10 41.42
N GLN Q 76 -11.88 -9.34 42.14
CA GLN Q 76 -10.56 -9.53 41.54
C GLN Q 76 -9.79 -10.59 42.32
N GLY Q 77 -8.59 -10.93 41.83
CA GLY Q 77 -7.79 -11.93 42.49
C GLY Q 77 -6.35 -11.88 42.02
N TRP Q 78 -5.57 -12.84 42.51
CA TRP Q 78 -4.15 -12.91 42.21
C TRP Q 78 -3.77 -14.35 41.91
N SER Q 79 -2.60 -14.52 41.29
CA SER Q 79 -2.04 -15.85 41.05
C SER Q 79 -0.52 -15.76 40.99
N VAL Q 80 0.13 -16.87 41.29
CA VAL Q 80 1.59 -16.96 41.32
C VAL Q 80 2.00 -18.26 40.65
N ILE Q 81 2.96 -18.18 39.73
CA ILE Q 81 3.51 -19.34 39.04
C ILE Q 81 4.99 -19.44 39.37
N VAL Q 82 5.44 -20.64 39.71
CA VAL Q 82 6.84 -20.89 40.07
C VAL Q 82 7.37 -21.97 39.14
N ARG Q 83 8.43 -21.65 38.40
CA ARG Q 83 9.18 -22.63 37.61
C ARG Q 83 10.40 -23.05 38.39
N GLY Q 84 10.65 -24.35 38.44
CA GLY Q 84 11.80 -24.84 39.19
C GLY Q 84 11.97 -26.33 39.02
N VAL Q 85 12.87 -26.88 39.85
CA VAL Q 85 13.17 -28.31 39.83
C VAL Q 85 12.74 -28.90 41.16
N ALA Q 86 11.80 -29.84 41.11
CA ALA Q 86 11.43 -30.59 42.30
C ALA Q 86 12.53 -31.59 42.63
N ARG Q 87 12.97 -31.59 43.90
CA ARG Q 87 14.01 -32.50 44.35
C ARG Q 87 13.58 -33.15 45.65
N THR Q 88 13.95 -34.41 45.83
CA THR Q 88 13.65 -35.09 47.08
C THR Q 88 14.45 -34.49 48.23
N VAL Q 89 13.89 -34.57 49.42
CA VAL Q 89 14.54 -34.08 50.64
C VAL Q 89 15.21 -35.28 51.31
N ARG Q 90 16.54 -35.35 51.22
CA ARG Q 90 17.31 -36.46 51.76
C ARG Q 90 18.33 -36.05 52.81
N ASP Q 91 18.83 -34.81 52.77
CA ASP Q 91 19.90 -34.38 53.65
C ASP Q 91 19.36 -34.07 55.04
N GLU Q 92 20.24 -34.22 56.03
CA GLU Q 92 19.87 -34.01 57.43
C GLU Q 92 19.34 -32.60 57.66
N ALA Q 93 20.07 -31.59 57.19
CA ALA Q 93 19.63 -30.21 57.34
C ALA Q 93 18.36 -29.95 56.54
N ASP Q 94 18.25 -30.56 55.36
CA ASP Q 94 17.04 -30.44 54.56
C ASP Q 94 15.87 -31.15 55.22
N LEU Q 95 16.12 -32.28 55.86
CA LEU Q 95 15.03 -33.05 56.47
C LEU Q 95 14.59 -32.45 57.79
N ALA Q 96 15.54 -32.02 58.62
CA ALA Q 96 15.18 -31.24 59.81
C ALA Q 96 14.40 -30.00 59.43
N GLU Q 97 14.74 -29.41 58.27
CA GLU Q 97 13.98 -28.28 57.74
C GLU Q 97 12.51 -28.63 57.50
N ALA Q 98 12.26 -29.83 56.98
CA ALA Q 98 10.98 -30.14 56.37
C ALA Q 98 9.85 -30.30 57.38
N GLN Q 99 10.13 -30.84 58.57
CA GLN Q 99 9.07 -30.99 59.55
C GLN Q 99 9.00 -29.81 60.52
N ARG Q 100 9.85 -28.78 60.33
CA ARG Q 100 9.56 -27.47 60.91
C ARG Q 100 8.28 -26.88 60.34
N ALA Q 101 7.84 -27.38 59.19
CA ALA Q 101 6.63 -26.93 58.52
C ALA Q 101 5.41 -27.62 59.10
N GLU Q 102 4.32 -26.86 59.18
CA GLU Q 102 3.07 -27.39 59.71
C GLU Q 102 2.48 -28.43 58.76
N LEU Q 103 1.92 -29.49 59.32
CA LEU Q 103 1.30 -30.56 58.55
C LEU Q 103 0.08 -30.06 57.78
N HIS Q 113 7.61 -38.42 53.15
CA HIS Q 113 8.51 -38.26 52.02
C HIS Q 113 8.32 -36.89 51.39
N TRP Q 114 9.18 -35.95 51.79
CA TRP Q 114 9.02 -34.56 51.43
C TRP Q 114 9.74 -34.24 50.14
N VAL Q 115 9.10 -33.41 49.31
CA VAL Q 115 9.65 -32.97 48.04
C VAL Q 115 9.71 -31.44 48.06
N ARG Q 116 10.75 -30.89 47.46
CA ARG Q 116 11.01 -29.45 47.48
C ARG Q 116 11.24 -28.96 46.06
N VAL Q 117 10.54 -27.90 45.67
CA VAL Q 117 10.69 -27.28 44.36
C VAL Q 117 11.66 -26.11 44.51
N LEU Q 118 12.86 -26.27 43.97
CA LEU Q 118 13.87 -25.22 44.01
C LEU Q 118 13.62 -24.27 42.83
N PRO Q 119 13.12 -23.06 43.06
CA PRO Q 119 12.65 -22.24 41.94
C PRO Q 119 13.79 -21.67 41.11
N THR Q 120 13.54 -21.57 39.80
CA THR Q 120 14.39 -20.79 38.91
C THR Q 120 13.82 -19.41 38.62
N GLN Q 121 12.51 -19.24 38.79
CA GLN Q 121 11.85 -17.95 38.60
C GLN Q 121 10.48 -18.01 39.26
N ILE Q 122 9.96 -16.84 39.61
CA ILE Q 122 8.64 -16.73 40.21
C ILE Q 122 7.99 -15.44 39.72
N THR Q 123 6.74 -15.56 39.28
CA THR Q 123 5.99 -14.42 38.78
C THR Q 123 4.59 -14.43 39.37
N GLY Q 124 4.00 -13.25 39.48
CA GLY Q 124 2.66 -13.12 40.02
C GLY Q 124 1.92 -12.00 39.34
N ARG Q 125 0.60 -12.16 39.23
CA ARG Q 125 -0.26 -11.17 38.60
C ARG Q 125 -1.53 -10.98 39.43
N ARG Q 126 -2.12 -9.80 39.28
CA ARG Q 126 -3.44 -9.49 39.84
C ARG Q 126 -4.36 -9.10 38.70
N PHE Q 127 -5.58 -9.63 38.71
CA PHE Q 127 -6.50 -9.49 37.59
C PHE Q 127 -7.88 -9.11 38.08
N ARG Q 128 -8.57 -8.31 37.28
CA ARG Q 128 -9.89 -7.79 37.65
C ARG Q 128 -11.02 -8.62 37.04
N ALA R 3 -7.41 -41.18 52.77
CA ALA R 3 -8.47 -41.82 52.02
C ALA R 3 -8.71 -41.11 50.69
N VAL R 4 -8.84 -41.90 49.63
CA VAL R 4 -9.03 -41.38 48.28
C VAL R 4 -10.25 -42.09 47.67
N THR R 5 -11.20 -41.30 47.19
CA THR R 5 -12.34 -41.85 46.46
C THR R 5 -12.37 -41.25 45.06
N ILE R 6 -12.97 -42.00 44.13
CA ILE R 6 -13.10 -41.56 42.75
C ILE R 6 -14.46 -40.89 42.59
N LEU R 7 -14.47 -39.75 41.91
CA LEU R 7 -15.69 -38.99 41.67
C LEU R 7 -16.26 -39.35 40.31
N SER R 8 -17.57 -39.60 40.27
CA SER R 8 -18.25 -39.85 39.02
C SER R 8 -18.36 -38.55 38.22
N ALA R 9 -18.64 -38.70 36.92
CA ALA R 9 -18.73 -37.53 36.05
C ALA R 9 -19.84 -36.59 36.51
N THR R 10 -20.94 -37.14 37.02
CA THR R 10 -22.03 -36.30 37.51
C THR R 10 -21.60 -35.48 38.71
N GLU R 11 -20.81 -36.07 39.60
CA GLU R 11 -20.27 -35.32 40.74
C GLU R 11 -19.32 -34.22 40.26
N CYS R 12 -18.45 -34.56 39.31
CA CYS R 12 -17.48 -33.59 38.81
C CYS R 12 -18.16 -32.34 38.26
N TRP R 13 -19.15 -32.54 37.37
CA TRP R 13 -19.80 -31.41 36.73
C TRP R 13 -20.53 -30.53 37.72
N ASP R 14 -21.13 -31.14 38.75
CA ASP R 14 -21.82 -30.35 39.77
C ASP R 14 -20.83 -29.62 40.66
N LEU R 15 -19.77 -30.30 41.10
CA LEU R 15 -18.73 -29.64 41.88
C LEU R 15 -18.12 -28.47 41.13
N LEU R 16 -18.05 -28.57 39.80
CA LEU R 16 -17.50 -27.48 38.99
C LEU R 16 -18.37 -26.23 39.07
N LYS R 17 -19.68 -26.40 39.31
CA LYS R 17 -20.57 -25.25 39.43
C LYS R 17 -20.46 -24.56 40.77
N SER R 18 -19.71 -25.13 41.72
CA SER R 18 -19.54 -24.54 43.03
C SER R 18 -18.35 -23.59 43.10
N VAL R 19 -17.59 -23.46 42.03
CA VAL R 19 -16.40 -22.61 42.00
C VAL R 19 -16.45 -21.75 40.73
N ALA R 20 -15.93 -20.52 40.84
CA ALA R 20 -15.90 -19.59 39.73
C ALA R 20 -14.54 -19.47 39.06
N LEU R 21 -13.48 -19.97 39.70
CA LEU R 21 -12.13 -19.83 39.21
C LEU R 21 -11.52 -21.20 38.92
N GLY R 22 -10.81 -21.29 37.81
CA GLY R 22 -10.12 -22.51 37.43
C GLY R 22 -8.81 -22.22 36.72
N ARG R 23 -8.15 -23.26 36.21
CA ARG R 23 -6.86 -23.12 35.54
C ARG R 23 -6.90 -23.83 34.19
N ILE R 24 -6.34 -23.17 33.17
CA ILE R 24 -6.15 -23.75 31.85
C ILE R 24 -4.66 -23.99 31.65
N VAL R 25 -4.30 -25.22 31.31
CA VAL R 25 -2.91 -25.62 31.09
C VAL R 25 -2.73 -25.95 29.62
N THR R 26 -1.89 -25.18 28.94
CA THR R 26 -1.51 -25.43 27.56
C THR R 26 -0.10 -25.99 27.51
N THR R 27 0.20 -26.69 26.41
CA THR R 27 1.51 -27.33 26.24
C THR R 27 1.97 -27.15 24.80
N VAL R 28 3.03 -26.35 24.62
CA VAL R 28 3.60 -26.06 23.31
C VAL R 28 5.12 -26.18 23.42
N ASP R 29 5.72 -26.93 22.50
CA ASP R 29 7.17 -27.10 22.44
C ASP R 29 7.73 -27.75 23.70
N ASN R 30 6.96 -28.69 24.26
CA ASN R 30 7.33 -29.42 25.48
C ASN R 30 7.50 -28.49 26.69
N THR R 31 6.86 -27.32 26.66
CA THR R 31 6.83 -26.42 27.81
C THR R 31 5.37 -26.09 28.12
N SER R 32 5.01 -26.14 29.40
CA SER R 32 3.65 -25.92 29.82
C SER R 32 3.45 -24.47 30.26
N HIS R 33 2.22 -23.99 30.10
CA HIS R 33 1.81 -22.69 30.60
C HIS R 33 0.44 -22.86 31.26
N ILE R 34 0.25 -22.18 32.39
CA ILE R 34 -0.98 -22.31 33.16
C ILE R 34 -1.60 -20.93 33.30
N PHE R 35 -2.93 -20.87 33.17
CA PHE R 35 -3.65 -19.60 33.15
C PHE R 35 -4.82 -19.67 34.12
N PRO R 36 -4.88 -18.78 35.12
CA PRO R 36 -6.11 -18.66 35.92
C PRO R 36 -7.24 -18.12 35.07
N ILE R 37 -8.41 -18.74 35.19
CA ILE R 37 -9.56 -18.38 34.36
C ILE R 37 -10.83 -18.34 35.20
N ASN R 38 -11.74 -17.47 34.79
CA ASN R 38 -13.11 -17.44 35.33
C ASN R 38 -14.01 -18.15 34.33
N PHE R 39 -14.70 -19.19 34.79
CA PHE R 39 -15.38 -20.12 33.90
C PHE R 39 -16.81 -20.39 34.37
N VAL R 40 -17.62 -20.90 33.46
CA VAL R 40 -18.94 -21.42 33.75
C VAL R 40 -19.10 -22.75 33.03
N VAL R 41 -19.92 -23.62 33.58
CA VAL R 41 -20.27 -24.89 32.95
C VAL R 41 -21.50 -24.66 32.09
N GLN R 42 -21.46 -25.13 30.84
CA GLN R 42 -22.60 -25.02 29.93
C GLN R 42 -22.69 -26.30 29.12
N ASN R 43 -23.79 -27.04 29.29
CA ASN R 43 -24.02 -28.29 28.58
C ASN R 43 -22.83 -29.25 28.75
N ARG R 44 -22.32 -29.33 29.98
CA ARG R 44 -21.18 -30.17 30.31
C ARG R 44 -19.99 -29.87 29.40
N THR R 45 -19.76 -28.59 29.18
CA THR R 45 -18.52 -28.07 28.62
C THR R 45 -18.03 -26.94 29.49
N VAL R 46 -16.73 -26.68 29.44
CA VAL R 46 -16.11 -25.61 30.22
C VAL R 46 -15.96 -24.41 29.29
N LEU R 47 -16.69 -23.35 29.57
CA LEU R 47 -16.65 -22.14 28.76
C LEU R 47 -16.08 -21.00 29.59
N PHE R 48 -15.19 -20.22 28.97
CA PHE R 48 -14.56 -19.10 29.66
C PHE R 48 -14.28 -17.98 28.68
N ARG R 49 -13.99 -16.81 29.25
CA ARG R 49 -13.78 -15.57 28.51
C ARG R 49 -12.29 -15.32 28.32
N THR R 50 -11.94 -14.66 27.22
CA THR R 50 -10.59 -14.21 26.96
C THR R 50 -10.62 -12.78 26.44
N ALA R 51 -9.63 -11.98 26.84
CA ALA R 51 -9.59 -10.56 26.50
C ALA R 51 -9.33 -10.37 25.01
N GLU R 52 -8.12 -10.67 24.56
CA GLU R 52 -7.83 -10.62 23.14
C GLU R 52 -6.78 -11.65 22.77
N GLY R 53 -5.55 -11.20 22.56
CA GLY R 53 -4.45 -12.10 22.29
C GLY R 53 -3.92 -12.67 23.58
N THR R 54 -2.96 -11.96 24.18
CA THR R 54 -2.43 -12.31 25.50
C THR R 54 -1.90 -13.75 25.52
N LYS R 55 -1.75 -14.32 24.31
CA LYS R 55 -1.22 -15.64 24.02
C LYS R 55 -1.77 -16.73 24.93
N LEU R 56 -2.91 -16.46 25.58
CA LEU R 56 -3.73 -17.54 26.11
C LEU R 56 -4.51 -18.21 24.98
N VAL R 57 -5.01 -17.42 24.02
CA VAL R 57 -5.69 -17.99 22.87
C VAL R 57 -4.71 -18.79 22.01
N SER R 58 -3.66 -18.12 21.52
CA SER R 58 -2.75 -18.74 20.56
C SER R 58 -2.22 -20.08 21.05
N ALA R 59 -2.05 -20.24 22.36
CA ALA R 59 -1.64 -21.51 22.93
C ALA R 59 -2.79 -22.48 23.15
N ALA R 60 -4.04 -22.02 23.00
CA ALA R 60 -5.20 -22.87 23.24
C ALA R 60 -6.11 -23.06 22.03
N ILE R 61 -6.04 -22.17 21.02
CA ILE R 61 -6.97 -22.05 19.89
C ILE R 61 -7.68 -23.35 19.53
N ASN R 62 -6.90 -24.41 19.31
CA ASN R 62 -7.40 -25.64 18.70
C ASN R 62 -6.57 -26.82 19.16
N ASN R 63 -5.90 -26.71 20.30
CA ASN R 63 -4.97 -27.69 20.81
C ASN R 63 -5.54 -28.37 22.04
N ASN R 64 -4.87 -29.43 22.48
CA ASN R 64 -5.23 -30.06 23.73
C ASN R 64 -4.93 -29.12 24.89
N VAL R 65 -5.87 -29.01 25.83
CA VAL R 65 -5.71 -28.19 27.01
C VAL R 65 -6.06 -29.00 28.24
N LEU R 66 -5.66 -28.49 29.40
CA LEU R 66 -6.04 -29.04 30.69
C LEU R 66 -6.85 -27.99 31.43
N PHE R 67 -8.02 -28.40 31.93
CA PHE R 67 -8.82 -27.55 32.81
C PHE R 67 -8.89 -28.19 34.19
N GLU R 68 -8.52 -27.44 35.21
CA GLU R 68 -8.53 -27.95 36.58
C GLU R 68 -9.24 -26.95 37.49
N ALA R 69 -9.94 -27.50 38.48
CA ALA R 69 -10.60 -26.70 39.51
C ALA R 69 -10.68 -27.55 40.77
N ASP R 70 -10.69 -26.88 41.93
CA ASP R 70 -10.63 -27.59 43.19
C ASP R 70 -11.16 -26.70 44.31
N ASP R 71 -11.35 -27.31 45.47
CA ASP R 71 -11.74 -26.62 46.70
C ASP R 71 -11.37 -27.52 47.87
N HIS R 72 -11.35 -26.94 49.07
CA HIS R 72 -10.89 -27.69 50.23
C HIS R 72 -11.30 -26.97 51.50
N ASP R 73 -11.38 -27.74 52.59
CA ASP R 73 -11.46 -27.21 53.94
C ASP R 73 -10.12 -27.45 54.63
N VAL R 74 -10.14 -27.54 55.96
CA VAL R 74 -8.89 -27.65 56.71
C VAL R 74 -8.26 -29.02 56.55
N GLU R 75 -9.06 -30.05 56.24
CA GLU R 75 -8.49 -31.38 56.19
C GLU R 75 -8.75 -32.10 54.86
N GLN R 76 -9.89 -31.86 54.23
CA GLN R 76 -10.26 -32.57 53.02
C GLN R 76 -10.54 -31.59 51.88
N GLY R 77 -10.41 -32.09 50.65
CA GLY R 77 -10.68 -31.30 49.47
C GLY R 77 -11.05 -32.19 48.30
N TRP R 78 -11.42 -31.54 47.19
CA TRP R 78 -11.72 -32.24 45.96
C TRP R 78 -11.06 -31.50 44.80
N SER R 79 -10.90 -32.21 43.68
CA SER R 79 -10.38 -31.59 42.47
C SER R 79 -11.02 -32.27 41.26
N VAL R 80 -11.16 -31.51 40.18
CA VAL R 80 -11.75 -31.98 38.93
C VAL R 80 -10.83 -31.55 37.79
N ILE R 81 -10.43 -32.51 36.97
CA ILE R 81 -9.53 -32.26 35.84
C ILE R 81 -10.26 -32.64 34.56
N VAL R 82 -10.27 -31.71 33.60
CA VAL R 82 -10.89 -31.92 32.30
C VAL R 82 -9.81 -31.86 31.23
N ARG R 83 -9.66 -32.94 30.47
CA ARG R 83 -8.87 -32.92 29.24
C ARG R 83 -9.82 -32.68 28.07
N GLY R 84 -9.43 -31.78 27.16
CA GLY R 84 -10.28 -31.51 26.03
C GLY R 84 -9.63 -30.54 25.07
N VAL R 85 -10.43 -30.10 24.09
CA VAL R 85 -9.99 -29.18 23.04
C VAL R 85 -10.65 -27.84 23.28
N ALA R 86 -9.84 -26.78 23.33
CA ALA R 86 -10.37 -25.43 23.38
C ALA R 86 -10.82 -25.01 21.97
N ARG R 87 -11.91 -24.28 21.92
CA ARG R 87 -12.46 -23.82 20.65
C ARG R 87 -13.07 -22.45 20.83
N THR R 88 -12.81 -21.57 19.88
CA THR R 88 -13.45 -20.26 19.89
C THR R 88 -14.92 -20.42 19.57
N VAL R 89 -15.74 -19.62 20.23
CA VAL R 89 -17.16 -19.55 19.90
C VAL R 89 -17.38 -18.48 18.85
N ARG R 90 -18.11 -18.87 17.80
CA ARG R 90 -18.78 -18.02 16.82
C ARG R 90 -18.83 -16.54 17.22
N ASP R 91 -18.32 -15.70 16.30
CA ASP R 91 -18.45 -14.25 16.34
C ASP R 91 -18.92 -13.63 15.02
N GLU R 92 -18.98 -14.42 13.94
CA GLU R 92 -19.15 -13.96 12.57
C GLU R 92 -18.34 -12.71 12.25
N ALA R 93 -17.05 -12.89 11.99
CA ALA R 93 -16.17 -11.82 11.57
C ALA R 93 -15.04 -12.45 10.77
N THR R 112 -13.08 -9.11 22.66
CA THR R 112 -13.13 -10.17 23.67
C THR R 112 -13.89 -11.38 23.12
N HIS R 113 -13.37 -12.57 23.39
CA HIS R 113 -13.91 -13.78 22.80
C HIS R 113 -14.07 -14.88 23.84
N TRP R 114 -15.09 -15.71 23.64
CA TRP R 114 -15.36 -16.84 24.50
C TRP R 114 -14.70 -18.09 23.92
N VAL R 115 -14.18 -18.94 24.81
CA VAL R 115 -13.51 -20.17 24.43
C VAL R 115 -14.19 -21.32 25.17
N ARG R 116 -14.55 -22.37 24.44
CA ARG R 116 -15.22 -23.54 25.01
C ARG R 116 -14.27 -24.73 24.98
N VAL R 117 -14.10 -25.38 26.12
CA VAL R 117 -13.32 -26.61 26.21
C VAL R 117 -14.29 -27.78 26.05
N LEU R 118 -14.09 -28.57 24.99
CA LEU R 118 -14.95 -29.72 24.76
C LEU R 118 -14.27 -30.97 25.29
N PRO R 119 -14.79 -31.58 26.35
CA PRO R 119 -13.99 -32.57 27.08
C PRO R 119 -13.86 -33.89 26.35
N THR R 120 -12.63 -34.43 26.38
CA THR R 120 -12.41 -35.81 25.99
C THR R 120 -12.55 -36.77 27.17
N GLN R 121 -12.47 -36.26 28.39
CA GLN R 121 -12.64 -37.02 29.63
C GLN R 121 -12.68 -36.02 30.78
N ILE R 122 -13.32 -36.44 31.88
CA ILE R 122 -13.38 -35.63 33.08
C ILE R 122 -13.26 -36.57 34.28
N THR R 123 -12.33 -36.26 35.18
CA THR R 123 -12.10 -37.08 36.37
C THR R 123 -12.15 -36.20 37.61
N GLY R 124 -12.31 -36.84 38.75
CA GLY R 124 -12.38 -36.12 40.01
C GLY R 124 -11.93 -37.01 41.16
N ARG R 125 -11.33 -36.38 42.16
CA ARG R 125 -10.92 -37.07 43.37
C ARG R 125 -11.26 -36.22 44.58
N ARG R 126 -11.54 -36.89 45.69
CA ARG R 126 -11.53 -36.25 47.00
C ARG R 126 -10.39 -36.85 47.81
N PHE R 127 -9.74 -36.02 48.61
CA PHE R 127 -8.45 -36.34 49.20
C PHE R 127 -8.39 -35.77 50.61
N ARG R 128 -7.82 -36.53 51.53
CA ARG R 128 -7.59 -36.08 52.90
C ARG R 128 -6.11 -35.82 53.08
N PHE R 129 -5.77 -34.62 53.55
CA PHE R 129 -4.38 -34.26 53.78
C PHE R 129 -4.17 -33.71 55.19
N THR S 5 22.30 -20.81 -56.74
CA THR S 5 21.11 -20.40 -57.47
C THR S 5 19.85 -20.78 -56.68
N ILE S 6 18.68 -20.49 -57.25
CA ILE S 6 17.41 -20.68 -56.55
C ILE S 6 16.98 -22.14 -56.65
N LEU S 7 16.37 -22.64 -55.59
CA LEU S 7 15.86 -24.01 -55.52
C LEU S 7 14.33 -24.01 -55.55
N SER S 8 13.77 -25.04 -56.18
CA SER S 8 12.33 -25.18 -56.29
C SER S 8 11.74 -25.71 -54.98
N ALA S 9 10.42 -25.52 -54.84
CA ALA S 9 9.76 -25.87 -53.59
C ALA S 9 9.82 -27.36 -53.29
N THR S 10 9.75 -28.19 -54.33
CA THR S 10 9.78 -29.63 -54.12
C THR S 10 11.12 -30.07 -53.55
N GLU S 11 12.22 -29.51 -54.04
CA GLU S 11 13.52 -29.83 -53.47
C GLU S 11 13.67 -29.25 -52.08
N CYS S 12 13.14 -28.03 -51.87
CA CYS S 12 13.23 -27.40 -50.56
C CYS S 12 12.63 -28.29 -49.48
N TRP S 13 11.40 -28.76 -49.69
CA TRP S 13 10.75 -29.61 -48.70
C TRP S 13 11.47 -30.93 -48.51
N ASP S 14 12.08 -31.46 -49.58
CA ASP S 14 12.80 -32.72 -49.45
C ASP S 14 14.16 -32.54 -48.80
N LEU S 15 14.83 -31.41 -49.06
CA LEU S 15 16.09 -31.16 -48.39
C LEU S 15 15.90 -31.01 -46.89
N LEU S 16 14.75 -30.45 -46.47
CA LEU S 16 14.45 -30.36 -45.04
C LEU S 16 14.35 -31.75 -44.42
N LYS S 17 13.82 -32.72 -45.16
CA LYS S 17 13.70 -34.08 -44.64
C LYS S 17 15.05 -34.75 -44.47
N SER S 18 16.11 -34.22 -45.07
CA SER S 18 17.44 -34.78 -44.91
C SER S 18 18.09 -34.39 -43.59
N VAL S 19 17.54 -33.40 -42.90
CA VAL S 19 18.16 -32.83 -41.70
C VAL S 19 17.16 -32.89 -40.56
N ALA S 20 17.64 -33.23 -39.37
CA ALA S 20 16.78 -33.37 -38.20
C ALA S 20 16.73 -32.13 -37.31
N LEU S 21 17.67 -31.20 -37.46
CA LEU S 21 17.77 -30.04 -36.58
C LEU S 21 17.62 -28.77 -37.41
N GLY S 22 16.66 -27.93 -37.02
CA GLY S 22 16.46 -26.64 -37.64
C GLY S 22 16.34 -25.56 -36.59
N ARG S 23 15.96 -24.34 -36.99
CA ARG S 23 15.90 -23.23 -36.05
C ARG S 23 14.71 -22.34 -36.37
N ILE S 24 13.94 -22.00 -35.34
CA ILE S 24 12.87 -21.02 -35.45
C ILE S 24 13.38 -19.70 -34.90
N VAL S 25 13.05 -18.60 -35.58
CA VAL S 25 13.29 -17.28 -35.05
C VAL S 25 11.95 -16.57 -34.94
N THR S 26 11.92 -15.51 -34.13
CA THR S 26 10.67 -14.88 -33.73
C THR S 26 10.74 -13.38 -33.94
N THR S 27 9.55 -12.76 -33.99
CA THR S 27 9.23 -11.33 -34.02
C THR S 27 10.07 -10.48 -34.96
N VAL S 28 9.65 -9.24 -35.19
CA VAL S 28 10.12 -8.45 -36.33
C VAL S 28 10.53 -7.05 -35.90
N ASP S 29 11.53 -6.52 -36.62
CA ASP S 29 11.95 -5.12 -36.61
C ASP S 29 12.67 -4.71 -35.34
N ASN S 30 12.40 -5.37 -34.22
CA ASN S 30 12.97 -4.96 -32.93
C ASN S 30 13.47 -6.16 -32.15
N THR S 31 12.55 -7.02 -31.72
CA THR S 31 12.86 -8.17 -30.90
C THR S 31 13.25 -9.34 -31.80
N SER S 32 14.20 -10.15 -31.33
CA SER S 32 14.71 -11.27 -32.10
C SER S 32 15.22 -12.36 -31.17
N HIS S 33 14.72 -13.57 -31.36
CA HIS S 33 15.12 -14.74 -30.58
C HIS S 33 15.13 -15.95 -31.50
N ILE S 34 16.17 -16.76 -31.40
CA ILE S 34 16.35 -17.94 -32.24
C ILE S 34 16.30 -19.18 -31.36
N PHE S 35 15.64 -20.23 -31.84
CA PHE S 35 15.37 -21.43 -31.05
C PHE S 35 15.74 -22.68 -31.83
N PRO S 36 16.84 -23.35 -31.47
CA PRO S 36 17.14 -24.66 -32.07
C PRO S 36 15.99 -25.64 -31.91
N ILE S 37 15.72 -26.41 -32.98
CA ILE S 37 14.46 -27.13 -33.12
C ILE S 37 14.73 -28.48 -33.77
N ASN S 38 14.13 -29.53 -33.22
CA ASN S 38 14.11 -30.84 -33.86
C ASN S 38 12.75 -31.02 -34.52
N PHE S 39 12.76 -31.42 -35.79
CA PHE S 39 11.55 -31.35 -36.60
C PHE S 39 11.53 -32.46 -37.64
N VAL S 40 10.37 -32.62 -38.27
CA VAL S 40 10.25 -33.23 -39.60
C VAL S 40 9.29 -32.40 -40.42
N VAL S 41 9.18 -32.76 -41.69
CA VAL S 41 8.20 -32.21 -42.60
C VAL S 41 7.02 -33.18 -42.68
N GLN S 42 5.82 -32.62 -42.65
CA GLN S 42 4.60 -33.40 -42.86
C GLN S 42 3.72 -32.64 -43.85
N ASN S 43 3.69 -33.12 -45.09
CA ASN S 43 2.84 -32.55 -46.14
C ASN S 43 3.04 -31.04 -46.25
N ARG S 44 4.30 -30.66 -46.46
CA ARG S 44 4.68 -29.26 -46.63
C ARG S 44 4.31 -28.42 -45.40
N THR S 45 4.59 -28.98 -44.22
CA THR S 45 4.47 -28.28 -42.94
C THR S 45 5.65 -28.67 -42.07
N VAL S 46 6.05 -27.73 -41.21
CA VAL S 46 7.16 -27.95 -40.29
C VAL S 46 6.57 -28.27 -38.93
N LEU S 47 6.74 -29.52 -38.48
CA LEU S 47 6.19 -29.99 -37.22
C LEU S 47 7.30 -30.12 -36.18
N PHE S 48 7.01 -29.68 -34.95
CA PHE S 48 7.93 -29.86 -33.84
C PHE S 48 7.16 -29.82 -32.55
N ARG S 49 7.69 -30.53 -31.56
N ARG S 49 7.67 -30.50 -31.53
CA ARG S 49 7.20 -30.54 -30.19
CA ARG S 49 7.04 -30.51 -30.21
C ARG S 49 7.88 -29.42 -29.41
C ARG S 49 7.85 -29.68 -29.23
N THR S 50 7.16 -28.85 -28.45
CA THR S 50 7.76 -27.85 -27.59
C THR S 50 7.50 -28.18 -26.13
N ALA S 51 8.52 -28.03 -25.30
CA ALA S 51 8.46 -28.41 -23.89
C ALA S 51 7.53 -27.48 -23.12
N GLU S 52 7.20 -27.90 -21.90
CA GLU S 52 6.22 -27.21 -21.07
C GLU S 52 6.81 -25.95 -20.47
N GLY S 53 6.13 -24.82 -20.66
CA GLY S 53 6.46 -23.60 -19.96
C GLY S 53 7.82 -23.02 -20.28
N THR S 54 8.26 -23.12 -21.52
CA THR S 54 9.51 -22.52 -21.97
C THR S 54 9.20 -21.35 -22.89
N LYS S 55 10.24 -20.54 -23.14
CA LYS S 55 10.05 -19.31 -23.91
C LYS S 55 9.59 -19.58 -25.34
N LEU S 56 9.84 -20.79 -25.86
CA LEU S 56 9.45 -21.10 -27.23
C LEU S 56 7.94 -21.17 -27.38
N VAL S 57 7.23 -21.68 -26.37
CA VAL S 57 5.77 -21.70 -26.45
C VAL S 57 5.21 -20.28 -26.41
N SER S 58 5.93 -19.35 -25.77
CA SER S 58 5.36 -18.03 -25.53
C SER S 58 5.59 -17.09 -26.71
N ALA S 59 6.69 -17.27 -27.44
CA ALA S 59 7.05 -16.31 -28.48
C ALA S 59 6.45 -16.65 -29.85
N ALA S 60 6.28 -17.93 -30.15
CA ALA S 60 5.97 -18.37 -31.52
C ALA S 60 4.56 -18.91 -31.71
N ILE S 61 4.01 -19.58 -30.70
CA ILE S 61 2.89 -20.52 -30.88
C ILE S 61 1.72 -19.94 -31.66
N ASN S 62 1.58 -18.61 -31.67
CA ASN S 62 0.49 -18.01 -32.43
C ASN S 62 0.95 -16.80 -33.24
N ASN S 63 2.24 -16.69 -33.53
CA ASN S 63 2.78 -15.53 -34.22
C ASN S 63 3.60 -15.99 -35.42
N ASN S 64 3.74 -15.07 -36.38
CA ASN S 64 4.55 -15.32 -37.56
C ASN S 64 6.00 -15.58 -37.16
N VAL S 65 6.60 -16.60 -37.76
CA VAL S 65 7.95 -17.03 -37.42
C VAL S 65 8.70 -17.40 -38.70
N LEU S 66 10.02 -17.52 -38.56
CA LEU S 66 10.90 -18.01 -39.61
C LEU S 66 11.44 -19.37 -39.22
N PHE S 67 11.58 -20.26 -40.19
CA PHE S 67 12.21 -21.56 -39.98
C PHE S 67 13.33 -21.73 -40.98
N GLU S 68 14.49 -22.18 -40.49
CA GLU S 68 15.67 -22.33 -41.32
C GLU S 68 16.35 -23.65 -41.02
N ALA S 69 16.83 -24.30 -42.08
CA ALA S 69 17.64 -25.51 -41.97
C ALA S 69 18.64 -25.52 -43.10
N ASP S 70 19.75 -26.22 -42.90
CA ASP S 70 20.82 -26.20 -43.91
C ASP S 70 21.69 -27.44 -43.74
N ASP S 71 22.58 -27.61 -44.72
CA ASP S 71 23.59 -28.66 -44.70
C ASP S 71 24.70 -28.25 -45.66
N HIS S 72 25.85 -28.91 -45.53
CA HIS S 72 27.01 -28.55 -46.34
C HIS S 72 28.06 -29.64 -46.22
N ASP S 73 28.89 -29.77 -47.26
CA ASP S 73 30.15 -30.47 -47.13
C ASP S 73 31.26 -29.41 -47.00
N VAL S 74 32.49 -29.76 -47.35
CA VAL S 74 33.61 -28.86 -47.10
C VAL S 74 33.64 -27.72 -48.11
N GLU S 75 33.01 -27.88 -49.28
CA GLU S 75 33.04 -26.84 -50.30
C GLU S 75 31.68 -26.32 -50.73
N GLN S 76 30.60 -27.09 -50.59
CA GLN S 76 29.29 -26.65 -51.07
C GLN S 76 28.21 -27.02 -50.06
N GLY S 77 27.13 -26.24 -50.08
CA GLY S 77 26.01 -26.49 -49.19
C GLY S 77 24.74 -25.85 -49.70
N TRP S 78 23.65 -26.08 -48.95
CA TRP S 78 22.35 -25.53 -49.28
C TRP S 78 21.69 -25.01 -48.01
N SER S 79 20.62 -24.23 -48.19
CA SER S 79 19.82 -23.76 -47.07
C SER S 79 18.40 -23.48 -47.55
N VAL S 80 17.44 -23.73 -46.67
CA VAL S 80 16.03 -23.52 -46.96
C VAL S 80 15.41 -22.69 -45.84
N ILE S 81 14.59 -21.72 -46.22
CA ILE S 81 13.99 -20.76 -45.29
C ILE S 81 12.49 -20.76 -45.50
N VAL S 82 11.74 -20.87 -44.40
CA VAL S 82 10.29 -20.99 -44.44
C VAL S 82 9.68 -19.84 -43.66
N ARG S 83 8.88 -19.01 -44.33
CA ARG S 83 8.09 -17.98 -43.67
C ARG S 83 6.66 -18.48 -43.49
N GLY S 84 6.18 -18.41 -42.26
CA GLY S 84 4.83 -18.86 -41.99
C GLY S 84 4.39 -18.52 -40.59
N VAL S 85 3.31 -19.18 -40.15
CA VAL S 85 2.72 -18.94 -38.84
C VAL S 85 2.75 -20.25 -38.07
N ALA S 86 3.39 -20.23 -36.90
CA ALA S 86 3.34 -21.39 -36.01
C ALA S 86 1.93 -21.54 -35.47
N ARG S 87 1.39 -22.75 -35.54
CA ARG S 87 -0.01 -23.00 -35.20
C ARG S 87 -0.15 -24.22 -34.30
N THR S 88 -1.03 -24.12 -33.32
CA THR S 88 -1.32 -25.23 -32.43
C THR S 88 -1.93 -26.39 -33.21
N VAL S 89 -1.59 -27.60 -32.82
CA VAL S 89 -2.23 -28.80 -33.36
C VAL S 89 -3.48 -29.04 -32.53
N ARG S 90 -4.64 -28.73 -33.11
CA ARG S 90 -5.89 -28.63 -32.36
C ARG S 90 -6.84 -29.78 -32.63
N ASP S 91 -7.23 -30.02 -33.88
CA ASP S 91 -8.23 -31.05 -34.11
C ASP S 91 -7.58 -32.44 -34.20
N GLU S 92 -8.44 -33.46 -34.22
CA GLU S 92 -7.97 -34.83 -34.04
C GLU S 92 -7.23 -35.35 -35.27
N ALA S 93 -7.63 -34.91 -36.47
CA ALA S 93 -6.91 -35.32 -37.67
C ALA S 93 -5.48 -34.77 -37.65
N ASP S 94 -5.33 -33.50 -37.29
CA ASP S 94 -4.00 -32.91 -37.16
C ASP S 94 -3.18 -33.63 -36.09
N LEU S 95 -3.82 -34.00 -34.99
CA LEU S 95 -3.11 -34.69 -33.92
C LEU S 95 -2.73 -36.11 -34.34
N ALA S 96 -3.62 -36.80 -35.06
CA ALA S 96 -3.29 -38.14 -35.52
C ALA S 96 -2.08 -38.14 -36.43
N GLU S 97 -1.96 -37.13 -37.29
CA GLU S 97 -0.80 -37.03 -38.17
C GLU S 97 0.46 -36.72 -37.38
N ALA S 98 0.36 -35.81 -36.40
CA ALA S 98 1.53 -35.45 -35.60
C ALA S 98 2.04 -36.64 -34.80
N GLN S 99 1.12 -37.47 -34.28
CA GLN S 99 1.51 -38.64 -33.50
C GLN S 99 2.19 -39.72 -34.34
N ARG S 100 2.28 -39.55 -35.65
CA ARG S 100 3.01 -40.47 -36.51
C ARG S 100 4.41 -39.99 -36.85
N ALA S 101 4.73 -38.74 -36.57
CA ALA S 101 6.03 -38.19 -36.92
C ALA S 101 7.14 -38.93 -36.21
N GLU S 102 8.16 -39.34 -36.97
CA GLU S 102 9.34 -39.96 -36.38
C GLU S 102 10.19 -38.89 -35.71
N LEU S 103 9.71 -38.40 -34.57
CA LEU S 103 10.32 -37.26 -33.87
C LEU S 103 10.90 -37.69 -32.54
N LEU S 104 12.22 -37.63 -32.45
CA LEU S 104 12.95 -37.70 -31.20
C LEU S 104 14.40 -37.39 -31.53
N THR S 112 3.10 -31.42 -23.26
CA THR S 112 4.01 -31.06 -24.33
C THR S 112 3.25 -30.94 -25.65
N HIS S 113 3.05 -29.71 -26.11
CA HIS S 113 2.19 -29.42 -27.24
C HIS S 113 2.93 -29.63 -28.56
N TRP S 114 2.19 -30.07 -29.58
CA TRP S 114 2.70 -30.06 -30.94
C TRP S 114 2.45 -28.69 -31.55
N VAL S 115 3.39 -28.26 -32.41
CA VAL S 115 3.31 -26.98 -33.10
C VAL S 115 3.64 -27.20 -34.56
N ARG S 116 2.84 -26.63 -35.45
CA ARG S 116 3.08 -26.67 -36.88
C ARG S 116 3.35 -25.26 -37.40
N VAL S 117 4.27 -25.16 -38.36
CA VAL S 117 4.54 -23.91 -39.05
C VAL S 117 3.88 -24.02 -40.43
N LEU S 118 2.79 -23.29 -40.62
CA LEU S 118 2.08 -23.33 -41.89
C LEU S 118 2.70 -22.30 -42.83
N PRO S 119 3.31 -22.72 -43.93
CA PRO S 119 4.18 -21.82 -44.70
C PRO S 119 3.41 -20.79 -45.51
N THR S 120 3.85 -19.53 -45.42
CA THR S 120 3.42 -18.50 -46.36
C THR S 120 4.25 -18.57 -47.65
N GLN S 121 5.54 -18.85 -47.51
CA GLN S 121 6.43 -19.00 -48.65
C GLN S 121 7.60 -19.87 -48.21
N ILE S 122 8.25 -20.50 -49.19
CA ILE S 122 9.43 -21.32 -48.92
C ILE S 122 10.45 -21.08 -50.03
N THR S 123 11.69 -20.83 -49.63
CA THR S 123 12.77 -20.49 -50.54
C THR S 123 14.01 -21.30 -50.17
N GLY S 124 14.85 -21.55 -51.17
CA GLY S 124 16.06 -22.32 -50.96
C GLY S 124 17.17 -21.83 -51.86
N ARG S 125 18.41 -21.96 -51.37
CA ARG S 125 19.57 -21.46 -52.08
C ARG S 125 20.72 -22.44 -52.02
N ARG S 126 21.44 -22.55 -53.13
CA ARG S 126 22.66 -23.32 -53.27
C ARG S 126 23.84 -22.35 -53.33
N PHE S 127 24.93 -22.68 -52.64
CA PHE S 127 26.03 -21.71 -52.51
C PHE S 127 27.37 -22.41 -52.60
N ARG S 128 28.37 -21.64 -53.06
CA ARG S 128 29.74 -22.12 -53.28
C ARG S 128 29.76 -23.30 -54.24
N ILE T 6 23.27 -26.10 -19.14
CA ILE T 6 23.92 -24.83 -19.44
C ILE T 6 25.41 -25.03 -19.68
N LEU T 7 25.90 -24.47 -20.79
CA LEU T 7 27.30 -24.57 -21.14
C LEU T 7 28.05 -23.29 -20.79
N SER T 8 29.31 -23.45 -20.40
CA SER T 8 30.13 -22.30 -20.05
C SER T 8 30.70 -21.66 -21.31
N ALA T 9 31.18 -20.42 -21.15
CA ALA T 9 31.74 -19.69 -22.28
C ALA T 9 32.82 -20.50 -23.01
N THR T 10 33.65 -21.25 -22.29
CA THR T 10 34.70 -21.99 -22.98
C THR T 10 34.13 -23.20 -23.71
N GLU T 11 33.15 -23.88 -23.11
CA GLU T 11 32.51 -24.98 -23.82
C GLU T 11 31.92 -24.48 -25.14
N CYS T 12 31.33 -23.29 -25.13
CA CYS T 12 30.75 -22.73 -26.33
C CYS T 12 31.79 -22.49 -27.41
N TRP T 13 32.79 -21.66 -27.12
CA TRP T 13 33.79 -21.32 -28.12
C TRP T 13 34.54 -22.55 -28.62
N ASP T 14 34.72 -23.55 -27.76
CA ASP T 14 35.36 -24.79 -28.20
C ASP T 14 34.44 -25.58 -29.13
N LEU T 15 33.15 -25.65 -28.80
CA LEU T 15 32.21 -26.35 -29.66
C LEU T 15 32.03 -25.63 -31.00
N LEU T 16 32.06 -24.30 -30.98
CA LEU T 16 31.94 -23.54 -32.22
C LEU T 16 33.02 -23.90 -33.21
N LYS T 17 34.21 -24.28 -32.73
CA LYS T 17 35.30 -24.66 -33.61
C LYS T 17 35.10 -26.03 -34.26
N SER T 18 34.12 -26.82 -33.80
CA SER T 18 33.86 -28.12 -34.39
C SER T 18 32.99 -28.05 -35.63
N VAL T 19 32.33 -26.93 -35.89
CA VAL T 19 31.43 -26.77 -37.03
C VAL T 19 31.94 -25.64 -37.91
N ALA T 20 31.65 -25.74 -39.20
CA ALA T 20 32.13 -24.77 -40.17
C ALA T 20 31.06 -23.80 -40.65
N LEU T 21 29.78 -24.12 -40.46
CA LEU T 21 28.68 -23.31 -40.95
C LEU T 21 27.86 -22.79 -39.77
N GLY T 22 27.55 -21.49 -39.81
CA GLY T 22 26.65 -20.88 -38.85
C GLY T 22 25.63 -19.99 -39.54
N ARG T 23 24.92 -19.16 -38.78
CA ARG T 23 23.88 -18.30 -39.35
C ARG T 23 23.91 -16.93 -38.66
N ILE T 24 23.79 -15.87 -39.46
CA ILE T 24 23.64 -14.51 -38.95
C ILE T 24 22.19 -14.11 -39.05
N VAL T 25 21.60 -13.73 -37.91
CA VAL T 25 20.23 -13.27 -37.86
C VAL T 25 20.25 -11.75 -37.68
N THR T 26 19.72 -11.04 -38.68
CA THR T 26 19.60 -9.59 -38.64
C THR T 26 18.13 -9.20 -38.63
N THR T 27 17.80 -8.23 -37.79
CA THR T 27 16.41 -7.81 -37.63
C THR T 27 16.15 -6.50 -38.36
N SER T 32 12.70 -9.93 -39.35
CA SER T 32 13.94 -10.66 -39.16
C SER T 32 14.39 -11.36 -40.44
N HIS T 33 15.70 -11.57 -40.55
CA HIS T 33 16.29 -12.29 -41.67
C HIS T 33 17.44 -13.14 -41.16
N ILE T 34 17.66 -14.28 -41.81
CA ILE T 34 18.71 -15.21 -41.43
C ILE T 34 19.62 -15.44 -42.63
N PHE T 35 20.92 -15.57 -42.37
CA PHE T 35 21.91 -15.74 -43.42
C PHE T 35 22.89 -16.85 -43.06
N PRO T 36 22.85 -17.98 -43.76
CA PRO T 36 23.91 -18.99 -43.59
C PRO T 36 25.24 -18.43 -44.04
N ILE T 37 26.27 -18.63 -43.21
CA ILE T 37 27.62 -18.16 -43.51
C ILE T 37 28.64 -19.18 -43.05
N ASN T 38 29.75 -19.23 -43.78
CA ASN T 38 30.90 -20.05 -43.41
C ASN T 38 31.79 -19.24 -42.46
N PHE T 39 32.08 -19.81 -41.29
CA PHE T 39 32.71 -19.05 -40.21
C PHE T 39 33.83 -19.85 -39.57
N VAL T 40 34.69 -19.13 -38.84
CA VAL T 40 35.71 -19.72 -37.99
C VAL T 40 35.75 -18.92 -36.69
N VAL T 41 36.21 -19.58 -35.63
CA VAL T 41 36.43 -18.92 -34.36
C VAL T 41 37.83 -18.33 -34.36
N GLN T 42 37.92 -17.01 -34.22
CA GLN T 42 39.20 -16.30 -34.21
C GLN T 42 39.26 -15.42 -32.97
N ASN T 43 39.91 -15.92 -31.92
CA ASN T 43 40.18 -15.17 -30.70
C ASN T 43 38.88 -14.62 -30.08
N ARG T 44 38.04 -15.56 -29.66
CA ARG T 44 36.76 -15.24 -29.02
C ARG T 44 35.94 -14.25 -29.86
N THR T 45 36.08 -14.36 -31.17
CA THR T 45 35.26 -13.62 -32.12
C THR T 45 34.93 -14.55 -33.28
N VAL T 46 33.76 -14.33 -33.88
CA VAL T 46 33.32 -15.13 -35.03
C VAL T 46 33.62 -14.33 -36.29
N LEU T 47 34.41 -14.92 -37.18
CA LEU T 47 34.82 -14.30 -38.43
C LEU T 47 34.19 -15.02 -39.61
N PHE T 48 33.79 -14.25 -40.63
CA PHE T 48 33.20 -14.82 -41.83
C PHE T 48 33.36 -13.82 -42.97
N ARG T 49 33.38 -14.35 -44.19
CA ARG T 49 33.48 -13.50 -45.38
C ARG T 49 32.09 -13.17 -45.92
N THR T 50 32.03 -12.10 -46.70
CA THR T 50 30.77 -11.57 -47.21
C THR T 50 30.95 -11.16 -48.67
N ALA T 51 30.04 -11.62 -49.52
CA ALA T 51 29.99 -11.17 -50.90
C ALA T 51 29.39 -9.77 -50.97
N GLU T 52 29.94 -8.92 -51.84
CA GLU T 52 29.50 -7.54 -51.90
C GLU T 52 28.28 -7.38 -52.80
N GLY T 53 27.47 -6.36 -52.50
CA GLY T 53 26.19 -6.18 -53.15
C GLY T 53 25.08 -7.02 -52.55
N THR T 54 25.39 -7.87 -51.60
CA THR T 54 24.44 -8.77 -50.98
C THR T 54 23.69 -8.04 -49.86
N LYS T 55 22.47 -8.52 -49.56
CA LYS T 55 21.70 -7.94 -48.47
C LYS T 55 22.32 -8.23 -47.11
N LEU T 56 23.23 -9.21 -47.04
CA LEU T 56 23.92 -9.51 -45.79
C LEU T 56 24.86 -8.38 -45.40
N VAL T 57 25.59 -7.82 -46.37
CA VAL T 57 26.47 -6.70 -46.07
C VAL T 57 25.67 -5.44 -45.77
N SER T 58 24.41 -5.37 -46.20
CA SER T 58 23.52 -4.28 -45.84
C SER T 58 22.72 -4.55 -44.58
N ALA T 59 22.78 -5.77 -44.06
CA ALA T 59 22.10 -6.13 -42.82
C ALA T 59 23.04 -6.22 -41.63
N ALA T 60 24.28 -6.67 -41.85
CA ALA T 60 25.26 -6.66 -40.77
C ALA T 60 25.64 -5.23 -40.39
N ILE T 61 26.26 -4.51 -41.34
CA ILE T 61 26.63 -3.10 -41.19
C ILE T 61 27.40 -2.88 -39.89
N ASN T 62 26.67 -2.61 -38.81
CA ASN T 62 27.25 -2.19 -37.55
C ASN T 62 26.22 -2.42 -36.45
N ASN T 63 25.21 -3.22 -36.76
CA ASN T 63 24.11 -3.39 -35.84
C ASN T 63 24.33 -4.57 -34.91
N ASN T 64 23.44 -4.65 -33.94
CA ASN T 64 23.34 -5.78 -33.04
C ASN T 64 22.76 -6.99 -33.78
N VAL T 65 23.57 -8.05 -33.91
CA VAL T 65 23.22 -9.22 -34.72
C VAL T 65 23.30 -10.48 -33.87
N LEU T 66 22.71 -11.55 -34.41
CA LEU T 66 22.71 -12.87 -33.79
C LEU T 66 23.58 -13.82 -34.61
N PHE T 67 24.39 -14.63 -33.93
CA PHE T 67 25.15 -15.69 -34.59
C PHE T 67 24.87 -17.01 -33.88
N GLU T 68 24.40 -18.00 -34.62
CA GLU T 68 24.03 -19.29 -34.07
C GLU T 68 24.76 -20.41 -34.79
N ALA T 69 25.09 -21.45 -34.05
CA ALA T 69 25.63 -22.69 -34.61
C ALA T 69 25.25 -23.84 -33.68
N ASP T 70 25.27 -25.05 -34.22
CA ASP T 70 24.82 -26.21 -33.45
C ASP T 70 25.33 -27.48 -34.13
N ASP T 71 25.12 -28.61 -33.43
CA ASP T 71 25.42 -29.93 -33.95
C ASP T 71 24.66 -30.94 -33.10
N HIS T 72 24.55 -32.16 -33.62
CA HIS T 72 23.77 -33.18 -32.92
C HIS T 72 24.03 -34.54 -33.55
N ASP T 73 23.71 -35.59 -32.79
CA ASP T 73 23.55 -36.94 -33.29
C ASP T 73 22.14 -37.41 -32.95
N VAL T 74 21.91 -38.72 -33.06
CA VAL T 74 20.57 -39.25 -32.84
C VAL T 74 20.13 -39.09 -31.39
N GLU T 75 21.07 -39.17 -30.44
CA GLU T 75 20.72 -39.12 -29.03
C GLU T 75 20.83 -37.72 -28.42
N GLN T 76 21.88 -36.97 -28.73
CA GLN T 76 22.14 -35.70 -28.08
C GLN T 76 22.44 -34.60 -29.11
N GLY T 77 22.45 -33.37 -28.63
CA GLY T 77 22.78 -32.22 -29.46
C GLY T 77 23.15 -31.04 -28.61
N TRP T 78 23.80 -30.06 -29.24
CA TRP T 78 24.23 -28.84 -28.57
C TRP T 78 24.04 -27.67 -29.51
N SER T 79 23.92 -26.48 -28.92
CA SER T 79 23.79 -25.26 -29.70
C SER T 79 24.47 -24.12 -28.96
N VAL T 80 24.94 -23.14 -29.74
CA VAL T 80 25.56 -21.93 -29.20
C VAL T 80 25.03 -20.73 -29.97
N ILE T 81 24.64 -19.69 -29.25
CA ILE T 81 24.15 -18.45 -29.86
C ILE T 81 24.94 -17.28 -29.29
N VAL T 82 25.34 -16.38 -30.18
CA VAL T 82 26.20 -15.25 -29.84
C VAL T 82 25.47 -13.97 -30.21
N ARG T 83 25.32 -13.09 -29.23
CA ARG T 83 24.79 -11.76 -29.45
C ARG T 83 25.97 -10.78 -29.44
N GLY T 84 26.12 -10.01 -30.51
CA GLY T 84 27.23 -9.08 -30.61
C GLY T 84 26.96 -8.06 -31.70
N VAL T 85 28.03 -7.37 -32.11
CA VAL T 85 27.94 -6.33 -33.12
C VAL T 85 28.85 -6.70 -34.28
N ALA T 86 28.29 -6.79 -35.48
CA ALA T 86 29.09 -7.05 -36.67
C ALA T 86 29.86 -5.80 -37.06
N ARG T 87 31.14 -5.98 -37.41
CA ARG T 87 31.98 -4.87 -37.86
C ARG T 87 32.76 -5.28 -39.10
N THR T 88 33.16 -4.27 -39.87
CA THR T 88 33.52 -4.43 -41.28
C THR T 88 34.92 -5.00 -41.50
N VAL T 89 35.76 -5.10 -40.46
CA VAL T 89 37.14 -5.60 -40.60
C VAL T 89 37.87 -4.74 -41.63
N ARG T 90 38.51 -3.67 -41.16
CA ARG T 90 39.16 -2.70 -42.05
C ARG T 90 40.56 -2.37 -41.57
N ASP T 91 40.77 -2.36 -40.26
CA ASP T 91 42.07 -2.04 -39.68
C ASP T 91 43.13 -3.01 -40.18
N GLU T 92 44.22 -2.47 -40.73
CA GLU T 92 45.31 -3.23 -41.33
C GLU T 92 45.72 -4.42 -40.48
N ALA T 93 45.79 -4.21 -39.16
CA ALA T 93 46.11 -5.32 -38.26
C ALA T 93 44.98 -6.33 -38.19
N ASP T 94 43.73 -5.86 -38.26
CA ASP T 94 42.59 -6.76 -38.18
C ASP T 94 42.50 -7.65 -39.42
N LEU T 95 42.79 -7.10 -40.59
CA LEU T 95 42.76 -7.93 -41.79
C LEU T 95 43.95 -8.88 -41.84
N ALA T 96 45.15 -8.36 -41.56
CA ALA T 96 46.34 -9.22 -41.52
C ALA T 96 46.10 -10.45 -40.64
N GLU T 97 45.30 -10.32 -39.59
CA GLU T 97 44.90 -11.47 -38.80
C GLU T 97 43.74 -12.22 -39.45
N ALA T 98 42.85 -11.51 -40.14
CA ALA T 98 41.77 -12.18 -40.86
C ALA T 98 42.26 -12.92 -42.10
N GLN T 99 43.43 -12.57 -42.62
CA GLN T 99 43.96 -13.26 -43.80
C GLN T 99 44.47 -14.65 -43.47
N ARG T 100 44.78 -14.94 -42.21
CA ARG T 100 45.28 -16.25 -41.79
C ARG T 100 44.20 -17.06 -41.08
N ALA T 101 43.02 -17.24 -41.70
CA ALA T 101 41.85 -17.69 -40.96
C ALA T 101 41.14 -18.87 -41.61
N GLU T 102 41.87 -19.69 -42.36
CA GLU T 102 41.52 -21.11 -42.55
C GLU T 102 40.21 -21.38 -43.30
N LEU T 103 39.39 -20.35 -43.52
CA LEU T 103 38.05 -20.53 -44.13
C LEU T 103 38.07 -21.15 -45.52
N LYS T 111 37.41 -12.54 -48.39
CA LYS T 111 38.55 -12.14 -49.20
C LYS T 111 38.25 -10.84 -49.95
N THR T 112 36.95 -10.56 -50.11
CA THR T 112 36.52 -9.24 -50.56
C THR T 112 36.32 -8.32 -49.34
N HIS T 113 35.39 -8.69 -48.46
CA HIS T 113 35.19 -7.98 -47.21
C HIS T 113 34.89 -8.98 -46.12
N TRP T 114 35.74 -9.00 -45.09
CA TRP T 114 35.52 -9.83 -43.92
C TRP T 114 34.59 -9.13 -42.96
N VAL T 115 33.90 -9.91 -42.13
CA VAL T 115 33.05 -9.37 -41.08
C VAL T 115 33.38 -10.08 -39.78
N ARG T 116 33.51 -9.29 -38.71
CA ARG T 116 33.84 -9.77 -37.37
C ARG T 116 32.73 -9.34 -36.43
N VAL T 117 31.98 -10.30 -35.91
CA VAL T 117 31.02 -10.04 -34.85
C VAL T 117 31.75 -10.19 -33.53
N LEU T 118 31.79 -9.11 -32.75
CA LEU T 118 32.47 -9.13 -31.46
C LEU T 118 31.46 -9.25 -30.34
N PRO T 119 31.50 -10.33 -29.56
CA PRO T 119 30.33 -10.69 -28.75
C PRO T 119 30.12 -9.79 -27.55
N THR T 120 28.85 -9.50 -27.28
CA THR T 120 28.41 -8.95 -26.00
C THR T 120 27.89 -10.02 -25.06
N GLN T 121 27.60 -11.21 -25.56
CA GLN T 121 27.07 -12.32 -24.79
C GLN T 121 27.14 -13.59 -25.63
N ILE T 122 27.54 -14.69 -25.01
CA ILE T 122 27.57 -15.99 -25.66
C ILE T 122 26.99 -17.02 -24.70
N THR T 123 26.02 -17.80 -25.19
CA THR T 123 25.33 -18.79 -24.39
C THR T 123 25.25 -20.11 -25.15
N GLY T 124 25.27 -21.20 -24.41
CA GLY T 124 25.23 -22.52 -25.00
C GLY T 124 24.48 -23.50 -24.12
N ARG T 125 23.86 -24.49 -24.76
CA ARG T 125 23.11 -25.52 -24.05
C ARG T 125 23.21 -26.85 -24.77
N ARG T 126 23.32 -27.91 -23.97
CA ARG T 126 23.23 -29.27 -24.45
C ARG T 126 21.80 -29.77 -24.23
N PHE T 127 21.32 -30.61 -25.14
CA PHE T 127 19.93 -31.09 -25.10
C PHE T 127 19.95 -32.57 -25.47
N ARG T 128 19.68 -33.43 -24.51
CA ARG T 128 19.59 -34.87 -24.73
C ARG T 128 18.13 -35.28 -24.84
N PHE T 129 17.83 -36.10 -25.84
CA PHE T 129 16.47 -36.58 -26.06
C PHE T 129 16.48 -37.98 -26.65
PA FAD U . -27.24 -17.13 -25.12
O1A FAD U . -28.62 -16.60 -25.30
O2A FAD U . -26.58 -17.73 -26.37
O5B FAD U . -26.28 -16.04 -24.51
C5B FAD U . -26.24 -14.69 -25.02
C4B FAD U . -25.36 -13.87 -24.11
O4B FAD U . -25.85 -13.98 -22.75
C3B FAD U . -23.91 -14.33 -24.03
O3B FAD U . -23.13 -13.76 -25.07
C2B FAD U . -23.48 -13.81 -22.64
O2B FAD U . -22.98 -12.48 -22.68
C1B FAD U . -24.78 -13.91 -21.84
N9A FAD U . -24.82 -15.08 -20.97
C8A FAD U . -25.14 -16.36 -21.33
N7A FAD U . -25.08 -17.22 -20.34
C5A FAD U . -24.69 -16.44 -19.25
C6A FAD U . -24.46 -16.75 -17.91
N6A FAD U . -24.58 -17.98 -17.38
N1A FAD U . -24.09 -15.74 -17.08
C2A FAD U . -23.98 -14.51 -17.59
N3A FAD U . -24.17 -14.11 -18.84
C4A FAD U . -24.54 -15.13 -19.63
N1 FAD U . -26.51 -25.06 -18.62
C2 FAD U . -26.42 -26.39 -18.91
O2 FAD U . -26.65 -26.81 -20.05
N3 FAD U . -26.07 -27.29 -17.92
C4 FAD U . -25.78 -26.97 -16.60
O4 FAD U . -25.48 -27.87 -15.81
C4X FAD U . -25.88 -25.56 -16.31
N5 FAD U . -25.63 -25.16 -15.09
C5X FAD U . -25.72 -23.80 -14.81
C6 FAD U . -25.45 -23.38 -13.51
C7 FAD U . -25.53 -22.02 -13.18
C7M FAD U . -25.24 -21.59 -11.77
C8 FAD U . -25.87 -21.08 -14.17
C8M FAD U . -25.98 -19.62 -13.83
C9 FAD U . -26.15 -21.52 -15.46
C9A FAD U . -26.08 -22.87 -15.79
N10 FAD U . -26.33 -23.34 -17.09
C10 FAD U . -26.25 -24.68 -17.38
C1' FAD U . -26.70 -22.40 -18.16
C2' FAD U . -25.58 -22.17 -19.17
O2' FAD U . -24.71 -21.14 -18.69
C3' FAD U . -26.18 -21.78 -20.51
O3' FAD U . -25.78 -22.70 -21.52
C4' FAD U . -25.78 -20.37 -20.94
O4' FAD U . -26.56 -19.46 -20.16
C5' FAD U . -25.96 -20.13 -22.43
O5' FAD U . -27.33 -20.39 -22.79
P FAD U . -28.03 -19.59 -23.96
O1P FAD U . -29.48 -19.29 -23.57
O2P FAD U . -27.87 -20.29 -25.26
O3P FAD U . -27.24 -18.23 -23.98
CL CL V . -1.04 10.34 -17.40
PA FAD W . 2.31 -20.52 -15.71
O1A FAD W . 3.21 -21.23 -14.77
O2A FAD W . 3.00 -19.81 -16.88
O5B FAD W . 1.20 -21.48 -16.27
C5B FAD W . 1.54 -22.74 -16.88
C4B FAD W . 0.29 -23.59 -16.98
O4B FAD W . -0.15 -23.94 -15.64
C3B FAD W . -0.91 -22.92 -17.61
O3B FAD W . -0.88 -23.03 -19.03
C2B FAD W . -2.08 -23.69 -17.01
O2B FAD W . -2.42 -24.85 -17.76
C1B FAD W . -1.56 -24.06 -15.62
N9A FAD W . -2.08 -23.21 -14.55
C8A FAD W . -1.63 -21.96 -14.18
N7A FAD W . -2.29 -21.43 -13.19
C5A FAD W . -3.25 -22.39 -12.88
C6A FAD W . -4.27 -22.43 -11.91
N6A FAD W . -4.52 -21.45 -11.03
N1A FAD W . -5.05 -23.54 -11.87
C2A FAD W . -4.80 -24.52 -12.74
N3A FAD W . -3.87 -24.60 -13.69
C4A FAD W . -3.12 -23.48 -13.71
N1 FAD W . -3.13 -14.77 -9.11
C2 FAD W . -3.13 -13.42 -8.96
O2 FAD W . -2.36 -12.69 -9.60
N3 FAD W . -4.02 -12.83 -8.08
C4 FAD W . -4.96 -13.49 -7.30
O4 FAD W . -5.70 -12.85 -6.55
C4X FAD W . -4.93 -14.92 -7.47
N5 FAD W . -5.78 -15.63 -6.76
C5X FAD W . -5.76 -17.01 -6.93
C6 FAD W . -6.66 -17.78 -6.18
C7 FAD W . -6.67 -19.17 -6.30
C7M FAD W . -7.65 -19.97 -5.49
C8 FAD W . -5.79 -19.80 -7.19
C8M FAD W . -5.78 -21.30 -7.34
C9 FAD W . -4.88 -19.03 -7.93
C9A FAD W . -4.88 -17.65 -7.80
N10 FAD W . -3.97 -16.84 -8.54
C10 FAD W . -3.98 -15.48 -8.40
C1' FAD W . -3.03 -17.44 -9.49
C2' FAD W . -3.52 -17.36 -10.93
O2' FAD W . -4.86 -17.87 -11.02
C3' FAD W . -2.61 -18.19 -11.83
O3' FAD W . -2.29 -19.41 -11.17
C4' FAD W . -1.30 -17.48 -12.20
O4' FAD W . -1.60 -16.17 -12.69
C5' FAD W . -0.52 -18.26 -13.23
O5' FAD W . 0.74 -17.60 -13.45
P FAD W . 2.03 -18.40 -13.88
O1P FAD W . 2.54 -19.20 -12.68
O2P FAD W . 3.01 -17.52 -14.54
O3P FAD W . 1.45 -19.44 -14.93
PA FAD X . 5.37 39.22 -12.76
O1A FAD X . 4.98 39.68 -11.40
O2A FAD X . 4.82 40.04 -13.93
O5B FAD X . 4.97 37.71 -12.95
C5B FAD X . 3.65 37.33 -13.38
C4B FAD X . 3.76 36.02 -14.12
O4B FAD X . 4.48 36.25 -15.34
C3B FAD X . 4.52 34.94 -13.36
O3B FAD X . 3.62 34.00 -12.80
C2B FAD X . 5.44 34.28 -14.40
O2B FAD X . 5.07 32.93 -14.65
C1B FAD X . 5.28 35.14 -15.67
N9A FAD X . 6.54 35.65 -16.19
C8A FAD X . 7.29 36.68 -15.67
N7A FAD X . 8.38 36.94 -16.34
C5A FAD X . 8.36 36.01 -17.38
C6A FAD X . 9.23 35.77 -18.45
N6A FAD X . 10.37 36.45 -18.65
N1A FAD X . 8.91 34.78 -19.32
C2A FAD X . 7.78 34.10 -19.12
N3A FAD X . 6.88 34.24 -18.14
C4A FAD X . 7.23 35.23 -17.31
N1 FAD X . 14.86 41.20 -15.48
C2 FAD X . 15.77 41.83 -14.68
O2 FAD X . 15.45 42.34 -13.60
N3 FAD X . 17.09 41.92 -15.08
C4 FAD X . 17.61 41.41 -16.26
O4 FAD X . 18.81 41.55 -16.51
C4X FAD X . 16.63 40.74 -17.09
N5 FAD X . 17.04 40.23 -18.23
C5X FAD X . 16.10 39.60 -19.03
C6 FAD X . 16.52 39.04 -20.24
C7 FAD X . 15.61 38.40 -21.07
C7M FAD X . 16.09 37.81 -22.38
C8 FAD X . 14.27 38.29 -20.69
C8M FAD X . 13.26 37.60 -21.57
C9 FAD X . 13.85 38.83 -19.48
C9A FAD X . 14.76 39.49 -18.65
N10 FAD X . 14.36 40.05 -17.42
C10 FAD X . 15.29 40.69 -16.61
C1' FAD X . 12.98 39.97 -16.95
C2' FAD X . 12.78 38.88 -15.90
O2' FAD X . 13.35 37.65 -16.32
C3' FAD X . 11.29 38.69 -15.65
O3' FAD X . 10.62 38.66 -16.89
C4' FAD X . 10.68 39.79 -14.78
O4' FAD X . 11.34 39.82 -13.51
C5' FAD X . 9.19 39.61 -14.59
O5' FAD X . 8.68 40.71 -13.81
P FAD X . 7.84 40.47 -12.50
O1P FAD X . 8.78 40.04 -11.37
O2P FAD X . 6.97 41.64 -12.22
O3P FAD X . 6.95 39.21 -12.88
PA FAD Y . 23.59 14.08 -9.99
O1A FAD Y . 24.49 13.87 -11.15
O2A FAD Y . 23.53 12.91 -8.99
O5B FAD Y . 23.95 15.40 -9.23
C5B FAD Y . 25.28 15.64 -8.72
C4B FAD Y . 25.57 17.11 -8.75
O4B FAD Y . 25.85 17.51 -10.11
C3B FAD Y . 24.44 18.01 -8.24
O3B FAD Y . 24.87 18.77 -7.10
C2B FAD Y . 24.07 18.90 -9.44
O2B FAD Y . 23.95 20.26 -9.05
C1B FAD Y . 25.25 18.74 -10.40
N9A FAD Y . 24.84 18.70 -11.79
C8A FAD Y . 24.15 17.69 -12.41
N7A FAD Y . 23.90 17.90 -13.67
C5A FAD Y . 24.47 19.15 -13.92
C6A FAD Y . 24.54 19.93 -15.08
N6A FAD Y . 24.02 19.58 -16.26
N1A FAD Y . 25.19 21.12 -14.98
C2A FAD Y . 25.71 21.48 -13.81
N3A FAD Y . 25.69 20.82 -12.65
C4A FAD Y . 25.05 19.65 -12.77
N1 FAD Y . 19.54 14.87 -19.45
C2 FAD Y . 18.40 14.26 -19.90
O2 FAD Y . 17.86 13.34 -19.26
N3 FAD Y . 17.85 14.65 -21.11
C4 FAD Y . 18.32 15.65 -21.93
O4 FAD Y . 17.74 15.91 -22.98
C4X FAD Y . 19.52 16.29 -21.45
N5 FAD Y . 20.05 17.24 -22.17
C5X FAD Y . 21.19 17.86 -21.69
C6 FAD Y . 21.77 18.88 -22.45
C7 FAD Y . 22.93 19.53 -22.01
C7M FAD Y . 23.52 20.63 -22.86
C8 FAD Y . 23.52 19.16 -20.80
C8M FAD Y . 24.77 19.83 -20.30
C9 FAD Y . 22.95 18.13 -20.05
C9A FAD Y . 21.79 17.49 -20.48
N10 FAD Y . 21.19 16.46 -19.73
C10 FAD Y . 20.06 15.83 -20.19
C1' FAD Y . 21.78 16.03 -18.46
C2' FAD Y . 20.94 16.43 -17.25
O2' FAD Y . 21.39 17.68 -16.74
C3' FAD Y . 21.07 15.35 -16.17
O3' FAD Y . 19.81 15.18 -15.52
C4' FAD Y . 22.14 15.67 -15.13
O4' FAD Y . 23.29 16.21 -15.77
C5' FAD Y . 22.51 14.45 -14.30
O5' FAD Y . 22.36 14.78 -12.90
P FAD Y . 21.62 13.82 -11.91
O1P FAD Y . 20.12 14.06 -12.00
O2P FAD Y . 22.08 12.42 -12.11
O3P FAD Y . 22.11 14.35 -10.50
PA FAD Z . -7.04 35.85 -12.20
O1A FAD Z . -7.65 36.65 -13.28
O2A FAD Z . -5.58 35.46 -12.45
O5B FAD Z . -7.13 36.55 -10.80
C5B FAD Z . -6.95 37.97 -10.65
C4B FAD Z . -7.50 38.35 -9.29
O4B FAD Z . -8.94 38.46 -9.38
C3B FAD Z . -7.25 37.35 -8.19
O3B FAD Z . -5.96 37.52 -7.61
C2B FAD Z . -8.36 37.67 -7.20
O2B FAD Z . -8.03 38.76 -6.35
C1B FAD Z . -9.52 38.06 -8.14
N9A FAD Z . -10.46 36.98 -8.40
C8A FAD Z . -10.30 35.92 -9.25
N7A FAD Z . -11.32 35.09 -9.26
C5A FAD Z . -12.20 35.64 -8.34
C6A FAD Z . -13.48 35.24 -7.90
N6A FAD Z . -14.11 34.15 -8.33
N1A FAD Z . -14.09 36.02 -6.97
C2A FAD Z . -13.47 37.11 -6.55
N3A FAD Z . -12.27 37.59 -6.90
C4A FAD Z . -11.69 36.81 -7.80
N1 FAD Z . -13.33 28.05 -11.83
C2 FAD Z . -13.04 26.76 -12.19
O2 FAD Z . -11.95 26.47 -12.70
N3 FAD Z . -13.97 25.77 -11.99
C4 FAD Z . -15.23 25.92 -11.43
O4 FAD Z . -15.98 24.96 -11.30
C4X FAD Z . -15.52 27.28 -11.04
N5 FAD Z . -16.69 27.54 -10.50
C5X FAD Z . -16.98 28.85 -10.14
C6 FAD Z . -18.21 29.13 -9.56
C7 FAD Z . -18.54 30.44 -9.18
C7M FAD Z . -19.89 30.70 -8.56
C8 FAD Z . -17.61 31.46 -9.38
C8M FAD Z . -17.93 32.88 -8.97
C9 FAD Z . -16.37 31.18 -9.95
C9A FAD Z . -16.06 29.89 -10.33
N10 FAD Z . -14.81 29.57 -10.92
C10 FAD Z . -14.51 28.28 -11.28
C1' FAD Z . -13.79 30.61 -11.14
C2' FAD Z . -12.80 30.71 -10.00
O2' FAD Z . -13.48 30.96 -8.76
C3' FAD Z . -11.83 31.87 -10.28
O3' FAD Z . -12.57 32.97 -10.76
C4' FAD Z . -10.75 31.50 -11.30
O4' FAD Z . -10.47 30.10 -11.23
C5' FAD Z . -9.47 32.30 -11.11
O5' FAD Z . -8.71 32.26 -12.33
P FAD Z . -8.34 33.57 -13.11
O1P FAD Z . -7.13 33.27 -14.01
O2P FAD Z . -9.53 34.14 -13.80
O3P FAD Z . -7.87 34.52 -11.96
PA FAD AA . -10.65 24.32 16.86
O1A FAD AA . -9.51 25.16 17.29
O2A FAD AA . -11.09 23.25 17.86
O5B FAD AA . -10.34 23.66 15.45
C5B FAD AA . -9.63 22.41 15.35
C4B FAD AA . -9.95 21.81 14.00
O4B FAD AA . -11.36 21.91 13.78
C3B FAD AA . -9.27 22.51 12.83
O3B FAD AA . -8.11 21.81 12.41
C2B FAD AA . -10.34 22.53 11.71
O2B FAD AA . -10.02 21.66 10.63
C1B FAD AA . -11.64 22.07 12.41
N9A FAD AA . -12.73 23.03 12.29
C8A FAD AA . -12.90 24.18 13.02
N7A FAD AA . -13.97 24.86 12.71
C5A FAD AA . -14.56 24.10 11.71
C6A FAD AA . -15.74 24.28 10.95
N6A FAD AA . -16.56 25.32 11.10
N1A FAD AA . -16.04 23.34 10.03
C2A FAD AA . -15.21 22.29 9.89
N3A FAD AA . -14.08 22.03 10.53
C4A FAD AA . -13.81 22.97 11.44
N1 FAD AA . -17.80 31.66 14.95
C2 FAD AA . -17.86 32.98 15.33
O2 FAD AA . -17.08 33.43 16.17
N3 FAD AA . -18.81 33.81 14.77
C4 FAD AA . -19.75 33.45 13.83
O4 FAD AA . -20.55 34.28 13.41
C4X FAD AA . -19.68 32.06 13.43
N5 FAD AA . -20.53 31.62 12.54
C5X FAD AA . -20.46 30.29 12.16
C6 FAD AA . -21.37 29.82 11.21
C7 FAD AA . -21.34 28.50 10.79
C7M FAD AA . -22.33 28.01 9.76
C8 FAD AA . -20.38 27.62 11.34
C8M FAD AA . -20.33 26.18 10.91
C9 FAD AA . -19.47 28.09 12.28
C9A FAD AA . -19.51 29.42 12.69
N10 FAD AA . -18.61 29.92 13.65
C10 FAD AA . -18.66 31.24 14.05
C1' FAD AA . -17.59 29.05 14.27
C2' FAD AA . -16.17 29.35 13.80
O2' FAD AA . -15.91 28.71 12.53
C3' FAD AA . -15.18 28.85 14.84
O3' FAD AA . -14.23 29.86 15.11
C4' FAD AA . -14.45 27.57 14.43
O4' FAD AA . -15.34 26.46 14.59
C5' FAD AA . -13.16 27.36 15.20
O5' FAD AA . -13.47 27.18 16.60
P FAD AA . -12.53 26.33 17.54
O1P FAD AA . -13.39 25.59 18.58
O2P FAD AA . -11.46 27.18 18.11
O3P FAD AA . -11.91 25.25 16.54
PA FAD BA . 10.93 13.43 24.88
O1A FAD BA . 9.73 13.59 25.76
O2A FAD BA . 10.64 12.98 23.46
O5B FAD BA . 11.74 14.77 24.81
C5B FAD BA . 11.08 16.03 24.51
C4B FAD BA . 12.10 17.12 24.27
O4B FAD BA . 13.35 16.78 24.90
C3B FAD BA . 12.40 17.42 22.80
O3B FAD BA . 12.25 18.81 22.52
C2B FAD BA . 13.84 16.94 22.60
O2B FAD BA . 14.57 17.78 21.71
C1B FAD BA . 14.41 17.07 24.02
N9A FAD BA . 15.49 16.14 24.29
C8A FAD BA . 15.39 14.78 24.46
N7A FAD BA . 16.53 14.17 24.68
C5A FAD BA . 17.46 15.21 24.66
C6A FAD BA . 18.86 15.23 24.85
N6A FAD BA . 19.59 14.16 25.09
N1A FAD BA . 19.47 16.44 24.77
C2A FAD BA . 18.74 17.53 24.54
N3A FAD BA . 17.42 17.62 24.34
C4A FAD BA . 16.83 16.43 24.43
N1 FAD BA . 18.30 6.97 25.66
C2 FAD BA . 18.22 5.64 25.36
O2 FAD BA . 17.14 5.10 25.09
N3 FAD BA . 19.37 4.87 25.36
C4 FAD BA . 20.65 5.32 25.63
O4 FAD BA . 21.61 4.54 25.59
C4X FAD BA . 20.72 6.73 25.95
N5 FAD BA . 21.89 7.25 26.21
C5X FAD BA . 21.96 8.60 26.52
C6 FAD BA . 23.19 9.16 26.81
C7 FAD BA . 23.31 10.51 27.12
C7M FAD BA . 24.67 11.09 27.43
C8 FAD BA . 22.16 11.32 27.14
C8M FAD BA . 22.26 12.79 27.47
C9 FAD BA . 20.92 10.76 26.85
C9A FAD BA . 20.81 9.41 26.54
N10 FAD BA . 19.57 8.82 26.24
C10 FAD BA . 19.48 7.48 25.94
C1' FAD BA . 18.34 9.62 26.24
C2' FAD BA . 17.90 10.06 24.85
O2' FAD BA . 18.93 10.81 24.21
C3' FAD BA . 16.64 10.92 24.96
O3' FAD BA . 16.73 11.70 26.15
C4' FAD BA . 15.34 10.13 25.01
O4' FAD BA . 15.40 9.03 24.10
C5' FAD BA . 14.12 10.98 24.71
O5' FAD BA . 12.93 10.19 24.90
P FAD BA . 11.64 10.81 25.55
O1P FAD BA . 11.52 10.36 27.01
O2P FAD BA . 10.44 10.50 24.71
O3P FAD BA . 11.92 12.37 25.53
PA FAD CA . 30.84 15.23 0.34
O1A FAD CA . 32.05 14.79 -0.40
O2A FAD CA . 29.80 15.97 -0.50
O5B FAD CA . 30.13 14.00 1.05
C5B FAD CA . 29.66 12.86 0.31
C4B FAD CA . 29.31 11.77 1.29
O4B FAD CA . 30.42 11.57 2.18
C3B FAD CA . 28.11 12.09 2.18
O3B FAD CA . 26.91 11.61 1.58
C2B FAD CA . 28.42 11.33 3.48
O2B FAD CA . 27.82 10.04 3.54
C1B FAD CA . 29.96 11.22 3.47
N9A FAD CA . 30.60 12.10 4.45
C8A FAD CA . 30.87 13.43 4.30
N7A FAD CA . 31.46 13.98 5.35
C5A FAD CA . 31.58 12.91 6.23
C6A FAD CA . 32.12 12.83 7.54
N6A FAD CA . 32.66 13.86 8.18
N1A FAD CA . 32.08 11.62 8.15
C2A FAD CA . 31.54 10.59 7.50
N3A FAD CA . 30.99 10.55 6.28
C4A FAD CA . 31.05 11.76 5.70
N1 FAD CA . 33.47 20.96 8.00
C2 FAD CA . 33.34 22.32 8.06
O2 FAD CA . 32.90 22.97 7.11
N3 FAD CA . 33.71 22.99 9.21
C4 FAD CA . 34.22 22.41 10.36
O4 FAD CA . 34.51 23.11 11.33
C4X FAD CA . 34.35 20.96 10.29
N5 FAD CA . 34.83 20.34 11.32
C5X FAD CA . 34.96 18.95 11.25
C6 FAD CA . 35.45 18.26 12.34
C7 FAD CA . 35.60 16.89 12.31
C7M FAD CA . 36.15 16.17 13.53
C8 FAD CA . 35.24 16.17 11.16
C8M FAD CA . 35.39 14.67 11.10
C9 FAD CA . 34.73 16.86 10.06
C9A FAD CA . 34.58 18.24 10.09
N10 FAD CA . 34.08 18.96 8.99
C10 FAD CA . 33.95 20.33 9.06
C1' FAD CA . 33.69 18.28 7.76
C2' FAD CA . 32.20 17.99 7.70
O2' FAD CA . 31.81 17.13 8.78
C3' FAD CA . 31.88 17.29 6.38
O3' FAD CA . 32.81 16.22 6.22
C4' FAD CA . 31.97 18.20 5.16
O4' FAD CA . 31.33 19.45 5.44
C5' FAD CA . 31.37 17.58 3.91
O5' FAD CA . 31.93 18.22 2.74
P FAD CA . 32.23 17.40 1.44
O1P FAD CA . 31.82 18.23 0.21
O2P FAD CA . 33.64 16.92 1.44
O3P FAD CA . 31.24 16.16 1.55
PA FAD DA . -47.78 -6.52 -4.38
O1A FAD DA . -49.23 -6.63 -4.27
O2A FAD DA . -47.21 -7.09 -5.68
O5B FAD DA . -47.06 -7.12 -3.09
C5B FAD DA . -46.90 -8.55 -2.91
C4B FAD DA . -45.69 -8.79 -2.02
O4B FAD DA . -44.52 -8.34 -2.70
C3B FAD DA . -45.70 -8.05 -0.69
O3B FAD DA . -46.35 -8.81 0.32
C2B FAD DA . -44.20 -7.90 -0.37
O2B FAD DA . -43.70 -8.88 0.53
C1B FAD DA . -43.52 -8.00 -1.75
N9A FAD DA . -42.88 -6.77 -2.19
C8A FAD DA . -43.48 -5.71 -2.81
N7A FAD DA . -42.66 -4.72 -3.08
C5A FAD DA . -41.43 -5.16 -2.59
C6A FAD DA . -40.16 -4.57 -2.57
N6A FAD DA . -39.89 -3.36 -3.06
N1A FAD DA . -39.15 -5.28 -2.01
C2A FAD DA . -39.43 -6.49 -1.52
N3A FAD DA . -40.59 -7.15 -1.48
C4A FAD DA . -41.56 -6.41 -2.04
N1 FAD DA . -42.63 2.40 -6.09
C2 FAD DA . -43.17 3.63 -6.33
O2 FAD DA . -44.39 3.79 -6.41
N3 FAD DA . -42.34 4.73 -6.48
C4 FAD DA . -40.95 4.71 -6.41
O4 FAD DA . -40.31 5.75 -6.58
C4X FAD DA . -40.40 3.40 -6.16
N5 FAD DA . -39.09 3.29 -6.09
C5X FAD DA . -38.56 2.03 -5.84
C6 FAD DA . -37.17 1.89 -5.77
C7 FAD DA . -36.59 0.65 -5.53
C7M FAD DA . -35.10 0.53 -5.44
C8 FAD DA . -37.42 -0.49 -5.37
C8M FAD DA . -36.82 -1.84 -5.10
C9 FAD DA . -38.80 -0.35 -5.45
C9A FAD DA . -39.38 0.89 -5.68
N10 FAD DA . -40.77 1.06 -5.77
C10 FAD DA . -41.31 2.30 -6.02
C1' FAD DA . -41.67 -0.08 -5.60
C2' FAD DA . -42.27 -0.16 -4.20
O2' FAD DA . -41.24 -0.04 -3.22
C3' FAD DA . -42.99 -1.50 -4.03
O3' FAD DA . -42.19 -2.51 -4.64
C4' FAD DA . -44.40 -1.54 -4.64
O4' FAD DA . -45.10 -0.36 -4.24
C5' FAD DA . -45.17 -2.78 -4.25
O5' FAD DA . -46.50 -2.69 -4.80
P FAD DA . -47.19 -3.93 -5.50
O1P FAD DA . -48.60 -3.51 -5.91
O2P FAD DA . -46.34 -4.48 -6.57
O3P FAD DA . -47.34 -4.99 -4.34
PA FAD EA . 47.08 43.60 48.61
O1A FAD EA . 47.87 44.70 48.00
O2A FAD EA . 47.70 42.97 49.87
O5B FAD EA . 45.64 44.13 48.97
C5B FAD EA . 45.45 45.44 49.56
C4B FAD EA . 44.00 45.82 49.45
O4B FAD EA . 43.61 45.73 48.08
C3B FAD EA . 43.05 44.95 50.26
O3B FAD EA . 42.47 45.68 51.34
C2B FAD EA . 41.99 44.46 49.25
O2B FAD EA . 40.67 44.78 49.68
C1B FAD EA . 42.31 45.22 47.96
N9A FAD EA . 42.28 44.36 46.78
C8A FAD EA . 43.27 43.49 46.38
N7A FAD EA . 42.99 42.83 45.29
C5A FAD EA . 41.74 43.30 44.92
C6A FAD EA . 40.89 43.00 43.85
N6A FAD EA . 41.19 42.11 42.89
N1A FAD EA . 39.71 43.65 43.79
C2A FAD EA . 39.40 44.53 44.73
N3A FAD EA . 40.12 44.90 45.80
C4A FAD EA . 41.29 44.25 45.84
N1 FAD EA . 46.05 37.47 40.65
C2 FAD EA . 46.74 36.32 40.45
O2 FAD EA . 47.70 36.01 41.15
N3 FAD EA . 46.38 35.47 39.41
C4 FAD EA . 45.33 35.66 38.53
O4 FAD EA . 45.10 34.84 37.65
C4X FAD EA . 44.59 36.89 38.76
N5 FAD EA . 43.59 37.17 37.97
C5X FAD EA . 42.89 38.34 38.19
C6 FAD EA . 41.82 38.65 37.37
C7 FAD EA . 41.08 39.82 37.55
C7M FAD EA . 39.93 40.13 36.64
C8 FAD EA . 41.43 40.70 38.60
C8M FAD EA . 40.66 41.97 38.82
C9 FAD EA . 42.51 40.40 39.42
C9A FAD EA . 43.23 39.23 39.23
N10 FAD EA . 44.32 38.89 40.05
C10 FAD EA . 45.03 37.73 39.85
C1' FAD EA . 44.73 39.76 41.16
C2' FAD EA . 44.10 39.35 42.49
O2' FAD EA . 42.68 39.33 42.40
C3' FAD EA . 44.53 40.32 43.58
O3' FAD EA . 44.54 41.65 43.05
C4' FAD EA . 45.89 40.02 44.20
O4' FAD EA . 46.12 38.61 44.14
C5' FAD EA . 46.00 40.52 45.62
O5' FAD EA . 47.41 40.61 45.97
P FAD EA . 47.99 41.94 46.60
O1P FAD EA . 48.20 42.99 45.51
O2P FAD EA . 49.21 41.62 47.39
O3P FAD EA . 46.84 42.44 47.56
PA FAD FA . -4.80 -4.45 -55.19
O1A FAD FA . -5.18 -5.85 -54.90
O2A FAD FA . -3.59 -4.26 -56.12
O5B FAD FA . -4.58 -3.67 -53.84
C5B FAD FA . -3.27 -3.55 -53.25
C4B FAD FA . -3.43 -2.81 -51.96
O4B FAD FA . -4.17 -1.60 -52.19
C3B FAD FA . -4.16 -3.58 -50.85
O3B FAD FA . -3.38 -3.67 -49.65
C2B FAD FA . -5.47 -2.81 -50.64
O2B FAD FA . -5.80 -2.70 -49.26
C1B FAD FA . -5.16 -1.42 -51.21
N9A FAD FA . -6.32 -0.79 -51.84
C8A FAD FA . -7.13 -1.35 -52.79
N7A FAD FA . -8.11 -0.56 -53.18
C5A FAD FA . -7.94 0.58 -52.43
C6A FAD FA . -8.65 1.80 -52.36
N6A FAD FA . -9.73 2.07 -53.10
N1A FAD FA . -8.21 2.74 -51.50
C2A FAD FA . -7.12 2.48 -50.77
N3A FAD FA . -6.38 1.37 -50.73
C4A FAD FA . -6.84 0.46 -51.59
N1 FAD FA . -13.57 -0.70 -58.46
C2 FAD FA . -14.53 -1.38 -59.17
O2 FAD FA . -14.36 -2.54 -59.54
N3 FAD FA . -15.71 -0.73 -59.49
C4 FAD FA . -16.05 0.57 -59.16
O4 FAD FA . -17.15 1.02 -59.49
C4X FAD FA . -15.04 1.26 -58.39
N5 FAD FA . -15.27 2.49 -58.04
C5X FAD FA . -14.29 3.16 -57.31
C6 FAD FA . -14.52 4.47 -56.91
C7 FAD FA . -13.58 5.18 -56.19
C7M FAD FA . -13.86 6.60 -55.78
C8 FAD FA . -12.36 4.56 -55.85
C8M FAD FA . -11.31 5.30 -55.06
C9 FAD FA . -12.12 3.25 -56.24
C9A FAD FA . -13.07 2.55 -56.97
N10 FAD FA . -12.87 1.21 -57.38
C10 FAD FA . -13.82 0.54 -58.10
C1' FAD FA . -11.62 0.51 -57.05
C2' FAD FA . -11.78 -0.46 -55.90
O2' FAD FA . -11.96 0.23 -54.66
C3' FAD FA . -10.55 -1.35 -55.81
O3' FAD FA . -9.39 -0.57 -56.11
C4' FAD FA . -10.58 -2.56 -56.76
O4' FAD FA . -11.92 -3.05 -56.82
C5' FAD FA . -9.62 -3.65 -56.34
O5' FAD FA . -8.29 -3.23 -56.65
P FAD FA . -7.11 -4.26 -56.79
O1P FAD FA . -7.56 -5.61 -56.23
O2P FAD FA . -6.58 -4.29 -58.18
O3P FAD FA . -6.02 -3.66 -55.81
PA FAD GA . -26.74 -2.44 -32.61
O1A FAD GA . -26.02 -3.40 -31.73
O2A FAD GA . -28.16 -2.06 -32.17
O5B FAD GA . -26.76 -2.99 -34.08
C5B FAD GA . -27.61 -4.11 -34.45
C4B FAD GA . -27.85 -4.06 -35.94
O4B FAD GA . -28.24 -2.72 -36.32
C3B FAD GA . -26.63 -4.35 -36.81
O3B FAD GA . -26.47 -5.75 -37.00
C2B FAD GA . -26.97 -3.63 -38.13
O2B FAD GA . -27.71 -4.45 -39.02
C1B FAD GA . -27.82 -2.45 -37.64
N9A FAD GA . -27.12 -1.17 -37.65
C8A FAD GA . -26.36 -0.63 -36.65
N7A FAD GA . -25.84 0.54 -36.94
C5A FAD GA . -26.28 0.79 -38.23
C6A FAD GA . -26.08 1.87 -39.11
N6A FAD GA . -25.35 2.94 -38.81
N1A FAD GA . -26.68 1.80 -40.32
C2A FAD GA . -27.42 0.73 -40.63
N3A FAD GA . -27.67 -0.34 -39.88
C4A FAD GA . -27.07 -0.26 -38.69
N1 FAD GA . -21.33 6.11 -33.29
C2 FAD GA . -20.28 6.49 -32.50
O2 FAD GA . -20.00 5.86 -31.47
N3 FAD GA . -19.50 7.57 -32.85
C4 FAD GA . -19.67 8.36 -33.97
O4 FAD GA . -18.91 9.31 -34.18
C4X FAD GA . -20.79 7.97 -34.81
N5 FAD GA . -21.03 8.66 -35.88
C5X FAD GA . -22.10 8.28 -36.68
C6 FAD GA . -22.37 9.02 -37.83
C7 FAD GA . -23.43 8.67 -38.67
C7M FAD GA . -23.69 9.49 -39.91
C8 FAD GA . -24.24 7.58 -38.34
C8M FAD GA . -25.39 7.18 -39.23
C9 FAD GA . -23.98 6.84 -37.19
C9A FAD GA . -22.91 7.19 -36.36
N10 FAD GA . -22.61 6.46 -35.20
C10 FAD GA . -21.56 6.83 -34.38
C1' FAD GA . -23.43 5.30 -34.80
C2' FAD GA . -22.70 3.97 -34.89
O2' FAD GA . -22.71 3.48 -36.24
C3' FAD GA . -23.37 2.97 -33.96
O3' FAD GA . -22.41 2.03 -33.49
C4' FAD GA . -24.54 2.20 -34.58
O4' FAD GA . -25.09 2.93 -35.67
C5' FAD GA . -25.62 1.87 -33.57
O5' FAD GA . -25.03 1.19 -32.45
P FAD GA . -25.79 0.06 -31.67
O1P FAD GA . -27.22 0.54 -31.35
O2P FAD GA . -24.99 -0.40 -30.50
O3P FAD GA . -25.90 -1.10 -32.75
PA FAD HA . 7.03 -38.42 10.74
O1A FAD HA . 8.50 -38.39 10.93
O2A FAD HA . 6.19 -38.82 11.94
O5B FAD HA . 6.42 -37.05 10.30
C5B FAD HA . 5.17 -36.99 9.58
C4B FAD HA . 4.12 -36.19 10.32
O4B FAD HA . 3.07 -35.82 9.40
C3B FAD HA . 3.47 -36.90 11.51
O3B FAD HA . 3.63 -36.14 12.70
C2B FAD HA . 1.98 -37.02 11.13
O2B FAD HA . 1.16 -36.18 11.93
C1B FAD HA . 1.91 -36.58 9.67
N9A FAD HA . 1.80 -37.66 8.70
C8A FAD HA . 2.70 -38.65 8.42
N7A FAD HA . 2.32 -39.50 7.50
C5A FAD HA . 1.06 -39.05 7.15
C6A FAD HA . 0.10 -39.51 6.22
N6A FAD HA . 0.28 -40.58 5.44
N1A FAD HA . -1.06 -38.81 6.12
C2A FAD HA . -1.24 -37.74 6.89
N3A FAD HA . -0.42 -37.22 7.81
C4A FAD HA . 0.72 -37.92 7.88
N1 FAD HA . 5.04 -45.42 3.52
C2 FAD HA . 5.73 -46.58 3.40
O2 FAD HA . 6.72 -46.83 4.09
N3 FAD HA . 5.32 -47.53 2.47
C4 FAD HA . 4.24 -47.43 1.62
O4 FAD HA . 3.97 -48.34 0.85
C4X FAD HA . 3.51 -46.19 1.77
N5 FAD HA . 2.47 -46.00 1.00
C5X FAD HA . 1.77 -44.81 1.13
C6 FAD HA . 0.65 -44.59 0.33
C7 FAD HA . -0.08 -43.42 0.42
C7M FAD HA . -1.28 -43.22 -0.47
C8 FAD HA . 0.29 -42.43 1.35
C8M FAD HA . -0.48 -41.15 1.47
C9 FAD HA . 1.41 -42.65 2.15
C9A FAD HA . 2.15 -43.82 2.06
N10 FAD HA . 3.27 -44.07 2.87
C10 FAD HA . 3.98 -45.24 2.74
C1' FAD HA . 3.72 -43.08 3.85
C2' FAD HA . 3.29 -43.42 5.28
O2' FAD HA . 1.88 -43.59 5.34
C3' FAD HA . 3.72 -42.29 6.21
O3' FAD HA . 3.55 -41.05 5.51
C4' FAD HA . 5.16 -42.38 6.71
O4' FAD HA . 5.44 -43.72 7.13
C5' FAD HA . 5.47 -41.40 7.81
O5' FAD HA . 6.89 -41.41 8.08
P FAD HA . 7.66 -40.10 8.49
O1P FAD HA . 8.93 -40.50 9.24
O2P FAD HA . 7.87 -39.23 7.31
O3P FAD HA . 6.66 -39.39 9.53
PA FAD IA . -3.44 -42.43 38.78
O1A FAD IA . -2.39 -43.12 37.98
O2A FAD IA . -4.32 -43.37 39.63
O5B FAD IA . -4.37 -41.54 37.85
C5B FAD IA . -5.45 -42.13 37.09
C4B FAD IA . -6.34 -41.06 36.52
O4B FAD IA . -6.87 -40.25 37.59
C3B FAD IA . -5.66 -40.10 35.53
O3B FAD IA . -6.27 -40.15 34.25
C2B FAD IA . -5.78 -38.70 36.18
O2B FAD IA . -6.21 -37.73 35.24
C1B FAD IA . -6.85 -38.89 37.25
N9A FAD IA . -6.56 -38.14 38.47
C8A FAD IA . -5.56 -38.42 39.37
N7A FAD IA . -5.51 -37.58 40.38
C5A FAD IA . -6.54 -36.69 40.13
C6A FAD IA . -7.01 -35.56 40.82
N6A FAD IA . -6.48 -35.12 41.96
N1A FAD IA . -8.07 -34.90 40.30
C2A FAD IA . -8.60 -35.34 39.16
N3A FAD IA . -8.25 -36.39 38.40
C4A FAD IA . -7.20 -37.03 38.95
N1 FAD IA . -1.06 -35.95 46.38
C2 FAD IA . 0.13 -35.86 47.01
O2 FAD IA . 1.06 -36.64 46.77
N3 FAD IA . 0.33 -34.86 47.96
C4 FAD IA . -0.59 -33.91 48.35
O4 FAD IA . -0.30 -33.08 49.20
C4X FAD IA . -1.87 -34.02 47.66
N5 FAD IA . -2.81 -33.16 47.98
C5X FAD IA . -4.02 -33.28 47.32
C6 FAD IA . -5.04 -32.37 47.63
C7 FAD IA . -6.28 -32.43 47.00
C7M FAD IA . -7.34 -31.44 47.36
C8 FAD IA . -6.51 -33.42 46.03
C8M FAD IA . -7.83 -33.53 45.33
C9 FAD IA . -5.50 -34.33 45.71
C9A FAD IA . -4.27 -34.26 46.35
N10 FAD IA . -3.23 -35.17 46.06
C10 FAD IA . -2.01 -35.08 46.70
C1' FAD IA . -3.41 -36.22 45.05
C2' FAD IA . -2.76 -35.87 43.71
O2' FAD IA . -3.21 -34.60 43.26
C3' FAD IA . -3.14 -36.94 42.68
O3' FAD IA . -4.45 -37.40 42.98
C4' FAD IA . -2.18 -38.13 42.66
O4' FAD IA . -0.83 -37.66 42.68
C5' FAD IA . -2.40 -39.04 41.49
O5' FAD IA . -1.77 -40.32 41.77
P FAD IA . -2.42 -41.67 41.28
O1P FAD IA . -1.35 -42.77 41.33
O2P FAD IA . -3.67 -41.96 42.03
O3P FAD IA . -2.77 -41.38 39.76
PA FAD JA . 2.21 -12.22 30.02
O1A FAD JA . 1.43 -11.06 30.53
O2A FAD JA . 2.61 -12.12 28.55
O5B FAD JA . 3.47 -12.47 30.91
C5B FAD JA . 4.51 -13.37 30.50
C4B FAD JA . 4.97 -14.13 31.71
O4B FAD JA . 4.11 -13.79 32.81
C3B FAD JA . 4.94 -15.66 31.57
O3B FAD JA . 6.26 -16.16 31.49
C2B FAD JA . 4.22 -16.17 32.82
O2B FAD JA . 5.06 -16.99 33.63
C1B FAD JA . 3.79 -14.91 33.60
N9A FAD JA . 2.36 -14.86 33.89
C8A FAD JA . 1.35 -14.60 33.00
N7A FAD JA . 0.15 -14.62 33.53
C5A FAD JA . 0.40 -14.91 34.87
C6A FAD JA . -0.46 -15.07 35.97
N6A FAD JA . -1.79 -14.95 35.91
N1A FAD JA . 0.10 -15.34 37.17
C2A FAD JA . 1.44 -15.46 37.24
N3A FAD JA . 2.34 -15.34 36.27
C4A FAD JA . 1.76 -15.06 35.11
N1 FAD JA . -7.49 -14.00 31.50
C2 FAD JA . -8.47 -14.14 30.57
O2 FAD JA . -8.25 -14.04 29.37
N3 FAD JA . -9.77 -14.41 30.98
C4 FAD JA . -10.20 -14.55 32.29
O4 FAD JA . -11.38 -14.78 32.53
C4X FAD JA . -9.14 -14.40 33.28
N5 FAD JA . -9.45 -14.52 34.53
C5X FAD JA . -8.44 -14.38 35.47
C6 FAD JA . -8.75 -14.50 36.83
C7 FAD JA . -7.77 -14.36 37.80
C7M FAD JA . -8.15 -14.50 39.26
C8 FAD JA . -6.44 -14.10 37.42
C8M FAD JA . -5.36 -13.95 38.45
C9 FAD JA . -6.13 -13.98 36.08
C9A FAD JA . -7.12 -14.11 35.10
N10 FAD JA . -6.82 -13.99 33.72
C10 FAD JA . -7.82 -14.13 32.78
C1' FAD JA . -5.45 -13.71 33.27
C2' FAD JA . -4.77 -14.90 32.59
O2' FAD JA . -4.73 -16.01 33.49
C3' FAD JA . -3.36 -14.50 32.18
O3' FAD JA . -2.69 -14.00 33.34
C4' FAD JA . -3.28 -13.45 31.06
O4' FAD JA . -3.82 -13.97 29.86
C5' FAD JA . -1.86 -12.95 30.84
O5' FAD JA . -1.07 -14.04 30.32
P FAD JA . 0.10 -13.80 29.29
O1P FAD JA . -0.08 -12.54 28.42
O2P FAD JA . 0.27 -15.03 28.49
O3P FAD JA . 1.36 -13.55 30.19
PA FAD KA . 15.61 -19.38 -21.45
O1A FAD KA . 15.34 -19.82 -20.06
O2A FAD KA . 14.89 -18.10 -21.88
O5B FAD KA . 17.17 -19.19 -21.65
C5B FAD KA . 17.86 -18.04 -21.11
C4B FAD KA . 18.69 -17.47 -22.22
O4B FAD KA . 19.30 -18.56 -22.92
C3B FAD KA . 17.89 -16.68 -23.25
O3B FAD KA . 17.98 -15.29 -23.00
C2B FAD KA . 18.50 -17.08 -24.61
O2B FAD KA . 19.15 -15.97 -25.24
C1B FAD KA . 19.49 -18.21 -24.28
N9A FAD KA . 19.26 -19.42 -25.07
C8A FAD KA . 18.05 -19.94 -25.43
N7A FAD KA . 18.13 -21.05 -26.13
C5A FAD KA . 19.49 -21.28 -26.25
C6A FAD KA . 20.23 -22.29 -26.86
N6A FAD KA . 19.68 -23.31 -27.54
N1A FAD KA . 21.58 -22.24 -26.78
C2A FAD KA . 22.14 -21.23 -26.12
N3A FAD KA . 21.54 -20.21 -25.48
C4A FAD KA . 20.21 -20.28 -25.59
N1 FAD KA . 13.39 -26.89 -27.56
C2 FAD KA . 12.12 -27.26 -27.89
O2 FAD KA . 11.13 -26.72 -27.38
N3 FAD KA . 11.92 -28.27 -28.81
C4 FAD KA . 12.91 -28.99 -29.46
O4 FAD KA . 12.61 -29.86 -30.27
C4X FAD KA . 14.26 -28.57 -29.11
N5 FAD KA . 15.26 -29.19 -29.68
C5X FAD KA . 16.54 -28.80 -29.34
C6 FAD KA . 17.62 -29.44 -29.94
C7 FAD KA . 18.93 -29.08 -29.62
C7M FAD KA . 20.07 -29.80 -30.29
C8 FAD KA . 19.16 -28.05 -28.69
C8M FAD KA . 20.57 -27.65 -28.34
C9 FAD KA . 18.08 -27.42 -28.09
C9A FAD KA . 16.78 -27.77 -28.41
N10 FAD KA . 15.67 -27.15 -27.81
C10 FAD KA . 14.39 -27.52 -28.14
C1' FAD KA . 15.86 -26.07 -26.83
C2' FAD KA . 15.70 -24.68 -27.45
O2' FAD KA . 16.68 -24.49 -28.47
C3' FAD KA . 15.87 -23.62 -26.36
O3' FAD KA . 16.73 -24.14 -25.35
C4' FAD KA . 14.56 -23.19 -25.71
O4' FAD KA . 13.66 -22.74 -26.73
C5' FAD KA . 14.75 -22.11 -24.67
O5' FAD KA . 14.02 -22.49 -23.48
P FAD KA . 14.08 -21.60 -22.18
O1P FAD KA . 14.54 -22.46 -20.99
O2P FAD KA . 12.76 -20.93 -21.98
O3P FAD KA . 15.21 -20.53 -22.47
PA FAD LA . 18.26 -11.90 -51.83
O1A FAD LA . 18.06 -10.56 -51.19
O2A FAD LA . 18.40 -11.93 -53.38
O5B FAD LA . 17.11 -12.96 -51.33
C5B FAD LA . 15.70 -12.71 -51.55
C4B FAD LA . 14.91 -13.58 -50.59
O4B FAD LA . 15.43 -14.91 -50.62
C3B FAD LA . 14.95 -13.11 -49.13
O3B FAD LA . 13.74 -12.45 -48.78
C2B FAD LA . 15.14 -14.40 -48.31
O2B FAD LA . 13.99 -14.74 -47.54
C1B FAD LA . 15.49 -15.48 -49.33
N9A FAD LA . 16.80 -16.07 -49.16
C8A FAD LA . 18.01 -15.42 -49.20
N7A FAD LA . 19.04 -16.20 -49.02
C5A FAD LA . 18.48 -17.46 -48.86
C6A FAD LA . 19.04 -18.73 -48.62
N6A FAD LA . 20.36 -18.95 -48.51
N1A FAD LA . 18.20 -19.78 -48.51
C2A FAD LA . 16.89 -19.56 -48.61
N3A FAD LA . 16.25 -18.41 -48.83
C4A FAD LA . 17.11 -17.40 -48.94
N1 FAD LA . 27.03 -15.51 -47.86
C2 FAD LA . 28.14 -14.79 -47.53
O2 FAD LA . 28.18 -13.56 -47.69
N3 FAD LA . 29.25 -15.42 -47.00
C4 FAD LA . 29.36 -16.78 -46.76
O4 FAD LA . 30.40 -17.24 -46.29
C4X FAD LA . 28.18 -17.54 -47.12
N5 FAD LA . 28.19 -18.83 -46.92
C5X FAD LA . 27.07 -19.55 -47.26
C6 FAD LA . 27.08 -20.94 -47.06
C7 FAD LA . 25.97 -21.71 -47.38
C7M FAD LA . 26.00 -23.20 -47.15
C8 FAD LA . 24.82 -21.10 -47.91
C8M FAD LA . 23.60 -21.91 -48.27
C9 FAD LA . 24.81 -19.72 -48.12
C9A FAD LA . 25.92 -18.95 -47.80
N10 FAD LA . 25.94 -17.55 -47.98
C10 FAD LA . 27.06 -16.81 -47.65
C1' FAD LA . 24.77 -16.86 -48.54
C2' FAD LA . 24.02 -16.00 -47.52
O2' FAD LA . 23.76 -16.75 -46.34
C3' FAD LA . 22.71 -15.52 -48.15
O3' FAD LA . 22.01 -16.63 -48.69
C4' FAD LA . 22.89 -14.47 -49.23
O4' FAD LA . 24.00 -13.66 -48.86
C5' FAD LA . 21.65 -13.63 -49.48
O5' FAD LA . 21.98 -12.54 -50.37
P FAD LA . 21.07 -12.18 -51.62
O1P FAD LA . 21.50 -13.05 -52.80
O2P FAD LA . 21.14 -10.71 -51.89
O3P FAD LA . 19.57 -12.58 -51.25
#